data_6PAM
#
_entry.id   6PAM
#
_cell.length_a   129.180
_cell.length_b   133.610
_cell.length_c   134.260
_cell.angle_alpha   110.620
_cell.angle_beta   98.280
_cell.angle_gamma   101.200
#
_symmetry.space_group_name_H-M   'P 1'
#
loop_
_entity.id
_entity.type
_entity.pdbx_description
1 polymer 'ATM1-type heavy metal exporter'
2 non-polymer "ADENOSINE-5'-DIPHOSPHATE"
3 non-polymer 'MAGNESIUM ION'
#
_entity_poly.entity_id   1
_entity_poly.type   'polypeptide(L)'
_entity_poly.pdbx_seq_one_letter_code
;MPPETATNPKDARHDGWQTLKRFLPYLWPADNAVLRRRVVGAILMVLLGKATTLALPFAYKKAVDAMTLGGGAQPALTVA
LAFVLAYALGRFSGVLFDNLRNIVFERVGQDATRHLAENVFARLHKLSLRFHLARRTGEVTKVIERGTKSIDTMLYFLLF
NIAPTVIELTAVIVIFWLNFGLGLVTATILAVIAYVWTTRTITEWRTHLREKMNRLDGQALARAVDSLLNYETVKYFGAE
SREEARYASAARAYADAAVKSENSLGLLNIAQALIVNLLMAGAMAWTVYGWSQGKLTVGDLVFVNTYLTQLFRPLDMLGM
VYRTIRQGLIDMAEMFRLIDTHIEVADVPNAPALVVNRPSVTFDNVVFGYDRDREILHGLSFEVAAGSRVAIVGPSGAGK
STIARLLFRFYDPWEGRILIDGQDIAHVTQTSLRAALGIVPQDSVLFNDTIGYNIAYGRDGASRAEVDAAAKGAAIADFI
ARLPQGYDTEVGERGLKLSGGEKQRVAIARTLVKNPPILLFDEATSCLDTRTEQDILSTMRAVASHRTTISIAHRLSTIA
DSDTILVLDQGRLAEQGSHLDLLRRDGLYAEMWARQAAESAEVSEAAEHHHHHH
;
_entity_poly.pdbx_strand_id   A,B,C,D,E,F,G,H
#
# COMPACT_ATOMS: atom_id res chain seq x y z
N ARG A 13 18.40 60.90 16.71
CA ARG A 13 18.94 62.08 17.37
C ARG A 13 18.12 62.43 18.62
N HIS A 14 17.41 63.56 18.57
CA HIS A 14 16.60 63.99 19.69
C HIS A 14 15.30 63.20 19.82
N ASP A 15 14.89 62.49 18.77
CA ASP A 15 13.68 61.68 18.86
C ASP A 15 13.85 60.55 19.87
N GLY A 16 15.04 59.94 19.91
CA GLY A 16 15.29 58.92 20.91
C GLY A 16 15.30 59.47 22.33
N TRP A 17 15.83 60.68 22.50
CA TRP A 17 15.79 61.32 23.81
C TRP A 17 14.35 61.59 24.25
N GLN A 18 13.53 62.12 23.35
CA GLN A 18 12.13 62.34 23.68
C GLN A 18 11.42 61.02 23.97
N THR A 19 11.80 59.95 23.24
CA THR A 19 11.20 58.64 23.48
C THR A 19 11.54 58.13 24.88
N LEU A 20 12.80 58.24 25.27
CA LEU A 20 13.19 57.81 26.61
C LEU A 20 12.52 58.66 27.68
N LYS A 21 12.39 59.97 27.43
CA LYS A 21 11.71 60.84 28.37
C LYS A 21 10.24 60.44 28.53
N ARG A 22 9.60 60.06 27.43
CA ARG A 22 8.22 59.56 27.49
C ARG A 22 8.13 58.22 28.20
N PHE A 23 9.14 57.36 28.03
CA PHE A 23 9.10 56.06 28.70
C PHE A 23 9.35 56.17 30.20
N LEU A 24 10.17 57.14 30.63
CA LEU A 24 10.56 57.21 32.04
C LEU A 24 9.41 57.19 33.03
N PRO A 25 8.24 57.82 32.78
CA PRO A 25 7.12 57.62 33.71
C PRO A 25 6.72 56.17 33.89
N TYR A 26 6.86 55.33 32.86
CA TYR A 26 6.56 53.91 33.02
C TYR A 26 7.60 53.23 33.89
N LEU A 27 8.88 53.56 33.68
CA LEU A 27 9.95 52.97 34.49
C LEU A 27 9.94 53.51 35.91
N TRP A 28 9.79 54.82 36.05
CA TRP A 28 9.71 55.48 37.36
C TRP A 28 8.29 55.98 37.54
N PRO A 29 7.37 55.16 38.04
CA PRO A 29 5.97 55.58 38.15
C PRO A 29 5.76 56.57 39.28
N ALA A 30 5.97 57.87 39.01
CA ALA A 30 5.97 58.90 40.03
C ALA A 30 4.76 58.77 40.96
N ASP A 31 3.56 58.82 40.40
CA ASP A 31 2.36 58.72 41.22
C ASP A 31 2.18 57.34 41.82
N ASN A 32 3.05 56.37 41.51
CA ASN A 32 2.91 55.02 42.02
C ASN A 32 4.05 54.66 42.97
N ALA A 33 3.70 53.91 44.01
CA ALA A 33 4.51 53.41 45.11
C ALA A 33 5.16 52.07 44.75
N VAL A 34 5.04 51.09 45.64
CA VAL A 34 5.80 49.86 45.85
C VAL A 34 6.79 49.48 44.74
N LEU A 35 6.37 49.60 43.48
CA LEU A 35 7.28 49.33 42.37
C LEU A 35 8.48 50.27 42.40
N ARG A 36 8.31 51.47 42.99
CA ARG A 36 9.46 52.37 43.13
C ARG A 36 10.46 51.84 44.15
N ARG A 37 9.97 51.25 45.24
CA ARG A 37 10.89 50.59 46.18
C ARG A 37 11.63 49.45 45.50
N ARG A 38 10.95 48.72 44.63
CA ARG A 38 11.64 47.68 43.86
C ARG A 38 12.71 48.28 42.96
N VAL A 39 12.42 49.42 42.32
CA VAL A 39 13.42 50.07 41.47
C VAL A 39 14.63 50.52 42.30
N VAL A 40 14.37 51.09 43.48
CA VAL A 40 15.46 51.54 44.35
C VAL A 40 16.32 50.35 44.76
N GLY A 41 15.69 49.24 45.14
CA GLY A 41 16.46 48.06 45.50
C GLY A 41 17.29 47.53 44.35
N ALA A 42 16.75 47.59 43.12
CA ALA A 42 17.50 47.15 41.96
C ALA A 42 18.72 48.04 41.71
N ILE A 43 18.55 49.35 41.88
CA ILE A 43 19.69 50.27 41.71
C ILE A 43 20.74 50.02 42.78
N LEU A 44 20.30 49.76 44.02
CA LEU A 44 21.24 49.45 45.08
C LEU A 44 22.02 48.17 44.78
N MET A 45 21.35 47.16 44.20
CA MET A 45 22.05 45.94 43.83
C MET A 45 23.04 46.20 42.70
N VAL A 46 22.67 47.07 41.74
CA VAL A 46 23.62 47.49 40.71
C VAL A 46 24.87 48.06 41.35
N LEU A 47 24.68 48.99 42.29
CA LEU A 47 25.82 49.64 42.93
C LEU A 47 26.69 48.65 43.68
N LEU A 48 26.07 47.73 44.43
CA LEU A 48 26.85 46.73 45.17
C LEU A 48 27.64 45.84 44.23
N GLY A 49 27.01 45.38 43.14
CA GLY A 49 27.72 44.53 42.20
C GLY A 49 28.90 45.24 41.55
N LYS A 50 28.69 46.50 41.14
CA LYS A 50 29.80 47.25 40.56
C LYS A 50 30.93 47.46 41.56
N ALA A 51 30.57 47.79 42.81
CA ALA A 51 31.60 47.97 43.84
C ALA A 51 32.40 46.69 44.05
N THR A 52 31.73 45.54 44.07
CA THR A 52 32.44 44.28 44.29
C THR A 52 33.35 43.94 43.11
N THR A 53 32.84 44.12 41.88
CA THR A 53 33.65 43.85 40.69
C THR A 53 34.81 44.82 40.56
N LEU A 54 34.71 46.02 41.14
CA LEU A 54 35.85 46.93 41.17
C LEU A 54 36.82 46.60 42.31
N ALA A 55 36.31 46.03 43.40
CA ALA A 55 37.17 45.75 44.55
C ALA A 55 38.00 44.49 44.37
N LEU A 56 37.46 43.47 43.71
CA LEU A 56 38.19 42.21 43.62
C LEU A 56 39.54 42.31 42.89
N PRO A 57 39.73 43.13 41.85
CA PRO A 57 41.07 43.23 41.25
C PRO A 57 42.07 43.87 42.19
N PHE A 58 41.64 44.74 43.11
CA PHE A 58 42.54 45.23 44.14
C PHE A 58 43.03 44.09 45.03
N ALA A 59 42.15 43.16 45.37
CA ALA A 59 42.56 42.00 46.15
C ALA A 59 43.55 41.15 45.37
N TYR A 60 43.32 40.97 44.07
CA TYR A 60 44.27 40.20 43.27
C TYR A 60 45.64 40.88 43.19
N LYS A 61 45.64 42.20 42.97
CA LYS A 61 46.90 42.94 42.91
C LYS A 61 47.65 42.85 44.22
N LYS A 62 46.94 42.98 45.35
CA LYS A 62 47.60 42.89 46.64
C LYS A 62 48.11 41.47 46.92
N ALA A 63 47.39 40.46 46.46
CA ALA A 63 47.89 39.09 46.57
C ALA A 63 49.20 38.93 45.79
N VAL A 64 49.25 39.46 44.58
CA VAL A 64 50.48 39.38 43.79
C VAL A 64 51.61 40.12 44.48
N ASP A 65 51.32 41.30 45.04
CA ASP A 65 52.33 42.06 45.77
C ASP A 65 52.85 41.28 46.98
N ALA A 66 51.95 40.62 47.71
CA ALA A 66 52.37 39.82 48.84
C ALA A 66 53.20 38.62 48.41
N MET A 67 52.92 38.07 47.23
CA MET A 67 53.71 36.96 46.71
C MET A 67 55.07 37.39 46.17
N THR A 68 55.21 38.66 45.79
CA THR A 68 56.46 39.14 45.21
C THR A 68 57.37 39.82 46.22
N LEU A 69 56.84 40.23 47.37
CA LEU A 69 57.67 40.79 48.43
C LEU A 69 57.67 39.83 49.61
N GLY A 70 58.71 39.92 50.43
CA GLY A 70 58.88 39.04 51.57
C GLY A 70 58.45 39.60 52.91
N GLY A 71 58.02 40.86 52.96
CA GLY A 71 57.62 41.48 54.20
C GLY A 71 56.13 41.35 54.47
N GLY A 72 55.72 41.93 55.59
CA GLY A 72 54.34 41.87 56.02
C GLY A 72 54.22 41.61 57.51
N ALA A 73 53.24 42.24 58.15
CA ALA A 73 53.05 42.06 59.59
C ALA A 73 52.65 40.62 59.91
N GLN A 74 51.81 40.03 59.07
CA GLN A 74 51.35 38.66 59.19
C GLN A 74 52.08 37.77 58.20
N PRO A 75 52.01 36.44 58.35
CA PRO A 75 52.76 35.56 57.43
C PRO A 75 52.30 35.75 55.99
N ALA A 76 53.29 35.82 55.08
CA ALA A 76 52.99 35.97 53.66
C ALA A 76 52.03 34.90 53.15
N LEU A 77 52.04 33.72 53.76
CA LEU A 77 51.14 32.67 53.31
C LEU A 77 49.72 32.97 53.77
N THR A 78 49.59 33.46 55.01
CA THR A 78 48.28 33.80 55.53
C THR A 78 47.64 34.93 54.73
N VAL A 79 48.41 36.00 54.47
CA VAL A 79 47.88 37.12 53.71
C VAL A 79 47.55 36.72 52.28
N ALA A 80 48.40 35.89 51.66
CA ALA A 80 48.14 35.47 50.29
C ALA A 80 46.87 34.61 50.21
N LEU A 81 46.72 33.67 51.16
CA LEU A 81 45.51 32.86 51.20
C LEU A 81 44.27 33.73 51.42
N ALA A 82 44.35 34.66 52.38
CA ALA A 82 43.22 35.55 52.64
C ALA A 82 42.83 36.34 51.41
N PHE A 83 43.83 36.82 50.65
CA PHE A 83 43.51 37.66 49.50
C PHE A 83 42.97 36.84 48.33
N VAL A 84 43.46 35.62 48.11
CA VAL A 84 42.88 34.82 47.04
C VAL A 84 41.46 34.39 47.40
N LEU A 85 41.22 34.08 48.68
CA LEU A 85 39.86 33.77 49.11
C LEU A 85 38.95 34.98 48.96
N ALA A 86 39.46 36.18 49.26
CA ALA A 86 38.68 37.40 49.07
C ALA A 86 38.38 37.64 47.60
N TYR A 87 39.33 37.34 46.71
CA TYR A 87 39.09 37.48 45.28
C TYR A 87 37.97 36.56 44.81
N ALA A 88 38.03 35.30 45.24
CA ALA A 88 36.99 34.35 44.86
C ALA A 88 35.62 34.77 45.41
N LEU A 89 35.59 35.16 46.68
CA LEU A 89 34.34 35.62 47.29
C LEU A 89 33.80 36.86 46.59
N GLY A 90 34.68 37.74 46.10
CA GLY A 90 34.24 38.91 45.38
C GLY A 90 33.63 38.57 44.03
N ARG A 91 34.26 37.63 43.31
CA ARG A 91 33.67 37.15 42.07
C ARG A 91 32.27 36.59 42.31
N PHE A 92 32.13 35.73 43.33
CA PHE A 92 30.84 35.14 43.64
C PHE A 92 29.82 36.20 44.03
N SER A 93 30.23 37.17 44.86
CA SER A 93 29.30 38.20 45.30
C SER A 93 28.89 39.12 44.16
N GLY A 94 29.79 39.39 43.21
CA GLY A 94 29.41 40.17 42.05
C GLY A 94 28.35 39.49 41.22
N VAL A 95 28.54 38.19 40.94
CA VAL A 95 27.52 37.49 40.17
C VAL A 95 26.22 37.41 40.94
N LEU A 96 26.31 37.25 42.27
CA LEU A 96 25.11 37.20 43.10
C LEU A 96 24.35 38.52 43.04
N PHE A 97 25.06 39.64 43.13
CA PHE A 97 24.42 40.95 43.05
C PHE A 97 23.78 41.17 41.69
N ASP A 98 24.44 40.72 40.62
CA ASP A 98 23.85 40.86 39.28
C ASP A 98 22.54 40.08 39.18
N ASN A 99 22.54 38.83 39.64
CA ASN A 99 21.31 38.05 39.56
C ASN A 99 20.23 38.61 40.48
N LEU A 100 20.61 39.15 41.63
CA LEU A 100 19.63 39.77 42.52
C LEU A 100 19.01 41.01 41.89
N ARG A 101 19.81 41.85 41.23
CA ARG A 101 19.23 43.02 40.58
C ARG A 101 18.29 42.61 39.46
N ASN A 102 18.65 41.56 38.70
CA ASN A 102 17.76 41.07 37.66
C ASN A 102 16.43 40.60 38.25
N ILE A 103 16.49 39.80 39.31
CA ILE A 103 15.28 39.27 39.93
C ILE A 103 14.41 40.41 40.45
N VAL A 104 15.03 41.38 41.12
CA VAL A 104 14.25 42.47 41.71
C VAL A 104 13.61 43.34 40.64
N PHE A 105 14.34 43.64 39.56
CA PHE A 105 13.84 44.57 38.55
C PHE A 105 12.88 43.93 37.55
N GLU A 106 12.88 42.59 37.41
CA GLU A 106 12.05 41.97 36.38
C GLU A 106 10.57 42.31 36.56
N ARG A 107 10.10 42.44 37.80
CA ARG A 107 8.69 42.76 38.03
C ARG A 107 8.34 44.13 37.47
N VAL A 108 9.15 45.14 37.81
CA VAL A 108 8.89 46.48 37.30
C VAL A 108 9.00 46.52 35.79
N GLY A 109 9.99 45.81 35.22
CA GLY A 109 10.13 45.81 33.77
C GLY A 109 8.91 45.24 33.08
N GLN A 110 8.45 44.07 33.55
CA GLN A 110 7.28 43.43 32.97
C GLN A 110 6.04 44.31 33.13
N ASP A 111 5.88 44.94 34.30
CA ASP A 111 4.70 45.77 34.52
C ASP A 111 4.72 47.00 33.63
N ALA A 112 5.88 47.62 33.45
CA ALA A 112 5.97 48.79 32.59
C ALA A 112 5.66 48.43 31.15
N THR A 113 6.23 47.33 30.65
CA THR A 113 5.94 46.93 29.28
C THR A 113 4.48 46.53 29.10
N ARG A 114 3.89 45.89 30.12
CA ARG A 114 2.48 45.53 30.04
C ARG A 114 1.60 46.77 30.00
N HIS A 115 1.92 47.79 30.81
CA HIS A 115 1.13 49.02 30.81
C HIS A 115 1.25 49.74 29.47
N LEU A 116 2.46 49.77 28.89
CA LEU A 116 2.63 50.38 27.58
C LEU A 116 1.81 49.65 26.52
N ALA A 117 1.85 48.32 26.54
CA ALA A 117 1.08 47.55 25.56
C ALA A 117 -0.41 47.76 25.75
N GLU A 118 -0.87 47.82 27.00
CA GLU A 118 -2.29 48.06 27.26
C GLU A 118 -2.74 49.43 26.76
N ASN A 119 -1.92 50.47 26.98
CA ASN A 119 -2.26 51.79 26.48
C ASN A 119 -2.32 51.80 24.96
N VAL A 120 -1.34 51.17 24.30
CA VAL A 120 -1.34 51.13 22.84
C VAL A 120 -2.58 50.40 22.33
N PHE A 121 -2.95 49.30 22.99
CA PHE A 121 -4.12 48.55 22.57
C PHE A 121 -5.39 49.37 22.73
N ALA A 122 -5.56 50.01 23.89
CA ALA A 122 -6.75 50.82 24.14
C ALA A 122 -6.88 51.95 23.12
N ARG A 123 -5.77 52.62 22.80
CA ARG A 123 -5.84 53.68 21.80
C ARG A 123 -6.11 53.11 20.41
N LEU A 124 -5.55 51.94 20.09
CA LEU A 124 -5.82 51.32 18.80
C LEU A 124 -7.30 51.01 18.63
N HIS A 125 -7.97 50.58 19.69
CA HIS A 125 -9.40 50.31 19.58
C HIS A 125 -10.23 51.57 19.35
N LYS A 126 -9.72 52.74 19.72
CA LYS A 126 -10.46 53.99 19.54
C LYS A 126 -10.21 54.65 18.19
N LEU A 127 -9.74 53.90 17.21
CA LEU A 127 -9.54 54.39 15.84
C LEU A 127 -10.34 53.51 14.89
N SER A 128 -10.84 54.11 13.81
CA SER A 128 -11.81 53.43 12.97
C SER A 128 -11.33 53.19 11.55
N LEU A 129 -10.88 54.23 10.84
CA LEU A 129 -10.59 54.07 9.42
C LEU A 129 -9.22 53.45 9.17
N ARG A 130 -8.23 53.79 9.99
CA ARG A 130 -6.86 53.39 9.72
C ARG A 130 -6.68 51.88 9.67
N PHE A 131 -7.62 51.12 10.21
CA PHE A 131 -7.54 49.66 10.16
C PHE A 131 -7.53 49.17 8.71
N HIS A 132 -8.51 49.61 7.92
CA HIS A 132 -8.62 49.13 6.54
C HIS A 132 -7.37 49.43 5.74
N LEU A 133 -6.74 50.58 6.01
CA LEU A 133 -5.50 50.92 5.30
C LEU A 133 -4.38 49.95 5.64
N ALA A 134 -4.34 49.46 6.88
CA ALA A 134 -3.29 48.53 7.34
C ALA A 134 -3.94 47.22 7.71
N ARG A 135 -4.16 46.36 6.70
CA ARG A 135 -4.67 45.01 6.91
C ARG A 135 -3.80 43.97 6.22
N ARG A 136 -2.53 44.29 5.95
CA ARG A 136 -1.65 43.35 5.29
C ARG A 136 -1.47 42.11 6.16
N THR A 137 -1.24 40.97 5.51
CA THR A 137 -1.17 39.71 6.22
C THR A 137 0.04 39.68 7.16
N GLY A 138 1.24 39.90 6.60
CA GLY A 138 2.42 39.94 7.44
C GLY A 138 2.45 41.11 8.40
N GLU A 139 1.76 42.19 8.06
CA GLU A 139 1.75 43.41 8.87
C GLU A 139 1.39 43.11 10.32
N VAL A 140 0.19 42.58 10.54
CA VAL A 140 -0.34 42.43 11.89
C VAL A 140 0.50 41.45 12.70
N THR A 141 0.78 40.28 12.12
CA THR A 141 1.55 39.27 12.84
C THR A 141 2.93 39.80 13.20
N LYS A 142 3.60 40.46 12.25
CA LYS A 142 4.95 40.96 12.51
C LYS A 142 4.94 42.00 13.63
N VAL A 143 4.05 42.98 13.54
CA VAL A 143 4.06 44.05 14.55
C VAL A 143 3.72 43.49 15.93
N ILE A 144 2.72 42.60 16.00
CA ILE A 144 2.29 42.10 17.31
C ILE A 144 3.35 41.18 17.91
N GLU A 145 4.02 40.38 17.08
CA GLU A 145 5.06 39.50 17.60
C GLU A 145 6.34 40.26 17.96
N ARG A 146 6.58 41.41 17.33
CA ARG A 146 7.89 42.05 17.43
C ARG A 146 7.94 43.23 18.39
N GLY A 147 6.81 43.90 18.64
CA GLY A 147 6.86 45.12 19.44
C GLY A 147 7.34 44.88 20.87
N THR A 148 6.71 43.93 21.57
CA THR A 148 7.08 43.66 22.96
C THR A 148 8.50 43.14 23.05
N LYS A 149 8.89 42.26 22.11
CA LYS A 149 10.26 41.75 22.08
C LYS A 149 11.26 42.88 21.97
N SER A 150 11.09 43.75 20.96
CA SER A 150 12.00 44.87 20.77
C SER A 150 12.11 45.72 22.01
N ILE A 151 10.97 46.05 22.62
CA ILE A 151 11.00 46.90 23.81
C ILE A 151 11.76 46.20 24.93
N ASP A 152 11.51 44.91 25.12
CA ASP A 152 12.16 44.17 26.20
C ASP A 152 13.68 44.16 26.04
N THR A 153 14.18 43.74 24.86
CA THR A 153 15.64 43.69 24.69
C THR A 153 16.25 45.06 24.85
N MET A 154 15.68 46.09 24.22
CA MET A 154 16.27 47.42 24.31
C MET A 154 16.32 47.88 25.76
N LEU A 155 15.22 47.72 26.49
CA LEU A 155 15.16 48.13 27.88
C LEU A 155 16.20 47.38 28.72
N TYR A 156 16.25 46.06 28.59
CA TYR A 156 17.23 45.27 29.33
C TYR A 156 18.65 45.73 29.05
N PHE A 157 19.02 45.83 27.77
CA PHE A 157 20.39 46.24 27.44
C PHE A 157 20.70 47.62 27.97
N LEU A 158 19.82 48.59 27.74
CA LEU A 158 20.04 49.94 28.26
C LEU A 158 20.26 49.93 29.77
N LEU A 159 19.27 49.46 30.52
CA LEU A 159 19.33 49.60 31.98
C LEU A 159 20.42 48.74 32.61
N PHE A 160 20.82 47.62 32.00
CA PHE A 160 21.71 46.68 32.68
C PHE A 160 23.07 46.48 32.03
N ASN A 161 23.34 47.09 30.88
CA ASN A 161 24.64 46.97 30.24
C ASN A 161 25.31 48.32 30.03
N ILE A 162 24.59 49.31 29.53
CA ILE A 162 25.18 50.60 29.22
C ILE A 162 25.45 51.39 30.50
N ALA A 163 24.42 51.56 31.33
CA ALA A 163 24.59 52.30 32.58
C ALA A 163 25.62 51.66 33.52
N PRO A 164 25.60 50.35 33.78
CA PRO A 164 26.68 49.78 34.59
C PRO A 164 28.04 49.96 33.94
N THR A 165 28.11 49.89 32.61
CA THR A 165 29.39 50.10 31.93
C THR A 165 29.84 51.55 32.07
N VAL A 166 28.90 52.50 32.04
CA VAL A 166 29.27 53.90 32.24
C VAL A 166 29.80 54.12 33.65
N ILE A 167 29.13 53.55 34.65
CA ILE A 167 29.61 53.65 36.03
C ILE A 167 31.00 53.06 36.16
N GLU A 168 31.19 51.85 35.59
CA GLU A 168 32.48 51.19 35.69
C GLU A 168 33.56 51.97 34.95
N LEU A 169 33.22 52.58 33.81
CA LEU A 169 34.20 53.36 33.08
C LEU A 169 34.64 54.59 33.85
N THR A 170 33.68 55.31 34.45
CA THR A 170 34.06 56.46 35.26
C THR A 170 34.90 56.04 36.46
N ALA A 171 34.53 54.94 37.12
CA ALA A 171 35.30 54.47 38.27
C ALA A 171 36.70 54.03 37.84
N VAL A 172 36.82 53.38 36.68
CA VAL A 172 38.12 52.94 36.20
C VAL A 172 38.99 54.13 35.84
N ILE A 173 38.41 55.17 35.24
CA ILE A 173 39.17 56.39 34.95
C ILE A 173 39.68 57.00 36.25
N VAL A 174 38.81 57.10 37.26
CA VAL A 174 39.21 57.69 38.53
C VAL A 174 40.33 56.88 39.17
N ILE A 175 40.18 55.56 39.20
CA ILE A 175 41.19 54.70 39.85
C ILE A 175 42.50 54.74 39.09
N PHE A 176 42.45 54.70 37.75
CA PHE A 176 43.66 54.77 36.96
C PHE A 176 44.38 56.10 37.16
N TRP A 177 43.63 57.19 37.33
CA TRP A 177 44.27 58.46 37.60
C TRP A 177 44.90 58.47 38.99
N LEU A 178 44.18 57.99 40.00
CA LEU A 178 44.69 58.05 41.36
C LEU A 178 45.88 57.12 41.58
N ASN A 179 45.94 55.99 40.87
CA ASN A 179 46.97 55.00 41.10
C ASN A 179 48.00 54.89 39.99
N PHE A 180 47.76 55.49 38.82
CA PHE A 180 48.69 55.41 37.70
C PHE A 180 48.80 56.79 37.06
N GLY A 181 49.56 56.88 35.98
CA GLY A 181 49.86 58.15 35.38
C GLY A 181 48.82 58.64 34.38
N LEU A 182 48.79 59.97 34.22
CA LEU A 182 47.93 60.62 33.24
C LEU A 182 47.89 59.89 31.89
N GLY A 183 48.95 59.15 31.57
CA GLY A 183 49.03 58.55 30.25
C GLY A 183 48.23 57.29 30.09
N LEU A 184 48.13 56.49 31.15
CA LEU A 184 47.24 55.33 31.10
C LEU A 184 45.79 55.77 30.93
N VAL A 185 45.39 56.83 31.63
CA VAL A 185 44.03 57.36 31.49
C VAL A 185 43.82 57.89 30.07
N THR A 186 44.80 58.65 29.56
CA THR A 186 44.69 59.18 28.21
C THR A 186 44.57 58.07 27.18
N ALA A 187 45.39 57.03 27.32
CA ALA A 187 45.37 55.91 26.38
C ALA A 187 44.05 55.16 26.43
N THR A 188 43.57 54.85 27.64
CA THR A 188 42.31 54.13 27.75
C THR A 188 41.14 54.94 27.23
N ILE A 189 41.14 56.26 27.45
CA ILE A 189 40.04 57.09 26.94
C ILE A 189 40.09 57.14 25.41
N LEU A 190 41.28 57.33 24.83
CA LEU A 190 41.40 57.31 23.38
C LEU A 190 40.97 55.96 22.81
N ALA A 191 41.34 54.88 23.49
CA ALA A 191 40.96 53.54 23.03
C ALA A 191 39.45 53.34 23.07
N VAL A 192 38.81 53.79 24.16
CA VAL A 192 37.35 53.67 24.25
C VAL A 192 36.69 54.48 23.14
N ILE A 193 37.21 55.68 22.87
CA ILE A 193 36.63 56.52 21.83
C ILE A 193 36.76 55.84 20.46
N ALA A 194 37.95 55.33 20.14
CA ALA A 194 38.15 54.66 18.86
C ALA A 194 37.28 53.41 18.75
N TYR A 195 37.17 52.65 19.84
CA TYR A 195 36.33 51.46 19.86
C TYR A 195 34.88 51.82 19.57
N VAL A 196 34.36 52.84 20.25
CA VAL A 196 32.97 53.25 20.06
C VAL A 196 32.74 53.72 18.63
N TRP A 197 33.65 54.53 18.10
CA TRP A 197 33.47 55.06 16.75
C TRP A 197 33.47 53.94 15.71
N THR A 198 34.45 53.04 15.79
CA THR A 198 34.53 51.93 14.84
C THR A 198 33.32 51.02 14.97
N THR A 199 32.92 50.70 16.20
CA THR A 199 31.73 49.88 16.42
C THR A 199 30.50 50.53 15.80
N ARG A 200 30.35 51.85 15.97
CA ARG A 200 29.18 52.54 15.44
C ARG A 200 29.13 52.45 13.91
N THR A 201 30.24 52.78 13.25
CA THR A 201 30.24 52.76 11.78
C THR A 201 30.01 51.36 11.25
N ILE A 202 30.75 50.38 11.77
CA ILE A 202 30.61 49.02 11.27
C ILE A 202 29.23 48.46 11.61
N THR A 203 28.65 48.86 12.74
CA THR A 203 27.33 48.36 13.10
C THR A 203 26.25 48.95 12.20
N GLU A 204 26.41 50.21 11.78
CA GLU A 204 25.47 50.78 10.81
C GLU A 204 25.54 50.02 9.49
N TRP A 205 26.77 49.79 8.99
CA TRP A 205 26.92 49.02 7.76
C TRP A 205 26.32 47.63 7.91
N ARG A 206 26.56 46.99 9.06
CA ARG A 206 26.03 45.66 9.34
C ARG A 206 24.51 45.66 9.44
N THR A 207 23.93 46.74 9.96
CA THR A 207 22.48 46.81 10.05
C THR A 207 21.86 46.92 8.66
N HIS A 208 22.51 47.66 7.76
CA HIS A 208 22.04 47.67 6.37
C HIS A 208 22.07 46.28 5.76
N LEU A 209 23.21 45.58 5.88
CA LEU A 209 23.32 44.25 5.31
C LEU A 209 22.34 43.28 5.97
N ARG A 210 22.13 43.41 7.28
CA ARG A 210 21.24 42.52 8.01
C ARG A 210 19.78 42.76 7.61
N GLU A 211 19.40 44.01 7.35
CA GLU A 211 18.06 44.29 6.87
C GLU A 211 17.85 43.68 5.49
N LYS A 212 18.85 43.77 4.61
CA LYS A 212 18.72 43.11 3.31
C LYS A 212 18.57 41.60 3.47
N MET A 213 19.36 41.00 4.36
CA MET A 213 19.24 39.57 4.64
C MET A 213 17.84 39.21 5.15
N ASN A 214 17.30 40.01 6.08
CA ASN A 214 15.99 39.72 6.62
C ASN A 214 14.90 39.86 5.56
N ARG A 215 15.03 40.83 4.66
CA ARG A 215 14.04 40.96 3.59
C ARG A 215 14.07 39.76 2.66
N LEU A 216 15.27 39.30 2.30
CA LEU A 216 15.36 38.12 1.44
C LEU A 216 14.81 36.88 2.16
N ASP A 217 15.08 36.76 3.47
CA ASP A 217 14.53 35.65 4.24
C ASP A 217 13.01 35.68 4.25
N GLY A 218 12.43 36.86 4.48
CA GLY A 218 10.98 36.98 4.46
C GLY A 218 10.40 36.62 3.10
N GLN A 219 11.06 37.03 2.02
CA GLN A 219 10.58 36.68 0.69
C GLN A 219 10.61 35.16 0.48
N ALA A 220 11.71 34.51 0.88
CA ALA A 220 11.81 33.07 0.70
C ALA A 220 10.75 32.34 1.51
N LEU A 221 10.57 32.73 2.78
CA LEU A 221 9.58 32.07 3.62
C LEU A 221 8.16 32.31 3.11
N ALA A 222 7.90 33.52 2.60
CA ALA A 222 6.58 33.81 2.05
C ALA A 222 6.31 32.98 0.81
N ARG A 223 7.33 32.80 -0.05
CA ARG A 223 7.16 31.93 -1.21
C ARG A 223 6.86 30.51 -0.79
N ALA A 224 7.60 30.00 0.22
CA ALA A 224 7.35 28.64 0.69
C ALA A 224 5.93 28.49 1.24
N VAL A 225 5.48 29.45 2.04
CA VAL A 225 4.14 29.38 2.62
C VAL A 225 3.07 29.48 1.54
N ASP A 226 3.27 30.37 0.57
CA ASP A 226 2.29 30.50 -0.51
C ASP A 226 2.21 29.24 -1.35
N SER A 227 3.35 28.58 -1.55
CA SER A 227 3.35 27.32 -2.29
C SER A 227 2.63 26.22 -1.51
N LEU A 228 2.94 26.10 -0.21
CA LEU A 228 2.36 25.00 0.57
C LEU A 228 0.86 25.22 0.82
N LEU A 229 0.43 26.46 0.99
CA LEU A 229 -0.98 26.72 1.24
C LEU A 229 -1.83 26.55 -0.02
N ASN A 230 -1.23 26.65 -1.20
CA ASN A 230 -1.93 26.46 -2.46
C ASN A 230 -1.53 25.11 -3.07
N TYR A 231 -1.34 24.12 -2.21
CA TYR A 231 -0.92 22.79 -2.67
C TYR A 231 -1.92 22.21 -3.67
N GLU A 232 -3.22 22.39 -3.40
CA GLU A 232 -4.23 21.88 -4.31
C GLU A 232 -4.08 22.49 -5.70
N THR A 233 -3.83 23.79 -5.77
CA THR A 233 -3.65 24.44 -7.07
C THR A 233 -2.39 23.95 -7.77
N VAL A 234 -1.30 23.77 -7.01
CA VAL A 234 -0.06 23.25 -7.59
C VAL A 234 -0.29 21.87 -8.19
N LYS A 235 -1.02 21.00 -7.49
CA LYS A 235 -1.34 19.69 -8.03
C LYS A 235 -2.27 19.79 -9.23
N TYR A 236 -3.19 20.77 -9.23
CA TYR A 236 -4.12 20.91 -10.34
C TYR A 236 -3.40 21.15 -11.64
N PHE A 237 -2.28 21.89 -11.61
CA PHE A 237 -1.54 22.24 -12.81
C PHE A 237 -0.18 21.57 -12.89
N GLY A 238 0.11 20.62 -11.99
CA GLY A 238 1.36 19.88 -12.04
C GLY A 238 2.61 20.74 -12.01
N ALA A 239 2.63 21.75 -11.15
CA ALA A 239 3.73 22.71 -11.08
C ALA A 239 4.66 22.44 -9.89
N GLU A 240 4.86 21.16 -9.54
CA GLU A 240 5.74 20.83 -8.42
C GLU A 240 7.17 21.31 -8.67
N SER A 241 7.71 21.01 -9.85
CA SER A 241 9.08 21.40 -10.17
C SER A 241 9.24 22.92 -10.19
N ARG A 242 8.23 23.63 -10.70
CA ARG A 242 8.30 25.09 -10.75
C ARG A 242 8.35 25.68 -9.35
N GLU A 243 7.49 25.19 -8.46
CA GLU A 243 7.49 25.68 -7.08
C GLU A 243 8.79 25.35 -6.37
N GLU A 244 9.32 24.15 -6.61
CA GLU A 244 10.60 23.78 -6.01
C GLU A 244 11.72 24.69 -6.48
N ALA A 245 11.76 24.98 -7.79
CA ALA A 245 12.81 25.85 -8.32
C ALA A 245 12.66 27.27 -7.78
N ARG A 246 11.43 27.76 -7.65
CA ARG A 246 11.21 29.10 -7.09
C ARG A 246 11.73 29.17 -5.65
N TYR A 247 11.36 28.19 -4.83
CA TYR A 247 11.82 28.17 -3.45
C TYR A 247 13.34 28.03 -3.38
N ALA A 248 13.93 27.26 -4.30
CA ALA A 248 15.38 27.10 -4.31
C ALA A 248 16.09 28.40 -4.65
N SER A 249 15.57 29.15 -5.63
CA SER A 249 16.17 30.44 -5.96
C SER A 249 16.07 31.41 -4.78
N ALA A 250 14.90 31.47 -4.14
CA ALA A 250 14.74 32.35 -2.99
C ALA A 250 15.69 31.95 -1.86
N ALA A 251 15.83 30.65 -1.62
CA ALA A 251 16.71 30.19 -0.54
C ALA A 251 18.17 30.48 -0.86
N ARG A 252 18.57 30.37 -2.13
CA ARG A 252 19.94 30.73 -2.50
C ARG A 252 20.21 32.21 -2.26
N ALA A 253 19.27 33.07 -2.65
CA ALA A 253 19.45 34.50 -2.38
C ALA A 253 19.58 34.76 -0.88
N TYR A 254 18.71 34.13 -0.08
CA TYR A 254 18.79 34.29 1.37
C TYR A 254 20.11 33.79 1.92
N ALA A 255 20.61 32.67 1.41
CA ALA A 255 21.88 32.13 1.89
C ALA A 255 23.04 33.07 1.59
N ASP A 256 23.06 33.64 0.38
CA ASP A 256 24.11 34.60 0.04
C ASP A 256 24.05 35.82 0.97
N ALA A 257 22.85 36.34 1.20
CA ALA A 257 22.72 37.50 2.09
C ALA A 257 23.19 37.17 3.50
N ALA A 258 22.84 35.98 4.00
CA ALA A 258 23.26 35.58 5.35
C ALA A 258 24.77 35.43 5.42
N VAL A 259 25.39 34.85 4.39
CA VAL A 259 26.84 34.70 4.38
C VAL A 259 27.49 36.07 4.46
N LYS A 260 27.02 37.03 3.67
CA LYS A 260 27.61 38.37 3.70
C LYS A 260 27.41 39.03 5.06
N SER A 261 26.24 38.85 5.67
CA SER A 261 25.98 39.43 6.99
C SER A 261 26.94 38.87 8.04
N GLU A 262 27.13 37.55 8.05
CA GLU A 262 28.01 36.96 9.05
C GLU A 262 29.48 37.32 8.78
N ASN A 263 29.86 37.50 7.52
CA ASN A 263 31.21 37.98 7.23
C ASN A 263 31.41 39.41 7.76
N SER A 264 30.39 40.26 7.62
CA SER A 264 30.48 41.60 8.20
C SER A 264 30.60 41.54 9.72
N LEU A 265 29.85 40.63 10.36
CA LEU A 265 30.00 40.44 11.80
C LEU A 265 31.41 40.04 12.17
N GLY A 266 32.01 39.13 11.40
CA GLY A 266 33.38 38.74 11.65
C GLY A 266 34.34 39.90 11.53
N LEU A 267 34.16 40.75 10.51
CA LEU A 267 35.00 41.94 10.37
C LEU A 267 34.86 42.87 11.57
N LEU A 268 33.62 43.07 12.04
CA LEU A 268 33.40 43.90 13.22
C LEU A 268 34.14 43.36 14.43
N ASN A 269 34.03 42.06 14.67
CA ASN A 269 34.72 41.46 15.81
C ASN A 269 36.23 41.59 15.67
N ILE A 270 36.75 41.45 14.44
CA ILE A 270 38.19 41.58 14.23
C ILE A 270 38.66 43.00 14.59
N ALA A 271 37.91 44.01 14.14
CA ALA A 271 38.29 45.38 14.45
C ALA A 271 38.21 45.66 15.96
N GLN A 272 37.14 45.18 16.60
CA GLN A 272 37.00 45.35 18.05
C GLN A 272 38.18 44.73 18.78
N ALA A 273 38.55 43.49 18.42
CA ALA A 273 39.65 42.82 19.09
C ALA A 273 40.97 43.54 18.82
N LEU A 274 41.15 44.07 17.61
CA LEU A 274 42.37 44.82 17.31
C LEU A 274 42.51 46.02 18.23
N ILE A 275 41.43 46.81 18.37
CA ILE A 275 41.48 47.98 19.24
C ILE A 275 41.76 47.58 20.68
N VAL A 276 41.00 46.59 21.18
CA VAL A 276 41.11 46.18 22.58
C VAL A 276 42.52 45.68 22.87
N ASN A 277 43.06 44.84 21.99
CA ASN A 277 44.36 44.25 22.24
C ASN A 277 45.51 45.24 22.02
N LEU A 278 45.35 46.22 21.14
CA LEU A 278 46.34 47.29 21.08
C LEU A 278 46.38 48.06 22.39
N LEU A 279 45.19 48.39 22.94
CA LEU A 279 45.17 49.07 24.23
C LEU A 279 45.79 48.18 25.32
N MET A 280 45.50 46.89 25.29
CA MET A 280 46.05 45.98 26.31
C MET A 280 47.57 45.90 26.21
N ALA A 281 48.10 45.76 25.00
CA ALA A 281 49.55 45.73 24.80
C ALA A 281 50.18 47.01 25.31
N GLY A 282 49.65 48.16 24.89
CA GLY A 282 50.22 49.43 25.34
C GLY A 282 50.20 49.57 26.85
N ALA A 283 49.06 49.26 27.47
CA ALA A 283 48.92 49.43 28.92
C ALA A 283 49.86 48.50 29.68
N MET A 284 49.92 47.23 29.27
CA MET A 284 50.78 46.28 29.99
C MET A 284 52.25 46.60 29.80
N ALA A 285 52.65 46.99 28.58
CA ALA A 285 54.03 47.38 28.35
C ALA A 285 54.38 48.61 29.18
N TRP A 286 53.48 49.59 29.23
CA TRP A 286 53.74 50.78 30.03
C TRP A 286 53.83 50.45 31.52
N THR A 287 52.98 49.53 31.99
CA THR A 287 53.01 49.17 33.40
C THR A 287 54.30 48.45 33.78
N VAL A 288 54.72 47.49 32.95
CA VAL A 288 55.97 46.80 33.27
C VAL A 288 57.17 47.71 33.11
N TYR A 289 57.11 48.67 32.17
CA TYR A 289 58.19 49.63 32.03
C TYR A 289 58.28 50.54 33.26
N GLY A 290 57.12 51.00 33.76
CA GLY A 290 57.12 51.77 34.98
C GLY A 290 57.56 50.97 36.19
N TRP A 291 57.25 49.68 36.22
CA TRP A 291 57.75 48.83 37.31
C TRP A 291 59.26 48.70 37.27
N SER A 292 59.83 48.56 36.07
CA SER A 292 61.29 48.41 35.97
C SER A 292 62.02 49.64 36.51
N GLN A 293 61.39 50.82 36.44
CA GLN A 293 61.94 52.03 37.01
C GLN A 293 61.53 52.24 38.45
N GLY A 294 60.89 51.25 39.07
CA GLY A 294 60.45 51.36 40.45
C GLY A 294 59.22 52.22 40.68
N LYS A 295 58.60 52.74 39.62
CA LYS A 295 57.41 53.57 39.81
C LYS A 295 56.23 52.74 40.28
N LEU A 296 56.06 51.54 39.71
CA LEU A 296 54.91 50.70 39.96
C LEU A 296 55.37 49.33 40.45
N THR A 297 54.49 48.65 41.16
CA THR A 297 54.76 47.30 41.60
C THR A 297 54.35 46.31 40.50
N VAL A 298 54.72 45.04 40.70
CA VAL A 298 54.36 44.01 39.73
C VAL A 298 52.87 43.69 39.81
N GLY A 299 52.27 43.80 41.00
CA GLY A 299 50.84 43.61 41.12
C GLY A 299 50.03 44.60 40.29
N ASP A 300 50.61 45.78 40.03
CA ASP A 300 49.95 46.77 39.19
C ASP A 300 49.70 46.23 37.77
N LEU A 301 50.60 45.40 37.26
CA LEU A 301 50.40 44.82 35.93
C LEU A 301 49.11 44.00 35.88
N VAL A 302 48.97 43.05 36.80
CA VAL A 302 47.76 42.23 36.84
C VAL A 302 46.54 43.09 37.17
N PHE A 303 46.72 44.11 38.02
CA PHE A 303 45.63 45.03 38.33
C PHE A 303 45.08 45.68 37.06
N VAL A 304 45.98 46.26 36.26
CA VAL A 304 45.59 46.90 35.01
C VAL A 304 44.96 45.88 34.07
N ASN A 305 45.56 44.69 33.97
CA ASN A 305 45.00 43.65 33.11
C ASN A 305 43.56 43.34 33.48
N THR A 306 43.33 43.03 34.76
CA THR A 306 42.00 42.65 35.21
C THR A 306 41.00 43.80 35.04
N TYR A 307 41.43 45.03 35.33
CA TYR A 307 40.55 46.17 35.15
C TYR A 307 40.13 46.32 33.70
N LEU A 308 41.10 46.24 32.77
CA LEU A 308 40.76 46.38 31.36
C LEU A 308 39.87 45.24 30.87
N THR A 309 40.15 44.01 31.29
CA THR A 309 39.33 42.88 30.86
C THR A 309 37.91 43.01 31.40
N GLN A 310 37.75 43.34 32.67
CA GLN A 310 36.41 43.52 33.24
C GLN A 310 35.68 44.68 32.58
N LEU A 311 36.41 45.72 32.17
CA LEU A 311 35.76 46.85 31.51
C LEU A 311 35.30 46.48 30.10
N PHE A 312 36.13 45.77 29.35
CA PHE A 312 35.86 45.55 27.93
C PHE A 312 35.16 44.24 27.60
N ARG A 313 34.99 43.34 28.57
CA ARG A 313 34.27 42.10 28.24
C ARG A 313 32.79 42.38 27.97
N PRO A 314 32.11 43.22 28.76
CA PRO A 314 30.74 43.60 28.37
C PRO A 314 30.68 44.36 27.05
N LEU A 315 31.73 45.10 26.70
CA LEU A 315 31.74 45.85 25.44
C LEU A 315 31.91 44.96 24.22
N ASP A 316 32.13 43.66 24.41
CA ASP A 316 32.16 42.74 23.27
C ASP A 316 30.82 42.70 22.57
N MET A 317 29.73 42.88 23.30
CA MET A 317 28.38 42.86 22.76
C MET A 317 27.92 44.23 22.25
N LEU A 318 28.83 45.20 22.19
CA LEU A 318 28.43 46.60 21.97
C LEU A 318 27.67 46.77 20.66
N GLY A 319 28.08 46.07 19.60
CA GLY A 319 27.37 46.19 18.33
C GLY A 319 25.93 45.76 18.43
N MET A 320 25.70 44.55 18.97
CA MET A 320 24.34 44.06 19.18
C MET A 320 23.56 45.00 20.09
N VAL A 321 24.20 45.50 21.16
CA VAL A 321 23.51 46.41 22.08
C VAL A 321 23.08 47.67 21.35
N TYR A 322 23.97 48.26 20.55
CA TYR A 322 23.65 49.45 19.79
C TYR A 322 22.48 49.20 18.84
N ARG A 323 22.55 48.11 18.08
CA ARG A 323 21.48 47.79 17.13
C ARG A 323 20.15 47.62 17.85
N THR A 324 20.14 46.86 18.94
CA THR A 324 18.90 46.62 19.67
C THR A 324 18.37 47.91 20.29
N ILE A 325 19.25 48.76 20.81
CA ILE A 325 18.81 50.04 21.38
C ILE A 325 18.14 50.88 20.30
N ARG A 326 18.75 50.93 19.11
CA ARG A 326 18.17 51.69 18.01
C ARG A 326 16.78 51.14 17.64
N GLN A 327 16.68 49.81 17.48
CA GLN A 327 15.40 49.23 17.09
C GLN A 327 14.34 49.45 18.15
N GLY A 328 14.71 49.31 19.43
CA GLY A 328 13.75 49.54 20.50
C GLY A 328 13.29 50.97 20.58
N LEU A 329 14.22 51.92 20.42
CA LEU A 329 13.84 53.33 20.41
C LEU A 329 12.89 53.62 19.25
N ILE A 330 13.19 53.09 18.06
CA ILE A 330 12.32 53.30 16.91
C ILE A 330 10.92 52.74 17.18
N ASP A 331 10.85 51.50 17.67
CA ASP A 331 9.55 50.88 17.89
C ASP A 331 8.77 51.56 19.02
N MET A 332 9.47 52.05 20.05
CA MET A 332 8.78 52.75 21.13
C MET A 332 8.25 54.10 20.66
N ALA A 333 9.05 54.82 19.87
CA ALA A 333 8.55 56.05 19.26
C ALA A 333 7.34 55.77 18.38
N GLU A 334 7.36 54.64 17.66
CA GLU A 334 6.23 54.29 16.82
C GLU A 334 4.98 54.00 17.66
N MET A 335 5.15 53.29 18.77
CA MET A 335 4.01 53.05 19.67
C MET A 335 3.47 54.36 20.25
N PHE A 336 4.36 55.25 20.70
CA PHE A 336 3.89 56.53 21.22
C PHE A 336 3.17 57.33 20.14
N ARG A 337 3.64 57.24 18.90
CA ARG A 337 2.93 57.88 17.78
C ARG A 337 1.56 57.27 17.59
N LEU A 338 1.46 55.94 17.71
CA LEU A 338 0.16 55.27 17.63
C LEU A 338 -0.78 55.77 18.72
N ILE A 339 -0.26 55.98 19.93
CA ILE A 339 -1.09 56.52 20.99
C ILE A 339 -1.50 57.95 20.68
N ASP A 340 -0.58 58.74 20.12
CA ASP A 340 -0.86 60.13 19.76
C ASP A 340 -1.35 60.21 18.31
N THR A 341 -2.41 59.47 18.02
CA THR A 341 -3.04 59.44 16.70
C THR A 341 -4.42 60.10 16.79
N HIS A 342 -4.70 60.98 15.83
CA HIS A 342 -5.97 61.69 15.82
C HIS A 342 -7.09 60.76 15.34
N ILE A 343 -8.21 60.78 16.05
CA ILE A 343 -9.38 59.99 15.67
C ILE A 343 -10.16 60.73 14.60
N GLU A 344 -10.44 60.04 13.49
CA GLU A 344 -11.21 60.68 12.42
C GLU A 344 -12.63 60.99 12.87
N VAL A 345 -13.35 59.97 13.32
CA VAL A 345 -14.74 60.12 13.77
C VAL A 345 -14.72 60.18 15.29
N ALA A 346 -14.76 61.39 15.83
CA ALA A 346 -14.72 61.62 17.26
C ALA A 346 -16.05 62.13 17.77
N ASP A 347 -16.35 61.81 19.02
CA ASP A 347 -17.57 62.26 19.66
C ASP A 347 -17.52 63.76 19.93
N VAL A 348 -18.69 64.38 20.02
CA VAL A 348 -18.78 65.79 20.37
C VAL A 348 -18.65 65.89 21.89
N PRO A 349 -18.17 67.03 22.43
CA PRO A 349 -17.76 67.05 23.84
C PRO A 349 -18.87 66.67 24.82
N ASN A 350 -20.02 67.32 24.76
CA ASN A 350 -21.12 67.12 25.69
C ASN A 350 -22.21 66.23 25.10
N ALA A 351 -21.82 65.18 24.37
CA ALA A 351 -22.80 64.37 23.66
C ALA A 351 -23.75 63.67 24.63
N PRO A 352 -25.04 63.77 24.43
CA PRO A 352 -25.99 63.00 25.23
C PRO A 352 -26.15 61.57 24.70
N ALA A 353 -26.62 60.69 25.58
CA ALA A 353 -26.84 59.31 25.18
C ALA A 353 -28.05 59.22 24.26
N LEU A 354 -27.96 58.32 23.28
CA LEU A 354 -29.06 58.14 22.34
C LEU A 354 -30.24 57.47 23.02
N VAL A 355 -31.43 58.04 22.84
CA VAL A 355 -32.67 57.54 23.41
C VAL A 355 -33.58 57.16 22.25
N VAL A 356 -33.74 55.86 22.01
CA VAL A 356 -34.50 55.35 20.88
C VAL A 356 -35.92 55.06 21.38
N ASN A 357 -36.85 55.97 21.10
CA ASN A 357 -38.25 55.76 21.39
C ASN A 357 -39.06 55.31 20.17
N ARG A 358 -38.69 55.79 18.99
CA ARG A 358 -39.35 55.42 17.74
C ARG A 358 -38.25 55.12 16.72
N PRO A 359 -37.90 53.84 16.53
CA PRO A 359 -36.70 53.52 15.74
C PRO A 359 -36.86 53.79 14.25
N SER A 360 -36.92 55.06 13.88
CA SER A 360 -36.90 55.48 12.50
C SER A 360 -35.46 55.74 12.03
N VAL A 361 -35.27 55.71 10.71
CA VAL A 361 -33.97 55.99 10.11
C VAL A 361 -34.18 57.03 9.02
N THR A 362 -33.34 58.06 9.00
CA THR A 362 -33.45 59.13 8.02
C THR A 362 -32.08 59.44 7.43
N PHE A 363 -31.99 59.43 6.11
CA PHE A 363 -30.81 59.90 5.39
C PHE A 363 -31.21 61.19 4.67
N ASP A 364 -30.66 62.33 5.10
CA ASP A 364 -31.01 63.60 4.46
C ASP A 364 -29.79 64.11 3.71
N ASN A 365 -29.85 63.99 2.38
CA ASN A 365 -28.88 64.56 1.45
C ASN A 365 -27.46 64.10 1.76
N VAL A 366 -27.30 62.80 2.07
CA VAL A 366 -26.00 62.29 2.47
C VAL A 366 -25.08 62.23 1.26
N VAL A 367 -23.96 62.95 1.34
CA VAL A 367 -22.91 62.91 0.33
C VAL A 367 -21.66 62.38 1.02
N PHE A 368 -21.11 61.29 0.49
CA PHE A 368 -19.98 60.65 1.15
C PHE A 368 -19.12 59.90 0.13
N GLY A 369 -17.83 59.85 0.43
CA GLY A 369 -16.89 59.03 -0.32
C GLY A 369 -15.71 58.69 0.56
N TYR A 370 -15.02 57.62 0.18
CA TYR A 370 -13.85 57.18 0.96
C TYR A 370 -12.67 58.13 0.74
N ASP A 371 -12.50 58.63 -0.47
CA ASP A 371 -11.45 59.59 -0.81
C ASP A 371 -12.08 60.77 -1.53
N ARG A 372 -11.49 61.95 -1.37
CA ARG A 372 -12.08 63.15 -1.96
C ARG A 372 -12.08 63.12 -3.49
N ASP A 373 -11.20 62.32 -4.11
CA ASP A 373 -11.14 62.29 -5.57
C ASP A 373 -12.24 61.42 -6.19
N ARG A 374 -12.89 60.57 -5.40
CA ARG A 374 -13.99 59.75 -5.87
C ARG A 374 -15.19 60.01 -4.97
N GLU A 375 -16.39 59.86 -5.54
CA GLU A 375 -17.60 60.12 -4.78
C GLU A 375 -18.61 59.01 -5.03
N ILE A 376 -19.22 58.53 -3.95
CA ILE A 376 -20.09 57.37 -3.98
C ILE A 376 -21.55 57.78 -3.80
N LEU A 377 -21.88 58.40 -2.68
CA LEU A 377 -23.25 58.83 -2.39
C LEU A 377 -23.44 60.25 -2.91
N HIS A 378 -24.28 60.40 -3.92
CA HIS A 378 -24.55 61.70 -4.53
C HIS A 378 -25.84 62.28 -3.97
N GLY A 379 -25.80 62.57 -2.66
CA GLY A 379 -26.94 63.17 -2.00
C GLY A 379 -28.10 62.21 -1.82
N LEU A 380 -27.84 61.06 -1.20
CA LEU A 380 -28.87 60.05 -1.01
C LEU A 380 -29.73 60.41 0.20
N SER A 381 -31.05 60.44 -0.01
CA SER A 381 -32.02 60.73 1.03
C SER A 381 -33.10 59.66 1.01
N PHE A 382 -33.45 59.13 2.17
CA PHE A 382 -34.55 58.18 2.26
C PHE A 382 -35.02 58.07 3.71
N GLU A 383 -36.22 57.53 3.86
CA GLU A 383 -36.85 57.35 5.16
C GLU A 383 -37.18 55.87 5.36
N VAL A 384 -36.83 55.35 6.52
CA VAL A 384 -37.16 53.99 6.94
C VAL A 384 -38.02 54.11 8.19
N ALA A 385 -39.30 53.79 8.07
CA ALA A 385 -40.24 53.94 9.16
C ALA A 385 -39.94 52.97 10.29
N ALA A 386 -40.28 53.38 11.51
CA ALA A 386 -40.03 52.55 12.68
C ALA A 386 -40.90 51.30 12.65
N GLY A 387 -40.26 50.15 12.89
CA GLY A 387 -40.96 48.88 12.89
C GLY A 387 -41.19 48.28 11.53
N SER A 388 -40.87 48.99 10.45
CA SER A 388 -41.09 48.47 9.11
C SER A 388 -39.96 47.55 8.69
N ARG A 389 -40.27 46.68 7.73
CA ARG A 389 -39.28 45.78 7.12
C ARG A 389 -38.97 46.31 5.73
N VAL A 390 -37.79 46.90 5.58
CA VAL A 390 -37.38 47.56 4.36
C VAL A 390 -36.19 46.82 3.76
N ALA A 391 -36.13 46.80 2.43
CA ALA A 391 -34.98 46.22 1.74
C ALA A 391 -34.27 47.28 0.92
N ILE A 392 -32.96 47.10 0.75
CA ILE A 392 -32.13 47.98 -0.07
C ILE A 392 -31.41 47.11 -1.09
N VAL A 393 -31.69 47.33 -2.38
CA VAL A 393 -31.13 46.52 -3.44
C VAL A 393 -30.43 47.44 -4.43
N GLY A 394 -29.53 46.84 -5.21
CA GLY A 394 -28.75 47.57 -6.19
C GLY A 394 -27.67 46.71 -6.80
N PRO A 395 -27.01 47.21 -7.84
CA PRO A 395 -25.92 46.44 -8.46
C PRO A 395 -24.70 46.35 -7.55
N SER A 396 -23.62 45.76 -8.05
CA SER A 396 -22.44 45.55 -7.22
C SER A 396 -21.82 46.87 -6.76
N GLY A 397 -21.74 47.86 -7.64
CA GLY A 397 -21.12 49.12 -7.30
C GLY A 397 -22.08 50.20 -6.83
N ALA A 398 -23.27 49.80 -6.35
CA ALA A 398 -24.27 50.80 -5.97
C ALA A 398 -23.86 51.59 -4.73
N GLY A 399 -23.13 50.97 -3.80
CA GLY A 399 -22.72 51.67 -2.60
C GLY A 399 -23.62 51.52 -1.39
N LYS A 400 -24.41 50.46 -1.32
CA LYS A 400 -25.31 50.27 -0.19
C LYS A 400 -24.59 49.76 1.04
N SER A 401 -23.49 49.00 0.87
CA SER A 401 -22.68 48.65 2.03
C SER A 401 -22.07 49.89 2.67
N THR A 402 -21.84 50.94 1.89
CA THR A 402 -21.44 52.21 2.47
C THR A 402 -22.57 52.81 3.31
N ILE A 403 -23.82 52.61 2.90
CA ILE A 403 -24.96 52.99 3.73
C ILE A 403 -24.90 52.24 5.06
N ALA A 404 -24.67 50.94 4.99
CA ALA A 404 -24.58 50.13 6.21
C ALA A 404 -23.47 50.63 7.13
N ARG A 405 -22.32 50.96 6.55
CA ARG A 405 -21.19 51.42 7.35
C ARG A 405 -21.43 52.81 7.93
N LEU A 406 -22.12 53.68 7.18
CA LEU A 406 -22.41 55.02 7.68
C LEU A 406 -23.47 55.00 8.76
N LEU A 407 -24.38 54.02 8.74
CA LEU A 407 -25.36 53.93 9.82
C LEU A 407 -24.70 53.69 11.16
N PHE A 408 -23.62 52.89 11.18
CA PHE A 408 -22.85 52.66 12.40
C PHE A 408 -21.83 53.76 12.67
N ARG A 409 -21.79 54.80 11.85
CA ARG A 409 -20.86 55.92 12.00
C ARG A 409 -19.41 55.46 12.03
N PHE A 410 -19.07 54.56 11.10
CA PHE A 410 -17.67 54.31 10.80
C PHE A 410 -17.04 55.48 10.06
N TYR A 411 -17.85 56.32 9.43
CA TYR A 411 -17.39 57.52 8.75
C TYR A 411 -18.42 58.62 8.96
N ASP A 412 -18.01 59.86 8.65
CA ASP A 412 -18.94 60.98 8.69
C ASP A 412 -19.21 61.50 7.28
N PRO A 413 -20.45 61.89 6.98
CA PRO A 413 -20.76 62.38 5.63
C PRO A 413 -20.07 63.70 5.33
N TRP A 414 -19.72 63.89 4.06
CA TRP A 414 -19.12 65.15 3.63
C TRP A 414 -20.14 66.28 3.69
N GLU A 415 -21.32 66.07 3.10
CA GLU A 415 -22.38 67.07 3.04
C GLU A 415 -23.72 66.34 3.15
N GLY A 416 -24.24 66.26 4.37
CA GLY A 416 -25.51 65.62 4.63
C GLY A 416 -25.50 65.07 6.03
N ARG A 417 -26.57 64.36 6.39
CA ARG A 417 -26.55 63.76 7.73
C ARG A 417 -27.52 62.58 7.82
N ILE A 418 -27.38 61.86 8.93
CA ILE A 418 -28.18 60.67 9.23
C ILE A 418 -28.82 60.86 10.60
N LEU A 419 -30.11 60.55 10.70
CA LEU A 419 -30.88 60.69 11.93
C LEU A 419 -31.45 59.34 12.33
N ILE A 420 -31.44 59.07 13.63
CA ILE A 420 -32.10 57.90 14.21
C ILE A 420 -33.07 58.41 15.27
N ASP A 421 -34.36 58.17 15.06
CA ASP A 421 -35.41 58.70 15.92
C ASP A 421 -35.35 60.22 15.99
N GLY A 422 -35.01 60.86 14.87
CA GLY A 422 -34.98 62.30 14.78
C GLY A 422 -33.75 62.95 15.37
N GLN A 423 -32.75 62.18 15.79
CA GLN A 423 -31.55 62.70 16.42
C GLN A 423 -30.35 62.43 15.52
N ASP A 424 -29.55 63.47 15.29
CA ASP A 424 -28.36 63.32 14.45
C ASP A 424 -27.37 62.38 15.13
N ILE A 425 -26.97 61.33 14.41
CA ILE A 425 -26.05 60.35 14.98
C ILE A 425 -24.66 60.93 15.18
N ALA A 426 -24.34 62.04 14.50
CA ALA A 426 -23.04 62.69 14.68
C ALA A 426 -22.95 63.49 15.96
N HIS A 427 -24.07 63.76 16.62
CA HIS A 427 -24.10 64.57 17.84
C HIS A 427 -24.32 63.73 19.10
N VAL A 428 -24.46 62.42 18.97
CA VAL A 428 -24.67 61.55 20.11
C VAL A 428 -23.42 60.71 20.34
N THR A 429 -23.38 60.04 21.49
CA THR A 429 -22.24 59.20 21.83
C THR A 429 -22.18 58.00 20.88
N GLN A 430 -20.95 57.64 20.49
CA GLN A 430 -20.77 56.50 19.59
C GLN A 430 -21.26 55.21 20.23
N THR A 431 -21.08 55.07 21.55
CA THR A 431 -21.43 53.82 22.21
C THR A 431 -22.93 53.56 22.18
N SER A 432 -23.74 54.57 22.54
CA SER A 432 -25.18 54.37 22.52
C SER A 432 -25.69 54.18 21.10
N LEU A 433 -25.12 54.92 20.14
CA LEU A 433 -25.50 54.77 18.75
C LEU A 433 -25.27 53.35 18.26
N ARG A 434 -24.06 52.83 18.47
CA ARG A 434 -23.77 51.47 18.02
C ARG A 434 -24.45 50.41 18.86
N ALA A 435 -24.84 50.75 20.09
CA ALA A 435 -25.61 49.81 20.91
C ALA A 435 -27.05 49.72 20.44
N ALA A 436 -27.57 50.77 19.83
CA ALA A 436 -28.95 50.75 19.32
C ALA A 436 -29.06 50.06 17.96
N LEU A 437 -27.94 49.65 17.37
CA LEU A 437 -27.93 49.01 16.06
C LEU A 437 -27.26 47.65 16.15
N GLY A 438 -27.89 46.65 15.55
CA GLY A 438 -27.28 45.34 15.38
C GLY A 438 -27.18 45.02 13.91
N ILE A 439 -26.13 44.29 13.54
CA ILE A 439 -25.85 44.02 12.13
C ILE A 439 -25.37 42.59 11.98
N VAL A 440 -25.85 41.94 10.92
CA VAL A 440 -25.36 40.63 10.49
C VAL A 440 -24.78 40.80 9.09
N PRO A 441 -23.46 40.88 8.97
CA PRO A 441 -22.85 41.09 7.64
C PRO A 441 -22.79 39.79 6.86
N GLN A 442 -22.34 39.90 5.61
CA GLN A 442 -22.25 38.75 4.74
C GLN A 442 -21.26 37.72 5.28
N ASP A 443 -20.02 38.15 5.53
CA ASP A 443 -18.97 37.28 6.06
C ASP A 443 -18.84 37.57 7.55
N SER A 444 -19.43 36.71 8.37
CA SER A 444 -19.37 36.85 9.82
C SER A 444 -18.18 36.08 10.37
N VAL A 445 -17.45 36.70 11.29
CA VAL A 445 -16.23 36.13 11.86
C VAL A 445 -16.51 35.68 13.28
N LEU A 446 -15.89 34.58 13.67
CA LEU A 446 -16.01 34.03 15.01
C LEU A 446 -14.73 34.29 15.80
N PHE A 447 -14.90 34.62 17.08
CA PHE A 447 -13.75 34.75 17.97
C PHE A 447 -13.22 33.38 18.35
N ASN A 448 -11.93 33.33 18.69
CA ASN A 448 -11.28 32.07 19.02
C ASN A 448 -11.60 31.72 20.46
N ASP A 449 -12.77 31.12 20.64
CA ASP A 449 -13.29 30.73 21.95
C ASP A 449 -14.45 29.77 21.70
N THR A 450 -15.18 29.42 22.76
CA THR A 450 -16.29 28.48 22.65
C THR A 450 -17.51 29.15 22.01
N ILE A 451 -18.46 28.32 21.55
CA ILE A 451 -19.69 28.87 21.00
C ILE A 451 -20.47 29.63 22.04
N GLY A 452 -20.43 29.18 23.29
CA GLY A 452 -21.10 29.94 24.34
C GLY A 452 -20.59 31.36 24.42
N TYR A 453 -19.27 31.53 24.33
CA TYR A 453 -18.69 32.87 24.31
C TYR A 453 -19.07 33.62 23.03
N ASN A 454 -19.04 32.94 21.88
CA ASN A 454 -19.35 33.60 20.62
C ASN A 454 -20.80 34.11 20.58
N ILE A 455 -21.72 33.37 21.22
CA ILE A 455 -23.11 33.83 21.25
C ILE A 455 -23.30 34.89 22.34
N ALA A 456 -22.71 34.68 23.51
CA ALA A 456 -22.83 35.65 24.59
C ALA A 456 -22.10 36.96 24.30
N TYR A 457 -21.26 36.99 23.27
CA TYR A 457 -20.54 38.22 22.92
C TYR A 457 -21.48 39.38 22.60
N GLY A 458 -22.76 39.11 22.35
CA GLY A 458 -23.69 40.18 22.02
C GLY A 458 -23.86 41.18 23.14
N ARG A 459 -23.90 40.71 24.38
CA ARG A 459 -24.05 41.56 25.54
C ARG A 459 -23.03 41.17 26.59
N ASP A 460 -22.61 42.14 27.40
CA ASP A 460 -21.56 41.91 28.38
C ASP A 460 -21.95 40.83 29.38
N GLY A 461 -23.01 41.08 30.16
CA GLY A 461 -23.47 40.12 31.14
C GLY A 461 -24.35 38.98 30.62
N ALA A 462 -24.18 38.60 29.35
CA ALA A 462 -25.02 37.57 28.75
C ALA A 462 -24.91 36.26 29.53
N SER A 463 -26.06 35.74 29.93
CA SER A 463 -26.13 34.49 30.68
C SER A 463 -26.22 33.29 29.73
N ARG A 464 -26.06 32.09 30.31
CA ARG A 464 -26.28 30.87 29.54
C ARG A 464 -27.72 30.77 29.06
N ALA A 465 -28.67 31.25 29.86
CA ALA A 465 -30.07 31.22 29.46
C ALA A 465 -30.34 32.14 28.29
N GLU A 466 -29.74 33.34 28.31
CA GLU A 466 -29.88 34.24 27.17
C GLU A 466 -29.28 33.63 25.92
N VAL A 467 -28.15 32.92 26.08
CA VAL A 467 -27.54 32.22 24.96
C VAL A 467 -28.48 31.15 24.43
N ASP A 468 -29.15 30.42 25.33
CA ASP A 468 -30.09 29.40 24.90
C ASP A 468 -31.27 30.02 24.15
N ALA A 469 -31.78 31.14 24.66
CA ALA A 469 -32.91 31.80 23.99
C ALA A 469 -32.50 32.30 22.61
N ALA A 470 -31.28 32.83 22.49
CA ALA A 470 -30.82 33.31 21.19
C ALA A 470 -30.60 32.16 20.22
N ALA A 471 -30.02 31.05 20.70
CA ALA A 471 -29.83 29.88 19.86
C ALA A 471 -31.17 29.30 19.41
N LYS A 472 -32.18 29.35 20.28
CA LYS A 472 -33.51 28.89 19.91
C LYS A 472 -34.13 29.80 18.86
N GLY A 473 -34.01 31.11 19.05
CA GLY A 473 -34.54 32.03 18.06
C GLY A 473 -33.81 31.97 16.73
N ALA A 474 -32.54 31.59 16.75
CA ALA A 474 -31.74 31.43 15.55
C ALA A 474 -31.82 30.01 14.97
N ALA A 475 -32.60 29.12 15.60
CA ALA A 475 -32.75 27.74 15.16
C ALA A 475 -31.42 27.02 15.09
N ILE A 476 -30.57 27.26 16.10
CA ILE A 476 -29.27 26.60 16.20
C ILE A 476 -29.09 25.90 17.54
N ALA A 477 -30.06 26.02 18.45
CA ALA A 477 -29.92 25.37 19.76
C ALA A 477 -29.86 23.86 19.64
N ASP A 478 -30.65 23.28 18.73
CA ASP A 478 -30.61 21.83 18.53
C ASP A 478 -29.27 21.40 17.95
N PHE A 479 -28.70 22.19 17.05
CA PHE A 479 -27.39 21.88 16.49
C PHE A 479 -26.32 21.88 17.58
N ILE A 480 -26.40 22.81 18.53
CA ILE A 480 -25.46 22.85 19.63
C ILE A 480 -25.69 21.70 20.60
N ALA A 481 -26.95 21.30 20.79
CA ALA A 481 -27.24 20.19 21.69
C ALA A 481 -26.63 18.88 21.21
N ARG A 482 -26.58 18.68 19.90
CA ARG A 482 -25.98 17.47 19.34
C ARG A 482 -24.46 17.48 19.37
N LEU A 483 -23.84 18.60 19.71
CA LEU A 483 -22.39 18.63 19.82
C LEU A 483 -21.95 17.96 21.13
N PRO A 484 -20.80 17.27 21.12
CA PRO A 484 -20.37 16.57 22.35
C PRO A 484 -20.14 17.49 23.53
N GLN A 485 -19.44 18.60 23.34
CA GLN A 485 -19.15 19.53 24.42
C GLN A 485 -20.21 20.61 24.57
N GLY A 486 -21.23 20.59 23.72
CA GLY A 486 -22.32 21.56 23.81
C GLY A 486 -21.84 22.98 23.62
N TYR A 487 -22.26 23.87 24.51
CA TYR A 487 -21.91 25.28 24.44
C TYR A 487 -20.44 25.55 24.75
N ASP A 488 -19.72 24.59 25.30
CA ASP A 488 -18.30 24.74 25.59
C ASP A 488 -17.43 24.26 24.44
N THR A 489 -18.02 23.92 23.30
CA THR A 489 -17.25 23.50 22.14
C THR A 489 -16.53 24.68 21.53
N GLU A 490 -15.20 24.59 21.45
CA GLU A 490 -14.41 25.65 20.82
C GLU A 490 -14.59 25.60 19.32
N VAL A 491 -14.84 26.76 18.71
CA VAL A 491 -15.13 26.88 17.29
C VAL A 491 -14.22 27.93 16.68
N GLY A 492 -14.45 28.21 15.40
CA GLY A 492 -13.60 29.13 14.68
C GLY A 492 -12.34 28.43 14.21
N GLU A 493 -11.35 29.24 13.84
CA GLU A 493 -10.05 28.71 13.50
C GLU A 493 -9.42 28.06 14.73
N ARG A 494 -8.35 27.28 14.49
CA ARG A 494 -7.71 26.41 15.47
C ARG A 494 -8.74 25.72 16.36
N GLY A 495 -9.82 25.24 15.76
CA GLY A 495 -10.88 24.60 16.50
C GLY A 495 -11.85 23.92 15.56
N LEU A 496 -12.99 23.51 16.11
CA LEU A 496 -14.03 22.90 15.30
C LEU A 496 -14.51 23.86 14.24
N LYS A 497 -14.58 23.39 13.00
CA LYS A 497 -14.98 24.22 11.87
C LYS A 497 -16.49 24.23 11.71
N LEU A 498 -17.04 25.40 11.43
CA LEU A 498 -18.47 25.57 11.23
C LEU A 498 -18.74 26.00 9.79
N SER A 499 -19.86 25.53 9.25
CA SER A 499 -20.26 25.93 7.91
C SER A 499 -20.66 27.40 7.89
N GLY A 500 -20.74 27.95 6.68
CA GLY A 500 -21.15 29.34 6.53
C GLY A 500 -22.50 29.62 7.15
N GLY A 501 -23.46 28.70 6.94
CA GLY A 501 -24.75 28.85 7.57
C GLY A 501 -24.68 28.80 9.09
N GLU A 502 -23.81 27.95 9.62
CA GLU A 502 -23.64 27.87 11.07
C GLU A 502 -23.04 29.16 11.62
N LYS A 503 -22.07 29.73 10.91
CA LYS A 503 -21.50 31.01 11.34
C LYS A 503 -22.54 32.12 11.29
N GLN A 504 -23.36 32.14 10.22
CA GLN A 504 -24.42 33.15 10.14
C GLN A 504 -25.44 32.97 11.26
N ARG A 505 -25.73 31.73 11.62
CA ARG A 505 -26.67 31.48 12.72
C ARG A 505 -26.08 31.94 14.05
N VAL A 506 -24.78 31.71 14.26
CA VAL A 506 -24.14 32.20 15.48
C VAL A 506 -24.16 33.72 15.53
N ALA A 507 -23.93 34.37 14.37
CA ALA A 507 -23.99 35.82 14.33
C ALA A 507 -25.40 36.34 14.64
N ILE A 508 -26.42 35.67 14.10
CA ILE A 508 -27.79 36.07 14.38
C ILE A 508 -28.11 35.89 15.85
N ALA A 509 -27.65 34.79 16.45
CA ALA A 509 -27.86 34.57 17.88
C ALA A 509 -27.13 35.63 18.70
N ARG A 510 -25.94 36.04 18.26
CA ARG A 510 -25.22 37.12 18.93
C ARG A 510 -26.02 38.42 18.91
N THR A 511 -26.50 38.80 17.72
CA THR A 511 -27.29 40.02 17.60
C THR A 511 -28.59 39.92 18.41
N LEU A 512 -29.16 38.72 18.52
CA LEU A 512 -30.35 38.53 19.35
C LEU A 512 -30.02 38.71 20.82
N VAL A 513 -28.86 38.20 21.26
CA VAL A 513 -28.39 38.47 22.62
C VAL A 513 -28.28 39.97 22.83
N LYS A 514 -27.77 40.70 21.84
CA LYS A 514 -27.71 42.15 21.93
C LYS A 514 -29.10 42.75 22.03
N ASN A 515 -30.06 42.19 21.29
CA ASN A 515 -31.45 42.65 21.28
C ASN A 515 -31.54 44.14 20.97
N PRO A 516 -31.14 44.58 19.78
CA PRO A 516 -31.18 46.00 19.45
C PRO A 516 -32.49 46.36 18.78
N PRO A 517 -32.93 47.63 18.90
CA PRO A 517 -34.18 48.01 18.24
C PRO A 517 -34.09 48.05 16.73
N ILE A 518 -32.91 48.25 16.16
CA ILE A 518 -32.73 48.33 14.72
C ILE A 518 -31.75 47.25 14.28
N LEU A 519 -32.09 46.56 13.19
CA LEU A 519 -31.32 45.45 12.67
C LEU A 519 -31.00 45.68 11.20
N LEU A 520 -29.77 45.33 10.83
CA LEU A 520 -29.30 45.44 9.45
C LEU A 520 -28.78 44.06 9.05
N PHE A 521 -29.30 43.53 7.96
CA PHE A 521 -28.84 42.25 7.40
C PHE A 521 -28.15 42.55 6.08
N ASP A 522 -26.81 42.60 6.10
CA ASP A 522 -26.05 43.00 4.91
C ASP A 522 -25.62 41.75 4.14
N GLU A 523 -26.46 41.33 3.20
CA GLU A 523 -26.19 40.18 2.34
C GLU A 523 -25.83 38.94 3.14
N ALA A 524 -26.64 38.67 4.17
CA ALA A 524 -26.34 37.58 5.09
C ALA A 524 -26.42 36.21 4.43
N THR A 525 -27.27 36.04 3.43
CA THR A 525 -27.51 34.74 2.81
C THR A 525 -26.90 34.61 1.42
N SER A 526 -25.94 35.47 1.06
CA SER A 526 -25.42 35.48 -0.30
C SER A 526 -24.57 34.26 -0.64
N CYS A 527 -24.14 33.50 0.36
CA CYS A 527 -23.23 32.37 0.13
C CYS A 527 -23.68 31.13 0.88
N LEU A 528 -24.98 30.99 1.13
CA LEU A 528 -25.51 29.84 1.84
C LEU A 528 -26.22 28.92 0.88
N ASP A 529 -26.49 27.69 1.34
CA ASP A 529 -27.23 26.75 0.52
C ASP A 529 -28.74 27.00 0.66
N THR A 530 -29.50 26.37 -0.24
CA THR A 530 -30.91 26.73 -0.40
C THR A 530 -31.73 26.37 0.82
N ARG A 531 -31.53 25.17 1.37
CA ARG A 531 -32.27 24.80 2.59
C ARG A 531 -31.90 25.71 3.74
N THR A 532 -30.59 25.93 3.95
CA THR A 532 -30.15 26.87 4.96
C THR A 532 -30.63 28.28 4.66
N GLU A 533 -30.65 28.65 3.38
CA GLU A 533 -31.14 29.98 3.01
C GLU A 533 -32.60 30.17 3.42
N GLN A 534 -33.45 29.18 3.12
CA GLN A 534 -34.86 29.28 3.48
C GLN A 534 -35.04 29.30 4.99
N ASP A 535 -34.29 28.44 5.70
CA ASP A 535 -34.39 28.41 7.16
C ASP A 535 -33.98 29.74 7.76
N ILE A 536 -32.86 30.31 7.30
CA ILE A 536 -32.36 31.54 7.90
C ILE A 536 -33.21 32.74 7.48
N LEU A 537 -33.87 32.66 6.30
CA LEU A 537 -34.80 33.72 5.92
C LEU A 537 -36.06 33.68 6.79
N SER A 538 -36.56 32.48 7.09
CA SER A 538 -37.65 32.37 8.04
C SER A 538 -37.24 32.86 9.41
N THR A 539 -36.00 32.56 9.81
CA THR A 539 -35.48 33.06 11.09
C THR A 539 -35.42 34.59 11.11
N MET A 540 -34.97 35.20 10.01
CA MET A 540 -34.91 36.65 9.94
C MET A 540 -36.30 37.27 9.99
N ARG A 541 -37.26 36.66 9.28
CA ARG A 541 -38.64 37.14 9.35
C ARG A 541 -39.20 37.02 10.76
N ALA A 542 -38.83 35.95 11.47
CA ALA A 542 -39.31 35.76 12.84
C ALA A 542 -38.70 36.77 13.81
N VAL A 543 -37.39 36.99 13.73
CA VAL A 543 -36.72 37.88 14.66
C VAL A 543 -37.06 39.34 14.44
N ALA A 544 -37.70 39.67 13.31
CA ALA A 544 -38.08 41.04 12.99
C ALA A 544 -39.45 41.42 13.56
N SER A 545 -39.86 40.79 14.66
CA SER A 545 -41.21 40.99 15.20
C SER A 545 -41.44 42.45 15.57
N HIS A 546 -40.67 42.97 16.53
CA HIS A 546 -40.88 44.31 17.08
C HIS A 546 -39.68 45.20 16.83
N ARG A 547 -38.90 44.92 15.78
CA ARG A 547 -37.72 45.70 15.45
C ARG A 547 -37.86 46.33 14.07
N THR A 548 -37.17 47.45 13.88
CA THR A 548 -36.98 48.01 12.55
C THR A 548 -35.89 47.20 11.84
N THR A 549 -36.19 46.73 10.64
CA THR A 549 -35.31 45.81 9.93
C THR A 549 -34.98 46.36 8.54
N ILE A 550 -33.70 46.39 8.21
CA ILE A 550 -33.23 46.79 6.89
C ILE A 550 -32.40 45.64 6.33
N SER A 551 -32.89 45.06 5.23
CA SER A 551 -32.25 43.89 4.61
C SER A 551 -31.62 44.33 3.29
N ILE A 552 -30.29 44.39 3.25
CA ILE A 552 -29.54 44.73 2.06
C ILE A 552 -29.15 43.42 1.38
N ALA A 553 -29.85 43.07 0.30
CA ALA A 553 -29.64 41.81 -0.39
C ALA A 553 -29.48 42.09 -1.88
N HIS A 554 -28.61 41.31 -2.53
CA HIS A 554 -28.45 41.45 -3.97
C HIS A 554 -29.50 40.65 -4.72
N ARG A 555 -29.89 39.50 -4.20
CA ARG A 555 -30.86 38.63 -4.85
C ARG A 555 -32.26 39.08 -4.45
N LEU A 556 -33.04 39.54 -5.43
CA LEU A 556 -34.33 40.16 -5.15
C LEU A 556 -35.33 39.19 -4.55
N SER A 557 -35.23 37.90 -4.91
CA SER A 557 -36.21 36.93 -4.42
C SER A 557 -36.17 36.78 -2.91
N THR A 558 -35.02 37.06 -2.29
CA THR A 558 -34.90 36.92 -0.84
C THR A 558 -35.57 38.04 -0.08
N ILE A 559 -35.90 39.15 -0.74
CA ILE A 559 -36.45 40.33 -0.06
C ILE A 559 -37.74 40.78 -0.72
N ALA A 560 -38.36 39.91 -1.50
CA ALA A 560 -39.56 40.29 -2.24
C ALA A 560 -40.72 40.61 -1.30
N ASP A 561 -40.73 40.04 -0.10
CA ASP A 561 -41.81 40.24 0.85
C ASP A 561 -41.61 41.48 1.72
N SER A 562 -40.64 42.34 1.39
CA SER A 562 -40.39 43.52 2.20
C SER A 562 -41.54 44.54 2.05
N ASP A 563 -41.71 45.36 3.08
CA ASP A 563 -42.72 46.40 3.03
C ASP A 563 -42.42 47.41 1.92
N THR A 564 -41.14 47.76 1.75
CA THR A 564 -40.74 48.64 0.67
C THR A 564 -39.33 48.31 0.24
N ILE A 565 -38.98 48.75 -0.97
CA ILE A 565 -37.73 48.43 -1.63
C ILE A 565 -37.08 49.74 -2.07
N LEU A 566 -35.82 49.92 -1.70
CA LEU A 566 -35.03 51.07 -2.14
C LEU A 566 -34.03 50.59 -3.17
N VAL A 567 -34.12 51.12 -4.39
CA VAL A 567 -33.25 50.72 -5.49
C VAL A 567 -32.17 51.78 -5.65
N LEU A 568 -30.92 51.33 -5.58
CA LEU A 568 -29.76 52.21 -5.70
C LEU A 568 -29.06 51.95 -7.03
N ASP A 569 -28.72 53.02 -7.73
CA ASP A 569 -27.96 52.93 -8.98
C ASP A 569 -26.98 54.09 -9.05
N GLN A 570 -25.71 53.77 -9.31
CA GLN A 570 -24.66 54.77 -9.46
C GLN A 570 -24.59 55.69 -8.25
N GLY A 571 -24.85 55.14 -7.07
CA GLY A 571 -24.79 55.91 -5.85
C GLY A 571 -25.95 56.87 -5.64
N ARG A 572 -27.06 56.68 -6.36
CA ARG A 572 -28.24 57.52 -6.21
C ARG A 572 -29.46 56.63 -6.05
N LEU A 573 -30.55 57.23 -5.60
CA LEU A 573 -31.81 56.52 -5.41
C LEU A 573 -32.58 56.54 -6.73
N ALA A 574 -32.60 55.40 -7.42
CA ALA A 574 -33.26 55.36 -8.73
C ALA A 574 -34.76 55.15 -8.58
N GLU A 575 -35.17 54.16 -7.77
CA GLU A 575 -36.57 53.81 -7.64
C GLU A 575 -36.88 53.49 -6.18
N GLN A 576 -38.13 53.73 -5.80
CA GLN A 576 -38.59 53.50 -4.43
C GLN A 576 -40.03 53.02 -4.47
N GLY A 577 -40.33 52.03 -3.65
CA GLY A 577 -41.69 51.52 -3.55
C GLY A 577 -41.70 50.05 -3.21
N SER A 578 -42.90 49.50 -3.15
CA SER A 578 -43.08 48.08 -2.85
C SER A 578 -42.69 47.22 -4.05
N HIS A 579 -42.62 45.90 -3.80
CA HIS A 579 -42.24 44.97 -4.84
C HIS A 579 -43.20 45.00 -6.01
N LEU A 580 -44.50 44.96 -5.73
CA LEU A 580 -45.50 44.99 -6.80
C LEU A 580 -45.49 46.32 -7.53
N ASP A 581 -45.39 47.43 -6.78
CA ASP A 581 -45.35 48.75 -7.42
C ASP A 581 -44.14 48.88 -8.34
N LEU A 582 -42.97 48.46 -7.87
CA LEU A 582 -41.77 48.57 -8.69
C LEU A 582 -41.83 47.65 -9.90
N LEU A 583 -42.43 46.46 -9.74
CA LEU A 583 -42.63 45.59 -10.90
C LEU A 583 -43.57 46.24 -11.92
N ARG A 584 -44.61 46.93 -11.43
CA ARG A 584 -45.53 47.61 -12.32
C ARG A 584 -44.90 48.81 -13.00
N ARG A 585 -43.92 49.47 -12.35
CA ARG A 585 -43.29 50.64 -12.94
C ARG A 585 -42.45 50.31 -14.16
N ASP A 586 -42.02 49.05 -14.30
CA ASP A 586 -41.23 48.60 -15.45
C ASP A 586 -39.95 49.44 -15.62
N GLY A 587 -39.24 49.63 -14.50
CA GLY A 587 -38.02 50.41 -14.51
C GLY A 587 -36.76 49.58 -14.32
N LEU A 588 -35.81 50.12 -13.56
CA LEU A 588 -34.54 49.42 -13.34
C LEU A 588 -34.74 48.18 -12.47
N TYR A 589 -35.49 48.32 -11.37
CA TYR A 589 -35.79 47.17 -10.53
C TYR A 589 -36.50 46.07 -11.31
N ALA A 590 -37.45 46.46 -12.16
CA ALA A 590 -38.14 45.48 -12.99
C ALA A 590 -37.18 44.81 -13.97
N GLU A 591 -36.23 45.57 -14.52
CA GLU A 591 -35.25 44.97 -15.43
C GLU A 591 -34.37 43.96 -14.69
N MET A 592 -33.93 44.31 -13.48
CA MET A 592 -33.13 43.37 -12.70
C MET A 592 -33.92 42.11 -12.35
N TRP A 593 -35.17 42.28 -11.93
CA TRP A 593 -36.01 41.12 -11.63
C TRP A 593 -36.22 40.25 -12.85
N ALA A 594 -36.40 40.86 -14.03
CA ALA A 594 -36.57 40.09 -15.25
C ALA A 594 -35.29 39.35 -15.63
N ARG A 595 -34.14 39.99 -15.45
CA ARG A 595 -32.87 39.32 -15.73
C ARG A 595 -32.66 38.13 -14.79
N GLN A 596 -32.98 38.31 -13.50
CA GLN A 596 -32.83 37.25 -12.52
C GLN A 596 -33.85 36.13 -12.68
N ALA A 597 -34.99 36.40 -13.32
CA ALA A 597 -36.04 35.39 -13.49
C ALA A 597 -35.49 34.05 -13.96
N ALA A 598 -34.50 34.07 -14.85
CA ALA A 598 -33.84 32.84 -15.31
C ALA A 598 -34.82 31.80 -15.86
N ARG B 13 19.06 0.54 19.45
CA ARG B 13 18.44 1.77 19.92
C ARG B 13 19.44 2.92 19.97
N HIS B 14 19.18 3.96 19.19
CA HIS B 14 20.07 5.12 19.17
C HIS B 14 19.39 6.29 18.48
N ASP B 15 19.56 7.49 19.02
CA ASP B 15 19.13 8.71 18.37
C ASP B 15 20.11 9.82 18.75
N GLY B 16 19.87 11.02 18.21
CA GLY B 16 20.78 12.12 18.44
C GLY B 16 22.03 12.02 17.57
N TRP B 17 22.90 11.06 17.90
CA TRP B 17 24.06 10.78 17.07
C TRP B 17 23.64 10.39 15.66
N GLN B 18 22.69 9.47 15.57
CA GLN B 18 22.11 9.04 14.30
C GLN B 18 21.63 10.24 13.50
N THR B 19 20.89 11.13 14.17
CA THR B 19 20.38 12.32 13.50
C THR B 19 21.53 13.18 12.96
N LEU B 20 22.55 13.41 13.80
CA LEU B 20 23.69 14.20 13.36
C LEU B 20 24.43 13.51 12.22
N LYS B 21 24.45 12.18 12.22
CA LYS B 21 25.15 11.44 11.18
C LYS B 21 24.40 11.51 9.86
N ARG B 22 23.07 11.52 9.92
CA ARG B 22 22.28 11.77 8.72
C ARG B 22 22.46 13.20 8.23
N PHE B 23 22.65 14.15 9.16
CA PHE B 23 22.90 15.52 8.75
C PHE B 23 24.29 15.70 8.13
N LEU B 24 25.26 14.91 8.59
CA LEU B 24 26.65 15.08 8.14
C LEU B 24 26.82 15.10 6.63
N PRO B 25 26.11 14.31 5.82
CA PRO B 25 26.22 14.47 4.37
C PRO B 25 25.89 15.88 3.90
N TYR B 26 24.99 16.58 4.60
CA TYR B 26 24.73 17.98 4.25
C TYR B 26 25.93 18.84 4.60
N LEU B 27 26.56 18.57 5.75
CA LEU B 27 27.76 19.31 6.13
C LEU B 27 28.95 18.89 5.27
N TRP B 28 29.05 17.59 4.96
CA TRP B 28 30.11 17.03 4.12
C TRP B 28 29.50 16.67 2.78
N PRO B 29 29.47 17.58 1.81
CA PRO B 29 28.65 17.35 0.61
C PRO B 29 29.14 16.21 -0.26
N ALA B 30 30.46 16.07 -0.43
CA ALA B 30 31.05 15.11 -1.36
C ALA B 30 30.60 15.35 -2.80
N ASP B 31 30.12 16.55 -3.09
CA ASP B 31 29.73 16.94 -4.44
C ASP B 31 30.42 18.24 -4.80
N ASN B 32 30.65 19.08 -3.79
CA ASN B 32 31.34 20.36 -3.96
C ASN B 32 32.70 20.25 -3.27
N ALA B 33 33.76 20.21 -4.07
CA ALA B 33 35.12 20.24 -3.54
C ALA B 33 35.33 21.46 -2.65
N VAL B 34 35.00 22.64 -3.15
CA VAL B 34 35.26 23.90 -2.44
C VAL B 34 34.70 23.84 -1.03
N LEU B 35 33.51 23.26 -0.86
CA LEU B 35 32.90 23.21 0.47
C LEU B 35 33.66 22.28 1.41
N ARG B 36 34.16 21.16 0.89
CA ARG B 36 34.96 20.27 1.72
C ARG B 36 36.28 20.92 2.12
N ARG B 37 36.91 21.62 1.18
CA ARG B 37 38.12 22.37 1.50
C ARG B 37 37.84 23.43 2.55
N ARG B 38 36.67 24.06 2.48
CA ARG B 38 36.31 25.06 3.49
C ARG B 38 36.08 24.42 4.85
N VAL B 39 35.48 23.23 4.88
CA VAL B 39 35.30 22.54 6.16
C VAL B 39 36.66 22.19 6.77
N VAL B 40 37.59 21.72 5.93
CA VAL B 40 38.94 21.40 6.41
C VAL B 40 39.62 22.66 6.94
N GLY B 41 39.51 23.76 6.20
CA GLY B 41 40.09 25.01 6.65
C GLY B 41 39.48 25.51 7.95
N ALA B 42 38.17 25.32 8.11
CA ALA B 42 37.51 25.71 9.35
C ALA B 42 38.02 24.89 10.53
N ILE B 43 38.21 23.59 10.33
CA ILE B 43 38.76 22.77 11.41
C ILE B 43 40.19 23.21 11.73
N LEU B 44 40.97 23.55 10.70
CA LEU B 44 42.32 24.05 10.92
C LEU B 44 42.30 25.35 11.70
N MET B 45 41.34 26.23 11.41
CA MET B 45 41.23 27.48 12.14
C MET B 45 40.81 27.24 13.59
N VAL B 46 39.92 26.26 13.82
CA VAL B 46 39.59 25.86 15.18
C VAL B 46 40.85 25.48 15.94
N LEU B 47 41.67 24.62 15.32
CA LEU B 47 42.90 24.16 15.97
C LEU B 47 43.85 25.32 16.24
N LEU B 48 44.03 26.21 15.26
CA LEU B 48 44.94 27.34 15.43
C LEU B 48 44.47 28.25 16.56
N GLY B 49 43.17 28.56 16.60
CA GLY B 49 42.65 29.41 17.66
C GLY B 49 42.80 28.79 19.03
N LYS B 50 42.50 27.50 19.14
CA LYS B 50 42.66 26.83 20.43
C LYS B 50 44.12 26.81 20.86
N ALA B 51 45.03 26.53 19.93
CA ALA B 51 46.46 26.53 20.26
C ALA B 51 46.91 27.90 20.74
N THR B 52 46.44 28.97 20.07
CA THR B 52 46.86 30.31 20.47
C THR B 52 46.29 30.70 21.82
N THR B 53 45.01 30.39 22.07
CA THR B 53 44.41 30.68 23.36
C THR B 53 45.01 29.85 24.48
N LEU B 54 45.59 28.69 24.17
CA LEU B 54 46.31 27.92 25.18
C LEU B 54 47.73 28.44 25.39
N ALA B 55 48.33 29.00 24.34
CA ALA B 55 49.72 29.44 24.43
C ALA B 55 49.84 30.80 25.12
N LEU B 56 48.87 31.70 24.91
CA LEU B 56 49.01 33.04 25.47
C LEU B 56 49.09 33.09 27.00
N PRO B 57 48.40 32.23 27.78
CA PRO B 57 48.60 32.28 29.23
C PRO B 57 49.99 31.83 29.64
N PHE B 58 50.62 30.96 28.85
CA PHE B 58 52.03 30.64 29.10
C PHE B 58 52.90 31.87 28.91
N ALA B 59 52.60 32.67 27.89
CA ALA B 59 53.34 33.92 27.69
C ALA B 59 53.14 34.87 28.86
N TYR B 60 51.92 34.95 29.38
CA TYR B 60 51.69 35.80 30.54
C TYR B 60 52.44 35.30 31.77
N LYS B 61 52.42 33.98 31.99
CA LYS B 61 53.17 33.40 33.10
C LYS B 61 54.65 33.69 32.98
N LYS B 62 55.20 33.57 31.78
CA LYS B 62 56.62 33.84 31.58
C LYS B 62 56.95 35.32 31.75
N ALA B 63 56.04 36.21 31.34
CA ALA B 63 56.24 37.64 31.59
C ALA B 63 56.27 37.93 33.09
N VAL B 64 55.34 37.33 33.84
CA VAL B 64 55.34 37.52 35.30
C VAL B 64 56.61 36.97 35.91
N ASP B 65 57.05 35.79 35.45
CA ASP B 65 58.29 35.21 35.95
C ASP B 65 59.47 36.13 35.66
N ALA B 66 59.52 36.72 34.46
CA ALA B 66 60.59 37.65 34.13
C ALA B 66 60.54 38.88 35.02
N MET B 67 59.35 39.29 35.44
CA MET B 67 59.26 40.44 36.35
C MET B 67 59.68 40.05 37.77
N THR B 68 59.51 38.79 38.15
CA THR B 68 59.89 38.34 39.49
C THR B 68 61.23 37.61 39.53
N LEU B 69 61.72 37.11 38.39
CA LEU B 69 63.02 36.50 38.27
C LEU B 69 63.90 37.36 37.37
N GLY B 70 65.08 36.86 37.03
CA GLY B 70 65.98 37.60 36.18
C GLY B 70 65.86 37.17 34.74
N GLY B 71 65.49 35.90 34.54
CA GLY B 71 65.36 35.36 33.20
C GLY B 71 66.64 35.43 32.40
N GLY B 72 66.48 35.75 31.12
CA GLY B 72 67.61 35.82 30.20
C GLY B 72 67.81 37.21 29.63
N ALA B 73 67.01 38.16 30.10
CA ALA B 73 67.20 39.57 29.73
C ALA B 73 68.03 40.24 30.82
N GLN B 74 69.09 40.91 30.41
CA GLN B 74 70.00 41.56 31.35
C GLN B 74 69.33 42.73 32.05
N PRO B 75 68.53 43.56 31.36
CA PRO B 75 67.65 44.50 32.08
C PRO B 75 66.41 43.84 32.66
N ALA B 76 66.08 42.63 32.21
CA ALA B 76 64.96 41.81 32.67
C ALA B 76 63.61 42.31 32.15
N LEU B 77 63.55 43.55 31.67
CA LEU B 77 62.31 44.08 31.12
C LEU B 77 62.09 43.63 29.68
N THR B 78 63.17 43.47 28.90
CA THR B 78 63.04 43.11 27.50
C THR B 78 62.25 41.82 27.33
N VAL B 79 62.57 40.80 28.12
CA VAL B 79 61.81 39.56 28.07
C VAL B 79 60.37 39.82 28.49
N ALA B 80 60.18 40.65 29.51
CA ALA B 80 58.83 40.97 29.97
C ALA B 80 58.04 41.75 28.93
N LEU B 81 58.68 42.75 28.28
CA LEU B 81 58.01 43.48 27.22
C LEU B 81 57.64 42.57 26.06
N ALA B 82 58.59 41.75 25.61
CA ALA B 82 58.33 40.83 24.51
C ALA B 82 57.19 39.89 24.85
N PHE B 83 57.15 39.41 26.11
CA PHE B 83 56.14 38.42 26.48
C PHE B 83 54.76 39.04 26.67
N VAL B 84 54.67 40.28 27.18
CA VAL B 84 53.36 40.91 27.28
C VAL B 84 52.85 41.26 25.88
N LEU B 85 53.75 41.67 24.99
CA LEU B 85 53.34 41.89 23.60
C LEU B 85 52.89 40.60 22.95
N ALA B 86 53.58 39.48 23.26
CA ALA B 86 53.17 38.18 22.75
C ALA B 86 51.80 37.79 23.29
N TYR B 87 51.53 38.10 24.56
CA TYR B 87 50.23 37.80 25.15
C TYR B 87 49.12 38.57 24.44
N ALA B 88 49.34 39.86 24.21
CA ALA B 88 48.34 40.67 23.50
C ALA B 88 48.15 40.16 22.07
N LEU B 89 49.25 39.89 21.38
CA LEU B 89 49.16 39.36 20.01
C LEU B 89 48.47 38.01 19.99
N GLY B 90 48.64 37.21 21.04
CA GLY B 90 47.95 35.93 21.10
C GLY B 90 46.45 36.09 21.28
N ARG B 91 46.04 37.02 22.14
CA ARG B 91 44.62 37.33 22.25
C ARG B 91 44.05 37.74 20.89
N PHE B 92 44.74 38.67 20.21
CA PHE B 92 44.28 39.14 18.91
C PHE B 92 44.23 38.01 17.90
N SER B 93 45.26 37.16 17.87
CA SER B 93 45.31 36.07 16.89
C SER B 93 44.23 35.04 17.18
N GLY B 94 43.93 34.79 18.46
CA GLY B 94 42.85 33.86 18.78
C GLY B 94 41.51 34.37 18.29
N VAL B 95 41.21 35.64 18.55
CA VAL B 95 39.94 36.19 18.07
C VAL B 95 39.91 36.21 16.55
N LEU B 96 41.05 36.51 15.92
CA LEU B 96 41.13 36.54 14.46
C LEU B 96 40.87 35.16 13.87
N PHE B 97 41.48 34.12 14.45
CA PHE B 97 41.26 32.76 13.97
C PHE B 97 39.81 32.33 14.17
N ASP B 98 39.21 32.72 15.29
CA ASP B 98 37.81 32.40 15.53
C ASP B 98 36.91 33.03 14.47
N ASN B 99 37.13 34.32 14.19
CA ASN B 99 36.30 34.96 13.17
C ASN B 99 36.58 34.41 11.78
N LEU B 100 37.83 34.02 11.51
CA LEU B 100 38.14 33.40 10.22
C LEU B 100 37.43 32.06 10.05
N ARG B 101 37.40 31.24 11.11
CA ARG B 101 36.70 29.96 11.00
C ARG B 101 35.20 30.19 10.82
N ASN B 102 34.64 31.20 11.51
CA ASN B 102 33.24 31.51 11.31
C ASN B 102 32.97 31.89 9.85
N ILE B 103 33.79 32.79 9.31
CA ILE B 103 33.61 33.26 7.94
C ILE B 103 33.72 32.10 6.96
N VAL B 104 34.72 31.24 7.14
CA VAL B 104 34.94 30.15 6.19
C VAL B 104 33.80 29.13 6.25
N PHE B 105 33.34 28.79 7.46
CA PHE B 105 32.33 27.74 7.59
C PHE B 105 30.90 28.21 7.34
N GLU B 106 30.64 29.53 7.40
CA GLU B 106 29.26 30.01 7.25
C GLU B 106 28.65 29.59 5.91
N ARG B 107 29.46 29.57 4.84
CA ARG B 107 28.92 29.18 3.54
C ARG B 107 28.46 27.73 3.54
N VAL B 108 29.28 26.82 4.06
CA VAL B 108 28.88 25.42 4.17
C VAL B 108 27.64 25.28 5.04
N GLY B 109 27.58 26.02 6.15
CA GLY B 109 26.41 25.91 7.01
C GLY B 109 25.14 26.32 6.30
N GLN B 110 25.18 27.49 5.64
CA GLN B 110 24.00 27.97 4.92
C GLN B 110 23.60 27.02 3.80
N ASP B 111 24.58 26.49 3.06
CA ASP B 111 24.24 25.59 1.97
C ASP B 111 23.64 24.28 2.48
N ALA B 112 24.18 23.74 3.58
CA ALA B 112 23.64 22.51 4.15
C ALA B 112 22.21 22.72 4.62
N THR B 113 21.94 23.81 5.33
CA THR B 113 20.58 24.07 5.80
C THR B 113 19.64 24.33 4.64
N ARG B 114 20.12 25.01 3.60
CA ARG B 114 19.29 25.26 2.42
C ARG B 114 18.92 23.96 1.71
N HIS B 115 19.89 23.05 1.57
CA HIS B 115 19.60 21.77 0.93
C HIS B 115 18.64 20.94 1.76
N LEU B 116 18.80 20.96 3.09
CA LEU B 116 17.85 20.26 3.95
C LEU B 116 16.44 20.82 3.80
N ALA B 117 16.31 22.15 3.78
CA ALA B 117 15.01 22.76 3.62
C ALA B 117 14.41 22.43 2.25
N GLU B 118 15.24 22.41 1.21
CA GLU B 118 14.75 22.06 -0.13
C GLU B 118 14.23 20.63 -0.17
N ASN B 119 14.97 19.71 0.46
CA ASN B 119 14.51 18.32 0.50
C ASN B 119 13.18 18.20 1.25
N VAL B 120 13.06 18.89 2.39
CA VAL B 120 11.81 18.84 3.14
C VAL B 120 10.67 19.41 2.31
N PHE B 121 10.92 20.50 1.59
CA PHE B 121 9.89 21.10 0.75
C PHE B 121 9.45 20.15 -0.36
N ALA B 122 10.42 19.56 -1.06
CA ALA B 122 10.10 18.63 -2.13
C ALA B 122 9.28 17.45 -1.61
N ARG B 123 9.64 16.91 -0.45
CA ARG B 123 8.87 15.82 0.12
C ARG B 123 7.48 16.28 0.53
N LEU B 124 7.36 17.50 1.07
CA LEU B 124 6.05 18.01 1.45
C LEU B 124 5.14 18.10 0.24
N HIS B 125 5.66 18.51 -0.91
CA HIS B 125 4.80 18.58 -2.09
C HIS B 125 4.30 17.20 -2.53
N LYS B 126 4.96 16.12 -2.10
CA LYS B 126 4.56 14.77 -2.48
C LYS B 126 3.55 14.14 -1.53
N LEU B 127 3.07 14.86 -0.51
CA LEU B 127 2.34 14.19 0.57
C LEU B 127 0.83 14.15 0.35
N SER B 128 0.22 15.24 -0.16
CA SER B 128 -1.15 15.16 -0.66
C SER B 128 -2.18 14.72 0.37
N LEU B 129 -2.61 15.67 1.22
CA LEU B 129 -3.62 15.64 2.31
C LEU B 129 -3.07 15.23 3.67
N ARG B 130 -1.78 14.91 3.78
CA ARG B 130 -1.08 15.13 5.03
C ARG B 130 -1.27 16.56 5.52
N PHE B 131 -1.61 17.47 4.60
CA PHE B 131 -1.97 18.86 4.89
C PHE B 131 -3.47 19.07 4.99
N HIS B 132 -4.25 18.47 4.09
CA HIS B 132 -5.70 18.57 4.18
C HIS B 132 -6.19 18.16 5.56
N LEU B 133 -5.43 17.31 6.25
CA LEU B 133 -5.77 17.00 7.64
C LEU B 133 -5.40 18.15 8.58
N ALA B 134 -4.33 18.89 8.30
CA ALA B 134 -3.84 19.94 9.20
C ALA B 134 -3.31 21.11 8.37
N ARG B 135 -4.14 22.14 8.18
CA ARG B 135 -3.75 23.37 7.48
C ARG B 135 -4.17 24.58 8.30
N ARG B 136 -3.85 24.56 9.58
CA ARG B 136 -4.09 25.71 10.45
C ARG B 136 -3.06 26.79 10.18
N THR B 137 -3.53 28.04 10.14
CA THR B 137 -2.64 29.19 9.93
C THR B 137 -1.50 29.18 10.96
N GLY B 138 -1.84 28.95 12.23
CA GLY B 138 -0.82 28.94 13.27
C GLY B 138 0.24 27.88 13.02
N GLU B 139 -0.18 26.66 12.69
CA GLU B 139 0.76 25.57 12.48
C GLU B 139 1.70 25.87 11.31
N VAL B 140 1.13 26.27 10.17
CA VAL B 140 1.94 26.55 8.99
C VAL B 140 2.92 27.68 9.27
N THR B 141 2.43 28.79 9.82
CA THR B 141 3.29 29.94 10.10
C THR B 141 4.41 29.55 11.05
N LYS B 142 4.07 28.88 12.14
CA LYS B 142 5.06 28.51 13.16
C LYS B 142 6.13 27.60 12.57
N VAL B 143 5.72 26.56 11.85
CA VAL B 143 6.67 25.61 11.29
C VAL B 143 7.61 26.30 10.30
N ILE B 144 7.03 27.00 9.32
CA ILE B 144 7.86 27.60 8.28
C ILE B 144 8.72 28.74 8.83
N GLU B 145 8.31 29.37 9.93
CA GLU B 145 9.11 30.45 10.49
C GLU B 145 10.23 29.93 11.40
N ARG B 146 10.03 28.78 12.05
CA ARG B 146 11.01 28.28 13.00
C ARG B 146 12.04 27.35 12.37
N GLY B 147 11.64 26.56 11.37
CA GLY B 147 12.46 25.43 10.92
C GLY B 147 13.92 25.77 10.69
N THR B 148 14.19 26.82 9.92
CA THR B 148 15.57 27.15 9.59
C THR B 148 16.33 27.67 10.82
N LYS B 149 15.67 28.50 11.65
CA LYS B 149 16.35 29.14 12.77
C LYS B 149 16.78 28.12 13.81
N SER B 150 15.90 27.17 14.14
CA SER B 150 16.25 26.16 15.13
C SER B 150 17.51 25.40 14.72
N ILE B 151 17.56 24.95 13.47
CA ILE B 151 18.72 24.19 13.00
C ILE B 151 19.96 25.06 13.00
N ASP B 152 19.84 26.30 12.52
CA ASP B 152 21.02 27.17 12.47
C ASP B 152 21.61 27.34 13.87
N THR B 153 20.76 27.65 14.85
CA THR B 153 21.24 27.83 16.21
C THR B 153 21.88 26.54 16.75
N MET B 154 21.21 25.41 16.57
CA MET B 154 21.77 24.16 17.09
C MET B 154 23.11 23.86 16.44
N LEU B 155 23.20 23.97 15.12
CA LEU B 155 24.43 23.64 14.42
C LEU B 155 25.57 24.55 14.86
N TYR B 156 25.33 25.86 14.87
CA TYR B 156 26.38 26.79 15.27
C TYR B 156 26.85 26.51 16.70
N PHE B 157 25.92 26.46 17.65
CA PHE B 157 26.32 26.25 19.04
C PHE B 157 27.06 24.92 19.20
N LEU B 158 26.50 23.83 18.65
CA LEU B 158 27.18 22.54 18.75
C LEU B 158 28.61 22.62 18.19
N LEU B 159 28.73 22.92 16.90
CA LEU B 159 30.01 22.79 16.22
C LEU B 159 31.06 23.78 16.74
N PHE B 160 30.65 24.98 17.16
CA PHE B 160 31.61 26.02 17.50
C PHE B 160 31.62 26.35 18.99
N ASN B 161 30.91 25.60 19.82
CA ASN B 161 31.03 25.72 21.25
C ASN B 161 31.35 24.39 21.93
N ILE B 162 30.68 23.30 21.56
CA ILE B 162 30.91 22.03 22.23
C ILE B 162 32.25 21.45 21.82
N ALA B 163 32.48 21.33 20.50
CA ALA B 163 33.75 20.79 20.02
C ALA B 163 34.93 21.65 20.45
N PRO B 164 34.92 22.98 20.29
CA PRO B 164 36.06 23.76 20.82
C PRO B 164 36.21 23.64 22.32
N THR B 165 35.11 23.60 23.07
CA THR B 165 35.23 23.45 24.52
C THR B 165 35.74 22.06 24.89
N VAL B 166 35.33 21.03 24.15
CA VAL B 166 35.85 19.69 24.41
C VAL B 166 37.34 19.63 24.13
N ILE B 167 37.78 20.20 22.99
CA ILE B 167 39.20 20.22 22.66
C ILE B 167 39.98 20.98 23.73
N GLU B 168 39.48 22.15 24.13
CA GLU B 168 40.17 22.95 25.14
C GLU B 168 40.20 22.23 26.48
N LEU B 169 39.13 21.51 26.82
CA LEU B 169 39.10 20.78 28.08
C LEU B 169 40.09 19.64 28.09
N THR B 170 40.18 18.89 26.99
CA THR B 170 41.16 17.81 26.90
C THR B 170 42.59 18.36 26.95
N ALA B 171 42.85 19.43 26.20
CA ALA B 171 44.19 20.03 26.21
C ALA B 171 44.54 20.58 27.58
N VAL B 172 43.57 21.19 28.26
CA VAL B 172 43.80 21.72 29.60
C VAL B 172 44.05 20.59 30.58
N ILE B 173 43.33 19.47 30.43
CA ILE B 173 43.57 18.30 31.26
C ILE B 173 45.00 17.81 31.06
N VAL B 174 45.44 17.72 29.81
CA VAL B 174 46.80 17.24 29.52
C VAL B 174 47.84 18.17 30.13
N ILE B 175 47.70 19.48 29.89
CA ILE B 175 48.70 20.43 30.38
C ILE B 175 48.68 20.49 31.89
N PHE B 176 47.49 20.50 32.50
CA PHE B 176 47.36 20.46 33.95
C PHE B 176 47.97 19.20 34.53
N TRP B 177 47.87 18.08 33.81
CA TRP B 177 48.50 16.85 34.26
C TRP B 177 50.02 16.96 34.22
N LEU B 178 50.57 17.53 33.14
CA LEU B 178 52.02 17.59 33.05
C LEU B 178 52.59 18.53 34.11
N ASN B 179 51.87 19.58 34.47
CA ASN B 179 52.31 20.57 35.43
C ASN B 179 51.41 20.45 36.67
N PHE B 180 51.85 19.63 37.63
CA PHE B 180 51.08 19.34 38.84
C PHE B 180 49.71 18.74 38.49
N GLY B 181 49.77 17.54 37.94
CA GLY B 181 48.56 16.78 37.68
C GLY B 181 48.21 15.80 38.78
N LEU B 182 48.45 16.21 40.02
CA LEU B 182 48.14 15.37 41.17
C LEU B 182 46.72 15.65 41.69
N GLY B 183 46.45 16.89 42.10
CA GLY B 183 45.16 17.21 42.67
C GLY B 183 44.31 18.22 41.92
N LEU B 184 44.94 19.21 41.28
CA LEU B 184 44.17 20.17 40.50
C LEU B 184 43.44 19.53 39.32
N VAL B 185 44.02 18.51 38.69
CA VAL B 185 43.31 17.83 37.61
C VAL B 185 42.02 17.21 38.13
N THR B 186 42.11 16.52 39.27
CA THR B 186 40.91 15.95 39.88
C THR B 186 39.93 17.04 40.27
N ALA B 187 40.44 18.17 40.78
CA ALA B 187 39.57 19.27 41.19
C ALA B 187 38.83 19.86 40.00
N THR B 188 39.54 20.12 38.91
CA THR B 188 38.89 20.68 37.73
C THR B 188 37.91 19.69 37.11
N ILE B 189 38.23 18.39 37.16
CA ILE B 189 37.30 17.40 36.63
C ILE B 189 36.02 17.36 37.47
N LEU B 190 36.18 17.35 38.80
CA LEU B 190 35.02 17.38 39.68
C LEU B 190 34.19 18.65 39.48
N ALA B 191 34.87 19.79 39.30
CA ALA B 191 34.15 21.04 39.09
C ALA B 191 33.39 21.03 37.78
N VAL B 192 34.01 20.53 36.70
CA VAL B 192 33.32 20.46 35.41
C VAL B 192 32.12 19.52 35.51
N ILE B 193 32.29 18.39 36.20
CA ILE B 193 31.19 17.44 36.35
C ILE B 193 30.02 18.07 37.11
N ALA B 194 30.31 18.70 38.24
CA ALA B 194 29.25 19.33 39.03
C ALA B 194 28.59 20.47 38.26
N TYR B 195 29.39 21.27 37.54
CA TYR B 195 28.85 22.37 36.75
C TYR B 195 27.90 21.84 35.68
N VAL B 196 28.33 20.83 34.94
CA VAL B 196 27.50 20.28 33.87
C VAL B 196 26.21 19.69 34.43
N TRP B 197 26.32 18.93 35.53
CA TRP B 197 25.15 18.29 36.10
C TRP B 197 24.13 19.32 36.61
N THR B 198 24.61 20.31 37.36
CA THR B 198 23.71 21.34 37.88
C THR B 198 23.08 22.13 36.75
N THR B 199 23.90 22.53 35.76
CA THR B 199 23.37 23.25 34.60
C THR B 199 22.30 22.44 33.90
N ARG B 200 22.53 21.14 33.70
CA ARG B 200 21.57 20.30 33.00
C ARG B 200 20.24 20.21 33.74
N THR B 201 20.29 19.91 35.04
CA THR B 201 19.05 19.76 35.80
C THR B 201 18.27 21.08 35.87
N ILE B 202 18.97 22.16 36.21
CA ILE B 202 18.30 23.44 36.32
C ILE B 202 17.81 23.90 34.95
N THR B 203 18.51 23.53 33.88
CA THR B 203 18.08 23.92 32.54
C THR B 203 16.82 23.17 32.13
N GLU B 204 16.69 21.91 32.53
CA GLU B 204 15.45 21.19 32.27
C GLU B 204 14.27 21.85 33.01
N TRP B 205 14.47 22.14 34.30
CA TRP B 205 13.44 22.86 35.05
C TRP B 205 13.10 24.20 34.40
N ARG B 206 14.12 24.94 33.97
CA ARG B 206 13.93 26.23 33.34
C ARG B 206 13.23 26.09 31.99
N THR B 207 13.47 24.99 31.27
CA THR B 207 12.80 24.76 30.00
C THR B 207 11.31 24.51 30.22
N HIS B 208 10.97 23.80 31.29
CA HIS B 208 9.56 23.65 31.65
C HIS B 208 8.91 25.02 31.90
N LEU B 209 9.55 25.83 32.75
CA LEU B 209 9.01 27.16 33.05
C LEU B 209 8.94 28.03 31.79
N ARG B 210 9.93 27.89 30.91
CA ARG B 210 9.98 28.67 29.67
C ARG B 210 8.86 28.25 28.73
N GLU B 211 8.54 26.96 28.69
CA GLU B 211 7.42 26.51 27.86
C GLU B 211 6.10 27.09 28.39
N LYS B 212 5.93 27.11 29.71
CA LYS B 212 4.71 27.73 30.25
C LYS B 212 4.65 29.23 29.90
N MET B 213 5.78 29.93 30.05
CA MET B 213 5.82 31.35 29.70
C MET B 213 5.50 31.58 28.23
N ASN B 214 6.07 30.74 27.35
CA ASN B 214 5.82 30.89 25.92
C ASN B 214 4.36 30.62 25.58
N ARG B 215 3.73 29.66 26.26
CA ARG B 215 2.32 29.41 26.02
C ARG B 215 1.48 30.62 26.41
N LEU B 216 1.76 31.21 27.58
CA LEU B 216 1.00 32.38 27.99
C LEU B 216 1.24 33.57 27.05
N ASP B 217 2.48 33.74 26.59
CA ASP B 217 2.77 34.82 25.64
C ASP B 217 2.00 34.62 24.33
N GLY B 218 1.99 33.38 23.83
CA GLY B 218 1.24 33.09 22.63
C GLY B 218 -0.24 33.34 22.80
N GLN B 219 -0.80 32.97 23.95
CA GLN B 219 -2.21 33.21 24.21
C GLN B 219 -2.53 34.70 24.22
N ALA B 220 -1.70 35.50 24.91
CA ALA B 220 -1.95 36.93 24.96
C ALA B 220 -1.86 37.57 23.58
N LEU B 221 -0.81 37.23 22.81
CA LEU B 221 -0.66 37.80 21.48
C LEU B 221 -1.78 37.36 20.55
N ALA B 222 -2.22 36.10 20.66
CA ALA B 222 -3.31 35.62 19.84
C ALA B 222 -4.62 36.35 20.18
N ARG B 223 -4.86 36.60 21.46
CA ARG B 223 -6.04 37.38 21.84
C ARG B 223 -5.97 38.78 21.25
N ALA B 224 -4.80 39.43 21.34
CA ALA B 224 -4.67 40.77 20.78
C ALA B 224 -4.90 40.78 19.27
N VAL B 225 -4.33 39.80 18.56
CA VAL B 225 -4.48 39.75 17.11
C VAL B 225 -5.94 39.47 16.74
N ASP B 226 -6.60 38.56 17.47
CA ASP B 226 -8.00 38.26 17.19
C ASP B 226 -8.87 39.48 17.44
N SER B 227 -8.53 40.27 18.45
CA SER B 227 -9.28 41.49 18.72
C SER B 227 -9.10 42.52 17.60
N LEU B 228 -7.84 42.73 17.18
CA LEU B 228 -7.59 43.75 16.16
C LEU B 228 -8.14 43.34 14.80
N LEU B 229 -8.09 42.05 14.48
CA LEU B 229 -8.62 41.59 13.19
C LEU B 229 -10.14 41.58 13.17
N ASN B 230 -10.78 41.51 14.34
CA ASN B 230 -12.24 41.56 14.45
C ASN B 230 -12.69 42.90 15.03
N TYR B 231 -11.99 43.97 14.66
CA TYR B 231 -12.35 45.30 15.14
C TYR B 231 -13.79 45.66 14.77
N GLU B 232 -14.21 45.28 13.56
CA GLU B 232 -15.58 45.55 13.14
C GLU B 232 -16.59 44.91 14.07
N THR B 233 -16.34 43.67 14.48
CA THR B 233 -17.27 42.99 15.39
C THR B 233 -17.27 43.65 16.77
N VAL B 234 -16.10 44.04 17.26
CA VAL B 234 -16.01 44.72 18.55
C VAL B 234 -16.81 46.01 18.52
N LYS B 235 -16.71 46.77 17.44
CA LYS B 235 -17.53 47.97 17.31
C LYS B 235 -19.01 47.64 17.16
N TYR B 236 -19.32 46.55 16.46
CA TYR B 236 -20.71 46.17 16.26
C TYR B 236 -21.39 45.85 17.59
N PHE B 237 -20.66 45.25 18.53
CA PHE B 237 -21.23 44.86 19.81
C PHE B 237 -20.69 45.67 20.98
N GLY B 238 -19.91 46.72 20.72
CA GLY B 238 -19.42 47.59 21.77
C GLY B 238 -18.68 46.89 22.88
N ALA B 239 -17.81 45.94 22.54
CA ALA B 239 -17.10 45.14 23.52
C ALA B 239 -15.67 45.60 23.74
N GLU B 240 -15.42 46.91 23.63
CA GLU B 240 -14.08 47.43 23.85
C GLU B 240 -13.58 47.14 25.27
N SER B 241 -14.41 47.45 26.27
CA SER B 241 -13.98 47.25 27.66
C SER B 241 -13.78 45.77 27.97
N ARG B 242 -14.67 44.91 27.48
CA ARG B 242 -14.54 43.47 27.73
C ARG B 242 -13.27 42.93 27.11
N GLU B 243 -12.99 43.30 25.85
CA GLU B 243 -11.77 42.85 25.19
C GLU B 243 -10.53 43.40 25.88
N GLU B 244 -10.58 44.65 26.33
CA GLU B 244 -9.45 45.23 27.06
C GLU B 244 -9.16 44.44 28.33
N ALA B 245 -10.20 44.11 29.09
CA ALA B 245 -10.00 43.33 30.31
C ALA B 245 -9.48 41.94 30.00
N ARG B 246 -9.97 41.33 28.93
CA ARG B 246 -9.48 40.03 28.50
C ARG B 246 -7.97 40.07 28.21
N TYR B 247 -7.55 41.03 27.38
CA TYR B 247 -6.14 41.16 27.04
C TYR B 247 -5.31 41.50 28.28
N ALA B 248 -5.86 42.30 29.19
CA ALA B 248 -5.12 42.65 30.39
C ALA B 248 -4.88 41.43 31.27
N SER B 249 -5.90 40.58 31.42
CA SER B 249 -5.73 39.35 32.20
C SER B 249 -4.68 38.45 31.55
N ALA B 250 -4.74 38.29 30.23
CA ALA B 250 -3.76 37.45 29.55
C ALA B 250 -2.34 38.00 29.74
N ALA B 251 -2.18 39.33 29.63
CA ALA B 251 -0.87 39.93 29.79
C ALA B 251 -0.36 39.80 31.22
N ARG B 252 -1.26 39.90 32.20
CA ARG B 252 -0.85 39.71 33.59
C ARG B 252 -0.35 38.29 33.84
N ALA B 253 -1.07 37.29 33.30
CA ALA B 253 -0.62 35.91 33.42
C ALA B 253 0.75 35.73 32.78
N TYR B 254 0.93 36.28 31.58
CA TYR B 254 2.22 36.18 30.90
C TYR B 254 3.32 36.84 31.71
N ALA B 255 3.03 37.99 32.33
CA ALA B 255 4.04 38.69 33.12
C ALA B 255 4.44 37.87 34.34
N ASP B 256 3.47 37.24 35.01
CA ASP B 256 3.80 36.39 36.15
C ASP B 256 4.69 35.22 35.71
N ALA B 257 4.33 34.58 34.60
CA ALA B 257 5.13 33.47 34.10
C ALA B 257 6.55 33.91 33.75
N ALA B 258 6.69 35.08 33.13
CA ALA B 258 8.01 35.59 32.78
C ALA B 258 8.84 35.90 34.02
N VAL B 259 8.20 36.48 35.05
CA VAL B 259 8.91 36.76 36.29
C VAL B 259 9.46 35.47 36.90
N LYS B 260 8.63 34.43 36.96
CA LYS B 260 9.09 33.17 37.52
C LYS B 260 10.22 32.56 36.67
N SER B 261 10.11 32.65 35.35
CA SER B 261 11.16 32.14 34.47
C SER B 261 12.49 32.83 34.72
N GLU B 262 12.46 34.17 34.82
CA GLU B 262 13.70 34.90 35.02
C GLU B 262 14.28 34.66 36.41
N ASN B 263 13.42 34.42 37.41
CA ASN B 263 13.93 34.03 38.72
C ASN B 263 14.64 32.68 38.66
N SER B 264 14.08 31.73 37.90
CA SER B 264 14.77 30.46 37.71
C SER B 264 16.11 30.65 37.00
N LEU B 265 16.16 31.53 36.01
CA LEU B 265 17.43 31.84 35.34
C LEU B 265 18.45 32.40 36.33
N GLY B 266 17.99 33.29 37.22
CA GLY B 266 18.88 33.82 38.24
C GLY B 266 19.44 32.73 39.15
N LEU B 267 18.58 31.79 39.56
CA LEU B 267 19.06 30.67 40.38
C LEU B 267 20.09 29.84 39.63
N LEU B 268 19.85 29.58 38.35
CA LEU B 268 20.80 28.82 37.55
C LEU B 268 22.16 29.51 37.50
N ASN B 269 22.15 30.83 37.22
CA ASN B 269 23.42 31.56 37.16
C ASN B 269 24.12 31.58 38.52
N ILE B 270 23.35 31.69 39.60
CA ILE B 270 23.95 31.69 40.93
C ILE B 270 24.65 30.37 41.22
N ALA B 271 23.98 29.25 40.89
CA ALA B 271 24.61 27.95 41.11
C ALA B 271 25.85 27.77 40.25
N GLN B 272 25.78 28.18 38.98
CA GLN B 272 26.94 28.10 38.09
C GLN B 272 28.12 28.88 38.66
N ALA B 273 27.86 30.11 39.10
CA ALA B 273 28.92 30.94 39.65
C ALA B 273 29.46 30.36 40.95
N LEU B 274 28.60 29.77 41.77
CA LEU B 274 29.07 29.14 43.00
C LEU B 274 30.06 28.03 42.69
N ILE B 275 29.71 27.13 41.75
CA ILE B 275 30.62 26.05 41.39
C ILE B 275 31.92 26.58 40.83
N VAL B 276 31.83 27.51 39.88
CA VAL B 276 33.04 28.05 39.23
C VAL B 276 33.94 28.72 40.25
N ASN B 277 33.36 29.52 41.16
CA ASN B 277 34.17 30.27 42.11
C ASN B 277 34.73 29.38 43.20
N LEU B 278 34.02 28.29 43.56
CA LEU B 278 34.62 27.32 44.47
C LEU B 278 35.85 26.68 43.83
N LEU B 279 35.75 26.28 42.56
CA LEU B 279 36.92 25.73 41.88
C LEU B 279 38.06 26.75 41.82
N MET B 280 37.73 28.01 41.52
CA MET B 280 38.75 29.03 41.40
C MET B 280 39.45 29.27 42.75
N ALA B 281 38.66 29.37 43.82
CA ALA B 281 39.21 29.54 45.16
C ALA B 281 40.14 28.38 45.51
N GLY B 282 39.66 27.15 45.31
CA GLY B 282 40.49 26.00 45.64
C GLY B 282 41.79 25.99 44.85
N ALA B 283 41.71 26.20 43.54
CA ALA B 283 42.90 26.13 42.70
C ALA B 283 43.90 27.22 43.04
N MET B 284 43.43 28.46 43.18
CA MET B 284 44.37 29.56 43.46
C MET B 284 44.97 29.45 44.86
N ALA B 285 44.15 29.07 45.85
CA ALA B 285 44.69 28.89 47.20
C ALA B 285 45.72 27.77 47.23
N TRP B 286 45.42 26.65 46.56
CA TRP B 286 46.38 25.56 46.55
C TRP B 286 47.66 25.96 45.83
N THR B 287 47.54 26.74 44.75
CA THR B 287 48.71 27.16 43.99
C THR B 287 49.59 28.10 44.80
N VAL B 288 48.99 29.07 45.50
CA VAL B 288 49.82 29.96 46.30
C VAL B 288 50.41 29.21 47.50
N TYR B 289 49.69 28.22 48.02
CA TYR B 289 50.23 27.38 49.08
C TYR B 289 51.44 26.60 48.59
N GLY B 290 51.36 26.05 47.36
CA GLY B 290 52.51 25.41 46.77
C GLY B 290 53.66 26.37 46.50
N TRP B 291 53.34 27.62 46.16
CA TRP B 291 54.39 28.62 46.00
C TRP B 291 55.11 28.89 47.32
N SER B 292 54.36 28.93 48.42
CA SER B 292 54.99 29.18 49.72
C SER B 292 56.03 28.11 50.06
N GLN B 293 55.87 26.90 49.54
CA GLN B 293 56.86 25.85 49.68
C GLN B 293 57.91 25.88 48.58
N GLY B 294 57.92 26.91 47.73
CA GLY B 294 58.89 27.00 46.67
C GLY B 294 58.67 26.08 45.50
N LYS B 295 57.55 25.35 45.47
CA LYS B 295 57.32 24.42 44.36
C LYS B 295 57.04 25.17 43.06
N LEU B 296 56.19 26.19 43.10
CA LEU B 296 55.77 26.91 41.91
C LEU B 296 55.98 28.41 42.08
N THR B 297 56.11 29.09 40.94
CA THR B 297 56.24 30.54 40.88
C THR B 297 54.87 31.22 40.84
N VAL B 298 54.88 32.55 40.94
CA VAL B 298 53.65 33.34 40.89
C VAL B 298 53.08 33.34 39.47
N GLY B 299 53.95 33.27 38.47
CA GLY B 299 53.46 33.15 37.11
C GLY B 299 52.63 31.91 36.93
N ASP B 300 52.92 30.86 37.70
CA ASP B 300 52.08 29.67 37.68
C ASP B 300 50.68 29.99 38.20
N LEU B 301 50.60 30.85 39.22
CA LEU B 301 49.29 31.26 39.74
C LEU B 301 48.49 31.99 38.67
N VAL B 302 49.10 33.00 38.05
CA VAL B 302 48.38 33.73 36.99
C VAL B 302 48.05 32.80 35.83
N PHE B 303 48.94 31.85 35.54
CA PHE B 303 48.69 30.84 34.52
C PHE B 303 47.42 30.05 34.82
N VAL B 304 47.31 29.54 36.05
CA VAL B 304 46.13 28.78 36.45
C VAL B 304 44.88 29.64 36.35
N ASN B 305 44.96 30.89 36.82
CA ASN B 305 43.81 31.79 36.74
C ASN B 305 43.34 31.94 35.29
N THR B 306 44.26 32.32 34.40
CA THR B 306 43.90 32.56 33.02
C THR B 306 43.37 31.29 32.36
N TYR B 307 43.98 30.15 32.65
CA TYR B 307 43.50 28.88 32.08
C TYR B 307 42.08 28.58 32.52
N LEU B 308 41.79 28.75 33.82
CA LEU B 308 40.45 28.49 34.31
C LEU B 308 39.44 29.43 33.68
N THR B 309 39.78 30.72 33.57
CA THR B 309 38.86 31.68 32.97
C THR B 309 38.60 31.35 31.50
N GLN B 310 39.66 31.04 30.75
CA GLN B 310 39.49 30.67 29.34
C GLN B 310 38.68 29.39 29.20
N LEU B 311 38.80 28.47 30.15
CA LEU B 311 38.03 27.24 30.08
C LEU B 311 36.56 27.49 30.36
N PHE B 312 36.25 28.34 31.33
CA PHE B 312 34.89 28.51 31.80
C PHE B 312 34.14 29.65 31.13
N ARG B 313 34.81 30.45 30.29
CA ARG B 313 34.10 31.52 29.59
C ARG B 313 33.09 30.97 28.58
N PRO B 314 33.41 29.95 27.79
CA PRO B 314 32.36 29.34 26.94
C PRO B 314 31.24 28.70 27.73
N LEU B 315 31.54 28.16 28.90
CA LEU B 315 30.54 27.49 29.73
C LEU B 315 29.59 28.46 30.43
N ASP B 316 29.79 29.77 30.30
CA ASP B 316 28.84 30.72 30.89
C ASP B 316 27.47 30.62 30.23
N MET B 317 27.42 30.36 28.93
CA MET B 317 26.18 30.21 28.19
C MET B 317 25.70 28.78 28.12
N LEU B 318 26.30 27.86 28.89
CA LEU B 318 26.09 26.43 28.69
C LEU B 318 24.62 26.05 28.79
N GLY B 319 23.87 26.67 29.70
CA GLY B 319 22.45 26.35 29.82
C GLY B 319 21.68 26.64 28.54
N MET B 320 21.83 27.87 28.03
CA MET B 320 21.23 28.23 26.76
C MET B 320 21.70 27.32 25.64
N VAL B 321 22.99 27.00 25.62
CA VAL B 321 23.53 26.13 24.58
C VAL B 321 22.85 24.77 24.61
N TYR B 322 22.73 24.18 25.80
CA TYR B 322 22.07 22.88 25.95
C TYR B 322 20.63 22.95 25.48
N ARG B 323 19.88 23.95 25.95
CA ARG B 323 18.47 24.08 25.57
C ARG B 323 18.32 24.22 24.06
N THR B 324 19.10 25.11 23.45
CA THR B 324 18.99 25.34 22.01
C THR B 324 19.40 24.13 21.21
N ILE B 325 20.47 23.43 21.63
CA ILE B 325 20.89 22.22 20.92
C ILE B 325 19.81 21.16 21.00
N ARG B 326 19.20 20.99 22.18
CA ARG B 326 18.12 20.02 22.34
C ARG B 326 16.96 20.37 21.41
N GLN B 327 16.53 21.62 21.40
CA GLN B 327 15.41 22.02 20.55
C GLN B 327 15.73 21.83 19.08
N GLY B 328 16.95 22.18 18.67
CA GLY B 328 17.35 22.00 17.28
C GLY B 328 17.39 20.54 16.88
N LEU B 329 17.91 19.68 17.77
CA LEU B 329 17.90 18.24 17.50
C LEU B 329 16.47 17.73 17.35
N ILE B 330 15.57 18.17 18.24
CA ILE B 330 14.17 17.76 18.14
C ILE B 330 13.60 18.16 16.78
N ASP B 331 13.81 19.42 16.38
CA ASP B 331 13.26 19.90 15.12
C ASP B 331 13.89 19.22 13.92
N MET B 332 15.18 18.86 14.00
CA MET B 332 15.82 18.15 12.91
C MET B 332 15.27 16.73 12.78
N ALA B 333 15.06 16.07 13.92
CA ALA B 333 14.39 14.78 13.90
C ALA B 333 12.99 14.90 13.31
N GLU B 334 12.30 16.01 13.62
CA GLU B 334 10.98 16.24 13.04
C GLU B 334 11.05 16.37 11.53
N MET B 335 12.07 17.08 11.03
CA MET B 335 12.21 17.23 9.59
C MET B 335 12.51 15.90 8.91
N PHE B 336 13.42 15.12 9.48
CA PHE B 336 13.71 13.81 8.90
C PHE B 336 12.48 12.89 8.98
N ARG B 337 11.69 13.02 10.04
CA ARG B 337 10.44 12.25 10.14
C ARG B 337 9.45 12.66 9.06
N LEU B 338 9.33 13.97 8.80
CA LEU B 338 8.48 14.45 7.71
C LEU B 338 8.97 13.91 6.37
N ILE B 339 10.29 13.86 6.19
CA ILE B 339 10.84 13.29 4.95
C ILE B 339 10.53 11.80 4.88
N ASP B 340 10.60 11.10 6.01
CA ASP B 340 10.32 9.66 6.05
C ASP B 340 8.84 9.41 6.32
N THR B 341 7.99 9.99 5.47
CA THR B 341 6.55 9.82 5.54
C THR B 341 6.08 9.04 4.32
N HIS B 342 5.25 8.02 4.55
CA HIS B 342 4.75 7.22 3.45
C HIS B 342 3.69 7.99 2.67
N ILE B 343 3.70 7.82 1.35
CA ILE B 343 2.77 8.52 0.46
C ILE B 343 1.63 7.55 0.18
N GLU B 344 0.56 7.67 0.97
CA GLU B 344 -0.64 6.86 0.79
C GLU B 344 -1.36 7.15 -0.52
N VAL B 345 -1.01 8.25 -1.19
CA VAL B 345 -1.86 8.80 -2.25
C VAL B 345 -1.88 7.88 -3.46
N ALA B 346 -0.73 7.66 -4.08
CA ALA B 346 -0.67 6.93 -5.34
C ALA B 346 0.35 5.81 -5.25
N ASP B 347 -0.01 4.65 -5.77
CA ASP B 347 0.95 3.57 -5.93
C ASP B 347 1.86 3.81 -7.11
N VAL B 348 1.27 4.08 -8.28
CA VAL B 348 1.94 4.29 -9.57
C VAL B 348 3.20 3.47 -9.74
N PRO B 349 3.18 2.12 -9.55
CA PRO B 349 4.40 1.35 -9.74
C PRO B 349 4.60 0.96 -11.20
N ASN B 350 5.66 1.48 -11.82
CA ASN B 350 5.93 1.25 -13.24
C ASN B 350 4.69 1.55 -14.08
N ALA B 351 3.94 2.56 -13.65
CA ALA B 351 2.67 2.91 -14.29
C ALA B 351 2.89 3.47 -15.68
N PRO B 352 2.13 3.04 -16.68
CA PRO B 352 2.20 3.69 -17.99
C PRO B 352 1.38 4.96 -18.00
N ALA B 353 1.73 5.86 -18.92
CA ALA B 353 1.03 7.13 -19.00
C ALA B 353 -0.38 6.98 -19.55
N LEU B 354 -1.31 7.74 -18.97
CA LEU B 354 -2.68 7.74 -19.44
C LEU B 354 -2.80 8.45 -20.77
N VAL B 355 -3.48 7.84 -21.73
CA VAL B 355 -3.70 8.40 -23.06
C VAL B 355 -5.19 8.61 -23.23
N VAL B 356 -5.63 9.86 -23.15
CA VAL B 356 -7.04 10.22 -23.23
C VAL B 356 -7.33 10.61 -24.67
N ASN B 357 -7.96 9.71 -25.42
CA ASN B 357 -8.39 9.99 -26.78
C ASN B 357 -9.86 10.38 -26.86
N ARG B 358 -10.73 9.68 -26.14
CA ARG B 358 -12.15 10.02 -26.05
C ARG B 358 -12.50 10.25 -24.58
N PRO B 359 -12.61 11.50 -24.14
CA PRO B 359 -12.64 11.78 -22.69
C PRO B 359 -13.94 11.37 -22.00
N SER B 360 -14.15 10.08 -21.82
CA SER B 360 -15.28 9.60 -21.02
C SER B 360 -14.87 9.46 -19.56
N VAL B 361 -15.88 9.46 -18.69
CA VAL B 361 -15.68 9.33 -17.24
C VAL B 361 -16.61 8.23 -16.73
N THR B 362 -16.08 7.32 -15.92
CA THR B 362 -16.85 6.22 -15.37
C THR B 362 -16.62 6.10 -13.88
N PHE B 363 -17.70 6.06 -13.11
CA PHE B 363 -17.65 5.74 -11.68
C PHE B 363 -18.24 4.35 -11.50
N ASP B 364 -17.40 3.38 -11.10
CA ASP B 364 -17.82 1.99 -11.00
C ASP B 364 -17.87 1.59 -9.53
N ASN B 365 -19.10 1.55 -8.99
CA ASN B 365 -19.38 1.01 -7.66
C ASN B 365 -18.50 1.66 -6.59
N VAL B 366 -18.34 2.98 -6.69
CA VAL B 366 -17.40 3.70 -5.84
C VAL B 366 -17.95 3.75 -4.41
N VAL B 367 -17.20 3.18 -3.48
CA VAL B 367 -17.48 3.27 -2.05
C VAL B 367 -16.30 3.98 -1.42
N PHE B 368 -16.55 5.09 -0.72
CA PHE B 368 -15.46 5.89 -0.20
C PHE B 368 -15.90 6.66 1.04
N GLY B 369 -14.95 6.85 1.96
CA GLY B 369 -15.16 7.70 3.11
C GLY B 369 -13.83 8.22 3.61
N TYR B 370 -13.90 9.33 4.34
CA TYR B 370 -12.68 9.92 4.88
C TYR B 370 -12.16 9.13 6.07
N ASP B 371 -13.07 8.63 6.91
CA ASP B 371 -12.73 7.84 8.09
C ASP B 371 -13.55 6.55 8.08
N ARG B 372 -12.98 5.50 8.67
CA ARG B 372 -13.65 4.20 8.69
C ARG B 372 -14.96 4.22 9.49
N ASP B 373 -15.10 5.16 10.43
CA ASP B 373 -16.29 5.18 11.28
C ASP B 373 -17.50 5.84 10.63
N ARG B 374 -17.30 6.64 9.58
CA ARG B 374 -18.40 7.26 8.87
C ARG B 374 -18.24 6.94 7.39
N GLU B 375 -19.35 6.89 6.67
CA GLU B 375 -19.35 6.46 5.27
C GLU B 375 -20.14 7.43 4.42
N ILE B 376 -19.58 7.79 3.27
CA ILE B 376 -20.10 8.84 2.42
C ILE B 376 -20.71 8.28 1.14
N LEU B 377 -19.90 7.64 0.30
CA LEU B 377 -20.36 7.08 -0.96
C LEU B 377 -20.75 5.61 -0.77
N HIS B 378 -22.03 5.31 -0.90
CA HIS B 378 -22.52 3.94 -0.74
C HIS B 378 -22.70 3.29 -2.12
N GLY B 379 -21.58 3.08 -2.80
CA GLY B 379 -21.59 2.42 -4.08
C GLY B 379 -22.14 3.25 -5.22
N LEU B 380 -21.57 4.42 -5.44
CA LEU B 380 -22.02 5.31 -6.51
C LEU B 380 -21.43 4.88 -7.85
N SER B 381 -22.29 4.69 -8.84
CA SER B 381 -21.89 4.33 -10.19
C SER B 381 -22.60 5.25 -11.18
N PHE B 382 -21.86 5.78 -12.14
CA PHE B 382 -22.48 6.57 -13.20
C PHE B 382 -21.52 6.70 -14.38
N GLU B 383 -22.04 7.24 -15.47
CA GLU B 383 -21.30 7.41 -16.71
C GLU B 383 -21.43 8.84 -17.19
N VAL B 384 -20.32 9.40 -17.65
CA VAL B 384 -20.26 10.73 -18.25
C VAL B 384 -19.67 10.56 -19.64
N ALA B 385 -20.51 10.74 -20.66
CA ALA B 385 -20.08 10.53 -22.03
C ALA B 385 -19.09 11.61 -22.46
N ALA B 386 -18.19 11.24 -23.37
CA ALA B 386 -17.19 12.17 -23.86
C ALA B 386 -17.84 13.28 -24.68
N GLY B 387 -17.47 14.52 -24.39
CA GLY B 387 -18.02 15.67 -25.08
C GLY B 387 -19.37 16.14 -24.59
N SER B 388 -20.00 15.42 -23.66
CA SER B 388 -21.31 15.80 -23.17
C SER B 388 -21.20 16.89 -22.10
N ARG B 389 -22.31 17.58 -21.88
CA ARG B 389 -22.42 18.60 -20.84
C ARG B 389 -23.23 18.01 -19.71
N VAL B 390 -22.56 17.67 -18.61
CA VAL B 390 -23.20 17.00 -17.49
C VAL B 390 -23.13 17.93 -16.27
N ALA B 391 -24.18 17.87 -15.47
CA ALA B 391 -24.24 18.60 -14.21
C ALA B 391 -24.35 17.60 -13.07
N ILE B 392 -23.83 17.98 -11.90
CA ILE B 392 -23.95 17.17 -10.69
C ILE B 392 -24.57 18.06 -9.61
N VAL B 393 -25.78 17.70 -9.17
CA VAL B 393 -26.50 18.51 -8.20
C VAL B 393 -26.90 17.63 -7.02
N GLY B 394 -27.16 18.29 -5.90
CA GLY B 394 -27.59 17.61 -4.69
C GLY B 394 -27.67 18.55 -3.51
N PRO B 395 -28.30 18.09 -2.41
CA PRO B 395 -28.39 18.93 -1.21
C PRO B 395 -27.07 19.07 -0.48
N SER B 396 -27.10 19.75 0.66
CA SER B 396 -25.89 19.96 1.44
C SER B 396 -25.38 18.62 1.98
N GLY B 397 -24.06 18.46 1.96
CA GLY B 397 -23.46 17.20 2.39
C GLY B 397 -23.71 16.03 1.47
N ALA B 398 -24.05 16.30 0.20
CA ALA B 398 -24.34 15.21 -0.73
C ALA B 398 -23.09 14.43 -1.08
N GLY B 399 -21.93 15.08 -1.06
CA GLY B 399 -20.68 14.44 -1.41
C GLY B 399 -20.24 14.63 -2.84
N LYS B 400 -20.71 15.67 -3.52
CA LYS B 400 -20.29 15.91 -4.90
C LYS B 400 -18.89 16.52 -4.97
N SER B 401 -18.51 17.32 -3.97
CA SER B 401 -17.12 17.76 -3.90
C SER B 401 -16.19 16.59 -3.64
N THR B 402 -16.66 15.55 -2.94
CA THR B 402 -15.88 14.33 -2.83
C THR B 402 -15.74 13.63 -4.17
N ILE B 403 -16.77 13.70 -5.01
CA ILE B 403 -16.66 13.19 -6.38
C ILE B 403 -15.56 13.95 -7.13
N ALA B 404 -15.58 15.27 -7.01
CA ALA B 404 -14.55 16.09 -7.66
C ALA B 404 -13.15 15.73 -7.15
N ARG B 405 -13.02 15.51 -5.85
CA ARG B 405 -11.71 15.18 -5.28
C ARG B 405 -11.25 13.79 -5.69
N LEU B 406 -12.19 12.84 -5.82
CA LEU B 406 -11.82 11.49 -6.23
C LEU B 406 -11.47 11.42 -7.71
N LEU B 407 -12.05 12.30 -8.53
CA LEU B 407 -11.69 12.30 -9.95
C LEU B 407 -10.22 12.67 -10.14
N PHE B 408 -9.71 13.60 -9.33
CA PHE B 408 -8.29 13.95 -9.37
C PHE B 408 -7.42 12.99 -8.56
N ARG B 409 -8.02 11.95 -7.98
CA ARG B 409 -7.30 10.96 -7.19
C ARG B 409 -6.54 11.61 -6.04
N PHE B 410 -7.21 12.53 -5.35
CA PHE B 410 -6.72 12.95 -4.04
C PHE B 410 -6.86 11.84 -3.01
N TYR B 411 -7.74 10.88 -3.29
CA TYR B 411 -7.94 9.70 -2.44
C TYR B 411 -8.15 8.50 -3.35
N ASP B 412 -8.04 7.32 -2.77
CA ASP B 412 -8.38 6.13 -3.53
C ASP B 412 -9.63 5.50 -2.94
N PRO B 413 -10.52 4.99 -3.79
CA PRO B 413 -11.75 4.38 -3.27
C PRO B 413 -11.46 3.10 -2.50
N TRP B 414 -12.26 2.86 -1.47
CA TRP B 414 -12.15 1.62 -0.71
C TRP B 414 -12.59 0.43 -1.54
N GLU B 415 -13.74 0.56 -2.20
CA GLU B 415 -14.32 -0.51 -3.01
C GLU B 415 -14.97 0.15 -4.21
N GLY B 416 -14.28 0.19 -5.33
CA GLY B 416 -14.79 0.79 -6.54
C GLY B 416 -13.64 1.28 -7.40
N ARG B 417 -13.98 1.98 -8.48
CA ARG B 417 -12.91 2.52 -9.32
C ARG B 417 -13.42 3.70 -10.13
N ILE B 418 -12.47 4.44 -10.69
CA ILE B 418 -12.71 5.59 -11.53
C ILE B 418 -11.99 5.36 -12.85
N LEU B 419 -12.68 5.59 -13.95
CA LEU B 419 -12.12 5.38 -15.29
C LEU B 419 -12.18 6.67 -16.09
N ILE B 420 -11.11 6.94 -16.83
CA ILE B 420 -11.05 8.01 -17.81
C ILE B 420 -10.66 7.38 -19.13
N ASP B 421 -11.50 7.57 -20.16
CA ASP B 421 -11.37 6.88 -21.43
C ASP B 421 -11.42 5.36 -21.27
N GLY B 422 -12.02 4.88 -20.19
CA GLY B 422 -12.05 3.46 -19.90
C GLY B 422 -10.85 2.93 -19.16
N GLN B 423 -9.97 3.80 -18.68
CA GLN B 423 -8.74 3.39 -17.99
C GLN B 423 -8.81 3.80 -16.54
N ASP B 424 -8.52 2.86 -15.64
CA ASP B 424 -8.55 3.14 -14.21
C ASP B 424 -7.47 4.16 -13.86
N ILE B 425 -7.89 5.26 -13.23
CA ILE B 425 -6.95 6.32 -12.89
C ILE B 425 -6.00 5.90 -11.78
N ALA B 426 -6.32 4.84 -11.04
CA ALA B 426 -5.45 4.37 -9.98
C ALA B 426 -4.23 3.60 -10.50
N HIS B 427 -4.23 3.21 -11.77
CA HIS B 427 -3.13 2.44 -12.35
C HIS B 427 -2.25 3.26 -13.28
N VAL B 428 -2.55 4.55 -13.46
CA VAL B 428 -1.77 5.41 -14.33
C VAL B 428 -1.00 6.42 -13.49
N THR B 429 -0.04 7.09 -14.13
CA THR B 429 0.77 8.11 -13.48
C THR B 429 -0.07 9.33 -13.12
N GLN B 430 0.24 9.93 -11.96
CA GLN B 430 -0.48 11.14 -11.54
C GLN B 430 -0.32 12.28 -12.54
N THR B 431 0.85 12.39 -13.17
CA THR B 431 1.11 13.51 -14.07
C THR B 431 0.18 13.46 -15.28
N SER B 432 0.08 12.30 -15.93
CA SER B 432 -0.79 12.16 -17.09
C SER B 432 -2.26 12.29 -16.69
N LEU B 433 -2.63 11.73 -15.54
CA LEU B 433 -4.01 11.83 -15.07
C LEU B 433 -4.42 13.28 -14.85
N ARG B 434 -3.63 14.02 -14.05
CA ARG B 434 -3.97 15.41 -13.75
C ARG B 434 -3.73 16.34 -14.93
N ALA B 435 -2.93 15.92 -15.92
CA ALA B 435 -2.77 16.75 -17.11
C ALA B 435 -4.04 16.73 -17.97
N ALA B 436 -4.81 15.65 -17.90
CA ALA B 436 -6.05 15.53 -18.65
C ALA B 436 -7.24 16.16 -17.94
N LEU B 437 -7.08 16.66 -16.72
CA LEU B 437 -8.19 17.20 -15.94
C LEU B 437 -7.90 18.63 -15.53
N GLY B 438 -8.88 19.51 -15.73
CA GLY B 438 -8.83 20.86 -15.20
C GLY B 438 -10.02 21.09 -14.29
N ILE B 439 -9.82 21.90 -13.25
CA ILE B 439 -10.85 22.12 -12.25
C ILE B 439 -10.85 23.59 -11.85
N VAL B 440 -12.05 24.13 -11.69
CA VAL B 440 -12.26 25.44 -11.10
C VAL B 440 -13.10 25.26 -9.84
N PRO B 441 -12.47 25.30 -8.67
CA PRO B 441 -13.19 25.04 -7.41
C PRO B 441 -13.97 26.28 -6.97
N GLN B 442 -14.72 26.10 -5.88
CA GLN B 442 -15.52 27.20 -5.35
C GLN B 442 -14.64 28.35 -4.88
N ASP B 443 -13.66 28.04 -4.04
CA ASP B 443 -12.72 29.04 -3.52
C ASP B 443 -11.45 28.96 -4.35
N SER B 444 -11.30 29.88 -5.30
CA SER B 444 -10.14 29.93 -6.16
C SER B 444 -9.09 30.85 -5.56
N VAL B 445 -7.84 30.40 -5.57
CA VAL B 445 -6.74 31.12 -4.95
C VAL B 445 -5.84 31.70 -6.02
N LEU B 446 -5.32 32.89 -5.78
CA LEU B 446 -4.37 33.57 -6.66
C LEU B 446 -2.99 33.52 -6.03
N PHE B 447 -1.97 33.28 -6.86
CA PHE B 447 -0.60 33.36 -6.38
C PHE B 447 -0.18 34.81 -6.23
N ASN B 448 0.76 35.06 -5.32
CA ASN B 448 1.23 36.42 -5.05
C ASN B 448 2.29 36.76 -6.09
N ASP B 449 1.81 37.17 -7.26
CA ASP B 449 2.66 37.51 -8.41
C ASP B 449 1.79 38.28 -9.40
N THR B 450 2.32 38.50 -10.60
CA THR B 450 1.60 39.26 -11.61
C THR B 450 0.48 38.41 -12.20
N ILE B 451 -0.46 39.10 -12.87
CA ILE B 451 -1.54 38.41 -13.55
C ILE B 451 -0.97 37.52 -14.67
N GLY B 452 0.07 37.99 -15.34
CA GLY B 452 0.71 37.18 -16.36
C GLY B 452 1.22 35.86 -15.82
N TYR B 453 1.85 35.89 -14.64
CA TYR B 453 2.31 34.64 -14.03
C TYR B 453 1.13 33.78 -13.60
N ASN B 454 0.08 34.38 -13.04
CA ASN B 454 -1.07 33.59 -12.60
C ASN B 454 -1.77 32.91 -13.77
N ILE B 455 -1.76 33.54 -14.95
CA ILE B 455 -2.38 32.92 -16.11
C ILE B 455 -1.45 31.89 -16.74
N ALA B 456 -0.16 32.22 -16.88
CA ALA B 456 0.80 31.29 -17.45
C ALA B 456 1.07 30.09 -16.55
N TYR B 457 0.64 30.12 -15.29
CA TYR B 457 0.84 29.01 -14.38
C TYR B 457 0.21 27.71 -14.89
N GLY B 458 -0.71 27.79 -15.86
CA GLY B 458 -1.36 26.59 -16.34
C GLY B 458 -0.41 25.60 -16.99
N ARG B 459 0.57 26.11 -17.74
CA ARG B 459 1.56 25.27 -18.40
C ARG B 459 2.95 25.86 -18.16
N ASP B 460 3.94 24.97 -18.12
CA ASP B 460 5.31 25.37 -17.80
C ASP B 460 5.86 26.34 -18.84
N GLY B 461 6.19 25.85 -20.03
CA GLY B 461 6.64 26.73 -21.10
C GLY B 461 5.62 27.68 -21.70
N ALA B 462 4.63 28.12 -20.92
CA ALA B 462 3.56 28.97 -21.44
C ALA B 462 4.12 30.26 -22.06
N SER B 463 3.77 30.52 -23.30
CA SER B 463 4.21 31.72 -24.00
C SER B 463 3.24 32.88 -23.75
N ARG B 464 3.63 34.06 -24.24
CA ARG B 464 2.75 35.23 -24.12
C ARG B 464 1.52 35.10 -24.99
N ALA B 465 1.65 34.47 -26.16
CA ALA B 465 0.51 34.32 -27.06
C ALA B 465 -0.56 33.43 -26.46
N GLU B 466 -0.17 32.33 -25.80
CA GLU B 466 -1.13 31.47 -25.14
C GLU B 466 -1.82 32.21 -23.99
N VAL B 467 -1.07 33.04 -23.25
CA VAL B 467 -1.68 33.83 -22.18
C VAL B 467 -2.70 34.80 -22.75
N ASP B 468 -2.38 35.45 -23.86
CA ASP B 468 -3.33 36.37 -24.49
C ASP B 468 -4.56 35.63 -24.97
N ALA B 469 -4.38 34.46 -25.58
CA ALA B 469 -5.53 33.68 -26.05
C ALA B 469 -6.42 33.25 -24.90
N ALA B 470 -5.81 32.86 -23.77
CA ALA B 470 -6.61 32.46 -22.61
C ALA B 470 -7.35 33.65 -22.01
N ALA B 471 -6.68 34.80 -21.92
CA ALA B 471 -7.34 36.00 -21.41
C ALA B 471 -8.47 36.44 -22.32
N LYS B 472 -8.35 36.16 -23.62
CA LYS B 472 -9.45 36.46 -24.55
C LYS B 472 -10.59 35.48 -24.37
N GLY B 473 -10.29 34.20 -24.21
CA GLY B 473 -11.34 33.20 -24.03
C GLY B 473 -12.07 33.35 -22.71
N ALA B 474 -11.41 33.89 -21.69
CA ALA B 474 -12.03 34.14 -20.40
C ALA B 474 -12.68 35.51 -20.32
N ALA B 475 -12.65 36.29 -21.39
CA ALA B 475 -13.24 37.63 -21.43
C ALA B 475 -12.65 38.53 -20.34
N ILE B 476 -11.35 38.43 -20.15
CA ILE B 476 -10.62 39.24 -19.18
C ILE B 476 -9.46 39.99 -19.80
N ALA B 477 -9.21 39.80 -21.10
CA ALA B 477 -8.08 40.49 -21.74
C ALA B 477 -8.28 42.00 -21.75
N ASP B 478 -9.51 42.46 -21.95
CA ASP B 478 -9.78 43.90 -21.92
C ASP B 478 -9.55 44.47 -20.53
N PHE B 479 -9.93 43.73 -19.48
CA PHE B 479 -9.70 44.19 -18.12
C PHE B 479 -8.21 44.34 -17.85
N ILE B 480 -7.40 43.42 -18.36
CA ILE B 480 -5.95 43.50 -18.17
C ILE B 480 -5.37 44.64 -19.00
N ALA B 481 -5.94 44.90 -20.19
CA ALA B 481 -5.45 45.98 -21.03
C ALA B 481 -5.64 47.34 -20.38
N ARG B 482 -6.71 47.53 -19.61
CA ARG B 482 -6.96 48.80 -18.94
C ARG B 482 -6.08 48.99 -17.71
N LEU B 483 -5.36 47.97 -17.29
CA LEU B 483 -4.46 48.11 -16.15
C LEU B 483 -3.19 48.85 -16.57
N PRO B 484 -2.62 49.68 -15.69
CA PRO B 484 -1.41 50.42 -16.08
C PRO B 484 -0.23 49.52 -16.42
N GLN B 485 0.02 48.49 -15.61
CA GLN B 485 1.12 47.58 -15.84
C GLN B 485 0.74 46.38 -16.71
N GLY B 486 -0.53 46.30 -17.12
CA GLY B 486 -0.96 45.22 -17.99
C GLY B 486 -0.82 43.87 -17.31
N TYR B 487 -0.18 42.93 -18.01
CA TYR B 487 0.03 41.58 -17.49
C TYR B 487 1.02 41.53 -16.34
N ASP B 488 1.79 42.60 -16.12
CA ASP B 488 2.75 42.66 -15.04
C ASP B 488 2.18 43.26 -13.76
N THR B 489 0.88 43.52 -13.73
CA THR B 489 0.24 44.05 -12.52
C THR B 489 0.18 42.96 -11.46
N GLU B 490 0.73 43.24 -10.28
CA GLU B 490 0.71 42.28 -9.19
C GLU B 490 -0.67 42.26 -8.53
N VAL B 491 -1.21 41.06 -8.32
CA VAL B 491 -2.53 40.90 -7.70
C VAL B 491 -2.41 40.05 -6.46
N GLY B 492 -3.54 39.76 -5.81
CA GLY B 492 -3.52 39.02 -4.56
C GLY B 492 -3.22 39.93 -3.40
N GLU B 493 -2.84 39.31 -2.28
CA GLU B 493 -2.40 40.08 -1.13
C GLU B 493 -1.11 40.84 -1.46
N ARG B 494 -0.87 41.90 -0.69
CA ARG B 494 0.17 42.90 -0.95
C ARG B 494 0.24 43.27 -2.44
N GLY B 495 -0.92 43.36 -3.07
CA GLY B 495 -1.00 43.76 -4.46
C GLY B 495 -2.39 44.27 -4.80
N LEU B 496 -2.63 44.44 -6.09
CA LEU B 496 -3.94 44.87 -6.57
C LEU B 496 -5.01 43.85 -6.21
N LYS B 497 -6.11 44.32 -5.63
CA LYS B 497 -7.19 43.43 -5.24
C LYS B 497 -8.16 43.24 -6.41
N LEU B 498 -8.61 41.99 -6.58
CA LEU B 498 -9.51 41.63 -7.66
C LEU B 498 -10.85 41.17 -7.07
N SER B 499 -11.92 41.48 -7.79
CA SER B 499 -13.25 41.03 -7.38
C SER B 499 -13.35 39.51 -7.54
N GLY B 500 -14.39 38.95 -6.90
CA GLY B 500 -14.62 37.51 -7.01
C GLY B 500 -14.77 37.05 -8.44
N GLY B 501 -15.51 37.83 -9.25
CA GLY B 501 -15.61 37.49 -10.66
C GLY B 501 -14.28 37.56 -11.37
N GLU B 502 -13.45 38.54 -11.01
CA GLU B 502 -12.11 38.64 -11.60
C GLU B 502 -11.25 37.45 -11.19
N LYS B 503 -11.34 37.01 -9.94
CA LYS B 503 -10.60 35.83 -9.51
C LYS B 503 -11.04 34.59 -10.28
N GLN B 504 -12.36 34.43 -10.46
CA GLN B 504 -12.87 33.28 -11.20
C GLN B 504 -12.44 33.35 -12.66
N ARG B 505 -12.39 34.55 -13.24
CA ARG B 505 -11.95 34.68 -14.63
C ARG B 505 -10.46 34.37 -14.76
N VAL B 506 -9.65 34.79 -13.79
CA VAL B 506 -8.23 34.45 -13.82
C VAL B 506 -8.06 32.94 -13.70
N ALA B 507 -8.89 32.29 -12.87
CA ALA B 507 -8.83 30.83 -12.76
C ALA B 507 -9.23 30.18 -14.08
N ILE B 508 -10.25 30.72 -14.76
CA ILE B 508 -10.68 30.18 -16.05
C ILE B 508 -9.56 30.33 -17.07
N ALA B 509 -8.89 31.48 -17.09
CA ALA B 509 -7.78 31.67 -18.01
C ALA B 509 -6.62 30.72 -17.70
N ARG B 510 -6.38 30.45 -16.41
CA ARG B 510 -5.36 29.49 -16.02
C ARG B 510 -5.68 28.10 -16.56
N THR B 511 -6.92 27.63 -16.32
CA THR B 511 -7.31 26.32 -16.82
C THR B 511 -7.29 26.27 -18.33
N LEU B 512 -7.60 27.38 -19.01
CA LEU B 512 -7.51 27.41 -20.46
C LEU B 512 -6.07 27.30 -20.94
N VAL B 513 -5.15 27.98 -20.25
CA VAL B 513 -3.72 27.79 -20.54
C VAL B 513 -3.34 26.33 -20.38
N LYS B 514 -3.86 25.69 -19.35
CA LYS B 514 -3.62 24.25 -19.18
C LYS B 514 -4.19 23.45 -20.33
N ASN B 515 -5.35 23.85 -20.84
CA ASN B 515 -6.02 23.20 -21.96
C ASN B 515 -6.23 21.70 -21.75
N PRO B 516 -7.05 21.32 -20.77
CA PRO B 516 -7.28 19.89 -20.53
C PRO B 516 -8.51 19.40 -21.28
N PRO B 517 -8.56 18.12 -21.63
CA PRO B 517 -9.74 17.58 -22.32
C PRO B 517 -10.97 17.50 -21.44
N ILE B 518 -10.82 17.39 -20.13
CA ILE B 518 -11.95 17.26 -19.20
C ILE B 518 -11.92 18.43 -18.24
N LEU B 519 -13.09 19.03 -17.99
CA LEU B 519 -13.22 20.21 -17.16
C LEU B 519 -14.28 19.97 -16.08
N LEU B 520 -13.98 20.45 -14.87
CA LEU B 520 -14.90 20.38 -13.75
C LEU B 520 -15.06 21.79 -13.19
N PHE B 521 -16.30 22.25 -13.08
CA PHE B 521 -16.61 23.54 -12.48
C PHE B 521 -17.36 23.28 -11.17
N ASP B 522 -16.65 23.33 -10.04
CA ASP B 522 -17.22 22.95 -8.75
C ASP B 522 -17.73 24.21 -8.05
N GLU B 523 -19.01 24.51 -8.27
CA GLU B 523 -19.67 25.66 -7.65
C GLU B 523 -18.93 26.96 -7.95
N ALA B 524 -18.61 27.15 -9.24
CA ALA B 524 -17.83 28.31 -9.64
C ALA B 524 -18.56 29.62 -9.38
N THR B 525 -19.90 29.59 -9.41
CA THR B 525 -20.71 30.79 -9.26
C THR B 525 -21.40 30.84 -7.90
N SER B 526 -20.91 30.09 -6.92
CA SER B 526 -21.61 29.96 -5.65
C SER B 526 -21.61 31.23 -4.81
N CYS B 527 -20.71 32.17 -5.09
CA CYS B 527 -20.61 33.38 -4.27
C CYS B 527 -20.45 34.64 -5.09
N LEU B 528 -20.93 34.65 -6.32
CA LEU B 528 -20.83 35.83 -7.17
C LEU B 528 -22.21 36.47 -7.28
N ASP B 529 -22.22 37.70 -7.79
CA ASP B 529 -23.49 38.36 -8.00
C ASP B 529 -24.12 37.90 -9.31
N THR B 530 -25.40 38.23 -9.48
CA THR B 530 -26.20 37.63 -10.54
C THR B 530 -25.70 38.06 -11.93
N ARG B 531 -25.34 39.33 -12.08
CA ARG B 531 -24.81 39.80 -13.37
C ARG B 531 -23.48 39.14 -13.69
N THR B 532 -22.54 39.17 -12.74
CA THR B 532 -21.27 38.48 -12.91
C THR B 532 -21.48 36.99 -13.08
N GLU B 533 -22.45 36.42 -12.36
CA GLU B 533 -22.75 35.00 -12.50
C GLU B 533 -23.16 34.66 -13.93
N GLN B 534 -24.06 35.46 -14.51
CA GLN B 534 -24.49 35.21 -15.88
C GLN B 534 -23.35 35.41 -16.87
N ASP B 535 -22.53 36.44 -16.67
CA ASP B 535 -21.41 36.68 -17.58
C ASP B 535 -20.43 35.51 -17.57
N ILE B 536 -20.04 35.04 -16.38
CA ILE B 536 -19.08 33.96 -16.32
C ILE B 536 -19.73 32.63 -16.70
N LEU B 537 -21.04 32.48 -16.55
CA LEU B 537 -21.70 31.27 -17.02
C LEU B 537 -21.72 31.23 -18.54
N SER B 538 -21.95 32.37 -19.20
CA SER B 538 -21.83 32.42 -20.65
C SER B 538 -20.40 32.13 -21.08
N THR B 539 -19.42 32.65 -20.34
CA THR B 539 -18.03 32.35 -20.65
C THR B 539 -17.72 30.86 -20.50
N MET B 540 -18.26 30.23 -19.46
CA MET B 540 -18.07 28.80 -19.25
C MET B 540 -18.75 27.98 -20.34
N ARG B 541 -19.95 28.38 -20.75
CA ARG B 541 -20.62 27.70 -21.86
C ARG B 541 -19.80 27.81 -23.14
N ALA B 542 -19.15 28.96 -23.34
CA ALA B 542 -18.29 29.12 -24.51
C ALA B 542 -17.05 28.24 -24.41
N VAL B 543 -16.44 28.16 -23.23
CA VAL B 543 -15.22 27.40 -23.03
C VAL B 543 -15.45 25.89 -23.13
N ALA B 544 -16.71 25.45 -23.04
CA ALA B 544 -17.06 24.04 -23.11
C ALA B 544 -17.28 23.55 -24.55
N SER B 545 -16.64 24.19 -25.52
CA SER B 545 -16.92 23.89 -26.92
C SER B 545 -16.61 22.43 -27.28
N HIS B 546 -15.34 22.02 -27.16
CA HIS B 546 -14.91 20.70 -27.60
C HIS B 546 -14.35 19.88 -26.44
N ARG B 547 -14.78 20.17 -25.22
CA ARG B 547 -14.31 19.47 -24.04
C ARG B 547 -15.48 18.77 -23.35
N THR B 548 -15.17 17.70 -22.63
CA THR B 548 -16.14 17.12 -21.70
C THR B 548 -16.21 17.99 -20.46
N THR B 549 -17.43 18.40 -20.09
CA THR B 549 -17.64 19.37 -19.04
C THR B 549 -18.57 18.79 -17.99
N ILE B 550 -18.15 18.89 -16.73
CA ILE B 550 -18.95 18.48 -15.58
C ILE B 550 -19.11 19.71 -14.69
N SER B 551 -20.34 20.18 -14.54
CA SER B 551 -20.64 21.38 -13.76
C SER B 551 -21.34 20.98 -12.48
N ILE B 552 -20.62 21.08 -11.36
CA ILE B 552 -21.16 20.78 -10.05
C ILE B 552 -21.64 22.12 -9.49
N ALA B 553 -22.96 22.33 -9.51
CA ALA B 553 -23.54 23.61 -9.13
C ALA B 553 -24.62 23.40 -8.08
N HIS B 554 -24.72 24.36 -7.17
CA HIS B 554 -25.74 24.32 -6.14
C HIS B 554 -27.07 24.86 -6.64
N ARG B 555 -27.04 25.90 -7.47
CA ARG B 555 -28.26 26.51 -7.99
C ARG B 555 -28.66 25.79 -9.28
N LEU B 556 -29.82 25.15 -9.27
CA LEU B 556 -30.21 24.29 -10.38
C LEU B 556 -30.41 25.06 -11.68
N SER B 557 -30.85 26.32 -11.57
CA SER B 557 -31.12 27.11 -12.78
C SER B 557 -29.86 27.35 -13.59
N THR B 558 -28.68 27.31 -12.96
CA THR B 558 -27.43 27.59 -13.66
C THR B 558 -27.00 26.44 -14.56
N ILE B 559 -27.55 25.24 -14.40
CA ILE B 559 -27.10 24.08 -15.15
C ILE B 559 -28.26 23.41 -15.87
N ALA B 560 -29.37 24.14 -16.02
CA ALA B 560 -30.56 23.54 -16.64
C ALA B 560 -30.32 23.19 -18.10
N ASP B 561 -29.41 23.88 -18.77
CA ASP B 561 -29.12 23.65 -20.18
C ASP B 561 -28.09 22.55 -20.41
N SER B 562 -27.74 21.80 -19.38
CA SER B 562 -26.76 20.73 -19.54
C SER B 562 -27.34 19.58 -20.35
N ASP B 563 -26.45 18.82 -20.99
CA ASP B 563 -26.90 17.65 -21.75
C ASP B 563 -27.56 16.63 -20.85
N THR B 564 -27.02 16.43 -19.64
CA THR B 564 -27.66 15.55 -18.68
C THR B 564 -27.32 16.02 -17.27
N ILE B 565 -28.15 15.59 -16.32
CA ILE B 565 -28.04 16.02 -14.92
C ILE B 565 -28.05 14.79 -14.03
N LEU B 566 -27.07 14.71 -13.13
CA LEU B 566 -26.96 13.65 -12.15
C LEU B 566 -27.35 14.21 -10.78
N VAL B 567 -28.39 13.63 -10.19
CA VAL B 567 -28.89 14.06 -8.89
C VAL B 567 -28.37 13.10 -7.84
N LEU B 568 -27.69 13.64 -6.83
CA LEU B 568 -27.09 12.85 -5.77
C LEU B 568 -27.86 13.07 -4.48
N ASP B 569 -28.16 11.98 -3.78
CA ASP B 569 -28.82 12.04 -2.49
C ASP B 569 -28.21 10.98 -1.58
N GLN B 570 -27.80 11.41 -0.39
CA GLN B 570 -27.22 10.53 0.62
C GLN B 570 -26.06 9.73 0.07
N GLY B 571 -25.28 10.37 -0.82
CA GLY B 571 -24.13 9.73 -1.41
C GLY B 571 -24.42 8.69 -2.47
N ARG B 572 -25.63 8.66 -3.02
CA ARG B 572 -25.98 7.74 -4.08
C ARG B 572 -26.65 8.49 -5.21
N LEU B 573 -26.77 7.83 -6.37
CA LEU B 573 -27.38 8.44 -7.54
C LEU B 573 -28.90 8.23 -7.47
N ALA B 574 -29.63 9.30 -7.15
CA ALA B 574 -31.07 9.20 -7.02
C ALA B 574 -31.76 9.31 -8.37
N GLU B 575 -31.38 10.30 -9.18
CA GLU B 575 -32.04 10.55 -10.45
C GLU B 575 -31.01 10.91 -11.51
N GLN B 576 -31.32 10.58 -12.76
CA GLN B 576 -30.44 10.85 -13.89
C GLN B 576 -31.29 11.14 -15.11
N GLY B 577 -30.91 12.15 -15.87
CA GLY B 577 -31.61 12.48 -17.09
C GLY B 577 -31.51 13.97 -17.37
N SER B 578 -32.18 14.38 -18.45
CA SER B 578 -32.19 15.78 -18.84
C SER B 578 -33.07 16.59 -17.88
N HIS B 579 -32.98 17.91 -18.01
CA HIS B 579 -33.73 18.81 -17.14
C HIS B 579 -35.24 18.59 -17.28
N LEU B 580 -35.72 18.52 -18.52
CA LEU B 580 -37.15 18.32 -18.74
C LEU B 580 -37.61 16.95 -18.24
N ASP B 581 -36.82 15.91 -18.51
CA ASP B 581 -37.18 14.57 -18.04
C ASP B 581 -37.23 14.52 -16.52
N LEU B 582 -36.23 15.09 -15.85
CA LEU B 582 -36.20 15.07 -14.39
C LEU B 582 -37.34 15.88 -13.80
N LEU B 583 -37.69 17.01 -14.44
CA LEU B 583 -38.85 17.77 -13.99
C LEU B 583 -40.14 16.99 -14.17
N ARG B 584 -40.26 16.26 -15.28
CA ARG B 584 -41.47 15.48 -15.53
C ARG B 584 -41.61 14.31 -14.57
N ARG B 585 -40.49 13.72 -14.15
CA ARG B 585 -40.55 12.59 -13.23
C ARG B 585 -41.15 12.97 -11.88
N ASP B 586 -41.21 14.27 -11.56
CA ASP B 586 -41.77 14.77 -10.31
C ASP B 586 -41.11 14.11 -9.10
N GLY B 587 -39.77 14.07 -9.13
CA GLY B 587 -39.01 13.46 -8.06
C GLY B 587 -38.24 14.43 -7.20
N LEU B 588 -37.03 14.04 -6.79
CA LEU B 588 -36.23 14.88 -5.91
C LEU B 588 -35.73 16.13 -6.64
N TYR B 589 -35.19 15.95 -7.85
CA TYR B 589 -34.77 17.10 -8.64
C TYR B 589 -35.95 18.03 -8.90
N ALA B 590 -37.12 17.46 -9.20
CA ALA B 590 -38.30 18.27 -9.42
C ALA B 590 -38.72 19.00 -8.15
N GLU B 591 -38.58 18.34 -6.99
CA GLU B 591 -38.90 19.00 -5.73
C GLU B 591 -37.98 20.19 -5.46
N MET B 592 -36.68 19.99 -5.68
CA MET B 592 -35.73 21.09 -5.48
C MET B 592 -36.00 22.23 -6.46
N TRP B 593 -36.22 21.88 -7.73
CA TRP B 593 -36.52 22.91 -8.73
C TRP B 593 -37.80 23.65 -8.40
N ALA B 594 -38.80 22.95 -7.86
CA ALA B 594 -40.05 23.60 -7.49
C ALA B 594 -39.85 24.54 -6.31
N ARG B 595 -39.04 24.13 -5.33
CA ARG B 595 -38.76 25.01 -4.20
C ARG B 595 -38.01 26.26 -4.66
N GLN B 596 -37.01 26.10 -5.52
CA GLN B 596 -36.22 27.22 -6.03
C GLN B 596 -36.93 28.06 -7.08
N ALA B 597 -37.95 27.52 -7.75
CA ALA B 597 -38.61 28.22 -8.85
C ALA B 597 -39.16 29.57 -8.45
N ALA B 598 -39.74 29.69 -7.26
CA ALA B 598 -40.26 30.98 -6.81
C ALA B 598 -39.97 31.22 -5.34
N ARG C 13 -7.46 -50.99 -33.74
CA ARG C 13 -8.50 -51.70 -34.47
C ARG C 13 -8.75 -53.07 -33.86
N HIS C 14 -7.79 -53.99 -34.06
CA HIS C 14 -7.97 -55.35 -33.58
C HIS C 14 -7.83 -55.46 -32.07
N ASP C 15 -6.95 -54.64 -31.49
CA ASP C 15 -6.72 -54.71 -30.05
C ASP C 15 -7.83 -54.07 -29.23
N GLY C 16 -8.71 -53.27 -29.86
CA GLY C 16 -9.82 -52.69 -29.13
C GLY C 16 -10.80 -53.74 -28.66
N TRP C 17 -11.07 -54.75 -29.48
CA TRP C 17 -11.95 -55.84 -29.07
C TRP C 17 -11.35 -56.60 -27.90
N GLN C 18 -10.04 -56.87 -27.95
CA GLN C 18 -9.37 -57.53 -26.82
C GLN C 18 -9.44 -56.67 -25.57
N THR C 19 -9.29 -55.36 -25.72
CA THR C 19 -9.39 -54.45 -24.58
C THR C 19 -10.78 -54.53 -23.94
N LEU C 20 -11.83 -54.48 -24.77
CA LEU C 20 -13.19 -54.57 -24.25
C LEU C 20 -13.44 -55.91 -23.58
N LYS C 21 -12.97 -57.00 -24.20
CA LYS C 21 -13.16 -58.32 -23.60
C LYS C 21 -12.41 -58.46 -22.29
N ARG C 22 -11.25 -57.81 -22.17
CA ARG C 22 -10.53 -57.84 -20.90
C ARG C 22 -11.21 -56.98 -19.84
N PHE C 23 -11.85 -55.88 -20.27
CA PHE C 23 -12.57 -55.05 -19.30
C PHE C 23 -13.83 -55.74 -18.80
N LEU C 24 -14.46 -56.57 -19.64
CA LEU C 24 -15.74 -57.18 -19.29
C LEU C 24 -15.77 -57.87 -17.93
N PRO C 25 -14.72 -58.58 -17.48
CA PRO C 25 -14.76 -59.11 -16.11
C PRO C 25 -14.96 -58.05 -15.03
N TYR C 26 -14.48 -56.83 -15.24
CA TYR C 26 -14.72 -55.78 -14.25
C TYR C 26 -16.19 -55.38 -14.21
N LEU C 27 -16.83 -55.32 -15.38
CA LEU C 27 -18.25 -54.96 -15.41
C LEU C 27 -19.12 -56.09 -14.86
N TRP C 28 -18.65 -57.33 -14.94
CA TRP C 28 -19.39 -58.50 -14.47
C TRP C 28 -18.56 -59.20 -13.41
N PRO C 29 -18.59 -58.70 -12.17
CA PRO C 29 -17.78 -59.31 -11.10
C PRO C 29 -18.30 -60.69 -10.75
N ALA C 30 -17.46 -61.70 -10.94
CA ALA C 30 -17.84 -63.09 -10.71
C ALA C 30 -18.02 -63.41 -9.23
N ASP C 31 -17.85 -62.44 -8.33
CA ASP C 31 -18.03 -62.66 -6.91
C ASP C 31 -19.11 -61.80 -6.27
N ASN C 32 -19.48 -60.68 -6.89
CA ASN C 32 -20.50 -59.78 -6.34
C ASN C 32 -21.81 -60.06 -7.07
N ALA C 33 -22.71 -60.76 -6.37
CA ALA C 33 -24.06 -61.01 -6.90
C ALA C 33 -24.79 -59.70 -7.16
N VAL C 34 -24.80 -58.80 -6.18
CA VAL C 34 -25.55 -57.55 -6.27
C VAL C 34 -25.21 -56.80 -7.57
N LEU C 35 -23.91 -56.73 -7.89
CA LEU C 35 -23.52 -55.97 -9.08
C LEU C 35 -23.94 -56.67 -10.37
N ARG C 36 -23.91 -58.00 -10.39
CA ARG C 36 -24.39 -58.72 -11.57
C ARG C 36 -25.89 -58.52 -11.75
N ARG C 37 -26.66 -58.58 -10.65
CA ARG C 37 -28.08 -58.30 -10.72
C ARG C 37 -28.31 -56.86 -11.20
N ARG C 38 -27.44 -55.94 -10.81
CA ARG C 38 -27.57 -54.56 -11.28
C ARG C 38 -27.31 -54.47 -12.78
N VAL C 39 -26.32 -55.21 -13.28
CA VAL C 39 -26.06 -55.20 -14.73
C VAL C 39 -27.26 -55.76 -15.50
N VAL C 40 -27.83 -56.86 -15.00
CA VAL C 40 -29.00 -57.45 -15.64
C VAL C 40 -30.17 -56.48 -15.62
N GLY C 41 -30.40 -55.85 -14.46
CA GLY C 41 -31.47 -54.87 -14.37
C GLY C 41 -31.28 -53.69 -15.28
N ALA C 42 -30.03 -53.24 -15.43
CA ALA C 42 -29.74 -52.12 -16.33
C ALA C 42 -30.04 -52.51 -17.78
N ILE C 43 -29.68 -53.73 -18.18
CA ILE C 43 -30.01 -54.16 -19.53
C ILE C 43 -31.52 -54.25 -19.72
N LEU C 44 -32.23 -54.73 -18.69
CA LEU C 44 -33.69 -54.79 -18.77
C LEU C 44 -34.30 -53.39 -18.87
N MET C 45 -33.72 -52.43 -18.16
CA MET C 45 -34.21 -51.05 -18.25
C MET C 45 -33.93 -50.46 -19.62
N VAL C 46 -32.78 -50.79 -20.21
CA VAL C 46 -32.51 -50.41 -21.60
C VAL C 46 -33.62 -50.91 -22.51
N LEU C 47 -33.96 -52.20 -22.36
CA LEU C 47 -34.99 -52.79 -23.21
C LEU C 47 -36.34 -52.12 -23.00
N LEU C 48 -36.72 -51.87 -21.74
CA LEU C 48 -38.00 -51.23 -21.45
C LEU C 48 -38.06 -49.81 -22.03
N GLY C 49 -36.98 -49.03 -21.85
CA GLY C 49 -36.97 -47.69 -22.37
C GLY C 49 -37.06 -47.65 -23.89
N LYS C 50 -36.32 -48.54 -24.56
CA LYS C 50 -36.39 -48.62 -26.01
C LYS C 50 -37.79 -49.02 -26.46
N ALA C 51 -38.40 -49.99 -25.78
CA ALA C 51 -39.76 -50.39 -26.14
C ALA C 51 -40.74 -49.23 -25.99
N THR C 52 -40.60 -48.45 -24.91
CA THR C 52 -41.51 -47.33 -24.69
C THR C 52 -41.31 -46.23 -25.74
N THR C 53 -40.05 -45.92 -26.04
CA THR C 53 -39.76 -44.90 -27.06
C THR C 53 -40.16 -45.36 -28.46
N LEU C 54 -40.24 -46.66 -28.70
CA LEU C 54 -40.76 -47.15 -29.96
C LEU C 54 -42.29 -47.18 -29.97
N ALA C 55 -42.92 -47.38 -28.80
CA ALA C 55 -44.37 -47.48 -28.75
C ALA C 55 -45.05 -46.12 -28.81
N LEU C 56 -44.45 -45.09 -28.20
CA LEU C 56 -45.12 -43.79 -28.16
C LEU C 56 -45.39 -43.18 -29.54
N PRO C 57 -44.51 -43.32 -30.56
CA PRO C 57 -44.89 -42.78 -31.88
C PRO C 57 -46.03 -43.55 -32.52
N PHE C 58 -46.18 -44.84 -32.19
CA PHE C 58 -47.38 -45.56 -32.64
C PHE C 58 -48.64 -44.96 -32.02
N ALA C 59 -48.56 -44.57 -30.75
CA ALA C 59 -49.69 -43.89 -30.11
C ALA C 59 -49.98 -42.55 -30.79
N TYR C 60 -48.93 -41.81 -31.16
CA TYR C 60 -49.15 -40.55 -31.85
C TYR C 60 -49.80 -40.77 -33.23
N LYS C 61 -49.30 -41.76 -33.97
CA LYS C 61 -49.87 -42.08 -35.28
C LYS C 61 -51.33 -42.49 -35.15
N LYS C 62 -51.66 -43.30 -34.15
CA LYS C 62 -53.04 -43.72 -33.97
C LYS C 62 -53.92 -42.56 -33.53
N ALA C 63 -53.39 -41.63 -32.73
CA ALA C 63 -54.16 -40.43 -32.41
C ALA C 63 -54.45 -39.61 -33.66
N VAL C 64 -53.46 -39.44 -34.53
CA VAL C 64 -53.67 -38.69 -35.77
C VAL C 64 -54.67 -39.42 -36.66
N ASP C 65 -54.56 -40.74 -36.76
CA ASP C 65 -55.51 -41.51 -37.57
C ASP C 65 -56.93 -41.37 -37.02
N ALA C 66 -57.09 -41.42 -35.70
CA ALA C 66 -58.41 -41.24 -35.10
C ALA C 66 -58.94 -39.83 -35.33
N MET C 67 -58.05 -38.83 -35.38
CA MET C 67 -58.52 -37.48 -35.63
C MET C 67 -58.90 -37.27 -37.09
N THR C 68 -58.27 -38.00 -38.01
CA THR C 68 -58.60 -37.85 -39.42
C THR C 68 -59.46 -38.97 -39.98
N LEU C 69 -59.43 -40.17 -39.41
CA LEU C 69 -60.33 -41.25 -39.81
C LEU C 69 -61.21 -41.65 -38.64
N GLY C 70 -62.39 -42.19 -38.96
CA GLY C 70 -63.29 -42.64 -37.90
C GLY C 70 -63.29 -44.13 -37.65
N GLY C 71 -63.41 -44.91 -38.73
CA GLY C 71 -63.48 -46.36 -38.66
C GLY C 71 -64.43 -46.91 -37.62
N GLY C 72 -63.86 -47.50 -36.57
CA GLY C 72 -64.64 -48.10 -35.50
C GLY C 72 -64.38 -47.42 -34.17
N ALA C 73 -63.48 -46.44 -34.19
CA ALA C 73 -63.23 -45.60 -33.02
C ALA C 73 -64.30 -44.52 -33.00
N GLN C 74 -65.37 -44.75 -32.24
CA GLN C 74 -66.58 -43.95 -32.39
C GLN C 74 -66.38 -42.50 -31.94
N PRO C 75 -66.15 -42.19 -30.64
CA PRO C 75 -66.02 -40.78 -30.28
C PRO C 75 -64.62 -40.23 -30.56
N ALA C 76 -64.49 -39.48 -31.66
CA ALA C 76 -63.20 -38.86 -32.01
C ALA C 76 -62.51 -38.18 -30.83
N LEU C 77 -63.27 -37.72 -29.84
CA LEU C 77 -62.66 -37.04 -28.70
C LEU C 77 -62.04 -38.00 -27.70
N THR C 78 -62.73 -39.09 -27.38
CA THR C 78 -62.21 -40.05 -26.40
C THR C 78 -60.95 -40.75 -26.91
N VAL C 79 -60.99 -41.25 -28.14
CA VAL C 79 -59.83 -41.97 -28.69
C VAL C 79 -58.62 -41.05 -28.80
N ALA C 80 -58.83 -39.83 -29.29
CA ALA C 80 -57.71 -38.91 -29.43
C ALA C 80 -57.13 -38.50 -28.07
N LEU C 81 -58.00 -38.23 -27.10
CA LEU C 81 -57.52 -37.90 -25.75
C LEU C 81 -56.73 -39.05 -25.16
N ALA C 82 -57.29 -40.27 -25.23
CA ALA C 82 -56.60 -41.43 -24.68
C ALA C 82 -55.24 -41.62 -25.32
N PHE C 83 -55.16 -41.43 -26.65
CA PHE C 83 -53.89 -41.69 -27.33
C PHE C 83 -52.86 -40.59 -27.10
N VAL C 84 -53.29 -39.33 -26.98
CA VAL C 84 -52.32 -38.28 -26.67
C VAL C 84 -51.83 -38.41 -25.23
N LEU C 85 -52.72 -38.81 -24.31
CA LEU C 85 -52.28 -39.08 -22.95
C LEU C 85 -51.31 -40.26 -22.91
N ALA C 86 -51.56 -41.28 -23.74
CA ALA C 86 -50.63 -42.40 -23.82
C ALA C 86 -49.28 -41.96 -24.38
N TYR C 87 -49.30 -41.05 -25.37
CA TYR C 87 -48.05 -40.52 -25.92
C TYR C 87 -47.25 -39.77 -24.88
N ALA C 88 -47.90 -38.90 -24.12
CA ALA C 88 -47.21 -38.15 -23.07
C ALA C 88 -46.66 -39.09 -21.99
N LEU C 89 -47.49 -40.03 -21.55
CA LEU C 89 -47.04 -41.00 -20.55
C LEU C 89 -45.88 -41.85 -21.08
N GLY C 90 -45.86 -42.12 -22.39
CA GLY C 90 -44.76 -42.87 -22.97
C GLY C 90 -43.47 -42.08 -22.97
N ARG C 91 -43.54 -40.79 -23.32
CA ARG C 91 -42.35 -39.94 -23.20
C ARG C 91 -41.82 -39.94 -21.77
N PHE C 92 -42.71 -39.73 -20.80
CA PHE C 92 -42.29 -39.69 -19.41
C PHE C 92 -41.69 -41.03 -18.97
N SER C 93 -42.31 -42.14 -19.36
CA SER C 93 -41.82 -43.46 -18.96
C SER C 93 -40.49 -43.77 -19.61
N GLY C 94 -40.29 -43.31 -20.85
CA GLY C 94 -39.00 -43.50 -21.49
C GLY C 94 -37.89 -42.77 -20.77
N VAL C 95 -38.12 -41.50 -20.43
CA VAL C 95 -37.09 -40.76 -19.70
C VAL C 95 -36.86 -41.38 -18.33
N LEU C 96 -37.93 -41.85 -17.67
CA LEU C 96 -37.79 -42.48 -16.37
C LEU C 96 -36.94 -43.75 -16.45
N PHE C 97 -37.19 -44.59 -17.46
CA PHE C 97 -36.40 -45.80 -17.63
C PHE C 97 -34.95 -45.45 -17.95
N ASP C 98 -34.72 -44.41 -18.74
CA ASP C 98 -33.35 -44.00 -19.05
C ASP C 98 -32.60 -43.58 -17.79
N ASN C 99 -33.21 -42.75 -16.95
CA ASN C 99 -32.52 -42.32 -15.74
C ASN C 99 -32.34 -43.46 -14.75
N LEU C 100 -33.31 -44.38 -14.67
CA LEU C 100 -33.16 -45.52 -13.77
C LEU C 100 -32.02 -46.43 -14.21
N ARG C 101 -31.92 -46.69 -15.52
CA ARG C 101 -30.81 -47.52 -16.02
C ARG C 101 -29.48 -46.82 -15.79
N ASN C 102 -29.45 -45.49 -15.94
CA ASN C 102 -28.22 -44.75 -15.67
C ASN C 102 -27.77 -44.94 -14.22
N ILE C 103 -28.70 -44.77 -13.27
CA ILE C 103 -28.33 -44.91 -11.86
C ILE C 103 -27.86 -46.33 -11.56
N VAL C 104 -28.61 -47.32 -12.05
CA VAL C 104 -28.32 -48.71 -11.74
C VAL C 104 -26.96 -49.10 -12.29
N PHE C 105 -26.63 -48.63 -13.50
CA PHE C 105 -25.31 -48.96 -14.03
C PHE C 105 -24.22 -48.09 -13.43
N GLU C 106 -24.55 -46.91 -12.93
CA GLU C 106 -23.52 -46.06 -12.34
C GLU C 106 -22.93 -46.73 -11.11
N ARG C 107 -23.79 -47.37 -10.31
CA ARG C 107 -23.31 -48.05 -9.11
C ARG C 107 -22.23 -49.10 -9.43
N VAL C 108 -22.39 -49.82 -10.54
CA VAL C 108 -21.41 -50.86 -10.90
C VAL C 108 -20.23 -50.25 -11.65
N GLY C 109 -20.48 -49.26 -12.50
CA GLY C 109 -19.41 -48.64 -13.26
C GLY C 109 -18.34 -48.03 -12.37
N GLN C 110 -18.77 -47.28 -11.34
CA GLN C 110 -17.79 -46.67 -10.45
C GLN C 110 -16.91 -47.72 -9.79
N ASP C 111 -17.52 -48.82 -9.33
CA ASP C 111 -16.73 -49.87 -8.66
C ASP C 111 -15.79 -50.57 -9.64
N ALA C 112 -16.25 -50.83 -10.86
CA ALA C 112 -15.39 -51.49 -11.85
C ALA C 112 -14.20 -50.61 -12.20
N THR C 113 -14.43 -49.32 -12.43
CA THR C 113 -13.31 -48.43 -12.74
C THR C 113 -12.39 -48.29 -11.53
N ARG C 114 -12.94 -48.29 -10.32
CA ARG C 114 -12.09 -48.23 -9.12
C ARG C 114 -11.20 -49.46 -9.00
N HIS C 115 -11.75 -50.64 -9.29
CA HIS C 115 -10.95 -51.87 -9.24
C HIS C 115 -9.87 -51.87 -10.31
N LEU C 116 -10.21 -51.38 -11.51
CA LEU C 116 -9.18 -51.27 -12.56
C LEU C 116 -8.06 -50.33 -12.12
N ALA C 117 -8.42 -49.18 -11.54
CA ALA C 117 -7.42 -48.24 -11.06
C ALA C 117 -6.57 -48.86 -9.95
N GLU C 118 -7.19 -49.63 -9.07
CA GLU C 118 -6.45 -50.29 -8.01
C GLU C 118 -5.44 -51.29 -8.57
N ASN C 119 -5.86 -52.08 -9.57
CA ASN C 119 -4.92 -53.02 -10.19
C ASN C 119 -3.76 -52.29 -10.84
N VAL C 120 -4.05 -51.22 -11.58
CA VAL C 120 -2.99 -50.46 -12.24
C VAL C 120 -2.03 -49.87 -11.21
N PHE C 121 -2.57 -49.33 -10.12
CA PHE C 121 -1.73 -48.74 -9.08
C PHE C 121 -0.84 -49.79 -8.43
N ALA C 122 -1.43 -50.93 -8.05
CA ALA C 122 -0.66 -51.99 -7.41
C ALA C 122 0.47 -52.48 -8.31
N ARG C 123 0.19 -52.64 -9.61
CA ARG C 123 1.27 -53.05 -10.51
C ARG C 123 2.30 -51.93 -10.70
N LEU C 124 1.87 -50.67 -10.73
CA LEU C 124 2.81 -49.58 -10.88
C LEU C 124 3.79 -49.52 -9.72
N HIS C 125 3.33 -49.78 -8.49
CA HIS C 125 4.28 -49.77 -7.38
C HIS C 125 5.23 -50.96 -7.45
N LYS C 126 4.83 -52.05 -8.09
CA LYS C 126 5.69 -53.24 -8.20
C LYS C 126 6.53 -53.21 -9.46
N LEU C 127 7.28 -52.13 -9.69
CA LEU C 127 8.05 -51.98 -10.91
C LEU C 127 9.49 -51.57 -10.57
N SER C 128 10.34 -51.61 -11.58
CA SER C 128 11.75 -51.29 -11.42
C SER C 128 11.97 -49.77 -11.44
N LEU C 129 13.07 -49.35 -10.81
CA LEU C 129 13.40 -47.94 -10.77
C LEU C 129 13.76 -47.40 -12.15
N ARG C 130 14.34 -48.24 -13.02
CA ARG C 130 14.73 -47.77 -14.34
C ARG C 130 13.53 -47.34 -15.17
N PHE C 131 12.34 -47.86 -14.87
CA PHE C 131 11.13 -47.38 -15.54
C PHE C 131 10.70 -46.02 -15.01
N HIS C 132 10.74 -45.83 -13.69
CA HIS C 132 10.38 -44.54 -13.12
C HIS C 132 11.37 -43.45 -13.52
N LEU C 133 12.62 -43.82 -13.80
CA LEU C 133 13.63 -42.84 -14.18
C LEU C 133 13.25 -42.15 -15.48
N ALA C 134 13.15 -42.92 -16.57
CA ALA C 134 12.71 -42.35 -17.83
C ALA C 134 11.24 -41.98 -17.77
N ARG C 135 10.87 -40.94 -18.53
CA ARG C 135 9.51 -40.40 -18.54
C ARG C 135 9.07 -40.01 -17.13
N ARG C 136 9.79 -39.04 -16.56
CA ARG C 136 9.51 -38.61 -15.19
C ARG C 136 8.39 -37.57 -15.16
N THR C 137 8.60 -36.44 -15.83
CA THR C 137 7.74 -35.27 -15.60
C THR C 137 6.32 -35.49 -16.10
N GLY C 138 6.15 -36.11 -17.26
CA GLY C 138 4.82 -36.30 -17.83
C GLY C 138 3.92 -37.18 -17.00
N GLU C 139 4.38 -38.41 -16.71
CA GLU C 139 3.59 -39.38 -15.96
C GLU C 139 3.27 -38.91 -14.54
N VAL C 140 3.83 -37.79 -14.10
CA VAL C 140 3.46 -37.24 -12.80
C VAL C 140 1.98 -36.87 -12.79
N THR C 141 1.53 -36.16 -13.82
CA THR C 141 0.19 -35.60 -13.85
C THR C 141 -0.67 -36.11 -14.99
N LYS C 142 -0.10 -36.49 -16.14
CA LYS C 142 -0.91 -36.84 -17.30
C LYS C 142 -1.50 -38.24 -17.22
N VAL C 143 -1.50 -38.87 -16.05
CA VAL C 143 -2.02 -40.23 -15.88
C VAL C 143 -3.41 -40.24 -15.29
N ILE C 144 -3.60 -39.54 -14.16
CA ILE C 144 -4.81 -39.70 -13.35
C ILE C 144 -6.04 -39.20 -14.10
N GLU C 145 -6.04 -37.91 -14.44
CA GLU C 145 -7.18 -37.32 -15.15
C GLU C 145 -7.44 -38.05 -16.45
N ARG C 146 -6.39 -38.27 -17.24
CA ARG C 146 -6.52 -39.00 -18.50
C ARG C 146 -7.26 -40.32 -18.31
N GLY C 147 -6.71 -41.20 -17.48
CA GLY C 147 -7.29 -42.52 -17.31
C GLY C 147 -8.71 -42.47 -16.81
N THR C 148 -8.96 -41.72 -15.74
CA THR C 148 -10.29 -41.72 -15.14
C THR C 148 -11.34 -41.15 -16.09
N LYS C 149 -11.12 -39.91 -16.54
CA LYS C 149 -12.10 -39.29 -17.43
C LYS C 149 -12.32 -40.11 -18.69
N SER C 150 -11.23 -40.59 -19.30
CA SER C 150 -11.33 -41.31 -20.57
C SER C 150 -12.12 -42.61 -20.38
N ILE C 151 -11.77 -43.39 -19.36
CA ILE C 151 -12.44 -44.67 -19.16
C ILE C 151 -13.92 -44.46 -18.86
N ASP C 152 -14.23 -43.51 -17.97
CA ASP C 152 -15.63 -43.26 -17.62
C ASP C 152 -16.43 -42.86 -18.85
N THR C 153 -15.96 -41.87 -19.60
CA THR C 153 -16.67 -41.41 -20.78
C THR C 153 -16.84 -42.52 -21.81
N MET C 154 -15.77 -43.23 -22.13
CA MET C 154 -15.87 -44.29 -23.12
C MET C 154 -16.85 -45.36 -22.69
N LEU C 155 -16.76 -45.81 -21.44
CA LEU C 155 -17.65 -46.87 -20.97
C LEU C 155 -19.10 -46.45 -21.04
N TYR C 156 -19.42 -45.25 -20.51
CA TYR C 156 -20.80 -44.78 -20.53
C TYR C 156 -21.32 -44.66 -21.95
N PHE C 157 -20.59 -43.97 -22.83
CA PHE C 157 -21.05 -43.80 -24.20
C PHE C 157 -21.21 -45.12 -24.91
N LEU C 158 -20.24 -46.03 -24.78
CA LEU C 158 -20.37 -47.35 -25.38
C LEU C 158 -21.66 -48.04 -24.93
N LEU C 159 -21.79 -48.28 -23.62
CA LEU C 159 -22.90 -49.09 -23.14
C LEU C 159 -24.26 -48.41 -23.27
N PHE C 160 -24.33 -47.08 -23.36
CA PHE C 160 -25.62 -46.40 -23.29
C PHE C 160 -25.94 -45.49 -24.46
N ASN C 161 -25.08 -45.40 -25.47
CA ASN C 161 -25.39 -44.67 -26.69
C ASN C 161 -25.31 -45.56 -27.91
N ILE C 162 -24.26 -46.37 -28.03
CA ILE C 162 -24.09 -47.21 -29.22
C ILE C 162 -25.07 -48.38 -29.19
N ALA C 163 -25.07 -49.14 -28.11
CA ALA C 163 -25.96 -50.30 -28.02
C ALA C 163 -27.43 -49.91 -28.09
N PRO C 164 -27.93 -48.92 -27.34
CA PRO C 164 -29.34 -48.53 -27.53
C PRO C 164 -29.64 -48.04 -28.93
N THR C 165 -28.71 -47.31 -29.55
CA THR C 165 -28.94 -46.84 -30.92
C THR C 165 -28.94 -48.01 -31.90
N VAL C 166 -28.09 -49.02 -31.68
CA VAL C 166 -28.11 -50.20 -32.55
C VAL C 166 -29.43 -50.94 -32.41
N ILE C 167 -29.90 -51.12 -31.17
CA ILE C 167 -31.19 -51.77 -30.94
C ILE C 167 -32.30 -50.99 -31.64
N GLU C 168 -32.30 -49.67 -31.48
CA GLU C 168 -33.34 -48.84 -32.09
C GLU C 168 -33.26 -48.89 -33.60
N LEU C 169 -32.06 -48.96 -34.16
CA LEU C 169 -31.92 -49.03 -35.62
C LEU C 169 -32.46 -50.35 -36.16
N THR C 170 -32.14 -51.46 -35.49
CA THR C 170 -32.68 -52.74 -35.91
C THR C 170 -34.20 -52.76 -35.81
N ALA C 171 -34.73 -52.24 -34.70
CA ALA C 171 -36.19 -52.21 -34.53
C ALA C 171 -36.84 -51.32 -35.58
N VAL C 172 -36.22 -50.19 -35.90
CA VAL C 172 -36.79 -49.29 -36.91
C VAL C 172 -36.75 -49.94 -38.28
N ILE C 173 -35.69 -50.67 -38.60
CA ILE C 173 -35.64 -51.39 -39.87
C ILE C 173 -36.77 -52.41 -39.93
N VAL C 174 -36.96 -53.18 -38.85
CA VAL C 174 -38.01 -54.19 -38.83
C VAL C 174 -39.38 -53.56 -39.00
N ILE C 175 -39.63 -52.48 -38.25
CA ILE C 175 -40.95 -51.84 -38.29
C ILE C 175 -41.19 -51.18 -39.64
N PHE C 176 -40.19 -50.53 -40.22
CA PHE C 176 -40.34 -49.93 -41.54
C PHE C 176 -40.63 -51.00 -42.59
N TRP C 177 -40.01 -52.18 -42.45
CA TRP C 177 -40.32 -53.25 -43.39
C TRP C 177 -41.74 -53.75 -43.21
N LEU C 178 -42.17 -53.97 -41.95
CA LEU C 178 -43.50 -54.53 -41.71
C LEU C 178 -44.60 -53.55 -42.08
N ASN C 179 -44.36 -52.25 -41.95
CA ASN C 179 -45.40 -51.24 -42.13
C ASN C 179 -45.23 -50.40 -43.39
N PHE C 180 -44.10 -50.48 -44.08
CA PHE C 180 -43.86 -49.70 -45.29
C PHE C 180 -43.13 -50.58 -46.29
N GLY C 181 -42.64 -49.97 -47.36
CA GLY C 181 -42.00 -50.73 -48.40
C GLY C 181 -40.49 -50.81 -48.29
N LEU C 182 -39.94 -51.88 -48.87
CA LEU C 182 -38.50 -52.09 -48.94
C LEU C 182 -37.71 -50.82 -49.30
N GLY C 183 -38.34 -49.86 -49.97
CA GLY C 183 -37.59 -48.70 -50.43
C GLY C 183 -37.32 -47.68 -49.34
N LEU C 184 -38.28 -47.50 -48.44
CA LEU C 184 -38.03 -46.67 -47.27
C LEU C 184 -36.91 -47.27 -46.41
N VAL C 185 -36.90 -48.61 -46.28
CA VAL C 185 -35.85 -49.27 -45.53
C VAL C 185 -34.50 -49.07 -46.20
N THR C 186 -34.44 -49.26 -47.52
CA THR C 186 -33.19 -49.06 -48.25
C THR C 186 -32.71 -47.63 -48.14
N ALA C 187 -33.62 -46.66 -48.23
CA ALA C 187 -33.24 -45.26 -48.15
C ALA C 187 -32.69 -44.93 -46.76
N THR C 188 -33.37 -45.37 -45.72
CA THR C 188 -32.90 -45.10 -44.36
C THR C 188 -31.56 -45.80 -44.09
N ILE C 189 -31.38 -47.01 -44.63
CA ILE C 189 -30.12 -47.73 -44.42
C ILE C 189 -28.98 -47.01 -45.14
N LEU C 190 -29.20 -46.59 -46.39
CA LEU C 190 -28.19 -45.83 -47.10
C LEU C 190 -27.87 -44.52 -46.38
N ALA C 191 -28.90 -43.88 -45.83
CA ALA C 191 -28.67 -42.63 -45.09
C ALA C 191 -27.85 -42.86 -43.83
N VAL C 192 -28.14 -43.93 -43.09
CA VAL C 192 -27.36 -44.25 -41.89
C VAL C 192 -25.92 -44.55 -42.27
N ILE C 193 -25.71 -45.28 -43.36
CA ILE C 193 -24.35 -45.62 -43.80
C ILE C 193 -23.59 -44.36 -44.17
N ALA C 194 -24.21 -43.48 -44.97
CA ALA C 194 -23.56 -42.25 -45.36
C ALA C 194 -23.28 -41.36 -44.16
N TYR C 195 -24.22 -41.28 -43.22
CA TYR C 195 -24.02 -40.49 -42.01
C TYR C 195 -22.83 -41.00 -41.22
N VAL C 196 -22.75 -42.31 -41.00
CA VAL C 196 -21.65 -42.88 -40.23
C VAL C 196 -20.32 -42.64 -40.94
N TRP C 197 -20.27 -42.85 -42.26
CA TRP C 197 -19.04 -42.68 -43.00
C TRP C 197 -18.56 -41.23 -42.96
N THR C 198 -19.47 -40.28 -43.24
CA THR C 198 -19.10 -38.87 -43.24
C THR C 198 -18.68 -38.42 -41.85
N THR C 199 -19.43 -38.82 -40.81
CA THR C 199 -19.05 -38.49 -39.45
C THR C 199 -17.66 -39.03 -39.13
N ARG C 200 -17.37 -40.27 -39.54
CA ARG C 200 -16.07 -40.86 -39.24
C ARG C 200 -14.95 -40.08 -39.90
N THR C 201 -15.08 -39.79 -41.20
CA THR C 201 -14.02 -39.09 -41.91
C THR C 201 -13.81 -37.69 -41.35
N ILE C 202 -14.90 -36.94 -41.17
CA ILE C 202 -14.74 -35.58 -40.67
C ILE C 202 -14.23 -35.56 -39.24
N THR C 203 -14.59 -36.55 -38.42
CA THR C 203 -14.10 -36.58 -37.05
C THR C 203 -12.62 -36.96 -37.01
N GLU C 204 -12.18 -37.84 -37.92
CA GLU C 204 -10.76 -38.13 -38.01
C GLU C 204 -9.98 -36.88 -38.40
N TRP C 205 -10.47 -36.15 -39.41
CA TRP C 205 -9.83 -34.88 -39.77
C TRP C 205 -9.82 -33.91 -38.59
N ARG C 206 -10.92 -33.81 -37.86
CA ARG C 206 -11.06 -32.89 -36.74
C ARG C 206 -10.13 -33.24 -35.58
N THR C 207 -9.83 -34.53 -35.39
CA THR C 207 -8.98 -34.94 -34.27
C THR C 207 -7.55 -34.41 -34.42
N HIS C 208 -7.04 -34.34 -35.65
CA HIS C 208 -5.73 -33.73 -35.89
C HIS C 208 -5.69 -32.28 -35.41
N LEU C 209 -6.68 -31.48 -35.83
CA LEU C 209 -6.73 -30.08 -35.41
C LEU C 209 -6.90 -29.97 -33.90
N ARG C 210 -7.69 -30.88 -33.31
CA ARG C 210 -7.89 -30.84 -31.87
C ARG C 210 -6.60 -31.16 -31.11
N GLU C 211 -5.81 -32.11 -31.61
CA GLU C 211 -4.52 -32.42 -31.00
C GLU C 211 -3.56 -31.24 -31.11
N LYS C 212 -3.52 -30.59 -32.28
CA LYS C 212 -2.68 -29.41 -32.42
C LYS C 212 -3.09 -28.31 -31.45
N MET C 213 -4.40 -28.08 -31.33
CA MET C 213 -4.90 -27.08 -30.39
C MET C 213 -4.51 -27.43 -28.96
N ASN C 214 -4.64 -28.69 -28.57
CA ASN C 214 -4.30 -29.08 -27.21
C ASN C 214 -2.80 -28.93 -26.95
N ARG C 215 -1.96 -29.24 -27.94
CA ARG C 215 -0.52 -29.06 -27.76
C ARG C 215 -0.17 -27.59 -27.58
N LEU C 216 -0.75 -26.71 -28.42
CA LEU C 216 -0.47 -25.29 -28.29
C LEU C 216 -0.99 -24.74 -26.96
N ASP C 217 -2.16 -25.20 -26.52
CA ASP C 217 -2.70 -24.78 -25.24
C ASP C 217 -1.79 -25.21 -24.10
N GLY C 218 -1.31 -26.46 -24.13
CA GLY C 218 -0.39 -26.92 -23.11
C GLY C 218 0.90 -26.11 -23.10
N GLN C 219 1.43 -25.79 -24.27
CA GLN C 219 2.64 -24.99 -24.34
C GLN C 219 2.43 -23.61 -23.73
N ALA C 220 1.33 -22.94 -24.09
CA ALA C 220 1.05 -21.62 -23.55
C ALA C 220 0.87 -21.65 -22.04
N LEU C 221 0.09 -22.61 -21.54
CA LEU C 221 -0.16 -22.70 -20.11
C LEU C 221 1.12 -23.05 -19.35
N ALA C 222 1.95 -23.92 -19.91
CA ALA C 222 3.22 -24.25 -19.27
C ALA C 222 4.15 -23.06 -19.23
N ARG C 223 4.17 -22.26 -20.31
CA ARG C 223 4.98 -21.03 -20.29
C ARG C 223 4.49 -20.08 -19.21
N ALA C 224 3.16 -19.91 -19.09
CA ALA C 224 2.63 -19.03 -18.06
C ALA C 224 3.00 -19.51 -16.66
N VAL C 225 2.85 -20.82 -16.42
CA VAL C 225 3.15 -21.35 -15.09
C VAL C 225 4.64 -21.25 -14.79
N ASP C 226 5.49 -21.52 -15.77
CA ASP C 226 6.94 -21.41 -15.56
C ASP C 226 7.34 -19.96 -15.30
N SER C 227 6.67 -19.01 -15.97
CA SER C 227 6.94 -17.60 -15.70
C SER C 227 6.53 -17.22 -14.29
N LEU C 228 5.35 -17.67 -13.86
CA LEU C 228 4.88 -17.32 -12.52
C LEU C 228 5.72 -17.97 -11.44
N LEU C 229 6.24 -19.17 -11.69
CA LEU C 229 7.07 -19.86 -10.71
C LEU C 229 8.44 -19.24 -10.57
N ASN C 230 8.93 -18.54 -11.58
CA ASN C 230 10.22 -17.87 -11.54
C ASN C 230 10.04 -16.35 -11.43
N TYR C 231 9.01 -15.93 -10.69
CA TYR C 231 8.75 -14.51 -10.50
C TYR C 231 9.97 -13.81 -9.88
N GLU C 232 10.64 -14.49 -8.94
CA GLU C 232 11.83 -13.91 -8.34
C GLU C 232 12.88 -13.62 -9.41
N THR C 233 13.08 -14.55 -10.34
CA THR C 233 14.06 -14.34 -11.41
C THR C 233 13.64 -13.20 -12.33
N VAL C 234 12.34 -13.14 -12.67
CA VAL C 234 11.84 -12.07 -13.54
C VAL C 234 12.09 -10.71 -12.90
N LYS C 235 11.85 -10.60 -11.59
CA LYS C 235 12.14 -9.35 -10.90
C LYS C 235 13.64 -9.09 -10.81
N TYR C 236 14.43 -10.15 -10.63
CA TYR C 236 15.88 -10.00 -10.53
C TYR C 236 16.46 -9.43 -11.81
N PHE C 237 15.91 -9.83 -12.96
CA PHE C 237 16.44 -9.39 -14.24
C PHE C 237 15.48 -8.48 -15.01
N GLY C 238 14.39 -8.05 -14.37
CA GLY C 238 13.47 -7.11 -15.01
C GLY C 238 12.93 -7.55 -16.35
N ALA C 239 12.55 -8.83 -16.46
CA ALA C 239 12.10 -9.40 -17.72
C ALA C 239 10.57 -9.53 -17.79
N GLU C 240 9.85 -8.59 -17.18
CA GLU C 240 8.39 -8.65 -17.22
C GLU C 240 7.88 -8.53 -18.66
N SER C 241 8.40 -7.58 -19.41
CA SER C 241 7.95 -7.37 -20.79
C SER C 241 8.24 -8.58 -21.65
N ARG C 242 9.41 -9.20 -21.48
CA ARG C 242 9.75 -10.37 -22.27
C ARG C 242 8.80 -11.53 -22.00
N GLU C 243 8.50 -11.79 -20.72
CA GLU C 243 7.56 -12.85 -20.38
C GLU C 243 6.17 -12.54 -20.90
N GLU C 244 5.75 -11.27 -20.83
CA GLU C 244 4.44 -10.90 -21.36
C GLU C 244 4.36 -11.14 -22.86
N ALA C 245 5.39 -10.76 -23.61
CA ALA C 245 5.38 -10.97 -25.05
C ALA C 245 5.39 -12.46 -25.40
N ARG C 246 6.19 -13.24 -24.66
CA ARG C 246 6.22 -14.69 -24.88
C ARG C 246 4.85 -15.31 -24.67
N TYR C 247 4.22 -14.99 -23.53
CA TYR C 247 2.90 -15.53 -23.23
C TYR C 247 1.86 -15.06 -24.24
N ALA C 248 1.98 -13.82 -24.71
CA ALA C 248 1.04 -13.30 -25.70
C ALA C 248 1.16 -14.06 -27.03
N SER C 249 2.38 -14.33 -27.47
CA SER C 249 2.56 -15.10 -28.70
C SER C 249 2.01 -16.51 -28.54
N ALA C 250 2.29 -17.16 -27.41
CA ALA C 250 1.76 -18.50 -27.18
C ALA C 250 0.23 -18.50 -27.18
N ALA C 251 -0.38 -17.50 -26.54
CA ALA C 251 -1.84 -17.41 -26.51
C ALA C 251 -2.41 -17.13 -27.89
N ARG C 252 -1.71 -16.35 -28.72
CA ARG C 252 -2.17 -16.12 -30.08
C ARG C 252 -2.18 -17.42 -30.88
N ALA C 253 -1.13 -18.22 -30.76
CA ALA C 253 -1.10 -19.51 -31.43
C ALA C 253 -2.24 -20.39 -30.96
N TYR C 254 -2.46 -20.44 -29.64
CA TYR C 254 -3.55 -21.25 -29.10
C TYR C 254 -4.91 -20.78 -29.62
N ALA C 255 -5.10 -19.46 -29.71
CA ALA C 255 -6.38 -18.94 -30.19
C ALA C 255 -6.62 -19.30 -31.64
N ASP C 256 -5.59 -19.20 -32.48
CA ASP C 256 -5.73 -19.61 -33.88
C ASP C 256 -6.09 -21.09 -33.98
N ALA C 257 -5.39 -21.94 -33.21
CA ALA C 257 -5.70 -23.36 -33.25
C ALA C 257 -7.12 -23.65 -32.81
N ALA C 258 -7.58 -22.97 -31.74
CA ALA C 258 -8.94 -23.18 -31.26
C ALA C 258 -9.97 -22.74 -32.29
N VAL C 259 -9.72 -21.61 -32.95
CA VAL C 259 -10.63 -21.15 -34.00
C VAL C 259 -10.75 -22.20 -35.09
N LYS C 260 -9.60 -22.73 -35.55
CA LYS C 260 -9.63 -23.77 -36.58
C LYS C 260 -10.42 -24.99 -36.11
N SER C 261 -10.19 -25.43 -34.88
CA SER C 261 -10.87 -26.62 -34.38
C SER C 261 -12.38 -26.42 -34.33
N GLU C 262 -12.83 -25.28 -33.80
CA GLU C 262 -14.28 -25.08 -33.70
C GLU C 262 -14.92 -24.89 -35.08
N ASN C 263 -14.20 -24.28 -36.03
CA ASN C 263 -14.73 -24.19 -37.39
C ASN C 263 -14.87 -25.58 -38.01
N SER C 264 -13.91 -26.47 -37.77
CA SER C 264 -14.05 -27.83 -38.24
C SER C 264 -15.25 -28.52 -37.61
N LEU C 265 -15.48 -28.28 -36.32
CA LEU C 265 -16.67 -28.82 -35.66
C LEU C 265 -17.95 -28.32 -36.34
N GLY C 266 -17.97 -27.03 -36.68
CA GLY C 266 -19.12 -26.49 -37.40
C GLY C 266 -19.34 -27.18 -38.74
N LEU C 267 -18.25 -27.44 -39.47
CA LEU C 267 -18.36 -28.15 -40.74
C LEU C 267 -18.94 -29.54 -40.54
N LEU C 268 -18.48 -30.24 -39.50
CA LEU C 268 -19.01 -31.57 -39.19
C LEU C 268 -20.51 -31.53 -38.93
N ASN C 269 -20.95 -30.58 -38.11
CA ASN C 269 -22.37 -30.47 -37.82
C ASN C 269 -23.18 -30.14 -39.07
N ILE C 270 -22.62 -29.29 -39.95
CA ILE C 270 -23.32 -28.95 -41.18
C ILE C 270 -23.51 -30.17 -42.06
N ALA C 271 -22.46 -30.99 -42.20
CA ALA C 271 -22.58 -32.19 -43.02
C ALA C 271 -23.57 -33.19 -42.42
N GLN C 272 -23.51 -33.37 -41.09
CA GLN C 272 -24.45 -34.26 -40.41
C GLN C 272 -25.89 -33.82 -40.66
N ALA C 273 -26.15 -32.52 -40.49
CA ALA C 273 -27.51 -32.02 -40.68
C ALA C 273 -27.94 -32.16 -42.14
N LEU C 274 -27.02 -31.96 -43.09
CA LEU C 274 -27.36 -32.13 -44.50
C LEU C 274 -27.82 -33.56 -44.77
N ILE C 275 -27.07 -34.54 -44.29
CA ILE C 275 -27.46 -35.94 -44.51
C ILE C 275 -28.80 -36.24 -43.85
N VAL C 276 -28.94 -35.82 -42.59
CA VAL C 276 -30.17 -36.13 -41.83
C VAL C 276 -31.37 -35.52 -42.52
N ASN C 277 -31.27 -34.26 -42.95
CA ASN C 277 -32.41 -33.59 -43.54
C ASN C 277 -32.70 -34.05 -44.95
N LEU C 278 -31.68 -34.50 -45.70
CA LEU C 278 -31.96 -35.15 -46.98
C LEU C 278 -32.76 -36.42 -46.78
N LEU C 279 -32.38 -37.25 -45.80
CA LEU C 279 -33.17 -38.44 -45.52
C LEU C 279 -34.58 -38.08 -45.07
N MET C 280 -34.70 -37.05 -44.24
CA MET C 280 -36.02 -36.65 -43.75
C MET C 280 -36.92 -36.18 -44.90
N ALA C 281 -36.36 -35.34 -45.78
CA ALA C 281 -37.11 -34.87 -46.94
C ALA C 281 -37.55 -36.05 -47.81
N GLY C 282 -36.62 -36.95 -48.14
CA GLY C 282 -36.98 -38.08 -48.97
C GLY C 282 -38.06 -38.94 -48.36
N ALA C 283 -37.92 -39.27 -47.07
CA ALA C 283 -38.87 -40.16 -46.41
C ALA C 283 -40.25 -39.50 -46.32
N MET C 284 -40.31 -38.24 -45.92
CA MET C 284 -41.60 -37.58 -45.76
C MET C 284 -42.27 -37.35 -47.11
N ALA C 285 -41.50 -36.98 -48.13
CA ALA C 285 -42.06 -36.82 -49.47
C ALA C 285 -42.60 -38.14 -50.00
N TRP C 286 -41.86 -39.23 -49.80
CA TRP C 286 -42.34 -40.53 -50.25
C TRP C 286 -43.59 -40.95 -49.48
N THR C 287 -43.64 -40.64 -48.19
CA THR C 287 -44.82 -41.01 -47.40
C THR C 287 -46.05 -40.24 -47.85
N VAL C 288 -45.93 -38.93 -48.07
CA VAL C 288 -47.09 -38.17 -48.51
C VAL C 288 -47.47 -38.54 -49.94
N TYR C 289 -46.49 -38.90 -50.78
CA TYR C 289 -46.81 -39.37 -52.12
C TYR C 289 -47.57 -40.69 -52.08
N GLY C 290 -47.16 -41.61 -51.21
CA GLY C 290 -47.92 -42.84 -51.03
C GLY C 290 -49.30 -42.60 -50.44
N TRP C 291 -49.43 -41.59 -49.58
CA TRP C 291 -50.75 -41.24 -49.06
C TRP C 291 -51.66 -40.73 -50.18
N SER C 292 -51.09 -39.92 -51.10
CA SER C 292 -51.88 -39.41 -52.21
C SER C 292 -52.42 -40.53 -53.10
N GLN C 293 -51.73 -41.68 -53.11
CA GLN C 293 -52.20 -42.85 -53.84
C GLN C 293 -53.12 -43.73 -53.00
N GLY C 294 -53.48 -43.30 -51.80
CA GLY C 294 -54.33 -44.07 -50.93
C GLY C 294 -53.67 -45.27 -50.27
N LYS C 295 -52.38 -45.49 -50.50
CA LYS C 295 -51.71 -46.63 -49.86
C LYS C 295 -51.54 -46.41 -48.36
N LEU C 296 -51.20 -45.19 -47.95
CA LEU C 296 -50.85 -44.90 -46.57
C LEU C 296 -51.76 -43.82 -46.01
N THR C 297 -51.91 -43.81 -44.69
CA THR C 297 -52.69 -42.82 -43.99
C THR C 297 -51.85 -41.59 -43.68
N VAL C 298 -52.51 -40.54 -43.20
CA VAL C 298 -51.82 -39.30 -42.84
C VAL C 298 -51.02 -39.50 -41.56
N GLY C 299 -51.50 -40.35 -40.65
CA GLY C 299 -50.75 -40.64 -39.44
C GLY C 299 -49.39 -41.25 -39.72
N ASP C 300 -49.25 -41.95 -40.85
CA ASP C 300 -47.96 -42.53 -41.23
C ASP C 300 -46.90 -41.45 -41.41
N LEU C 301 -47.27 -40.28 -41.89
CA LEU C 301 -46.28 -39.20 -42.06
C LEU C 301 -45.67 -38.81 -40.72
N VAL C 302 -46.51 -38.51 -39.72
CA VAL C 302 -46.00 -38.15 -38.41
C VAL C 302 -45.28 -39.33 -37.76
N PHE C 303 -45.77 -40.55 -38.00
CA PHE C 303 -45.09 -41.74 -37.51
C PHE C 303 -43.65 -41.80 -38.00
N VAL C 304 -43.46 -41.67 -39.32
CA VAL C 304 -42.13 -41.68 -39.91
C VAL C 304 -41.29 -40.53 -39.37
N ASN C 305 -41.87 -39.33 -39.27
CA ASN C 305 -41.14 -38.19 -38.75
C ASN C 305 -40.62 -38.46 -37.34
N THR C 306 -41.50 -38.88 -36.44
CA THR C 306 -41.10 -39.11 -35.05
C THR C 306 -40.08 -40.23 -34.96
N TYR C 307 -40.26 -41.30 -35.75
CA TYR C 307 -39.29 -42.39 -35.72
C TYR C 307 -37.92 -41.91 -36.16
N LEU C 308 -37.85 -41.13 -37.25
CA LEU C 308 -36.56 -40.62 -37.72
C LEU C 308 -35.92 -39.69 -36.69
N THR C 309 -36.72 -38.82 -36.07
CA THR C 309 -36.16 -37.90 -35.08
C THR C 309 -35.63 -38.66 -33.88
N GLN C 310 -36.39 -39.63 -33.36
CA GLN C 310 -35.91 -40.42 -32.23
C GLN C 310 -34.68 -41.24 -32.61
N LEU C 311 -34.58 -41.67 -33.87
CA LEU C 311 -33.42 -42.44 -34.30
C LEU C 311 -32.17 -41.55 -34.38
N PHE C 312 -32.32 -40.34 -34.89
CA PHE C 312 -31.17 -39.49 -35.18
C PHE C 312 -30.83 -38.52 -34.06
N ARG C 313 -31.64 -38.43 -33.00
CA ARG C 313 -31.26 -37.55 -31.91
C ARG C 313 -30.01 -38.05 -31.19
N PRO C 314 -29.87 -39.36 -30.90
CA PRO C 314 -28.59 -39.83 -30.36
C PRO C 314 -27.43 -39.67 -31.33
N LEU C 315 -27.68 -39.76 -32.64
CA LEU C 315 -26.63 -39.63 -33.63
C LEU C 315 -26.15 -38.19 -33.80
N ASP C 316 -26.79 -37.22 -33.15
CA ASP C 316 -26.30 -35.85 -33.18
C ASP C 316 -24.94 -35.74 -32.52
N MET C 317 -24.69 -36.56 -31.50
CA MET C 317 -23.43 -36.58 -30.76
C MET C 317 -22.42 -37.55 -31.35
N LEU C 318 -22.68 -38.11 -32.52
CA LEU C 318 -21.92 -39.26 -33.01
C LEU C 318 -20.43 -38.94 -33.12
N GLY C 319 -20.07 -37.74 -33.56
CA GLY C 319 -18.65 -37.39 -33.66
C GLY C 319 -17.96 -37.43 -32.31
N MET C 320 -18.53 -36.75 -31.31
CA MET C 320 -17.97 -36.79 -29.97
C MET C 320 -17.93 -38.22 -29.43
N VAL C 321 -18.99 -39.00 -29.68
CA VAL C 321 -19.05 -40.38 -29.19
C VAL C 321 -17.90 -41.19 -29.78
N TYR C 322 -17.70 -41.08 -31.10
CA TYR C 322 -16.62 -41.80 -31.76
C TYR C 322 -15.26 -41.39 -31.19
N ARG C 323 -15.02 -40.08 -31.08
CA ARG C 323 -13.73 -39.60 -30.57
C ARG C 323 -13.49 -40.10 -29.15
N THR C 324 -14.49 -39.99 -28.28
CA THR C 324 -14.34 -40.39 -26.89
C THR C 324 -14.14 -41.89 -26.77
N ILE C 325 -14.88 -42.68 -27.54
CA ILE C 325 -14.71 -44.13 -27.51
C ILE C 325 -13.30 -44.52 -27.96
N ARG C 326 -12.81 -43.88 -29.02
CA ARG C 326 -11.45 -44.17 -29.48
C ARG C 326 -10.43 -43.82 -28.40
N GLN C 327 -10.54 -42.62 -27.82
CA GLN C 327 -9.60 -42.21 -26.78
C GLN C 327 -9.67 -43.13 -25.57
N GLY C 328 -10.88 -43.53 -25.19
CA GLY C 328 -11.03 -44.44 -24.06
C GLY C 328 -10.41 -45.80 -24.32
N LEU C 329 -10.59 -46.32 -25.53
CA LEU C 329 -9.95 -47.57 -25.89
C LEU C 329 -8.43 -47.44 -25.81
N ILE C 330 -7.89 -46.35 -26.35
CA ILE C 330 -6.44 -46.14 -26.32
C ILE C 330 -5.94 -46.09 -24.86
N ASP C 331 -6.61 -45.29 -24.03
CA ASP C 331 -6.15 -45.14 -22.64
C ASP C 331 -6.32 -46.42 -21.84
N MET C 332 -7.37 -47.20 -22.12
CA MET C 332 -7.54 -48.47 -21.43
C MET C 332 -6.47 -49.48 -21.87
N ALA C 333 -6.14 -49.48 -23.16
CA ALA C 333 -5.01 -50.28 -23.63
C ALA C 333 -3.72 -49.86 -22.93
N GLU C 334 -3.55 -48.57 -22.69
CA GLU C 334 -2.37 -48.11 -21.96
C GLU C 334 -2.40 -48.59 -20.51
N MET C 335 -3.57 -48.59 -19.89
CA MET C 335 -3.71 -49.16 -18.55
C MET C 335 -3.31 -50.63 -18.52
N PHE C 336 -3.80 -51.40 -19.49
CA PHE C 336 -3.43 -52.81 -19.57
C PHE C 336 -1.94 -52.99 -19.85
N ARG C 337 -1.36 -52.09 -20.64
CA ARG C 337 0.07 -52.13 -20.88
C ARG C 337 0.86 -51.88 -19.59
N LEU C 338 0.40 -50.93 -18.78
CA LEU C 338 1.04 -50.72 -17.48
C LEU C 338 0.91 -51.95 -16.60
N ILE C 339 -0.26 -52.60 -16.65
CA ILE C 339 -0.43 -53.83 -15.88
C ILE C 339 0.46 -54.94 -16.45
N ASP C 340 0.59 -55.01 -17.78
CA ASP C 340 1.40 -56.04 -18.42
C ASP C 340 2.84 -55.57 -18.61
N THR C 341 3.45 -55.16 -17.49
CA THR C 341 4.85 -54.75 -17.46
C THR C 341 5.63 -55.76 -16.64
N HIS C 342 6.67 -56.33 -17.23
CA HIS C 342 7.49 -57.30 -16.53
C HIS C 342 8.41 -56.60 -15.53
N ILE C 343 8.74 -57.31 -14.46
CA ILE C 343 9.56 -56.76 -13.39
C ILE C 343 11.02 -57.08 -13.68
N GLU C 344 11.84 -56.03 -13.75
CA GLU C 344 13.24 -56.20 -14.13
C GLU C 344 14.04 -56.87 -13.02
N VAL C 345 13.76 -56.54 -11.77
CA VAL C 345 14.48 -57.10 -10.62
C VAL C 345 13.45 -57.89 -9.81
N ALA C 346 13.38 -59.19 -10.09
CA ALA C 346 12.41 -60.08 -9.47
C ALA C 346 13.11 -61.09 -8.57
N ASP C 347 12.31 -61.73 -7.72
CA ASP C 347 12.84 -62.68 -6.76
C ASP C 347 13.03 -64.06 -7.39
N VAL C 348 13.81 -64.89 -6.71
CA VAL C 348 14.02 -66.29 -7.08
C VAL C 348 12.79 -67.08 -6.61
N PRO C 349 12.30 -68.05 -7.38
CA PRO C 349 11.17 -68.85 -6.91
C PRO C 349 11.47 -69.52 -5.58
N ASN C 350 10.52 -69.41 -4.65
CA ASN C 350 10.66 -69.94 -3.29
C ASN C 350 11.87 -69.32 -2.58
N ALA C 351 12.08 -68.02 -2.81
CA ALA C 351 13.25 -67.36 -2.23
C ALA C 351 13.12 -67.34 -0.71
N PRO C 352 14.16 -67.71 0.03
CA PRO C 352 14.11 -67.58 1.48
C PRO C 352 14.38 -66.14 1.93
N ALA C 353 13.88 -65.83 3.12
CA ALA C 353 14.05 -64.51 3.68
C ALA C 353 15.50 -64.28 4.12
N LEU C 354 15.96 -63.05 3.96
CA LEU C 354 17.30 -62.70 4.42
C LEU C 354 17.30 -62.70 5.93
N VAL C 355 18.27 -63.37 6.53
CA VAL C 355 18.37 -63.48 7.98
C VAL C 355 19.67 -62.81 8.39
N VAL C 356 19.56 -61.62 8.97
CA VAL C 356 20.71 -60.82 9.37
C VAL C 356 20.97 -61.11 10.84
N ASN C 357 21.93 -61.99 11.10
CA ASN C 357 22.39 -62.30 12.45
C ASN C 357 23.67 -61.55 12.81
N ARG C 358 24.58 -61.42 11.85
CA ARG C 358 25.80 -60.63 12.01
C ARG C 358 25.85 -59.67 10.82
N PRO C 359 25.47 -58.41 11.01
CA PRO C 359 25.23 -57.52 9.87
C PRO C 359 26.50 -57.09 9.13
N SER C 360 27.12 -58.02 8.41
CA SER C 360 28.23 -57.70 7.54
C SER C 360 27.74 -57.35 6.14
N VAL C 361 28.57 -56.63 5.39
CA VAL C 361 28.27 -56.24 4.02
C VAL C 361 29.47 -56.60 3.15
N THR C 362 29.21 -57.23 2.01
CA THR C 362 30.29 -57.65 1.11
C THR C 362 29.95 -57.25 -0.32
N PHE C 363 30.89 -56.58 -0.99
CA PHE C 363 30.82 -56.31 -2.42
C PHE C 363 31.89 -57.15 -3.10
N ASP C 364 31.46 -58.14 -3.90
CA ASP C 364 32.36 -59.08 -4.56
C ASP C 364 32.33 -58.80 -6.06
N ASN C 365 33.35 -58.09 -6.55
CA ASN C 365 33.57 -57.89 -7.98
C ASN C 365 32.33 -57.30 -8.66
N VAL C 366 31.72 -56.32 -8.01
CA VAL C 366 30.47 -55.76 -8.51
C VAL C 366 30.75 -54.93 -9.75
N VAL C 367 30.15 -55.32 -10.87
CA VAL C 367 30.21 -54.60 -12.14
C VAL C 367 28.80 -54.16 -12.50
N PHE C 368 28.62 -52.85 -12.71
CA PHE C 368 27.28 -52.33 -12.96
C PHE C 368 27.36 -51.06 -13.80
N GLY C 369 26.33 -50.86 -14.61
CA GLY C 369 26.14 -49.63 -15.35
C GLY C 369 24.67 -49.44 -15.66
N TYR C 370 24.30 -48.19 -15.90
CA TYR C 370 22.90 -47.91 -16.23
C TYR C 370 22.57 -48.34 -17.65
N ASP C 371 23.50 -48.17 -18.58
CA ASP C 371 23.31 -48.57 -19.97
C ASP C 371 24.50 -49.43 -20.38
N ARG C 372 24.27 -50.36 -21.30
CA ARG C 372 25.34 -51.27 -21.72
C ARG C 372 26.49 -50.56 -22.43
N ASP C 373 26.25 -49.38 -23.01
CA ASP C 373 27.31 -48.69 -23.74
C ASP C 373 28.27 -47.94 -22.82
N ARG C 374 27.88 -47.69 -21.56
CA ARG C 374 28.74 -47.06 -20.59
C ARG C 374 28.84 -47.96 -19.37
N GLU C 375 29.98 -47.89 -18.68
CA GLU C 375 30.19 -48.75 -17.52
C GLU C 375 30.77 -47.91 -16.39
N ILE C 376 30.22 -48.11 -15.19
CA ILE C 376 30.51 -47.28 -14.04
C ILE C 376 31.37 -48.02 -13.03
N LEU C 377 30.85 -49.11 -12.48
CA LEU C 377 31.58 -49.90 -11.49
C LEU C 377 32.38 -50.97 -12.20
N HIS C 378 33.70 -50.87 -12.17
CA HIS C 378 34.58 -51.81 -12.84
C HIS C 378 35.11 -52.84 -11.83
N GLY C 379 34.19 -53.66 -11.33
CA GLY C 379 34.56 -54.71 -10.41
C GLY C 379 34.94 -54.22 -9.02
N LEU C 380 34.03 -53.50 -8.37
CA LEU C 380 34.30 -52.97 -7.05
C LEU C 380 34.06 -54.04 -5.99
N SER C 381 35.05 -54.26 -5.14
CA SER C 381 34.97 -55.23 -4.06
C SER C 381 35.43 -54.59 -2.76
N PHE C 382 34.67 -54.80 -1.68
CA PHE C 382 35.09 -54.33 -0.37
C PHE C 382 34.29 -55.08 0.70
N GLU C 383 34.70 -54.88 1.95
CA GLU C 383 34.10 -55.56 3.10
C GLU C 383 33.77 -54.53 4.18
N VAL C 384 32.59 -54.68 4.77
CA VAL C 384 32.12 -53.84 5.86
C VAL C 384 31.79 -54.77 7.02
N ALA C 385 32.61 -54.71 8.07
CA ALA C 385 32.42 -55.59 9.21
C ALA C 385 31.18 -55.21 10.00
N ALA C 386 30.59 -56.21 10.66
CA ALA C 386 29.38 -55.99 11.44
C ALA C 386 29.67 -55.08 12.64
N GLY C 387 28.83 -54.06 12.82
CA GLY C 387 28.99 -53.12 13.90
C GLY C 387 30.01 -52.02 13.66
N SER C 388 30.73 -52.05 12.55
CA SER C 388 31.74 -51.05 12.27
C SER C 388 31.10 -49.79 11.69
N ARG C 389 31.83 -48.68 11.83
CA ARG C 389 31.44 -47.38 11.27
C ARG C 389 32.31 -47.11 10.05
N VAL C 390 31.70 -47.22 8.87
CA VAL C 390 32.41 -47.07 7.61
C VAL C 390 31.91 -45.84 6.89
N ALA C 391 32.82 -45.18 6.20
CA ALA C 391 32.50 -44.04 5.35
C ALA C 391 32.86 -44.39 3.91
N ILE C 392 32.14 -43.78 2.96
CA ILE C 392 32.43 -43.93 1.54
C ILE C 392 32.60 -42.54 0.95
N VAL C 393 33.80 -42.25 0.45
CA VAL C 393 34.12 -40.93 -0.07
C VAL C 393 34.62 -41.07 -1.49
N GLY C 394 34.53 -39.97 -2.24
CA GLY C 394 34.94 -39.94 -3.62
C GLY C 394 34.58 -38.63 -4.29
N PRO C 395 35.06 -38.42 -5.52
CA PRO C 395 34.72 -37.20 -6.25
C PRO C 395 33.27 -37.19 -6.69
N SER C 396 32.88 -36.14 -7.45
CA SER C 396 31.49 -36.00 -7.86
C SER C 396 31.03 -37.15 -8.75
N GLY C 397 31.87 -37.56 -9.69
CA GLY C 397 31.50 -38.63 -10.61
C GLY C 397 31.94 -40.00 -10.18
N ALA C 398 32.18 -40.18 -8.88
CA ALA C 398 32.70 -41.46 -8.39
C ALA C 398 31.69 -42.59 -8.49
N GLY C 399 30.39 -42.30 -8.35
CA GLY C 399 29.40 -43.36 -8.43
C GLY C 399 28.98 -44.00 -7.13
N LYS C 400 29.08 -43.28 -6.01
CA LYS C 400 28.74 -43.85 -4.72
C LYS C 400 27.23 -43.98 -4.49
N SER C 401 26.43 -43.08 -5.05
CA SER C 401 24.98 -43.27 -4.98
C SER C 401 24.55 -44.54 -5.71
N THR C 402 25.31 -44.93 -6.75
CA THR C 402 25.06 -46.23 -7.36
C THR C 402 25.37 -47.36 -6.40
N ILE C 403 26.38 -47.19 -5.55
CA ILE C 403 26.65 -48.17 -4.50
C ILE C 403 25.45 -48.29 -3.57
N ALA C 404 24.91 -47.16 -3.13
CA ALA C 404 23.75 -47.19 -2.22
C ALA C 404 22.55 -47.88 -2.88
N ARG C 405 22.26 -47.52 -4.13
CA ARG C 405 21.08 -48.09 -4.78
C ARG C 405 21.28 -49.57 -5.10
N LEU C 406 22.50 -49.99 -5.40
CA LEU C 406 22.73 -51.41 -5.62
C LEU C 406 22.67 -52.18 -4.31
N LEU C 407 23.02 -51.52 -3.20
CA LEU C 407 22.85 -52.14 -1.89
C LEU C 407 21.37 -52.38 -1.61
N PHE C 408 20.52 -51.43 -2.03
CA PHE C 408 19.09 -51.66 -1.89
C PHE C 408 18.49 -52.48 -3.02
N ARG C 409 19.31 -52.96 -3.96
CA ARG C 409 18.87 -53.79 -5.08
C ARG C 409 17.78 -53.10 -5.90
N PHE C 410 17.98 -51.81 -6.17
CA PHE C 410 17.19 -51.17 -7.20
C PHE C 410 17.55 -51.66 -8.59
N TYR C 411 18.74 -52.24 -8.74
CA TYR C 411 19.19 -52.84 -9.98
C TYR C 411 19.96 -54.11 -9.63
N ASP C 412 20.22 -54.93 -10.63
CA ASP C 412 21.08 -56.08 -10.38
C ASP C 412 22.43 -55.89 -11.07
N PRO C 413 23.51 -56.30 -10.42
CA PRO C 413 24.84 -56.12 -11.02
C PRO C 413 25.03 -56.96 -12.26
N TRP C 414 25.82 -56.42 -13.19
CA TRP C 414 26.18 -57.19 -14.39
C TRP C 414 27.07 -58.37 -14.01
N GLU C 415 28.06 -58.13 -13.16
CA GLU C 415 29.00 -59.14 -12.72
C GLU C 415 29.25 -58.92 -11.24
N GLY C 416 29.51 -60.00 -10.51
CA GLY C 416 29.74 -59.87 -9.09
C GLY C 416 28.48 -60.12 -8.29
N ARG C 417 28.58 -59.85 -7.00
CA ARG C 417 27.45 -60.04 -6.11
C ARG C 417 27.61 -59.16 -4.88
N ILE C 418 26.50 -59.04 -4.14
CA ILE C 418 26.46 -58.30 -2.89
C ILE C 418 25.90 -59.23 -1.83
N LEU C 419 26.56 -59.29 -0.68
CA LEU C 419 26.21 -60.19 0.40
C LEU C 419 25.90 -59.41 1.67
N ILE C 420 24.87 -59.85 2.38
CA ILE C 420 24.55 -59.35 3.71
C ILE C 420 24.54 -60.54 4.66
N ASP C 421 25.43 -60.51 5.65
CA ASP C 421 25.63 -61.62 6.57
C ASP C 421 26.00 -62.91 5.84
N GLY C 422 26.66 -62.78 4.69
CA GLY C 422 27.11 -63.92 3.92
C GLY C 422 26.10 -64.49 2.94
N GLN C 423 24.95 -63.84 2.77
CA GLN C 423 23.90 -64.33 1.89
C GLN C 423 23.73 -63.35 0.74
N ASP C 424 23.71 -63.89 -0.48
CA ASP C 424 23.55 -63.05 -1.67
C ASP C 424 22.16 -62.40 -1.67
N ILE C 425 22.14 -61.06 -1.77
CA ILE C 425 20.88 -60.34 -1.73
C ILE C 425 20.04 -60.59 -2.97
N ALA C 426 20.64 -61.08 -4.05
CA ALA C 426 19.88 -61.40 -5.26
C ALA C 426 19.10 -62.69 -5.15
N HIS C 427 19.41 -63.53 -4.16
CA HIS C 427 18.75 -64.82 -3.99
C HIS C 427 17.74 -64.83 -2.85
N VAL C 428 17.56 -63.70 -2.15
CA VAL C 428 16.61 -63.60 -1.06
C VAL C 428 15.45 -62.73 -1.50
N THR C 429 14.37 -62.74 -0.70
CA THR C 429 13.21 -61.92 -1.00
C THR C 429 13.56 -60.45 -0.87
N GLN C 430 13.02 -59.64 -1.79
CA GLN C 430 13.27 -58.21 -1.75
C GLN C 430 12.72 -57.58 -0.48
N THR C 431 11.60 -58.08 0.02
CA THR C 431 10.98 -57.50 1.21
C THR C 431 11.88 -57.66 2.43
N SER C 432 12.39 -58.89 2.65
CA SER C 432 13.27 -59.12 3.78
C SER C 432 14.59 -58.37 3.63
N LEU C 433 15.10 -58.30 2.40
CA LEU C 433 16.34 -57.57 2.13
C LEU C 433 16.19 -56.10 2.50
N ARG C 434 15.15 -55.44 1.96
CA ARG C 434 14.95 -54.02 2.23
C ARG C 434 14.48 -53.75 3.64
N ALA C 435 13.92 -54.75 4.33
CA ALA C 435 13.55 -54.56 5.73
C ALA C 435 14.77 -54.49 6.64
N ALA C 436 15.87 -55.12 6.24
CA ALA C 436 17.11 -55.10 7.00
C ALA C 436 17.95 -53.85 6.75
N LEU C 437 17.54 -52.98 5.84
CA LEU C 437 18.30 -51.80 5.47
C LEU C 437 17.46 -50.54 5.69
N GLY C 438 18.06 -49.55 6.33
CA GLY C 438 17.46 -48.23 6.43
C GLY C 438 18.38 -47.21 5.79
N ILE C 439 17.80 -46.18 5.19
CA ILE C 439 18.58 -45.20 4.43
C ILE C 439 18.03 -43.81 4.69
N VAL C 440 18.96 -42.86 4.82
CA VAL C 440 18.65 -41.44 4.83
C VAL C 440 19.33 -40.80 3.62
N PRO C 441 18.59 -40.55 2.55
CA PRO C 441 19.19 -40.04 1.32
C PRO C 441 19.46 -38.54 1.41
N GLN C 442 20.09 -38.01 0.35
CA GLN C 442 20.42 -36.59 0.31
C GLN C 442 19.16 -35.73 0.29
N ASP C 443 18.26 -35.99 -0.65
CA ASP C 443 17.02 -35.23 -0.78
C ASP C 443 15.90 -36.06 -0.16
N SER C 444 15.53 -35.73 1.07
CA SER C 444 14.46 -36.43 1.77
C SER C 444 13.13 -35.73 1.53
N VAL C 445 12.10 -36.51 1.25
CA VAL C 445 10.78 -35.99 0.93
C VAL C 445 9.85 -36.30 2.09
N LEU C 446 8.93 -35.38 2.37
CA LEU C 446 7.92 -35.57 3.41
C LEU C 446 6.58 -35.84 2.75
N PHE C 447 5.83 -36.78 3.30
CA PHE C 447 4.49 -37.05 2.81
C PHE C 447 3.52 -35.99 3.32
N ASN C 448 2.46 -35.77 2.54
CA ASN C 448 1.47 -34.73 2.85
C ASN C 448 0.49 -35.27 3.87
N ASP C 449 0.91 -35.22 5.14
CA ASP C 449 0.14 -35.71 6.27
C ASP C 449 0.79 -35.15 7.54
N THR C 450 0.36 -35.64 8.69
CA THR C 450 0.86 -35.13 9.96
C THR C 450 2.28 -35.63 10.22
N ILE C 451 2.96 -34.99 11.17
CA ILE C 451 4.30 -35.42 11.56
C ILE C 451 4.25 -36.81 12.15
N GLY C 452 3.19 -37.12 12.90
CA GLY C 452 3.05 -38.46 13.44
C GLY C 452 3.03 -39.52 12.35
N TYR C 453 2.29 -39.25 11.26
CA TYR C 453 2.27 -40.18 10.14
C TYR C 453 3.63 -40.23 9.45
N ASN C 454 4.28 -39.08 9.27
CA ASN C 454 5.58 -39.06 8.59
C ASN C 454 6.63 -39.84 9.36
N ILE C 455 6.55 -39.83 10.69
CA ILE C 455 7.49 -40.60 11.49
C ILE C 455 7.10 -42.07 11.54
N ALA C 456 5.80 -42.36 11.70
CA ALA C 456 5.34 -43.74 11.72
C ALA C 456 5.50 -44.44 10.37
N TYR C 457 5.76 -43.68 9.30
CA TYR C 457 5.96 -44.26 7.98
C TYR C 457 7.12 -45.26 7.95
N GLY C 458 7.98 -45.26 8.97
CA GLY C 458 9.12 -46.16 8.96
C GLY C 458 8.72 -47.62 8.94
N ARG C 459 7.66 -47.99 9.67
CA ARG C 459 7.20 -49.36 9.72
C ARG C 459 5.69 -49.40 9.50
N ASP C 460 5.22 -50.51 8.93
CA ASP C 460 3.81 -50.65 8.59
C ASP C 460 2.95 -50.57 9.85
N GLY C 461 2.99 -51.60 10.68
CA GLY C 461 2.27 -51.62 11.93
C GLY C 461 2.85 -50.74 13.03
N ALA C 462 3.52 -49.64 12.66
CA ALA C 462 4.21 -48.81 13.65
C ALA C 462 3.25 -48.31 14.72
N SER C 463 3.60 -48.57 15.98
CA SER C 463 2.80 -48.15 17.12
C SER C 463 3.19 -46.75 17.58
N ARG C 464 2.38 -46.20 18.49
CA ARG C 464 2.71 -44.90 19.08
C ARG C 464 4.01 -44.96 19.87
N ALA C 465 4.25 -46.08 20.56
CA ALA C 465 5.44 -46.20 21.38
C ALA C 465 6.71 -46.21 20.53
N GLU C 466 6.68 -46.92 19.40
CA GLU C 466 7.84 -46.93 18.50
C GLU C 466 8.08 -45.55 17.92
N VAL C 467 7.02 -44.82 17.57
CA VAL C 467 7.15 -43.48 17.04
C VAL C 467 7.79 -42.55 18.07
N ASP C 468 7.31 -42.63 19.32
CA ASP C 468 7.90 -41.79 20.37
C ASP C 468 9.34 -42.17 20.64
N ALA C 469 9.66 -43.47 20.66
CA ALA C 469 11.04 -43.88 20.89
C ALA C 469 11.96 -43.38 19.79
N ALA C 470 11.50 -43.41 18.54
CA ALA C 470 12.31 -42.91 17.44
C ALA C 470 12.47 -41.40 17.50
N ALA C 471 11.38 -40.68 17.80
CA ALA C 471 11.47 -39.22 17.96
C ALA C 471 12.38 -38.85 19.12
N LYS C 472 12.48 -39.71 20.13
CA LYS C 472 13.41 -39.49 21.22
C LYS C 472 14.85 -39.75 20.78
N GLY C 473 15.06 -40.82 20.01
CA GLY C 473 16.40 -41.11 19.52
C GLY C 473 16.88 -40.13 18.47
N ALA C 474 15.95 -39.52 17.73
CA ALA C 474 16.29 -38.53 16.72
C ALA C 474 16.37 -37.11 17.27
N ALA C 475 16.16 -36.94 18.58
CA ALA C 475 16.22 -35.63 19.23
C ALA C 475 15.24 -34.64 18.61
N ILE C 476 14.03 -35.11 18.29
CA ILE C 476 12.98 -34.29 17.71
C ILE C 476 11.70 -34.31 18.52
N ALA C 477 11.65 -35.10 19.59
CA ALA C 477 10.43 -35.18 20.40
C ALA C 477 10.11 -33.83 21.05
N ASP C 478 11.13 -33.11 21.50
CA ASP C 478 10.91 -31.79 22.09
C ASP C 478 10.39 -30.80 21.05
N PHE C 479 10.90 -30.87 19.82
CA PHE C 479 10.42 -29.99 18.77
C PHE C 479 8.94 -30.24 18.48
N ILE C 480 8.52 -31.51 18.51
CA ILE C 480 7.11 -31.83 18.30
C ILE C 480 6.27 -31.40 19.50
N ALA C 481 6.84 -31.48 20.70
CA ALA C 481 6.10 -31.08 21.90
C ALA C 481 5.74 -29.61 21.87
N ARG C 482 6.59 -28.77 21.28
CA ARG C 482 6.31 -27.34 21.19
C ARG C 482 5.26 -27.01 20.14
N LEU C 483 4.88 -27.96 19.30
CA LEU C 483 3.83 -27.74 18.32
C LEU C 483 2.46 -27.80 19.00
N PRO C 484 1.51 -26.99 18.54
CA PRO C 484 0.18 -26.99 19.20
C PRO C 484 -0.52 -28.33 19.13
N GLN C 485 -0.57 -28.96 17.96
CA GLN C 485 -1.26 -30.23 17.79
C GLN C 485 -0.35 -31.43 17.99
N GLY C 486 0.93 -31.23 18.29
CA GLY C 486 1.82 -32.35 18.53
C GLY C 486 2.00 -33.21 17.30
N TYR C 487 1.80 -34.53 17.47
CA TYR C 487 1.95 -35.47 16.37
C TYR C 487 0.89 -35.33 15.30
N ASP C 488 -0.19 -34.59 15.56
CA ASP C 488 -1.23 -34.37 14.58
C ASP C 488 -1.00 -33.09 13.77
N THR C 489 0.14 -32.45 13.94
CA THR C 489 0.47 -31.24 13.19
C THR C 489 0.76 -31.60 11.73
N GLU C 490 0.01 -31.01 10.81
CA GLU C 490 0.23 -31.23 9.39
C GLU C 490 1.51 -30.53 8.94
N VAL C 491 2.25 -31.18 8.04
CA VAL C 491 3.53 -30.68 7.55
C VAL C 491 3.67 -30.98 6.07
N GLY C 492 4.84 -30.62 5.52
CA GLY C 492 5.14 -30.75 4.12
C GLY C 492 4.56 -29.60 3.33
N GLU C 493 4.55 -29.78 2.01
CA GLU C 493 3.88 -28.84 1.13
C GLU C 493 2.38 -28.88 1.38
N ARG C 494 1.72 -27.75 1.12
CA ARG C 494 0.34 -27.47 1.54
C ARG C 494 0.14 -27.63 3.05
N GLY C 495 1.24 -27.55 3.80
CA GLY C 495 1.21 -27.63 5.24
C GLY C 495 2.35 -26.83 5.87
N LEU C 496 2.58 -27.04 7.17
CA LEU C 496 3.67 -26.36 7.85
C LEU C 496 5.01 -26.76 7.24
N LYS C 497 5.83 -25.76 6.94
CA LYS C 497 7.15 -25.99 6.35
C LYS C 497 8.18 -26.21 7.45
N LEU C 498 9.08 -27.17 7.21
CA LEU C 498 10.14 -27.53 8.12
C LEU C 498 11.49 -27.21 7.48
N SER C 499 12.44 -26.80 8.32
CA SER C 499 13.78 -26.53 7.82
C SER C 499 14.47 -27.81 7.36
N GLY C 500 15.56 -27.64 6.61
CA GLY C 500 16.29 -28.79 6.12
C GLY C 500 16.76 -29.71 7.23
N GLY C 501 17.26 -29.13 8.32
CA GLY C 501 17.65 -29.96 9.46
C GLY C 501 16.46 -30.69 10.05
N GLU C 502 15.31 -30.03 10.11
CA GLU C 502 14.10 -30.68 10.60
C GLU C 502 13.66 -31.81 9.68
N LYS C 503 13.76 -31.61 8.36
CA LYS C 503 13.42 -32.68 7.42
C LYS C 503 14.35 -33.87 7.59
N GLN C 504 15.66 -33.61 7.73
CA GLN C 504 16.60 -34.71 7.92
C GLN C 504 16.35 -35.43 9.24
N ARG C 505 15.98 -34.69 10.29
CA ARG C 505 15.67 -35.33 11.56
C ARG C 505 14.41 -36.18 11.46
N VAL C 506 13.41 -35.71 10.72
CA VAL C 506 12.21 -36.53 10.50
C VAL C 506 12.56 -37.79 9.74
N ALA C 507 13.45 -37.69 8.75
CA ALA C 507 13.88 -38.88 8.02
C ALA C 507 14.61 -39.86 8.93
N ILE C 508 15.48 -39.34 9.79
CA ILE C 508 16.20 -40.19 10.73
C ILE C 508 15.23 -40.87 11.69
N ALA C 509 14.24 -40.13 12.18
CA ALA C 509 13.24 -40.73 13.06
C ALA C 509 12.42 -41.79 12.35
N ARG C 510 12.13 -41.58 11.05
CA ARG C 510 11.46 -42.60 10.26
C ARG C 510 12.29 -43.88 10.18
N THR C 511 13.57 -43.73 9.82
CA THR C 511 14.44 -44.90 9.74
C THR C 511 14.59 -45.58 11.10
N LEU C 512 14.55 -44.81 12.19
CA LEU C 512 14.59 -45.40 13.52
C LEU C 512 13.30 -46.18 13.82
N VAL C 513 12.15 -45.65 13.39
CA VAL C 513 10.90 -46.40 13.50
C VAL C 513 11.04 -47.73 12.77
N LYS C 514 11.67 -47.72 11.60
CA LYS C 514 11.89 -48.98 10.89
C LYS C 514 12.78 -49.93 11.70
N ASN C 515 13.76 -49.37 12.43
CA ASN C 515 14.70 -50.12 13.26
C ASN C 515 15.42 -51.21 12.48
N PRO C 516 16.23 -50.86 11.49
CA PRO C 516 16.93 -51.87 10.72
C PRO C 516 18.31 -52.15 11.30
N PRO C 517 18.85 -53.35 11.09
CA PRO C 517 20.20 -53.64 11.60
C PRO C 517 21.30 -52.89 10.85
N ILE C 518 21.07 -52.48 9.61
CA ILE C 518 22.06 -51.80 8.80
C ILE C 518 21.50 -50.43 8.40
N LEU C 519 22.35 -49.40 8.52
CA LEU C 519 21.97 -48.03 8.26
C LEU C 519 22.92 -47.42 7.23
N LEU C 520 22.33 -46.67 6.30
CA LEU C 520 23.07 -45.97 5.26
C LEU C 520 22.67 -44.51 5.31
N PHE C 521 23.66 -43.63 5.44
CA PHE C 521 23.42 -42.19 5.41
C PHE C 521 24.05 -41.67 4.12
N ASP C 522 23.24 -41.50 3.08
CA ASP C 522 23.75 -41.13 1.77
C ASP C 522 23.69 -39.62 1.69
N GLU C 523 24.79 -38.97 2.07
CA GLU C 523 24.89 -37.51 2.02
C GLU C 523 23.78 -36.84 2.82
N ALA C 524 23.58 -37.30 4.05
CA ALA C 524 22.48 -36.79 4.87
C ALA C 524 22.70 -35.34 5.31
N THR C 525 23.94 -34.92 5.55
CA THR C 525 24.21 -33.57 6.07
C THR C 525 24.84 -32.67 5.04
N SER C 526 24.77 -33.05 3.77
CA SER C 526 25.40 -32.36 2.68
C SER C 526 24.75 -31.03 2.34
N CYS C 527 23.60 -30.68 2.92
CA CYS C 527 22.87 -29.50 2.47
C CYS C 527 22.35 -28.65 3.64
N LEU C 528 22.99 -28.75 4.80
CA LEU C 528 22.63 -28.01 6.00
C LEU C 528 23.68 -26.96 6.36
N ASP C 529 23.35 -26.15 7.37
CA ASP C 529 24.29 -25.19 7.93
C ASP C 529 25.18 -25.91 8.94
N THR C 530 26.22 -25.20 9.39
CA THR C 530 27.29 -25.87 10.14
C THR C 530 26.82 -26.39 11.49
N ARG C 531 26.16 -25.56 12.29
CA ARG C 531 25.76 -25.99 13.63
C ARG C 531 24.73 -27.11 13.57
N THR C 532 23.74 -26.98 12.68
CA THR C 532 22.77 -28.05 12.50
C THR C 532 23.45 -29.31 11.98
N GLU C 533 24.46 -29.15 11.11
CA GLU C 533 25.20 -30.31 10.62
C GLU C 533 25.87 -31.05 11.77
N GLN C 534 26.54 -30.31 12.66
CA GLN C 534 27.21 -30.95 13.79
C GLN C 534 26.20 -31.60 14.74
N ASP C 535 25.08 -30.93 14.99
CA ASP C 535 24.07 -31.50 15.88
C ASP C 535 23.53 -32.82 15.30
N ILE C 536 23.20 -32.83 14.01
CA ILE C 536 22.64 -34.03 13.42
C ILE C 536 23.72 -35.11 13.23
N LEU C 537 24.98 -34.71 13.11
CA LEU C 537 26.05 -35.70 13.07
C LEU C 537 26.25 -36.36 14.43
N SER C 538 26.14 -35.58 15.51
CA SER C 538 26.15 -36.17 16.84
C SER C 538 24.96 -37.10 17.03
N THR C 539 23.80 -36.72 16.50
CA THR C 539 22.63 -37.61 16.55
C THR C 539 22.90 -38.91 15.78
N MET C 540 23.55 -38.80 14.62
CA MET C 540 23.89 -40.00 13.84
C MET C 540 24.88 -40.89 14.60
N ARG C 541 25.86 -40.27 15.26
CA ARG C 541 26.79 -41.05 16.07
C ARG C 541 26.06 -41.76 17.21
N ALA C 542 25.03 -41.10 17.76
CA ALA C 542 24.27 -41.72 18.84
C ALA C 542 23.43 -42.90 18.35
N VAL C 543 22.75 -42.73 17.21
CA VAL C 543 21.88 -43.79 16.70
C VAL C 543 22.66 -44.98 16.14
N ALA C 544 23.97 -44.83 15.93
CA ALA C 544 24.82 -45.89 15.40
C ALA C 544 25.41 -46.78 16.48
N SER C 545 24.72 -46.92 17.62
CA SER C 545 25.29 -47.63 18.76
C SER C 545 25.61 -49.08 18.43
N HIS C 546 24.59 -49.88 18.11
CA HIS C 546 24.75 -51.31 17.91
C HIS C 546 24.37 -51.73 16.48
N ARG C 547 24.49 -50.82 15.53
CA ARG C 547 24.14 -51.10 14.14
C ARG C 547 25.38 -50.95 13.26
N THR C 548 25.36 -51.65 12.12
CA THR C 548 26.34 -51.40 11.08
C THR C 548 25.95 -50.12 10.35
N THR C 549 26.88 -49.19 10.25
CA THR C 549 26.61 -47.86 9.72
C THR C 549 27.56 -47.54 8.58
N ILE C 550 27.01 -47.12 7.45
CA ILE C 550 27.79 -46.67 6.30
C ILE C 550 27.38 -45.25 5.98
N SER C 551 28.30 -44.30 6.11
CA SER C 551 28.04 -42.88 5.89
C SER C 551 28.74 -42.45 4.61
N ILE C 552 27.97 -42.17 3.57
CA ILE C 552 28.49 -41.71 2.29
C ILE C 552 28.45 -40.19 2.32
N ALA C 553 29.61 -39.57 2.51
CA ALA C 553 29.70 -38.12 2.64
C ALA C 553 30.77 -37.58 1.70
N HIS C 554 30.51 -36.40 1.13
CA HIS C 554 31.50 -35.78 0.27
C HIS C 554 32.52 -34.99 1.07
N ARG C 555 32.10 -34.35 2.16
CA ARG C 555 32.98 -33.53 2.98
C ARG C 555 33.70 -34.44 3.97
N LEU C 556 35.02 -34.52 3.84
CA LEU C 556 35.79 -35.50 4.60
C LEU C 556 35.79 -35.21 6.10
N SER C 557 35.70 -33.93 6.48
CA SER C 557 35.76 -33.59 7.90
C SER C 557 34.59 -34.18 8.68
N THR C 558 33.46 -34.41 8.01
CA THR C 558 32.27 -34.93 8.69
C THR C 558 32.37 -36.41 9.03
N ILE C 559 33.29 -37.15 8.40
CA ILE C 559 33.37 -38.59 8.59
C ILE C 559 34.78 -39.01 8.98
N ALA C 560 35.58 -38.05 9.44
CA ALA C 560 36.97 -38.36 9.77
C ALA C 560 37.07 -39.32 10.96
N ASP C 561 36.08 -39.33 11.84
CA ASP C 561 36.09 -40.18 13.02
C ASP C 561 35.52 -41.57 12.76
N SER C 562 35.30 -41.94 11.50
CA SER C 562 34.76 -43.25 11.18
C SER C 562 35.77 -44.34 11.49
N ASP C 563 35.25 -45.55 11.74
CA ASP C 563 36.14 -46.69 11.99
C ASP C 563 36.99 -47.00 10.77
N THR C 564 36.41 -46.90 9.57
CA THR C 564 37.21 -47.06 8.36
C THR C 564 36.59 -46.25 7.23
N ILE C 565 37.42 -45.96 6.22
CA ILE C 565 37.04 -45.10 5.11
C ILE C 565 37.39 -45.80 3.80
N LEU C 566 36.42 -45.87 2.89
CA LEU C 566 36.61 -46.42 1.55
C LEU C 566 36.61 -45.27 0.55
N VAL C 567 37.71 -45.14 -0.19
CA VAL C 567 37.88 -44.09 -1.18
C VAL C 567 37.62 -44.69 -2.55
N LEU C 568 36.69 -44.08 -3.30
CA LEU C 568 36.30 -44.57 -4.61
C LEU C 568 36.80 -43.60 -5.68
N ASP C 569 37.40 -44.15 -6.74
CA ASP C 569 37.83 -43.36 -7.88
C ASP C 569 37.56 -44.13 -9.15
N GLN C 570 36.88 -43.50 -10.11
CA GLN C 570 36.60 -44.09 -11.41
C GLN C 570 35.92 -45.46 -11.28
N GLY C 571 35.05 -45.58 -10.28
CA GLY C 571 34.33 -46.82 -10.07
C GLY C 571 35.15 -47.96 -9.49
N ARG C 572 36.31 -47.66 -8.90
CA ARG C 572 37.12 -48.67 -8.27
C ARG C 572 37.52 -48.21 -6.87
N LEU C 573 38.00 -49.17 -6.08
CA LEU C 573 38.44 -48.90 -4.72
C LEU C 573 39.91 -48.47 -4.76
N ALA C 574 40.15 -47.18 -4.56
CA ALA C 574 41.52 -46.67 -4.64
C ALA C 574 42.26 -46.87 -3.33
N GLU C 575 41.63 -46.53 -2.20
CA GLU C 575 42.30 -46.57 -0.91
C GLU C 575 41.33 -47.08 0.15
N GLN C 576 41.89 -47.72 1.16
CA GLN C 576 41.10 -48.29 2.26
C GLN C 576 41.91 -48.19 3.54
N GLY C 577 41.26 -47.80 4.62
CA GLY C 577 41.91 -47.73 5.92
C GLY C 577 41.31 -46.62 6.76
N SER C 578 41.90 -46.47 7.95
CA SER C 578 41.46 -45.44 8.87
C SER C 578 41.92 -44.06 8.40
N HIS C 579 41.41 -43.03 9.07
CA HIS C 579 41.74 -41.65 8.71
C HIS C 579 43.24 -41.40 8.82
N LEU C 580 43.85 -41.80 9.93
CA LEU C 580 45.28 -41.59 10.11
C LEU C 580 46.10 -42.40 9.11
N ASP C 581 45.70 -43.65 8.87
CA ASP C 581 46.41 -44.48 7.90
C ASP C 581 46.33 -43.88 6.50
N LEU C 582 45.13 -43.45 6.10
CA LEU C 582 44.97 -42.88 4.76
C LEU C 582 45.71 -41.57 4.62
N LEU C 583 45.75 -40.75 5.67
CA LEU C 583 46.56 -39.53 5.62
C LEU C 583 48.04 -39.86 5.50
N ARG C 584 48.50 -40.90 6.20
CA ARG C 584 49.90 -41.30 6.12
C ARG C 584 50.25 -41.89 4.77
N ARG C 585 49.28 -42.49 4.07
CA ARG C 585 49.56 -43.11 2.78
C ARG C 585 49.86 -42.08 1.70
N ASP C 586 49.49 -40.81 1.90
CA ASP C 586 49.77 -39.73 0.95
C ASP C 586 49.20 -40.04 -0.44
N GLY C 587 47.95 -40.48 -0.46
CA GLY C 587 47.30 -40.80 -1.71
C GLY C 587 46.20 -39.85 -2.12
N LEU C 588 45.13 -40.40 -2.70
CA LEU C 588 44.02 -39.56 -3.18
C LEU C 588 43.24 -38.97 -2.01
N TYR C 589 42.92 -39.79 -1.00
CA TYR C 589 42.24 -39.28 0.19
C TYR C 589 43.07 -38.21 0.87
N ALA C 590 44.39 -38.41 0.95
CA ALA C 590 45.25 -37.41 1.55
C ALA C 590 45.24 -36.12 0.74
N GLU C 591 45.19 -36.24 -0.59
CA GLU C 591 45.13 -35.04 -1.43
C GLU C 591 43.83 -34.27 -1.21
N MET C 592 42.70 -34.99 -1.15
CA MET C 592 41.41 -34.33 -0.92
C MET C 592 41.37 -33.66 0.45
N TRP C 593 41.82 -34.38 1.49
CA TRP C 593 41.86 -33.81 2.82
C TRP C 593 42.81 -32.60 2.87
N ALA C 594 43.92 -32.67 2.14
CA ALA C 594 44.86 -31.56 2.11
C ALA C 594 44.26 -30.35 1.41
N ARG C 595 43.49 -30.56 0.35
CA ARG C 595 42.82 -29.44 -0.31
C ARG C 595 41.80 -28.77 0.61
N GLN C 596 41.01 -29.57 1.33
CA GLN C 596 40.05 -28.96 2.24
C GLN C 596 40.75 -28.29 3.41
N ALA C 597 41.85 -28.88 3.88
CA ALA C 597 42.65 -28.27 4.94
C ALA C 597 43.27 -26.96 4.47
N ALA C 598 43.70 -26.91 3.21
CA ALA C 598 44.29 -25.69 2.64
C ALA C 598 43.26 -24.59 2.56
N GLU C 599 42.02 -24.91 2.19
CA GLU C 599 40.99 -23.87 2.24
C GLU C 599 40.72 -23.43 3.67
N SER C 600 40.68 -24.38 4.62
CA SER C 600 40.38 -24.02 6.00
C SER C 600 41.51 -23.20 6.64
N ALA C 601 42.75 -23.41 6.21
CA ALA C 601 43.89 -22.76 6.87
C ALA C 601 44.04 -21.31 6.44
N GLU C 602 43.81 -21.03 5.16
CA GLU C 602 43.88 -19.66 4.66
C GLU C 602 42.71 -19.37 3.72
N ARG D 13 -29.52 -5.81 -9.02
CA ARG D 13 -28.32 -6.56 -8.64
C ARG D 13 -27.13 -6.12 -9.49
N HIS D 14 -25.97 -5.97 -8.86
CA HIS D 14 -24.78 -5.48 -9.54
C HIS D 14 -23.55 -6.27 -9.12
N ASP D 15 -23.65 -7.60 -9.09
CA ASP D 15 -22.50 -8.45 -8.88
C ASP D 15 -22.18 -9.28 -10.12
N GLY D 16 -23.10 -10.15 -10.54
CA GLY D 16 -22.93 -10.81 -11.81
C GLY D 16 -23.12 -9.87 -12.97
N TRP D 17 -24.01 -8.89 -12.80
CA TRP D 17 -24.18 -7.87 -13.82
C TRP D 17 -22.95 -6.96 -13.89
N GLN D 18 -22.32 -6.69 -12.76
CA GLN D 18 -21.07 -5.92 -12.80
C GLN D 18 -19.98 -6.73 -13.51
N THR D 19 -19.91 -8.03 -13.26
CA THR D 19 -18.93 -8.87 -13.94
C THR D 19 -19.17 -8.87 -15.45
N LEU D 20 -20.43 -9.05 -15.86
CA LEU D 20 -20.74 -9.05 -17.29
C LEU D 20 -20.47 -7.69 -17.92
N LYS D 21 -20.80 -6.61 -17.21
CA LYS D 21 -20.53 -5.27 -17.72
C LYS D 21 -19.04 -5.02 -17.86
N ARG D 22 -18.24 -5.57 -16.95
CA ARG D 22 -16.79 -5.43 -17.06
C ARG D 22 -16.25 -6.24 -18.23
N PHE D 23 -16.84 -7.41 -18.50
CA PHE D 23 -16.37 -8.21 -19.63
C PHE D 23 -16.80 -7.62 -20.97
N LEU D 24 -17.96 -6.96 -21.02
CA LEU D 24 -18.49 -6.47 -22.28
C LEU D 24 -17.53 -5.64 -23.12
N PRO D 25 -16.69 -4.75 -22.56
CA PRO D 25 -15.70 -4.07 -23.41
C PRO D 25 -14.78 -5.03 -24.16
N TYR D 26 -14.47 -6.19 -23.59
CA TYR D 26 -13.64 -7.15 -24.30
C TYR D 26 -14.41 -7.79 -25.45
N LEU D 27 -15.69 -8.10 -25.25
CA LEU D 27 -16.50 -8.67 -26.32
C LEU D 27 -16.78 -7.63 -27.40
N TRP D 28 -16.80 -6.35 -27.03
CA TRP D 28 -16.98 -5.24 -27.97
C TRP D 28 -15.72 -4.38 -27.90
N PRO D 29 -14.66 -4.79 -28.60
CA PRO D 29 -13.34 -4.16 -28.36
C PRO D 29 -13.27 -2.69 -28.75
N ALA D 30 -14.13 -2.21 -29.64
CA ALA D 30 -14.16 -0.83 -30.11
C ALA D 30 -12.85 -0.41 -30.78
N ASP D 31 -11.94 -1.35 -31.03
CA ASP D 31 -10.70 -1.09 -31.74
C ASP D 31 -10.51 -1.99 -32.95
N ASN D 32 -11.18 -3.13 -33.03
CA ASN D 32 -11.07 -4.04 -34.15
C ASN D 32 -12.39 -3.98 -34.93
N ALA D 33 -12.35 -3.30 -36.08
CA ALA D 33 -13.47 -3.31 -37.01
C ALA D 33 -13.96 -4.72 -37.28
N VAL D 34 -13.05 -5.59 -37.72
CA VAL D 34 -13.39 -6.96 -38.12
C VAL D 34 -14.17 -7.66 -37.00
N LEU D 35 -13.76 -7.47 -35.75
CA LEU D 35 -14.41 -8.16 -34.64
C LEU D 35 -15.82 -7.62 -34.40
N ARG D 36 -16.01 -6.30 -34.51
CA ARG D 36 -17.35 -5.74 -34.37
C ARG D 36 -18.27 -6.21 -35.49
N ARG D 37 -17.74 -6.26 -36.72
CA ARG D 37 -18.50 -6.81 -37.84
C ARG D 37 -18.86 -8.26 -37.58
N ARG D 38 -17.95 -9.03 -36.99
CA ARG D 38 -18.24 -10.42 -36.67
C ARG D 38 -19.33 -10.53 -35.60
N VAL D 39 -19.30 -9.65 -34.61
CA VAL D 39 -20.36 -9.67 -33.59
C VAL D 39 -21.71 -9.35 -34.22
N VAL D 40 -21.74 -8.36 -35.12
CA VAL D 40 -23.00 -8.01 -35.79
C VAL D 40 -23.49 -9.18 -36.63
N GLY D 41 -22.58 -9.82 -37.38
CA GLY D 41 -22.97 -10.97 -38.17
C GLY D 41 -23.46 -12.12 -37.33
N ALA D 42 -22.84 -12.33 -36.16
CA ALA D 42 -23.28 -13.38 -35.26
C ALA D 42 -24.68 -13.11 -34.73
N ILE D 43 -24.98 -11.86 -34.38
CA ILE D 43 -26.33 -11.52 -33.94
C ILE D 43 -27.34 -11.74 -35.07
N LEU D 44 -26.96 -11.35 -36.29
CA LEU D 44 -27.84 -11.57 -37.43
C LEU D 44 -28.09 -13.06 -37.67
N MET D 45 -27.05 -13.88 -37.50
CA MET D 45 -27.23 -15.32 -37.66
C MET D 45 -28.10 -15.91 -36.55
N VAL D 46 -27.96 -15.41 -35.33
CA VAL D 46 -28.86 -15.81 -34.25
C VAL D 46 -30.31 -15.53 -34.64
N LEU D 47 -30.57 -14.31 -35.12
CA LEU D 47 -31.93 -13.94 -35.49
C LEU D 47 -32.45 -14.81 -36.63
N LEU D 48 -31.63 -15.03 -37.65
CA LEU D 48 -32.06 -15.84 -38.79
C LEU D 48 -32.35 -17.28 -38.37
N GLY D 49 -31.47 -17.87 -37.56
CA GLY D 49 -31.69 -19.23 -37.11
C GLY D 49 -32.93 -19.39 -36.27
N LYS D 50 -33.16 -18.44 -35.35
CA LYS D 50 -34.38 -18.50 -34.54
C LYS D 50 -35.62 -18.34 -35.41
N ALA D 51 -35.58 -17.41 -36.36
CA ALA D 51 -36.72 -17.22 -37.26
C ALA D 51 -37.01 -18.48 -38.07
N THR D 52 -35.95 -19.14 -38.55
CA THR D 52 -36.16 -20.36 -39.35
C THR D 52 -36.70 -21.50 -38.49
N THR D 53 -36.15 -21.69 -37.29
CA THR D 53 -36.64 -22.74 -36.41
C THR D 53 -38.05 -22.47 -35.90
N LEU D 54 -38.48 -21.21 -35.88
CA LEU D 54 -39.87 -20.92 -35.55
C LEU D 54 -40.78 -21.05 -36.76
N ALA D 55 -40.26 -20.81 -37.97
CA ALA D 55 -41.08 -20.86 -39.16
C ALA D 55 -41.34 -22.28 -39.65
N LEU D 56 -40.35 -23.18 -39.50
CA LEU D 56 -40.53 -24.53 -40.04
C LEU D 56 -41.72 -25.29 -39.43
N PRO D 57 -42.07 -25.16 -38.15
CA PRO D 57 -43.28 -25.84 -37.68
C PRO D 57 -44.54 -25.26 -38.27
N PHE D 58 -44.55 -23.97 -38.64
CA PHE D 58 -45.67 -23.42 -39.39
C PHE D 58 -45.80 -24.10 -40.74
N ALA D 59 -44.67 -24.37 -41.40
CA ALA D 59 -44.70 -25.11 -42.65
C ALA D 59 -45.24 -26.51 -42.45
N TYR D 60 -44.85 -27.16 -41.35
CA TYR D 60 -45.39 -28.49 -41.07
C TYR D 60 -46.89 -28.45 -40.82
N LYS D 61 -47.35 -27.47 -40.04
CA LYS D 61 -48.78 -27.33 -39.79
C LYS D 61 -49.55 -27.10 -41.08
N LYS D 62 -49.02 -26.25 -41.97
CA LYS D 62 -49.70 -26.00 -43.23
C LYS D 62 -49.67 -27.22 -44.14
N ALA D 63 -48.60 -28.00 -44.10
CA ALA D 63 -48.58 -29.26 -44.85
C ALA D 63 -49.67 -30.21 -44.35
N VAL D 64 -49.80 -30.33 -43.03
CA VAL D 64 -50.83 -31.19 -42.47
C VAL D 64 -52.21 -30.67 -42.83
N ASP D 65 -52.40 -29.34 -42.79
CA ASP D 65 -53.67 -28.75 -43.18
C ASP D 65 -54.01 -29.03 -44.64
N ALA D 66 -53.02 -28.92 -45.52
CA ALA D 66 -53.25 -29.23 -46.93
C ALA D 66 -53.56 -30.70 -47.13
N MET D 67 -52.98 -31.58 -46.31
CA MET D 67 -53.29 -32.99 -46.42
C MET D 67 -54.64 -33.35 -45.83
N THR D 68 -55.13 -32.56 -44.87
CA THR D 68 -56.39 -32.87 -44.21
C THR D 68 -57.58 -32.06 -44.71
N LEU D 69 -57.38 -30.88 -45.27
CA LEU D 69 -58.47 -30.11 -45.87
C LEU D 69 -58.23 -29.91 -47.35
N GLY D 70 -59.32 -29.82 -48.10
CA GLY D 70 -59.27 -29.58 -49.53
C GLY D 70 -59.64 -28.18 -49.95
N GLY D 71 -60.50 -27.54 -49.16
CA GLY D 71 -61.05 -26.23 -49.47
C GLY D 71 -60.09 -25.14 -49.90
N GLY D 72 -59.14 -24.79 -49.03
CA GLY D 72 -58.25 -23.69 -49.33
C GLY D 72 -57.43 -23.90 -50.59
N ALA D 73 -56.74 -25.03 -50.68
CA ALA D 73 -55.83 -25.32 -51.78
C ALA D 73 -56.33 -26.52 -52.56
N GLN D 74 -56.51 -26.34 -53.87
CA GLN D 74 -56.94 -27.46 -54.71
C GLN D 74 -55.82 -28.47 -54.94
N PRO D 75 -54.59 -28.09 -55.34
CA PRO D 75 -53.57 -29.13 -55.54
C PRO D 75 -52.98 -29.62 -54.22
N ALA D 76 -53.78 -30.43 -53.50
CA ALA D 76 -53.35 -30.97 -52.21
C ALA D 76 -52.03 -31.73 -52.31
N LEU D 77 -51.69 -32.30 -53.46
CA LEU D 77 -50.43 -33.02 -53.58
C LEU D 77 -49.25 -32.08 -53.74
N THR D 78 -49.41 -31.07 -54.60
CA THR D 78 -48.34 -30.11 -54.84
C THR D 78 -48.02 -29.32 -53.58
N VAL D 79 -49.06 -28.82 -52.90
CA VAL D 79 -48.85 -28.02 -51.70
C VAL D 79 -48.20 -28.86 -50.61
N ALA D 80 -48.63 -30.11 -50.44
CA ALA D 80 -48.05 -30.96 -49.42
C ALA D 80 -46.59 -31.28 -49.71
N LEU D 81 -46.27 -31.59 -50.97
CA LEU D 81 -44.88 -31.84 -51.33
C LEU D 81 -44.01 -30.61 -51.09
N ALA D 82 -44.47 -29.45 -51.56
CA ALA D 82 -43.72 -28.22 -51.38
C ALA D 82 -43.50 -27.92 -49.90
N PHE D 83 -44.52 -28.15 -49.07
CA PHE D 83 -44.40 -27.80 -47.67
C PHE D 83 -43.53 -28.78 -46.89
N VAL D 84 -43.54 -30.08 -47.23
CA VAL D 84 -42.64 -30.99 -46.53
C VAL D 84 -41.20 -30.73 -46.95
N LEU D 85 -40.98 -30.39 -48.23
CA LEU D 85 -39.64 -30.01 -48.66
C LEU D 85 -39.20 -28.72 -47.97
N ALA D 86 -40.13 -27.77 -47.79
CA ALA D 86 -39.80 -26.55 -47.07
C ALA D 86 -39.47 -26.83 -45.61
N TYR D 87 -40.18 -27.78 -44.98
CA TYR D 87 -39.88 -28.15 -43.61
C TYR D 87 -38.47 -28.72 -43.48
N ALA D 88 -38.10 -29.64 -44.38
CA ALA D 88 -36.76 -30.20 -44.34
C ALA D 88 -35.70 -29.14 -44.59
N LEU D 89 -35.92 -28.29 -45.60
CA LEU D 89 -34.97 -27.22 -45.87
C LEU D 89 -34.88 -26.24 -44.71
N GLY D 90 -35.98 -26.04 -43.98
CA GLY D 90 -35.94 -25.17 -42.82
C GLY D 90 -35.12 -25.76 -41.68
N ARG D 91 -35.27 -27.05 -41.44
CA ARG D 91 -34.41 -27.72 -40.46
C ARG D 91 -32.93 -27.55 -40.84
N PHE D 92 -32.61 -27.79 -42.11
CA PHE D 92 -31.23 -27.65 -42.57
C PHE D 92 -30.74 -26.22 -42.41
N SER D 93 -31.58 -25.24 -42.76
CA SER D 93 -31.17 -23.84 -42.68
C SER D 93 -31.00 -23.40 -41.23
N GLY D 94 -31.83 -23.93 -40.32
CA GLY D 94 -31.64 -23.61 -38.91
C GLY D 94 -30.32 -24.12 -38.38
N VAL D 95 -29.99 -25.38 -38.68
CA VAL D 95 -28.71 -25.91 -38.22
C VAL D 95 -27.56 -25.16 -38.88
N LEU D 96 -27.73 -24.80 -40.16
CA LEU D 96 -26.68 -24.05 -40.86
C LEU D 96 -26.45 -22.69 -40.21
N PHE D 97 -27.54 -21.98 -39.87
CA PHE D 97 -27.39 -20.70 -39.20
C PHE D 97 -26.75 -20.85 -37.83
N ASP D 98 -27.08 -21.92 -37.11
CA ASP D 98 -26.46 -22.15 -35.81
C ASP D 98 -24.95 -22.33 -35.95
N ASN D 99 -24.53 -23.17 -36.89
CA ASN D 99 -23.10 -23.39 -37.07
C ASN D 99 -22.39 -22.15 -37.61
N LEU D 100 -23.06 -21.39 -38.48
CA LEU D 100 -22.46 -20.16 -38.98
C LEU D 100 -22.27 -19.13 -37.88
N ARG D 101 -23.27 -18.98 -36.99
CA ARG D 101 -23.14 -18.04 -35.89
C ARG D 101 -22.03 -18.48 -34.93
N ASN D 102 -21.91 -19.79 -34.68
CA ASN D 102 -20.81 -20.27 -33.85
C ASN D 102 -19.46 -19.95 -34.48
N ILE D 103 -19.31 -20.25 -35.77
CA ILE D 103 -18.04 -20.01 -36.46
C ILE D 103 -17.69 -18.53 -36.45
N VAL D 104 -18.67 -17.67 -36.73
CA VAL D 104 -18.40 -16.24 -36.81
C VAL D 104 -18.01 -15.68 -35.44
N PHE D 105 -18.68 -16.13 -34.38
CA PHE D 105 -18.39 -15.57 -33.06
C PHE D 105 -17.15 -16.16 -32.39
N GLU D 106 -16.70 -17.34 -32.84
CA GLU D 106 -15.56 -17.97 -32.18
C GLU D 106 -14.31 -17.09 -32.20
N ARG D 107 -14.09 -16.35 -33.29
CA ARG D 107 -12.89 -15.52 -33.38
C ARG D 107 -12.92 -14.40 -32.34
N VAL D 108 -14.04 -13.66 -32.28
CA VAL D 108 -14.18 -12.61 -31.27
C VAL D 108 -14.04 -13.18 -29.87
N GLY D 109 -14.63 -14.35 -29.62
CA GLY D 109 -14.54 -14.92 -28.29
C GLY D 109 -13.11 -15.25 -27.91
N GLN D 110 -12.39 -15.94 -28.80
CA GLN D 110 -11.01 -16.31 -28.51
C GLN D 110 -10.13 -15.08 -28.33
N ASP D 111 -10.28 -14.07 -29.19
CA ASP D 111 -9.41 -12.90 -29.07
C ASP D 111 -9.70 -12.10 -27.81
N ALA D 112 -10.98 -11.91 -27.48
CA ALA D 112 -11.33 -11.17 -26.27
C ALA D 112 -10.82 -11.88 -25.03
N THR D 113 -11.02 -13.20 -24.97
CA THR D 113 -10.55 -13.96 -23.83
C THR D 113 -9.03 -14.00 -23.74
N ARG D 114 -8.34 -14.02 -24.88
CA ARG D 114 -6.88 -13.95 -24.86
C ARG D 114 -6.42 -12.62 -24.31
N HIS D 115 -7.08 -11.53 -24.69
CA HIS D 115 -6.71 -10.22 -24.16
C HIS D 115 -6.98 -10.14 -22.66
N LEU D 116 -8.09 -10.74 -22.21
CA LEU D 116 -8.39 -10.79 -20.78
C LEU D 116 -7.32 -11.55 -20.02
N ALA D 117 -6.92 -12.71 -20.54
CA ALA D 117 -5.87 -13.50 -19.88
C ALA D 117 -4.55 -12.73 -19.85
N GLU D 118 -4.23 -12.01 -20.93
CA GLU D 118 -3.00 -11.22 -20.95
C GLU D 118 -3.05 -10.12 -19.89
N ASN D 119 -4.20 -9.45 -19.75
CA ASN D 119 -4.33 -8.43 -18.72
C ASN D 119 -4.16 -9.04 -17.32
N VAL D 120 -4.78 -10.19 -17.08
CA VAL D 120 -4.65 -10.84 -15.77
C VAL D 120 -3.20 -11.19 -15.49
N PHE D 121 -2.49 -11.68 -16.51
CA PHE D 121 -1.08 -12.05 -16.35
C PHE D 121 -0.22 -10.82 -16.02
N ALA D 122 -0.40 -9.74 -16.80
CA ALA D 122 0.36 -8.52 -16.57
C ALA D 122 0.12 -7.97 -15.17
N ARG D 123 -1.14 -7.98 -14.71
CA ARG D 123 -1.42 -7.52 -13.36
C ARG D 123 -0.82 -8.46 -12.32
N LEU D 124 -0.82 -9.76 -12.60
CA LEU D 124 -0.22 -10.73 -11.68
C LEU D 124 1.27 -10.47 -11.49
N HIS D 125 1.96 -10.06 -12.56
CA HIS D 125 3.39 -9.79 -12.45
C HIS D 125 3.72 -8.63 -11.52
N LYS D 126 2.74 -7.79 -11.16
CA LYS D 126 3.02 -6.60 -10.36
C LYS D 126 3.06 -6.87 -8.85
N LEU D 127 2.61 -8.02 -8.38
CA LEU D 127 2.55 -8.31 -6.95
C LEU D 127 3.63 -9.32 -6.55
N SER D 128 4.22 -9.10 -5.38
CA SER D 128 5.33 -9.92 -4.90
C SER D 128 5.06 -10.61 -3.58
N LEU D 129 4.47 -9.91 -2.60
CA LEU D 129 4.31 -10.51 -1.27
C LEU D 129 3.30 -11.65 -1.29
N ARG D 130 2.17 -11.45 -1.99
CA ARG D 130 1.13 -12.48 -2.00
C ARG D 130 1.59 -13.77 -2.67
N PHE D 131 2.69 -13.73 -3.42
CA PHE D 131 3.24 -14.94 -4.02
C PHE D 131 3.83 -15.88 -2.98
N HIS D 132 4.25 -15.35 -1.82
CA HIS D 132 4.80 -16.20 -0.77
C HIS D 132 3.73 -17.11 -0.20
N LEU D 133 2.65 -16.54 0.33
CA LEU D 133 1.55 -17.32 0.85
C LEU D 133 0.72 -17.97 -0.25
N ALA D 134 1.03 -17.71 -1.51
CA ALA D 134 0.36 -18.37 -2.63
C ALA D 134 0.77 -19.83 -2.65
N ARG D 135 -0.19 -20.73 -2.40
CA ARG D 135 0.10 -22.15 -2.30
C ARG D 135 0.54 -22.71 -3.65
N ARG D 136 0.91 -23.99 -3.65
CA ARG D 136 1.47 -24.62 -4.84
C ARG D 136 0.40 -25.35 -5.66
N THR D 137 -0.23 -26.37 -5.08
CA THR D 137 -1.15 -27.21 -5.83
C THR D 137 -2.40 -26.43 -6.24
N GLY D 138 -2.98 -25.70 -5.29
CA GLY D 138 -4.16 -24.91 -5.60
C GLY D 138 -3.92 -23.89 -6.69
N GLU D 139 -2.80 -23.18 -6.61
CA GLU D 139 -2.51 -22.16 -7.61
C GLU D 139 -2.22 -22.78 -8.98
N VAL D 140 -1.49 -23.90 -9.02
CA VAL D 140 -1.21 -24.55 -10.30
C VAL D 140 -2.52 -25.00 -10.94
N THR D 141 -3.37 -25.70 -10.17
CA THR D 141 -4.64 -26.17 -10.72
C THR D 141 -5.52 -25.00 -11.16
N LYS D 142 -5.52 -23.91 -10.37
CA LYS D 142 -6.33 -22.75 -10.72
C LYS D 142 -5.86 -22.11 -12.02
N VAL D 143 -4.54 -21.92 -12.17
CA VAL D 143 -4.02 -21.30 -13.39
C VAL D 143 -4.27 -22.20 -14.59
N ILE D 144 -4.20 -23.52 -14.38
CA ILE D 144 -4.43 -24.44 -15.50
C ILE D 144 -5.91 -24.42 -15.91
N GLU D 145 -6.82 -24.37 -14.94
CA GLU D 145 -8.24 -24.48 -15.27
C GLU D 145 -8.86 -23.16 -15.69
N ARG D 146 -8.33 -22.03 -15.21
CA ARG D 146 -9.10 -20.79 -15.15
C ARG D 146 -9.56 -20.32 -16.53
N GLY D 147 -8.65 -20.32 -17.51
CA GLY D 147 -9.00 -19.78 -18.82
C GLY D 147 -10.18 -20.49 -19.45
N THR D 148 -10.10 -21.82 -19.54
CA THR D 148 -11.19 -22.59 -20.15
C THR D 148 -12.43 -22.61 -19.27
N LYS D 149 -12.25 -22.72 -17.94
CA LYS D 149 -13.34 -23.09 -17.05
C LYS D 149 -14.44 -22.04 -17.03
N SER D 150 -14.06 -20.78 -16.85
CA SER D 150 -15.05 -19.71 -16.76
C SER D 150 -15.51 -19.24 -18.13
N ILE D 151 -14.54 -19.02 -19.03
CA ILE D 151 -14.84 -18.39 -20.31
C ILE D 151 -15.71 -19.27 -21.20
N ASP D 152 -15.30 -20.51 -21.44
CA ASP D 152 -16.00 -21.34 -22.42
C ASP D 152 -17.43 -21.61 -22.00
N THR D 153 -17.61 -22.22 -20.83
CA THR D 153 -18.95 -22.61 -20.42
C THR D 153 -19.88 -21.41 -20.26
N MET D 154 -19.47 -20.42 -19.47
CA MET D 154 -20.35 -19.29 -19.20
C MET D 154 -20.62 -18.50 -20.47
N LEU D 155 -19.57 -18.12 -21.21
CA LEU D 155 -19.74 -17.27 -22.37
C LEU D 155 -20.58 -17.96 -23.44
N TYR D 156 -20.18 -19.18 -23.82
CA TYR D 156 -20.90 -19.92 -24.85
C TYR D 156 -22.34 -20.16 -24.45
N PHE D 157 -22.55 -20.73 -23.25
CA PHE D 157 -23.92 -21.05 -22.84
C PHE D 157 -24.78 -19.80 -22.78
N LEU D 158 -24.30 -18.74 -22.14
CA LEU D 158 -25.09 -17.51 -22.09
C LEU D 158 -25.44 -17.05 -23.50
N LEU D 159 -24.43 -16.68 -24.29
CA LEU D 159 -24.66 -15.98 -25.55
C LEU D 159 -25.36 -16.82 -26.60
N PHE D 160 -25.30 -18.16 -26.52
CA PHE D 160 -25.85 -18.97 -27.59
C PHE D 160 -26.92 -19.95 -27.11
N ASN D 161 -27.25 -19.97 -25.83
CA ASN D 161 -28.31 -20.79 -25.29
C ASN D 161 -29.35 -19.97 -24.54
N ILE D 162 -28.93 -19.00 -23.72
CA ILE D 162 -29.89 -18.23 -22.94
C ILE D 162 -30.61 -17.22 -23.83
N ALA D 163 -29.85 -16.38 -24.53
CA ALA D 163 -30.45 -15.36 -25.38
C ALA D 163 -31.32 -15.95 -26.49
N PRO D 164 -30.86 -16.94 -27.27
CA PRO D 164 -31.78 -17.54 -28.26
C PRO D 164 -33.00 -18.17 -27.62
N THR D 165 -32.85 -18.78 -26.44
CA THR D 165 -34.01 -19.36 -25.77
C THR D 165 -34.97 -18.28 -25.30
N VAL D 166 -34.46 -17.15 -24.82
CA VAL D 166 -35.35 -16.06 -24.41
C VAL D 166 -36.10 -15.51 -25.62
N ILE D 167 -35.39 -15.30 -26.73
CA ILE D 167 -36.04 -14.82 -27.95
C ILE D 167 -37.11 -15.81 -28.40
N GLU D 168 -36.78 -17.10 -28.40
CA GLU D 168 -37.73 -18.11 -28.82
C GLU D 168 -38.92 -18.19 -27.89
N LEU D 169 -38.70 -18.00 -26.59
CA LEU D 169 -39.80 -18.04 -25.64
C LEU D 169 -40.76 -16.88 -25.84
N THR D 170 -40.22 -15.67 -26.03
CA THR D 170 -41.08 -14.52 -26.30
C THR D 170 -41.85 -14.69 -27.60
N ALA D 171 -41.17 -15.17 -28.65
CA ALA D 171 -41.84 -15.37 -29.93
C ALA D 171 -42.91 -16.46 -29.83
N VAL D 172 -42.64 -17.52 -29.07
CA VAL D 172 -43.62 -18.59 -28.91
C VAL D 172 -44.83 -18.09 -28.12
N ILE D 173 -44.60 -17.26 -27.10
CA ILE D 173 -45.71 -16.67 -26.37
C ILE D 173 -46.57 -15.83 -27.31
N VAL D 174 -45.92 -15.00 -28.14
CA VAL D 174 -46.65 -14.14 -29.06
C VAL D 174 -47.47 -14.98 -30.05
N ILE D 175 -46.85 -16.01 -30.62
CA ILE D 175 -47.53 -16.82 -31.63
C ILE D 175 -48.67 -17.61 -31.01
N PHE D 176 -48.44 -18.19 -29.82
CA PHE D 176 -49.52 -18.92 -29.14
C PHE D 176 -50.68 -18.00 -28.81
N TRP D 177 -50.40 -16.74 -28.47
CA TRP D 177 -51.49 -15.80 -28.23
C TRP D 177 -52.24 -15.49 -29.51
N LEU D 178 -51.51 -15.18 -30.59
CA LEU D 178 -52.15 -14.79 -31.84
C LEU D 178 -52.87 -15.94 -32.51
N ASN D 179 -52.38 -17.18 -32.35
CA ASN D 179 -52.92 -18.31 -33.09
C ASN D 179 -53.69 -19.31 -32.23
N PHE D 180 -53.62 -19.21 -30.90
CA PHE D 180 -54.29 -20.15 -30.03
C PHE D 180 -54.88 -19.38 -28.84
N GLY D 181 -55.50 -20.12 -27.92
CA GLY D 181 -56.19 -19.48 -26.83
C GLY D 181 -55.25 -19.07 -25.71
N LEU D 182 -55.56 -17.91 -25.12
CA LEU D 182 -54.83 -17.40 -23.96
C LEU D 182 -54.50 -18.49 -22.93
N GLY D 183 -55.28 -19.57 -22.89
CA GLY D 183 -55.06 -20.57 -21.86
C GLY D 183 -53.84 -21.42 -22.15
N LEU D 184 -53.58 -21.69 -23.43
CA LEU D 184 -52.34 -22.34 -23.80
C LEU D 184 -51.14 -21.48 -23.41
N VAL D 185 -51.26 -20.16 -23.59
CA VAL D 185 -50.17 -19.25 -23.21
C VAL D 185 -49.94 -19.31 -21.69
N THR D 186 -51.02 -19.22 -20.91
CA THR D 186 -50.87 -19.29 -19.46
C THR D 186 -50.28 -20.61 -19.02
N ALA D 187 -50.72 -21.72 -19.64
CA ALA D 187 -50.22 -23.03 -19.27
C ALA D 187 -48.73 -23.17 -19.58
N THR D 188 -48.32 -22.74 -20.77
CA THR D 188 -46.90 -22.84 -21.14
C THR D 188 -46.05 -21.92 -20.27
N ILE D 189 -46.56 -20.74 -19.90
CA ILE D 189 -45.79 -19.85 -19.04
C ILE D 189 -45.64 -20.44 -17.65
N LEU D 190 -46.72 -20.98 -17.08
CA LEU D 190 -46.62 -21.63 -15.78
C LEU D 190 -45.68 -22.81 -15.83
N ALA D 191 -45.71 -23.58 -16.92
CA ALA D 191 -44.82 -24.73 -17.05
C ALA D 191 -43.36 -24.29 -17.13
N VAL D 192 -43.08 -23.24 -17.90
CA VAL D 192 -41.70 -22.74 -17.99
C VAL D 192 -41.23 -22.23 -16.63
N ILE D 193 -42.10 -21.54 -15.90
CA ILE D 193 -41.73 -21.02 -14.58
C ILE D 193 -41.42 -22.17 -13.62
N ALA D 194 -42.30 -23.17 -13.57
CA ALA D 194 -42.07 -24.31 -12.69
C ALA D 194 -40.81 -25.07 -13.09
N TYR D 195 -40.59 -25.22 -14.40
CA TYR D 195 -39.40 -25.90 -14.89
C TYR D 195 -38.14 -25.17 -14.44
N VAL D 196 -38.10 -23.86 -14.61
CA VAL D 196 -36.93 -23.08 -14.23
C VAL D 196 -36.69 -23.16 -12.73
N TRP D 197 -37.76 -23.04 -11.93
CA TRP D 197 -37.59 -23.08 -10.47
C TRP D 197 -37.07 -24.44 -10.02
N THR D 198 -37.70 -25.52 -10.48
CA THR D 198 -37.27 -26.85 -10.08
C THR D 198 -35.86 -27.14 -10.53
N THR D 199 -35.54 -26.79 -11.78
CA THR D 199 -34.19 -26.98 -12.29
C THR D 199 -33.18 -26.20 -11.44
N ARG D 200 -33.50 -24.97 -11.07
CA ARG D 200 -32.56 -24.16 -10.30
C ARG D 200 -32.30 -24.77 -8.93
N THR D 201 -33.36 -25.13 -8.20
CA THR D 201 -33.18 -25.69 -6.86
C THR D 201 -32.43 -27.02 -6.90
N ILE D 202 -32.85 -27.92 -7.78
CA ILE D 202 -32.19 -29.22 -7.86
C ILE D 202 -30.76 -29.04 -8.35
N THR D 203 -30.50 -28.04 -9.19
CA THR D 203 -29.15 -27.80 -9.67
C THR D 203 -28.26 -27.25 -8.58
N GLU D 204 -28.80 -26.44 -7.68
CA GLU D 204 -28.01 -25.99 -6.53
C GLU D 204 -27.62 -27.17 -5.65
N TRP D 205 -28.60 -28.02 -5.32
CA TRP D 205 -28.30 -29.23 -4.56
C TRP D 205 -27.26 -30.11 -5.26
N ARG D 206 -27.44 -30.30 -6.57
CA ARG D 206 -26.53 -31.13 -7.34
C ARG D 206 -25.14 -30.51 -7.44
N THR D 207 -25.06 -29.19 -7.47
CA THR D 207 -23.76 -28.52 -7.51
C THR D 207 -23.04 -28.70 -6.18
N HIS D 208 -23.77 -28.67 -5.07
CA HIS D 208 -23.15 -28.99 -3.79
C HIS D 208 -22.57 -30.40 -3.79
N LEU D 209 -23.38 -31.38 -4.21
CA LEU D 209 -22.91 -32.76 -4.25
C LEU D 209 -21.73 -32.92 -5.21
N ARG D 210 -21.77 -32.22 -6.35
CA ARG D 210 -20.71 -32.31 -7.34
C ARG D 210 -19.42 -31.69 -6.81
N GLU D 211 -19.52 -30.61 -6.05
CA GLU D 211 -18.34 -30.03 -5.44
C GLU D 211 -17.71 -30.99 -4.44
N LYS D 212 -18.55 -31.67 -3.64
CA LYS D 212 -18.00 -32.67 -2.73
C LYS D 212 -17.31 -33.79 -3.51
N MET D 213 -17.93 -34.25 -4.60
CA MET D 213 -17.32 -35.28 -5.43
C MET D 213 -15.97 -34.82 -5.98
N ASN D 214 -15.89 -33.58 -6.46
CA ASN D 214 -14.64 -33.07 -7.00
C ASN D 214 -13.57 -32.96 -5.92
N ARG D 215 -13.96 -32.56 -4.71
CA ARG D 215 -12.99 -32.49 -3.62
C ARG D 215 -12.44 -33.87 -3.29
N LEU D 216 -13.32 -34.88 -3.20
CA LEU D 216 -12.85 -36.23 -2.91
C LEU D 216 -11.97 -36.77 -4.04
N ASP D 217 -12.33 -36.46 -5.29
CA ASP D 217 -11.51 -36.88 -6.42
C ASP D 217 -10.13 -36.24 -6.36
N GLY D 218 -10.07 -34.94 -6.06
CA GLY D 218 -8.79 -34.27 -5.92
C GLY D 218 -7.95 -34.87 -4.81
N GLN D 219 -8.57 -35.19 -3.67
CA GLN D 219 -7.83 -35.81 -2.58
C GLN D 219 -7.26 -37.16 -2.98
N ALA D 220 -8.08 -38.01 -3.63
CA ALA D 220 -7.63 -39.32 -4.05
C ALA D 220 -6.48 -39.21 -5.06
N LEU D 221 -6.64 -38.33 -6.05
CA LEU D 221 -5.62 -38.17 -7.08
C LEU D 221 -4.33 -37.61 -6.49
N ALA D 222 -4.44 -36.69 -5.54
CA ALA D 222 -3.25 -36.13 -4.90
C ALA D 222 -2.54 -37.20 -4.07
N ARG D 223 -3.30 -38.07 -3.39
CA ARG D 223 -2.68 -39.16 -2.66
C ARG D 223 -1.92 -40.09 -3.60
N ALA D 224 -2.56 -40.45 -4.73
CA ALA D 224 -1.90 -41.34 -5.69
C ALA D 224 -0.63 -40.70 -6.24
N VAL D 225 -0.69 -39.42 -6.61
CA VAL D 225 0.48 -38.76 -7.18
C VAL D 225 1.59 -38.63 -6.14
N ASP D 226 1.23 -38.31 -4.88
CA ASP D 226 2.22 -38.20 -3.83
C ASP D 226 2.89 -39.54 -3.57
N SER D 227 2.13 -40.64 -3.66
CA SER D 227 2.72 -41.96 -3.50
C SER D 227 3.66 -42.29 -4.63
N LEU D 228 3.25 -42.01 -5.88
CA LEU D 228 4.08 -42.35 -7.03
C LEU D 228 5.33 -41.50 -7.11
N LEU D 229 5.26 -40.23 -6.70
CA LEU D 229 6.43 -39.36 -6.74
C LEU D 229 7.47 -39.73 -5.69
N ASN D 230 7.07 -40.40 -4.63
CA ASN D 230 7.97 -40.87 -3.58
C ASN D 230 8.18 -42.37 -3.67
N TYR D 231 8.22 -42.89 -4.90
CA TYR D 231 8.41 -44.33 -5.09
C TYR D 231 9.70 -44.81 -4.44
N GLU D 232 10.78 -44.03 -4.57
CA GLU D 232 12.03 -44.41 -3.92
C GLU D 232 11.86 -44.51 -2.41
N THR D 233 11.14 -43.56 -1.81
CA THR D 233 10.92 -43.60 -0.37
C THR D 233 10.05 -44.79 0.02
N VAL D 234 9.01 -45.06 -0.78
CA VAL D 234 8.14 -46.21 -0.51
C VAL D 234 8.95 -47.50 -0.53
N LYS D 235 9.86 -47.63 -1.50
CA LYS D 235 10.74 -48.80 -1.53
C LYS D 235 11.71 -48.79 -0.35
N TYR D 236 12.17 -47.61 0.05
CA TYR D 236 13.09 -47.51 1.18
C TYR D 236 12.45 -48.02 2.46
N PHE D 237 11.14 -47.78 2.63
CA PHE D 237 10.45 -48.19 3.85
C PHE D 237 9.44 -49.31 3.62
N GLY D 238 9.41 -49.89 2.43
CA GLY D 238 8.53 -51.02 2.16
C GLY D 238 7.08 -50.76 2.45
N ALA D 239 6.57 -49.60 2.06
CA ALA D 239 5.20 -49.19 2.37
C ALA D 239 4.26 -49.35 1.19
N GLU D 240 4.47 -50.38 0.36
CA GLU D 240 3.58 -50.61 -0.78
C GLU D 240 2.15 -50.88 -0.33
N SER D 241 1.98 -51.77 0.67
CA SER D 241 0.65 -52.13 1.13
C SER D 241 -0.07 -50.94 1.74
N ARG D 242 0.64 -50.11 2.51
CA ARG D 242 0.02 -48.95 3.13
C ARG D 242 -0.50 -47.97 2.08
N GLU D 243 0.32 -47.67 1.07
CA GLU D 243 -0.10 -46.76 0.02
C GLU D 243 -1.26 -47.35 -0.78
N GLU D 244 -1.22 -48.66 -1.03
CA GLU D 244 -2.32 -49.29 -1.76
C GLU D 244 -3.63 -49.17 -0.98
N ALA D 245 -3.59 -49.42 0.33
CA ALA D 245 -4.80 -49.32 1.14
C ALA D 245 -5.31 -47.88 1.20
N ARG D 246 -4.38 -46.92 1.35
CA ARG D 246 -4.76 -45.51 1.37
C ARG D 246 -5.46 -45.11 0.08
N TYR D 247 -4.85 -45.45 -1.07
CA TYR D 247 -5.44 -45.11 -2.35
C TYR D 247 -6.78 -45.82 -2.57
N ALA D 248 -6.91 -47.05 -2.08
CA ALA D 248 -8.17 -47.77 -2.22
C ALA D 248 -9.28 -47.10 -1.42
N SER D 249 -8.98 -46.68 -0.19
CA SER D 249 -9.99 -45.97 0.60
C SER D 249 -10.39 -44.65 -0.07
N ALA D 250 -9.40 -43.90 -0.55
CA ALA D 250 -9.71 -42.64 -1.23
C ALA D 250 -10.56 -42.88 -2.47
N ALA D 251 -10.24 -43.92 -3.25
CA ALA D 251 -11.00 -44.22 -4.45
C ALA D 251 -12.43 -44.65 -4.12
N ARG D 252 -12.60 -45.38 -3.01
CA ARG D 252 -13.95 -45.75 -2.59
C ARG D 252 -14.77 -44.52 -2.22
N ALA D 253 -14.17 -43.57 -1.49
CA ALA D 253 -14.87 -42.34 -1.17
C ALA D 253 -15.26 -41.58 -2.45
N TYR D 254 -14.33 -41.48 -3.39
CA TYR D 254 -14.62 -40.80 -4.66
C TYR D 254 -15.74 -41.50 -5.42
N ALA D 255 -15.74 -42.83 -5.42
CA ALA D 255 -16.78 -43.57 -6.14
C ALA D 255 -18.15 -43.33 -5.51
N ASP D 256 -18.22 -43.33 -4.18
CA ASP D 256 -19.49 -43.05 -3.51
C ASP D 256 -19.98 -41.65 -3.86
N ALA D 257 -19.09 -40.66 -3.81
CA ALA D 257 -19.49 -39.30 -4.14
C ALA D 257 -19.98 -39.18 -5.58
N ALA D 258 -19.30 -39.85 -6.51
CA ALA D 258 -19.71 -39.82 -7.91
C ALA D 258 -21.08 -40.49 -8.10
N VAL D 259 -21.31 -41.60 -7.42
CA VAL D 259 -22.60 -42.27 -7.49
C VAL D 259 -23.70 -41.33 -7.03
N LYS D 260 -23.48 -40.66 -5.89
CA LYS D 260 -24.50 -39.73 -5.39
C LYS D 260 -24.74 -38.58 -6.36
N SER D 261 -23.67 -38.05 -6.95
CA SER D 261 -23.81 -36.94 -7.90
C SER D 261 -24.63 -37.35 -9.11
N GLU D 262 -24.32 -38.52 -9.69
CA GLU D 262 -25.06 -38.95 -10.87
C GLU D 262 -26.49 -39.32 -10.54
N ASN D 263 -26.75 -39.83 -9.33
CA ASN D 263 -28.13 -40.05 -8.91
C ASN D 263 -28.90 -38.74 -8.81
N SER D 264 -28.25 -37.70 -8.28
CA SER D 264 -28.90 -36.39 -8.25
C SER D 264 -29.19 -35.88 -9.66
N LEU D 265 -28.26 -36.10 -10.58
CA LEU D 265 -28.52 -35.73 -11.99
C LEU D 265 -29.72 -36.48 -12.54
N GLY D 266 -29.83 -37.77 -12.23
CA GLY D 266 -30.99 -38.54 -12.66
C GLY D 266 -32.30 -37.98 -12.11
N LEU D 267 -32.30 -37.60 -10.82
CA LEU D 267 -33.49 -36.99 -10.24
C LEU D 267 -33.85 -35.68 -10.93
N LEU D 268 -32.84 -34.86 -11.23
CA LEU D 268 -33.09 -33.61 -11.93
C LEU D 268 -33.73 -33.87 -13.29
N ASN D 269 -33.18 -34.81 -14.05
CA ASN D 269 -33.74 -35.12 -15.37
C ASN D 269 -35.17 -35.65 -15.24
N ILE D 270 -35.43 -36.48 -14.22
CA ILE D 270 -36.77 -37.01 -14.02
C ILE D 270 -37.77 -35.89 -13.75
N ALA D 271 -37.41 -34.94 -12.87
CA ALA D 271 -38.30 -33.84 -12.57
C ALA D 271 -38.53 -32.96 -13.81
N GLN D 272 -37.47 -32.67 -14.55
CA GLN D 272 -37.61 -31.88 -15.77
C GLN D 272 -38.56 -32.57 -16.76
N ALA D 273 -38.38 -33.88 -16.96
CA ALA D 273 -39.23 -34.61 -17.88
C ALA D 273 -40.67 -34.65 -17.39
N LEU D 274 -40.87 -34.78 -16.08
CA LEU D 274 -42.23 -34.77 -15.55
C LEU D 274 -42.93 -33.46 -15.87
N ILE D 275 -42.28 -32.33 -15.61
CA ILE D 275 -42.88 -31.02 -15.90
C ILE D 275 -43.14 -30.89 -17.40
N VAL D 276 -42.14 -31.21 -18.23
CA VAL D 276 -42.27 -31.04 -19.67
C VAL D 276 -43.41 -31.89 -20.21
N ASN D 277 -43.50 -33.14 -19.78
CA ASN D 277 -44.51 -34.04 -20.30
C ASN D 277 -45.90 -33.73 -19.75
N LEU D 278 -46.00 -33.19 -18.53
CA LEU D 278 -47.30 -32.71 -18.07
C LEU D 278 -47.78 -31.55 -18.93
N LEU D 279 -46.88 -30.60 -19.23
CA LEU D 279 -47.26 -29.52 -20.13
C LEU D 279 -47.65 -30.04 -21.50
N MET D 280 -46.89 -31.02 -22.02
CA MET D 280 -47.20 -31.57 -23.34
C MET D 280 -48.56 -32.26 -23.36
N ALA D 281 -48.84 -33.06 -22.33
CA ALA D 281 -50.14 -33.71 -22.22
C ALA D 281 -51.26 -32.68 -22.18
N GLY D 282 -51.13 -31.68 -21.31
CA GLY D 282 -52.15 -30.65 -21.21
C GLY D 282 -52.38 -29.93 -22.53
N ALA D 283 -51.28 -29.52 -23.18
CA ALA D 283 -51.39 -28.77 -24.42
C ALA D 283 -52.01 -29.60 -25.53
N MET D 284 -51.57 -30.86 -25.68
CA MET D 284 -52.11 -31.69 -26.76
C MET D 284 -53.57 -32.04 -26.50
N ALA D 285 -53.93 -32.34 -25.25
CA ALA D 285 -55.32 -32.63 -24.93
C ALA D 285 -56.20 -31.41 -25.17
N TRP D 286 -55.73 -30.22 -24.76
CA TRP D 286 -56.50 -29.01 -25.00
C TRP D 286 -56.64 -28.71 -26.48
N THR D 287 -55.58 -28.95 -27.26
CA THR D 287 -55.63 -28.67 -28.68
C THR D 287 -56.61 -29.60 -29.39
N VAL D 288 -56.57 -30.90 -29.06
CA VAL D 288 -57.51 -31.82 -29.70
C VAL D 288 -58.92 -31.59 -29.19
N TYR D 289 -59.08 -31.14 -27.95
CA TYR D 289 -60.40 -30.80 -27.43
C TYR D 289 -60.98 -29.60 -28.17
N GLY D 290 -60.17 -28.58 -28.43
CA GLY D 290 -60.61 -27.47 -29.25
C GLY D 290 -60.86 -27.87 -30.69
N TRP D 291 -60.10 -28.84 -31.20
CA TRP D 291 -60.34 -29.36 -32.54
C TRP D 291 -61.70 -30.07 -32.62
N SER D 292 -62.07 -30.81 -31.59
CA SER D 292 -63.35 -31.50 -31.60
C SER D 292 -64.51 -30.51 -31.70
N GLN D 293 -64.31 -29.28 -31.22
CA GLN D 293 -65.30 -28.22 -31.35
C GLN D 293 -65.11 -27.41 -32.63
N GLY D 294 -64.23 -27.84 -33.53
CA GLY D 294 -64.01 -27.12 -34.77
C GLY D 294 -63.21 -25.84 -34.64
N LYS D 295 -62.73 -25.51 -33.44
CA LYS D 295 -61.98 -24.27 -33.26
C LYS D 295 -60.62 -24.34 -33.96
N LEU D 296 -59.96 -25.49 -33.88
CA LEU D 296 -58.61 -25.65 -34.38
C LEU D 296 -58.55 -26.80 -35.37
N THR D 297 -57.57 -26.74 -36.27
CA THR D 297 -57.33 -27.81 -37.22
C THR D 297 -56.43 -28.88 -36.60
N VAL D 298 -56.29 -30.00 -37.30
CA VAL D 298 -55.42 -31.06 -36.80
C VAL D 298 -53.96 -30.66 -36.91
N GLY D 299 -53.62 -29.84 -37.90
CA GLY D 299 -52.27 -29.33 -38.01
C GLY D 299 -51.85 -28.51 -36.81
N ASP D 300 -52.81 -27.88 -36.13
CA ASP D 300 -52.50 -27.13 -34.91
C ASP D 300 -51.94 -28.04 -33.83
N LEU D 301 -52.40 -29.28 -33.75
CA LEU D 301 -51.86 -30.22 -32.75
C LEU D 301 -50.37 -30.46 -32.96
N VAL D 302 -49.99 -30.82 -34.18
CA VAL D 302 -48.58 -31.05 -34.49
C VAL D 302 -47.79 -29.75 -34.35
N PHE D 303 -48.41 -28.62 -34.69
CA PHE D 303 -47.75 -27.32 -34.50
C PHE D 303 -47.39 -27.11 -33.04
N VAL D 304 -48.36 -27.29 -32.14
CA VAL D 304 -48.11 -27.12 -30.71
C VAL D 304 -47.06 -28.10 -30.23
N ASN D 305 -47.17 -29.36 -30.64
CA ASN D 305 -46.20 -30.38 -30.25
C ASN D 305 -44.78 -29.97 -30.65
N THR D 306 -44.59 -29.65 -31.93
CA THR D 306 -43.26 -29.29 -32.43
C THR D 306 -42.74 -28.03 -31.75
N TYR D 307 -43.61 -27.03 -31.55
CA TYR D 307 -43.19 -25.81 -30.87
C TYR D 307 -42.70 -26.10 -29.46
N LEU D 308 -43.46 -26.91 -28.71
CA LEU D 308 -43.05 -27.24 -27.34
C LEU D 308 -41.73 -28.01 -27.33
N THR D 309 -41.58 -28.97 -28.24
CA THR D 309 -40.34 -29.76 -28.27
C THR D 309 -39.15 -28.88 -28.63
N GLN D 310 -39.29 -28.03 -29.65
CA GLN D 310 -38.21 -27.12 -30.02
C GLN D 310 -37.90 -26.12 -28.91
N LEU D 311 -38.91 -25.73 -28.14
CA LEU D 311 -38.68 -24.80 -27.04
C LEU D 311 -37.93 -25.47 -25.90
N PHE D 312 -38.28 -26.71 -25.59
CA PHE D 312 -37.75 -27.37 -24.40
C PHE D 312 -36.51 -28.22 -24.68
N ARG D 313 -36.12 -28.40 -25.93
CA ARG D 313 -34.90 -29.16 -26.21
C ARG D 313 -33.66 -28.41 -25.73
N PRO D 314 -33.53 -27.09 -25.94
CA PRO D 314 -32.42 -26.38 -25.31
C PRO D 314 -32.49 -26.38 -23.80
N LEU D 315 -33.70 -26.40 -23.22
CA LEU D 315 -33.86 -26.41 -21.77
C LEU D 315 -33.54 -27.77 -21.16
N ASP D 316 -33.23 -28.79 -21.97
CA ASP D 316 -32.80 -30.07 -21.44
C ASP D 316 -31.49 -29.94 -20.67
N MET D 317 -30.62 -29.05 -21.12
CA MET D 317 -29.32 -28.82 -20.48
C MET D 317 -29.36 -27.73 -19.42
N LEU D 318 -30.56 -27.25 -19.05
CA LEU D 318 -30.68 -26.03 -18.27
C LEU D 318 -29.93 -26.11 -16.94
N GLY D 319 -29.96 -27.28 -16.28
CA GLY D 319 -29.24 -27.42 -15.03
C GLY D 319 -27.75 -27.21 -15.19
N MET D 320 -27.14 -27.92 -16.15
CA MET D 320 -25.73 -27.74 -16.45
C MET D 320 -25.44 -26.30 -16.85
N VAL D 321 -26.32 -25.69 -17.64
CA VAL D 321 -26.12 -24.31 -18.08
C VAL D 321 -26.07 -23.38 -16.87
N TYR D 322 -27.03 -23.52 -15.95
CA TYR D 322 -27.05 -22.69 -14.76
C TYR D 322 -25.79 -22.88 -13.93
N ARG D 323 -25.42 -24.13 -13.66
CA ARG D 323 -24.22 -24.41 -12.86
C ARG D 323 -22.97 -23.81 -13.50
N THR D 324 -22.80 -24.03 -14.80
CA THR D 324 -21.62 -23.54 -15.50
C THR D 324 -21.59 -22.02 -15.56
N ILE D 325 -22.73 -21.38 -15.79
CA ILE D 325 -22.78 -19.92 -15.80
C ILE D 325 -22.41 -19.38 -14.43
N ARG D 326 -22.93 -19.99 -13.37
CA ARG D 326 -22.58 -19.55 -12.01
C ARG D 326 -21.08 -19.68 -11.77
N GLN D 327 -20.52 -20.84 -12.10
CA GLN D 327 -19.09 -21.05 -11.88
C GLN D 327 -18.25 -20.07 -12.70
N GLY D 328 -18.66 -19.82 -13.95
CA GLY D 328 -17.94 -18.89 -14.80
C GLY D 328 -18.01 -17.46 -14.26
N LEU D 329 -19.17 -17.05 -13.79
CA LEU D 329 -19.29 -15.72 -13.19
C LEU D 329 -18.39 -15.59 -11.96
N ILE D 330 -18.38 -16.62 -11.11
CA ILE D 330 -17.52 -16.60 -9.93
C ILE D 330 -16.06 -16.46 -10.33
N ASP D 331 -15.61 -17.31 -11.26
CA ASP D 331 -14.21 -17.28 -11.67
C ASP D 331 -13.83 -15.99 -12.38
N MET D 332 -14.74 -15.41 -13.16
CA MET D 332 -14.46 -14.15 -13.83
C MET D 332 -14.38 -13.00 -12.85
N ALA D 333 -15.27 -12.99 -11.86
CA ALA D 333 -15.16 -12.01 -10.78
C ALA D 333 -13.83 -12.16 -10.06
N GLU D 334 -13.36 -13.40 -9.88
CA GLU D 334 -12.04 -13.60 -9.28
C GLU D 334 -10.94 -13.06 -10.18
N MET D 335 -11.07 -13.25 -11.49
CA MET D 335 -10.08 -12.74 -12.44
C MET D 335 -9.97 -11.23 -12.35
N PHE D 336 -11.11 -10.54 -12.40
CA PHE D 336 -11.11 -9.08 -12.29
C PHE D 336 -10.64 -8.62 -10.93
N ARG D 337 -10.93 -9.38 -9.87
CA ARG D 337 -10.39 -9.04 -8.55
C ARG D 337 -8.87 -9.13 -8.56
N LEU D 338 -8.33 -10.13 -9.24
CA LEU D 338 -6.87 -10.20 -9.40
C LEU D 338 -6.35 -8.99 -10.13
N ILE D 339 -7.07 -8.56 -11.18
CA ILE D 339 -6.66 -7.35 -11.90
C ILE D 339 -6.84 -6.13 -11.01
N ASP D 340 -7.94 -6.05 -10.27
CA ASP D 340 -8.20 -4.91 -9.39
C ASP D 340 -7.66 -5.14 -7.99
N THR D 341 -6.37 -5.45 -7.88
CA THR D 341 -5.71 -5.64 -6.60
C THR D 341 -4.68 -4.53 -6.43
N HIS D 342 -4.65 -3.92 -5.25
CA HIS D 342 -3.69 -2.87 -4.98
C HIS D 342 -2.30 -3.46 -4.72
N ILE D 343 -1.28 -2.69 -5.08
CA ILE D 343 0.11 -3.12 -4.99
C ILE D 343 0.72 -2.55 -3.72
N GLU D 344 1.36 -3.43 -2.94
CA GLU D 344 1.84 -3.04 -1.60
C GLU D 344 3.16 -2.29 -1.68
N VAL D 345 4.09 -2.72 -2.52
CA VAL D 345 5.39 -2.07 -2.68
C VAL D 345 5.36 -1.34 -4.00
N ALA D 346 5.22 -0.01 -3.94
CA ALA D 346 5.07 0.80 -5.14
C ALA D 346 5.93 2.05 -5.03
N ASP D 347 6.22 2.64 -6.18
CA ASP D 347 7.05 3.83 -6.24
C ASP D 347 6.31 5.03 -5.67
N VAL D 348 7.09 6.05 -5.28
CA VAL D 348 6.51 7.33 -4.90
C VAL D 348 6.09 8.04 -6.19
N PRO D 349 5.12 8.94 -6.15
CA PRO D 349 4.65 9.57 -7.39
C PRO D 349 5.77 10.36 -8.07
N ASN D 350 5.87 10.17 -9.39
CA ASN D 350 6.90 10.82 -10.21
C ASN D 350 8.30 10.48 -9.71
N ALA D 351 8.50 9.23 -9.32
CA ALA D 351 9.77 8.81 -8.74
C ALA D 351 10.88 8.90 -9.79
N PRO D 352 12.04 9.48 -9.45
CA PRO D 352 13.17 9.46 -10.37
C PRO D 352 13.93 8.14 -10.34
N ALA D 353 14.62 7.87 -11.44
CA ALA D 353 15.39 6.65 -11.56
C ALA D 353 16.65 6.70 -10.70
N LEU D 354 17.01 5.56 -10.12
CA LEU D 354 18.21 5.48 -9.31
C LEU D 354 19.45 5.54 -10.20
N VAL D 355 20.40 6.39 -9.84
CA VAL D 355 21.64 6.56 -10.59
C VAL D 355 22.79 6.18 -9.66
N VAL D 356 23.37 5.01 -9.89
CA VAL D 356 24.44 4.46 -9.05
C VAL D 356 25.76 4.84 -9.70
N ASN D 357 26.43 5.84 -9.14
CA ASN D 357 27.76 6.25 -9.59
C ASN D 357 28.85 5.63 -8.73
N ARG D 358 28.72 5.70 -7.41
CA ARG D 358 29.63 5.01 -6.49
C ARG D 358 28.82 4.05 -5.63
N PRO D 359 28.93 2.74 -5.85
CA PRO D 359 27.98 1.75 -5.29
C PRO D 359 28.17 1.47 -3.80
N SER D 360 27.81 2.45 -2.97
CA SER D 360 27.79 2.24 -1.53
C SER D 360 26.42 1.72 -1.10
N VAL D 361 26.39 1.05 0.05
CA VAL D 361 25.16 0.50 0.62
C VAL D 361 25.05 0.91 2.08
N THR D 362 23.88 1.37 2.49
CA THR D 362 23.65 1.79 3.87
C THR D 362 22.35 1.19 4.37
N PHE D 363 22.40 0.53 5.53
CA PHE D 363 21.21 0.08 6.24
C PHE D 363 21.08 0.95 7.48
N ASP D 364 20.04 1.78 7.52
CA ASP D 364 19.83 2.75 8.59
C ASP D 364 18.63 2.33 9.42
N ASN D 365 18.90 1.74 10.59
CA ASN D 365 17.89 1.44 11.60
C ASN D 365 16.73 0.64 11.02
N VAL D 366 17.06 -0.36 10.20
CA VAL D 366 16.03 -1.13 9.51
C VAL D 366 15.31 -2.00 10.52
N VAL D 367 14.00 -1.81 10.65
CA VAL D 367 13.13 -2.65 11.46
C VAL D 367 12.11 -3.29 10.52
N PHE D 368 12.07 -4.62 10.50
CA PHE D 368 11.20 -5.31 9.55
C PHE D 368 10.81 -6.68 10.09
N GLY D 369 9.62 -7.13 9.70
CA GLY D 369 9.19 -8.49 9.96
C GLY D 369 8.16 -8.89 8.91
N TYR D 370 8.04 -10.21 8.73
CA TYR D 370 7.07 -10.71 7.75
C TYR D 370 5.64 -10.56 8.26
N ASP D 371 5.42 -10.74 9.56
CA ASP D 371 4.10 -10.62 10.14
C ASP D 371 4.11 -9.66 11.31
N ARG D 372 2.99 -8.98 11.51
CA ARG D 372 2.85 -8.05 12.62
C ARG D 372 2.92 -8.75 13.97
N ASP D 373 2.69 -10.07 14.01
CA ASP D 373 2.67 -10.79 15.28
C ASP D 373 4.07 -11.00 15.84
N ARG D 374 5.10 -10.96 15.00
CA ARG D 374 6.48 -11.05 15.48
C ARG D 374 7.33 -9.94 14.90
N GLU D 375 8.62 -9.94 15.22
CA GLU D 375 9.55 -8.94 14.70
C GLU D 375 10.92 -9.59 14.52
N ILE D 376 11.57 -9.30 13.39
CA ILE D 376 12.83 -9.99 13.03
C ILE D 376 14.03 -9.05 13.17
N LEU D 377 14.06 -7.97 12.39
CA LEU D 377 15.17 -7.02 12.43
C LEU D 377 14.85 -5.95 13.46
N HIS D 378 15.60 -5.94 14.56
CA HIS D 378 15.37 -5.00 15.64
C HIS D 378 16.34 -3.82 15.51
N GLY D 379 16.14 -3.04 14.45
CA GLY D 379 16.95 -1.87 14.21
C GLY D 379 18.36 -2.16 13.74
N LEU D 380 18.47 -2.89 12.62
CA LEU D 380 19.78 -3.24 12.09
C LEU D 380 20.35 -2.08 11.27
N SER D 381 21.58 -1.68 11.59
CA SER D 381 22.28 -0.61 10.88
C SER D 381 23.69 -1.06 10.54
N PHE D 382 24.11 -0.83 9.30
CA PHE D 382 25.49 -1.10 8.90
C PHE D 382 25.78 -0.35 7.61
N GLU D 383 27.06 -0.39 7.22
CA GLU D 383 27.52 0.31 6.03
C GLU D 383 28.45 -0.60 5.23
N VAL D 384 28.26 -0.60 3.91
CA VAL D 384 29.06 -1.38 2.98
C VAL D 384 29.68 -0.40 1.99
N ALA D 385 31.00 -0.24 2.06
CA ALA D 385 31.70 0.71 1.21
C ALA D 385 31.69 0.23 -0.23
N ALA D 386 31.75 1.21 -1.15
CA ALA D 386 31.72 0.90 -2.57
C ALA D 386 32.99 0.16 -2.99
N GLY D 387 32.81 -0.93 -3.73
CA GLY D 387 33.92 -1.73 -4.20
C GLY D 387 34.49 -2.72 -3.21
N SER D 388 34.02 -2.72 -1.96
CA SER D 388 34.55 -3.62 -0.96
C SER D 388 33.92 -5.00 -1.09
N ARG D 389 34.61 -5.99 -0.54
CA ARG D 389 34.12 -7.37 -0.48
C ARG D 389 33.68 -7.66 0.94
N VAL D 390 32.36 -7.72 1.13
CA VAL D 390 31.78 -7.90 2.45
C VAL D 390 31.05 -9.24 2.49
N ALA D 391 31.08 -9.87 3.65
CA ALA D 391 30.35 -11.09 3.92
C ALA D 391 29.32 -10.85 5.00
N ILE D 392 28.23 -11.60 4.96
CA ILE D 392 27.19 -11.54 5.98
C ILE D 392 26.98 -12.95 6.53
N VAL D 393 27.31 -13.14 7.80
CA VAL D 393 27.24 -14.46 8.43
C VAL D 393 26.38 -14.37 9.69
N GLY D 394 25.91 -15.54 10.13
CA GLY D 394 25.11 -15.63 11.32
C GLY D 394 24.56 -17.03 11.55
N PRO D 395 24.03 -17.27 12.75
CA PRO D 395 23.46 -18.60 13.05
C PRO D 395 22.15 -18.86 12.34
N SER D 396 21.55 -20.02 12.62
CA SER D 396 20.29 -20.40 11.99
C SER D 396 19.19 -19.46 12.42
N GLY D 397 18.50 -18.88 11.44
CA GLY D 397 17.44 -17.91 11.72
C GLY D 397 17.91 -16.49 11.93
N ALA D 398 19.10 -16.13 11.44
CA ALA D 398 19.61 -14.79 11.67
C ALA D 398 18.80 -13.73 10.92
N GLY D 399 18.25 -14.08 9.76
CA GLY D 399 17.49 -13.12 8.98
C GLY D 399 18.27 -12.38 7.91
N LYS D 400 19.37 -12.95 7.43
CA LYS D 400 20.17 -12.31 6.40
C LYS D 400 19.53 -12.44 5.01
N SER D 401 18.79 -13.51 4.75
CA SER D 401 18.03 -13.57 3.52
C SER D 401 16.96 -12.48 3.49
N THR D 402 16.48 -12.05 4.66
CA THR D 402 15.61 -10.89 4.70
C THR D 402 16.36 -9.62 4.31
N ILE D 403 17.65 -9.54 4.65
CA ILE D 403 18.48 -8.43 4.17
C ILE D 403 18.55 -8.45 2.65
N ALA D 404 18.81 -9.63 2.08
CA ALA D 404 18.89 -9.76 0.63
C ALA D 404 17.58 -9.36 -0.04
N ARG D 405 16.45 -9.78 0.51
CA ARG D 405 15.16 -9.46 -0.09
C ARG D 405 14.80 -7.98 0.10
N LEU D 406 15.20 -7.38 1.22
CA LEU D 406 14.92 -5.97 1.45
C LEU D 406 15.78 -5.07 0.57
N LEU D 407 16.99 -5.53 0.21
CA LEU D 407 17.82 -4.73 -0.69
C LEU D 407 17.16 -4.57 -2.05
N PHE D 408 16.47 -5.63 -2.52
CA PHE D 408 15.71 -5.54 -3.77
C PHE D 408 14.33 -4.94 -3.57
N ARG D 409 14.02 -4.49 -2.35
CA ARG D 409 12.72 -3.89 -2.02
C ARG D 409 11.57 -4.82 -2.36
N PHE D 410 11.72 -6.09 -2.00
CA PHE D 410 10.56 -6.98 -1.96
C PHE D 410 9.62 -6.60 -0.82
N TYR D 411 10.13 -5.89 0.18
CA TYR D 411 9.34 -5.36 1.28
C TYR D 411 9.87 -3.99 1.65
N ASP D 412 9.07 -3.26 2.42
CA ASP D 412 9.53 -1.98 2.96
C ASP D 412 9.69 -2.07 4.47
N PRO D 413 10.70 -1.42 5.04
CA PRO D 413 10.90 -1.49 6.49
C PRO D 413 9.78 -0.80 7.24
N TRP D 414 9.48 -1.33 8.44
CA TRP D 414 8.46 -0.73 9.29
C TRP D 414 8.91 0.63 9.81
N GLU D 415 10.15 0.73 10.30
CA GLU D 415 10.63 1.97 10.89
C GLU D 415 12.09 2.25 10.51
N GLY D 416 12.49 1.86 9.31
CA GLY D 416 13.84 2.11 8.84
C GLY D 416 13.89 2.34 7.35
N ARG D 417 15.08 2.46 6.79
CA ARG D 417 15.22 2.63 5.35
C ARG D 417 16.60 2.18 4.91
N ILE D 418 16.74 1.99 3.59
CA ILE D 418 17.96 1.52 2.97
C ILE D 418 18.38 2.51 1.89
N LEU D 419 19.66 2.83 1.85
CA LEU D 419 20.21 3.79 0.91
C LEU D 419 21.25 3.14 0.01
N ILE D 420 21.22 3.50 -1.27
CA ILE D 420 22.24 3.11 -2.23
C ILE D 420 22.81 4.38 -2.85
N ASP D 421 24.10 4.63 -2.62
CA ASP D 421 24.76 5.86 -3.05
C ASP D 421 24.07 7.09 -2.47
N GLY D 422 23.58 6.96 -1.23
CA GLY D 422 22.94 8.05 -0.55
C GLY D 422 21.49 8.29 -0.93
N GLN D 423 20.90 7.41 -1.71
CA GLN D 423 19.53 7.58 -2.19
C GLN D 423 18.64 6.50 -1.60
N ASP D 424 17.51 6.90 -1.03
CA ASP D 424 16.57 5.95 -0.45
C ASP D 424 15.97 5.08 -1.56
N ILE D 425 16.10 3.76 -1.40
CA ILE D 425 15.57 2.86 -2.42
C ILE D 425 14.05 2.88 -2.44
N ALA D 426 13.41 3.34 -1.38
CA ALA D 426 11.95 3.45 -1.36
C ALA D 426 11.44 4.67 -2.12
N HIS D 427 12.33 5.62 -2.44
CA HIS D 427 11.95 6.83 -3.14
C HIS D 427 12.38 6.85 -4.60
N VAL D 428 13.02 5.78 -5.07
CA VAL D 428 13.45 5.68 -6.46
C VAL D 428 12.59 4.65 -7.17
N THR D 429 12.69 4.62 -8.50
CA THR D 429 11.93 3.65 -9.28
C THR D 429 12.41 2.24 -8.98
N GLN D 430 11.45 1.31 -8.87
CA GLN D 430 11.80 -0.08 -8.62
C GLN D 430 12.60 -0.68 -9.77
N THR D 431 12.31 -0.26 -11.00
CA THR D 431 12.98 -0.85 -12.16
C THR D 431 14.47 -0.52 -12.16
N SER D 432 14.82 0.75 -11.97
CA SER D 432 16.24 1.13 -11.94
C SER D 432 16.94 0.54 -10.72
N LEU D 433 16.25 0.51 -9.57
CA LEU D 433 16.84 -0.08 -8.37
C LEU D 433 17.20 -1.54 -8.60
N ARG D 434 16.25 -2.33 -9.10
CA ARG D 434 16.53 -3.75 -9.33
C ARG D 434 17.46 -3.96 -10.52
N ALA D 435 17.55 -2.99 -11.43
CA ALA D 435 18.52 -3.09 -12.51
C ALA D 435 19.94 -2.84 -12.02
N ALA D 436 20.09 -2.06 -10.94
CA ALA D 436 21.40 -1.79 -10.37
C ALA D 436 21.90 -2.91 -9.46
N LEU D 437 21.08 -3.92 -9.19
CA LEU D 437 21.43 -5.01 -8.28
C LEU D 437 21.32 -6.34 -9.00
N GLY D 438 22.32 -7.19 -8.82
CA GLY D 438 22.26 -8.56 -9.29
C GLY D 438 22.39 -9.51 -8.11
N ILE D 439 21.71 -10.65 -8.20
CA ILE D 439 21.65 -11.60 -7.09
C ILE D 439 21.74 -13.02 -7.63
N VAL D 440 22.50 -13.85 -6.93
CA VAL D 440 22.55 -15.28 -7.15
C VAL D 440 22.07 -15.97 -5.88
N PRO D 441 20.83 -16.45 -5.86
CA PRO D 441 20.29 -17.06 -4.64
C PRO D 441 20.79 -18.49 -4.48
N GLN D 442 20.42 -19.08 -3.34
CA GLN D 442 20.85 -20.45 -3.04
C GLN D 442 20.27 -21.44 -4.04
N ASP D 443 18.95 -21.44 -4.20
CA ASP D 443 18.28 -22.34 -5.14
C ASP D 443 17.92 -21.54 -6.38
N SER D 444 18.75 -21.68 -7.42
CA SER D 444 18.52 -20.99 -8.67
C SER D 444 17.73 -21.87 -9.63
N VAL D 445 16.75 -21.28 -10.30
CA VAL D 445 15.84 -22.01 -11.18
C VAL D 445 16.18 -21.64 -12.62
N LEU D 446 16.07 -22.61 -13.51
CA LEU D 446 16.31 -22.41 -14.94
C LEU D 446 14.99 -22.42 -15.69
N PHE D 447 14.88 -21.54 -16.68
CA PHE D 447 13.71 -21.52 -17.53
C PHE D 447 13.78 -22.67 -18.53
N ASN D 448 12.60 -23.12 -18.97
CA ASN D 448 12.52 -24.24 -19.90
C ASN D 448 12.76 -23.72 -21.31
N ASP D 449 14.05 -23.58 -21.64
CA ASP D 449 14.49 -23.04 -22.92
C ASP D 449 15.96 -23.39 -23.07
N THR D 450 16.60 -22.82 -24.09
CA THR D 450 17.99 -23.11 -24.39
C THR D 450 18.93 -22.41 -23.41
N ILE D 451 20.18 -22.88 -23.38
CA ILE D 451 21.19 -22.24 -22.55
C ILE D 451 21.44 -20.81 -23.02
N GLY D 452 21.38 -20.59 -24.33
CA GLY D 452 21.53 -19.24 -24.84
C GLY D 452 20.47 -18.31 -24.29
N TYR D 453 19.23 -18.78 -24.22
CA TYR D 453 18.17 -17.97 -23.62
C TYR D 453 18.41 -17.74 -22.14
N ASN D 454 18.84 -18.77 -21.42
CA ASN D 454 19.08 -18.63 -19.98
C ASN D 454 20.20 -17.65 -19.69
N ILE D 455 21.21 -17.58 -20.55
CA ILE D 455 22.30 -16.63 -20.34
C ILE D 455 21.90 -15.23 -20.78
N ALA D 456 21.26 -15.10 -21.94
CA ALA D 456 20.82 -13.81 -22.43
C ALA D 456 19.69 -13.22 -21.60
N TYR D 457 19.07 -14.01 -20.73
CA TYR D 457 18.00 -13.51 -19.88
C TYR D 457 18.46 -12.37 -18.98
N GLY D 458 19.77 -12.17 -18.83
CA GLY D 458 20.25 -11.11 -17.95
C GLY D 458 19.86 -9.73 -18.45
N ARG D 459 19.92 -9.51 -19.75
CA ARG D 459 19.56 -8.23 -20.35
C ARG D 459 18.67 -8.47 -21.57
N ASP D 460 17.74 -7.53 -21.81
CA ASP D 460 16.79 -7.67 -22.90
C ASP D 460 17.51 -7.72 -24.26
N GLY D 461 18.02 -6.57 -24.70
CA GLY D 461 18.76 -6.52 -25.94
C GLY D 461 20.10 -7.26 -25.97
N ALA D 462 20.25 -8.32 -25.18
CA ALA D 462 21.53 -9.03 -25.09
C ALA D 462 21.99 -9.55 -26.46
N SER D 463 23.23 -9.20 -26.83
CA SER D 463 23.80 -9.65 -28.08
C SER D 463 24.50 -11.00 -27.89
N ARG D 464 24.90 -11.62 -29.00
CA ARG D 464 25.64 -12.87 -28.92
C ARG D 464 27.02 -12.66 -28.31
N ALA D 465 27.66 -11.53 -28.62
CA ALA D 465 29.00 -11.26 -28.11
C ALA D 465 28.99 -11.09 -26.60
N GLU D 466 28.00 -10.39 -26.07
CA GLU D 466 27.90 -10.23 -24.62
C GLU D 466 27.66 -11.58 -23.94
N VAL D 467 26.85 -12.44 -24.55
CA VAL D 467 26.62 -13.77 -24.03
C VAL D 467 27.92 -14.57 -24.02
N ASP D 468 28.70 -14.46 -25.09
CA ASP D 468 29.98 -15.17 -25.16
C ASP D 468 30.94 -14.68 -24.08
N ALA D 469 31.01 -13.36 -23.90
CA ALA D 469 31.90 -12.80 -22.88
C ALA D 469 31.48 -13.23 -21.49
N ALA D 470 30.17 -13.26 -21.22
CA ALA D 470 29.70 -13.68 -19.90
C ALA D 470 29.96 -15.18 -19.67
N ALA D 471 29.71 -16.00 -20.69
CA ALA D 471 29.98 -17.43 -20.55
C ALA D 471 31.46 -17.70 -20.36
N LYS D 472 32.33 -16.89 -20.97
CA LYS D 472 33.77 -17.07 -20.76
C LYS D 472 34.18 -16.60 -19.37
N GLY D 473 33.64 -15.47 -18.91
CA GLY D 473 33.99 -14.97 -17.59
C GLY D 473 33.52 -15.86 -16.46
N ALA D 474 32.45 -16.63 -16.70
CA ALA D 474 31.93 -17.55 -15.70
C ALA D 474 32.59 -18.92 -15.74
N ALA D 475 33.58 -19.11 -16.62
CA ALA D 475 34.28 -20.39 -16.76
C ALA D 475 33.33 -21.53 -17.09
N ILE D 476 32.37 -21.26 -17.98
CA ILE D 476 31.41 -22.25 -18.44
C ILE D 476 31.40 -22.38 -19.96
N ALA D 477 32.19 -21.58 -20.67
CA ALA D 477 32.20 -21.61 -22.13
C ALA D 477 32.68 -22.97 -22.66
N ASP D 478 33.69 -23.56 -22.01
CA ASP D 478 34.19 -24.85 -22.46
C ASP D 478 33.15 -25.95 -22.30
N PHE D 479 32.40 -25.93 -21.19
CA PHE D 479 31.35 -26.92 -21.00
C PHE D 479 30.27 -26.82 -22.08
N ILE D 480 29.91 -25.60 -22.46
CA ILE D 480 28.92 -25.40 -23.50
C ILE D 480 29.47 -25.78 -24.87
N ALA D 481 30.77 -25.56 -25.10
CA ALA D 481 31.37 -25.90 -26.39
C ALA D 481 31.33 -27.39 -26.66
N ARG D 482 31.43 -28.22 -25.62
CA ARG D 482 31.38 -29.66 -25.80
C ARG D 482 29.97 -30.19 -26.05
N LEU D 483 28.95 -29.35 -25.91
CA LEU D 483 27.59 -29.79 -26.20
C LEU D 483 27.38 -29.84 -27.71
N PRO D 484 26.59 -30.81 -28.20
CA PRO D 484 26.40 -30.92 -29.66
C PRO D 484 25.74 -29.69 -30.28
N GLN D 485 24.67 -29.20 -29.69
CA GLN D 485 23.96 -28.04 -30.24
C GLN D 485 24.46 -26.71 -29.69
N GLY D 486 25.46 -26.72 -28.83
CA GLY D 486 26.00 -25.45 -28.33
C GLY D 486 24.96 -24.70 -27.53
N TYR D 487 24.74 -23.44 -27.91
CA TYR D 487 23.78 -22.59 -27.22
C TYR D 487 22.33 -23.04 -27.42
N ASP D 488 22.08 -23.94 -28.37
CA ASP D 488 20.72 -24.39 -28.65
C ASP D 488 20.31 -25.62 -27.84
N THR D 489 21.15 -26.07 -26.92
CA THR D 489 20.81 -27.23 -26.09
C THR D 489 19.76 -26.83 -25.06
N GLU D 490 18.58 -27.45 -25.15
CA GLU D 490 17.53 -27.23 -24.16
C GLU D 490 17.99 -27.74 -22.80
N VAL D 491 17.66 -26.99 -21.74
CA VAL D 491 18.06 -27.31 -20.38
C VAL D 491 16.87 -27.09 -19.45
N GLY D 492 17.13 -27.27 -18.15
CA GLY D 492 16.09 -27.20 -17.14
C GLY D 492 15.31 -28.49 -17.05
N GLU D 493 14.17 -28.42 -16.39
CA GLU D 493 13.28 -29.57 -16.35
C GLU D 493 12.75 -29.87 -17.75
N ARG D 494 12.22 -31.08 -17.91
CA ARG D 494 11.80 -31.65 -19.19
C ARG D 494 12.84 -31.39 -20.27
N GLY D 495 14.11 -31.37 -19.89
CA GLY D 495 15.20 -31.13 -20.81
C GLY D 495 16.47 -31.73 -20.26
N LEU D 496 17.60 -31.34 -20.87
CA LEU D 496 18.89 -31.80 -20.40
C LEU D 496 19.13 -31.34 -18.97
N LYS D 497 19.54 -32.27 -18.12
CA LYS D 497 19.76 -31.97 -16.71
C LYS D 497 21.18 -31.44 -16.49
N LEU D 498 21.28 -30.42 -15.65
CA LEU D 498 22.55 -29.79 -15.31
C LEU D 498 22.83 -30.01 -13.83
N SER D 499 24.11 -30.15 -13.50
CA SER D 499 24.50 -30.27 -12.10
C SER D 499 24.27 -28.94 -11.38
N GLY D 500 24.27 -29.01 -10.04
CA GLY D 500 24.09 -27.80 -9.26
C GLY D 500 25.13 -26.74 -9.57
N GLY D 501 26.39 -27.15 -9.72
CA GLY D 501 27.42 -26.22 -10.10
C GLY D 501 27.19 -25.60 -11.46
N GLU D 502 26.68 -26.40 -12.41
CA GLU D 502 26.38 -25.86 -13.73
C GLU D 502 25.24 -24.84 -13.66
N LYS D 503 24.21 -25.12 -12.86
CA LYS D 503 23.13 -24.14 -12.68
C LYS D 503 23.64 -22.86 -12.04
N GLN D 504 24.51 -22.98 -11.03
CA GLN D 504 25.07 -21.78 -10.41
C GLN D 504 25.94 -21.00 -11.39
N ARG D 505 26.66 -21.71 -12.27
CA ARG D 505 27.45 -21.03 -13.29
C ARG D 505 26.57 -20.31 -14.30
N VAL D 506 25.45 -20.93 -14.67
CA VAL D 506 24.50 -20.26 -15.56
C VAL D 506 23.94 -19.02 -14.90
N ALA D 507 23.65 -19.10 -13.61
CA ALA D 507 23.15 -17.93 -12.88
C ALA D 507 24.20 -16.82 -12.85
N ILE D 508 25.46 -17.18 -12.62
CA ILE D 508 26.55 -16.19 -12.60
C ILE D 508 26.69 -15.54 -13.98
N ALA D 509 26.60 -16.34 -15.05
CA ALA D 509 26.68 -15.79 -16.39
C ALA D 509 25.50 -14.88 -16.69
N ARG D 510 24.32 -15.23 -16.18
CA ARG D 510 23.14 -14.38 -16.32
C ARG D 510 23.36 -13.03 -15.66
N THR D 511 23.79 -13.05 -14.40
CA THR D 511 24.06 -11.80 -13.70
C THR D 511 25.17 -11.00 -14.37
N LEU D 512 26.15 -11.68 -14.97
CA LEU D 512 27.19 -10.98 -15.72
C LEU D 512 26.61 -10.30 -16.97
N VAL D 513 25.72 -11.00 -17.67
CA VAL D 513 25.01 -10.38 -18.79
C VAL D 513 24.28 -9.13 -18.33
N LYS D 514 23.64 -9.20 -17.15
CA LYS D 514 23.00 -8.01 -16.59
C LYS D 514 24.03 -6.93 -16.30
N ASN D 515 25.22 -7.32 -15.84
CA ASN D 515 26.34 -6.44 -15.51
C ASN D 515 25.93 -5.36 -14.51
N PRO D 516 25.55 -5.71 -13.29
CA PRO D 516 25.15 -4.70 -12.32
C PRO D 516 26.33 -4.25 -11.47
N PRO D 517 26.30 -3.03 -10.95
CA PRO D 517 27.41 -2.58 -10.09
C PRO D 517 27.48 -3.28 -8.74
N ILE D 518 26.36 -3.80 -8.24
CA ILE D 518 26.32 -4.45 -6.93
C ILE D 518 25.83 -5.88 -7.11
N LEU D 519 26.51 -6.83 -6.46
CA LEU D 519 26.22 -8.25 -6.57
C LEU D 519 26.03 -8.83 -5.19
N LEU D 520 25.05 -9.72 -5.06
CA LEU D 520 24.76 -10.44 -3.82
C LEU D 520 24.73 -11.92 -4.13
N PHE D 521 25.53 -12.69 -3.40
CA PHE D 521 25.56 -14.15 -3.51
C PHE D 521 24.97 -14.71 -2.23
N ASP D 522 23.69 -15.10 -2.27
CA ASP D 522 22.98 -15.53 -1.06
C ASP D 522 23.07 -17.05 -0.98
N GLU D 523 24.12 -17.52 -0.30
CA GLU D 523 24.36 -18.95 -0.08
C GLU D 523 24.36 -19.71 -1.40
N ALA D 524 25.05 -19.15 -2.40
CA ALA D 524 25.04 -19.77 -3.72
C ALA D 524 25.74 -21.12 -3.74
N THR D 525 26.75 -21.30 -2.89
CA THR D 525 27.53 -22.53 -2.84
C THR D 525 27.25 -23.33 -1.56
N SER D 526 26.13 -23.07 -0.89
CA SER D 526 25.85 -23.69 0.40
C SER D 526 25.56 -25.18 0.30
N CYS D 527 25.24 -25.69 -0.89
CA CYS D 527 24.84 -27.08 -1.08
C CYS D 527 25.54 -27.70 -2.28
N LEU D 528 26.73 -27.20 -2.62
CA LEU D 528 27.52 -27.71 -3.72
C LEU D 528 28.69 -28.51 -3.16
N ASP D 529 29.38 -29.24 -4.03
CA ASP D 529 30.52 -29.99 -3.57
C ASP D 529 31.75 -29.09 -3.44
N THR D 530 32.79 -29.61 -2.79
CA THR D 530 33.91 -28.78 -2.37
C THR D 530 34.69 -28.25 -3.56
N ARG D 531 34.95 -29.09 -4.56
CA ARG D 531 35.69 -28.62 -5.73
C ARG D 531 34.88 -27.60 -6.52
N THR D 532 33.59 -27.88 -6.72
CA THR D 532 32.71 -26.90 -7.35
C THR D 532 32.63 -25.62 -6.51
N GLU D 533 32.64 -25.77 -5.18
CA GLU D 533 32.61 -24.61 -4.30
C GLU D 533 33.85 -23.75 -4.51
N GLN D 534 35.03 -24.37 -4.59
CA GLN D 534 36.26 -23.61 -4.80
C GLN D 534 36.28 -22.96 -6.17
N ASP D 535 35.82 -23.68 -7.19
CA ASP D 535 35.78 -23.11 -8.54
C ASP D 535 34.86 -21.90 -8.58
N ILE D 536 33.69 -21.99 -7.96
CA ILE D 536 32.74 -20.88 -8.00
C ILE D 536 33.20 -19.75 -7.09
N LEU D 537 33.97 -20.04 -6.04
CA LEU D 537 34.52 -18.97 -5.23
C LEU D 537 35.62 -18.21 -5.97
N SER D 538 36.46 -18.92 -6.73
CA SER D 538 37.42 -18.24 -7.59
C SER D 538 36.71 -17.43 -8.66
N THR D 539 35.62 -17.98 -9.21
CA THR D 539 34.82 -17.22 -10.18
C THR D 539 34.24 -15.96 -9.56
N MET D 540 33.77 -16.05 -8.31
CA MET D 540 33.23 -14.88 -7.64
C MET D 540 34.31 -13.84 -7.40
N ARG D 541 35.51 -14.26 -6.99
CA ARG D 541 36.60 -13.32 -6.84
C ARG D 541 36.96 -12.66 -8.16
N ALA D 542 36.88 -13.42 -9.26
CA ALA D 542 37.22 -12.87 -10.57
C ALA D 542 36.17 -11.85 -11.04
N VAL D 543 34.89 -12.19 -10.89
CA VAL D 543 33.81 -11.31 -11.35
C VAL D 543 33.64 -10.09 -10.48
N ALA D 544 34.27 -10.05 -9.31
CA ALA D 544 34.17 -8.93 -8.38
C ALA D 544 35.19 -7.83 -8.67
N SER D 545 35.62 -7.70 -9.92
CA SER D 545 36.70 -6.77 -10.26
C SER D 545 36.32 -5.34 -9.89
N HIS D 546 35.26 -4.81 -10.51
CA HIS D 546 34.87 -3.42 -10.32
C HIS D 546 33.48 -3.31 -9.73
N ARG D 547 33.04 -4.33 -8.98
CA ARG D 547 31.72 -4.35 -8.39
C ARG D 547 31.80 -4.43 -6.88
N THR D 548 30.75 -3.92 -6.23
CA THR D 548 30.53 -4.17 -4.80
C THR D 548 29.94 -5.55 -4.64
N THR D 549 30.51 -6.35 -3.73
CA THR D 549 30.16 -7.76 -3.58
C THR D 549 29.74 -8.04 -2.15
N ILE D 550 28.58 -8.68 -2.00
CA ILE D 550 28.07 -9.11 -0.69
C ILE D 550 27.85 -10.61 -0.75
N SER D 551 28.61 -11.35 0.05
CA SER D 551 28.54 -12.82 0.07
C SER D 551 27.88 -13.24 1.37
N ILE D 552 26.65 -13.74 1.28
CA ILE D 552 25.87 -14.19 2.43
C ILE D 552 26.09 -15.69 2.54
N ALA D 553 26.93 -16.11 3.49
CA ALA D 553 27.30 -17.51 3.65
C ALA D 553 27.13 -17.94 5.10
N HIS D 554 26.71 -19.18 5.31
CA HIS D 554 26.58 -19.73 6.65
C HIS D 554 27.92 -20.26 7.16
N ARG D 555 28.71 -20.86 6.28
CA ARG D 555 29.99 -21.46 6.64
C ARG D 555 31.08 -20.38 6.57
N LEU D 556 31.69 -20.10 7.72
CA LEU D 556 32.62 -18.97 7.82
C LEU D 556 33.87 -19.17 6.96
N SER D 557 34.30 -20.41 6.79
CA SER D 557 35.53 -20.66 6.04
C SER D 557 35.42 -20.23 4.58
N THR D 558 34.20 -20.21 4.04
CA THR D 558 34.01 -19.87 2.63
C THR D 558 34.16 -18.38 2.37
N ILE D 559 34.11 -17.54 3.40
CA ILE D 559 34.13 -16.09 3.21
C ILE D 559 35.23 -15.45 4.04
N ALA D 560 36.21 -16.25 4.48
CA ALA D 560 37.26 -15.73 5.34
C ALA D 560 38.12 -14.70 4.62
N ASP D 561 38.20 -14.76 3.30
CA ASP D 561 39.03 -13.84 2.52
C ASP D 561 38.31 -12.55 2.16
N SER D 562 37.14 -12.30 2.73
CA SER D 562 36.40 -11.08 2.43
C SER D 562 37.10 -9.86 3.01
N ASP D 563 36.86 -8.70 2.40
CA ASP D 563 37.44 -7.47 2.92
C ASP D 563 36.92 -7.18 4.32
N THR D 564 35.63 -7.44 4.56
CA THR D 564 35.09 -7.30 5.91
C THR D 564 33.92 -8.27 6.08
N ILE D 565 33.59 -8.54 7.33
CA ILE D 565 32.57 -9.54 7.69
C ILE D 565 31.60 -8.92 8.68
N LEU D 566 30.31 -9.04 8.40
CA LEU D 566 29.23 -8.58 9.28
C LEU D 566 28.59 -9.80 9.92
N VAL D 567 28.61 -9.84 11.25
CA VAL D 567 28.06 -10.95 12.03
C VAL D 567 26.70 -10.51 12.55
N LEU D 568 25.67 -11.30 12.25
CA LEU D 568 24.31 -11.00 12.65
C LEU D 568 23.85 -11.98 13.73
N ASP D 569 23.22 -11.46 14.77
CA ASP D 569 22.63 -12.26 15.82
C ASP D 569 21.33 -11.62 16.24
N GLN D 570 20.26 -12.42 16.30
CA GLN D 570 18.94 -11.96 16.71
C GLN D 570 18.47 -10.79 15.84
N GLY D 571 18.82 -10.79 14.56
CA GLY D 571 18.41 -9.72 13.69
C GLY D 571 19.13 -8.41 13.95
N ARG D 572 20.26 -8.45 14.64
CA ARG D 572 21.03 -7.26 14.96
C ARG D 572 22.49 -7.49 14.58
N LEU D 573 23.25 -6.39 14.51
CA LEU D 573 24.67 -6.45 14.16
C LEU D 573 25.47 -6.69 15.43
N ALA D 574 25.98 -7.92 15.59
CA ALA D 574 26.73 -8.23 16.79
C ALA D 574 28.18 -7.79 16.69
N GLU D 575 28.83 -8.11 15.57
CA GLU D 575 30.25 -7.81 15.39
C GLU D 575 30.48 -7.36 13.95
N GLN D 576 31.52 -6.53 13.78
CA GLN D 576 31.87 -5.98 12.47
C GLN D 576 33.38 -5.84 12.37
N GLY D 577 33.91 -6.22 11.22
CA GLY D 577 35.33 -6.08 10.98
C GLY D 577 35.82 -7.18 10.06
N SER D 578 37.13 -7.16 9.82
CA SER D 578 37.77 -8.15 8.97
C SER D 578 37.86 -9.49 9.71
N HIS D 579 38.26 -10.53 8.96
CA HIS D 579 38.36 -11.87 9.51
C HIS D 579 39.36 -11.90 10.67
N LEU D 580 40.54 -11.32 10.47
CA LEU D 580 41.55 -11.32 11.51
C LEU D 580 41.09 -10.50 12.73
N ASP D 581 40.50 -9.34 12.50
CA ASP D 581 40.01 -8.52 13.61
C ASP D 581 38.94 -9.26 14.42
N LEU D 582 37.98 -9.88 13.72
CA LEU D 582 36.92 -10.59 14.42
C LEU D 582 37.46 -11.80 15.16
N LEU D 583 38.46 -12.48 14.60
CA LEU D 583 39.11 -13.57 15.33
C LEU D 583 39.81 -13.05 16.57
N ARG D 584 40.43 -11.88 16.48
CA ARG D 584 41.12 -11.31 17.64
C ARG D 584 40.14 -10.87 18.72
N ARG D 585 38.94 -10.43 18.33
CA ARG D 585 37.98 -9.93 19.32
C ARG D 585 37.51 -11.00 20.29
N ASP D 586 37.62 -12.27 19.92
CA ASP D 586 37.21 -13.39 20.77
C ASP D 586 35.74 -13.27 21.17
N GLY D 587 34.89 -12.97 20.19
CA GLY D 587 33.48 -12.81 20.44
C GLY D 587 32.60 -13.92 19.87
N LEU D 588 31.43 -13.54 19.35
CA LEU D 588 30.50 -14.52 18.80
C LEU D 588 31.04 -15.13 17.52
N TYR D 589 31.53 -14.29 16.60
CA TYR D 589 32.15 -14.82 15.39
C TYR D 589 33.33 -15.71 15.71
N ALA D 590 34.11 -15.32 16.72
CA ALA D 590 35.23 -16.17 17.15
C ALA D 590 34.72 -17.48 17.70
N GLU D 591 33.58 -17.46 18.42
CA GLU D 591 33.00 -18.71 18.91
C GLU D 591 32.58 -19.61 17.76
N MET D 592 31.96 -19.04 16.73
CA MET D 592 31.57 -19.84 15.57
C MET D 592 32.79 -20.39 14.85
N TRP D 593 33.81 -19.56 14.65
CA TRP D 593 35.02 -20.03 14.00
C TRP D 593 35.70 -21.12 14.81
N ALA D 594 35.68 -21.02 16.14
CA ALA D 594 36.26 -22.06 16.98
C ALA D 594 35.45 -23.35 16.88
N ARG D 595 34.13 -23.24 16.82
CA ARG D 595 33.30 -24.42 16.64
C ARG D 595 33.60 -25.11 15.32
N GLN D 596 33.77 -24.32 14.26
CA GLN D 596 34.09 -24.93 12.97
C GLN D 596 35.51 -25.50 12.94
N ALA D 597 36.44 -24.85 13.65
CA ALA D 597 37.80 -25.36 13.75
C ALA D 597 37.83 -26.70 14.48
N ALA D 598 37.05 -26.84 15.55
CA ALA D 598 36.98 -28.08 16.30
C ALA D 598 36.29 -29.17 15.51
N ARG E 13 -7.89 25.62 -41.19
CA ARG E 13 -7.70 26.97 -40.69
C ARG E 13 -8.65 27.95 -41.39
N HIS E 14 -9.79 28.21 -40.73
CA HIS E 14 -10.80 29.10 -41.31
C HIS E 14 -10.64 30.55 -40.86
N ASP E 15 -10.02 30.79 -39.70
CA ASP E 15 -9.84 32.16 -39.22
C ASP E 15 -8.85 32.91 -40.09
N GLY E 16 -7.65 32.35 -40.27
CA GLY E 16 -6.69 32.95 -41.18
C GLY E 16 -7.18 33.00 -42.60
N TRP E 17 -8.00 32.02 -43.00
CA TRP E 17 -8.59 32.04 -44.34
C TRP E 17 -9.52 33.23 -44.50
N GLN E 18 -10.37 33.50 -43.50
CA GLN E 18 -11.24 34.67 -43.56
C GLN E 18 -10.43 35.96 -43.52
N THR E 19 -9.33 35.98 -42.76
CA THR E 19 -8.48 37.17 -42.74
C THR E 19 -7.89 37.45 -44.12
N LEU E 20 -7.36 36.40 -44.76
CA LEU E 20 -6.81 36.57 -46.10
C LEU E 20 -7.89 36.94 -47.11
N LYS E 21 -9.09 36.39 -46.95
CA LYS E 21 -10.20 36.76 -47.83
C LYS E 21 -10.55 38.23 -47.69
N ARG E 22 -10.53 38.74 -46.44
CA ARG E 22 -10.79 40.16 -46.23
C ARG E 22 -9.67 41.01 -46.80
N PHE E 23 -8.43 40.51 -46.77
CA PHE E 23 -7.31 41.27 -47.35
C PHE E 23 -7.36 41.29 -48.87
N LEU E 24 -7.87 40.22 -49.49
CA LEU E 24 -7.82 40.08 -50.94
C LEU E 24 -8.35 41.28 -51.73
N PRO E 25 -9.40 41.99 -51.32
CA PRO E 25 -9.79 43.20 -52.06
C PRO E 25 -8.68 44.23 -52.18
N TYR E 26 -7.78 44.32 -51.18
CA TYR E 26 -6.67 45.26 -51.28
C TYR E 26 -5.67 44.83 -52.35
N LEU E 27 -5.41 43.52 -52.46
CA LEU E 27 -4.49 43.03 -53.47
C LEU E 27 -5.07 43.16 -54.88
N TRP E 28 -6.38 42.98 -55.02
CA TRP E 28 -7.08 43.14 -56.29
C TRP E 28 -7.98 44.36 -56.20
N PRO E 29 -7.48 45.55 -56.49
CA PRO E 29 -8.32 46.75 -56.37
C PRO E 29 -9.43 46.79 -57.41
N ALA E 30 -10.58 47.31 -56.98
CA ALA E 30 -11.75 47.39 -57.85
C ALA E 30 -11.81 48.68 -58.65
N ASP E 31 -10.77 49.52 -58.59
CA ASP E 31 -10.75 50.78 -59.33
C ASP E 31 -9.53 50.95 -60.21
N ASN E 32 -8.45 50.23 -59.96
CA ASN E 32 -7.21 50.35 -60.73
C ASN E 32 -7.07 49.16 -61.66
N ALA E 33 -7.06 49.44 -62.96
CA ALA E 33 -6.76 48.42 -63.98
C ALA E 33 -5.29 48.03 -63.96
N VAL E 34 -4.40 49.04 -63.95
CA VAL E 34 -2.96 48.79 -64.02
C VAL E 34 -2.52 47.79 -62.98
N LEU E 35 -3.04 47.92 -61.75
CA LEU E 35 -2.64 47.01 -60.67
C LEU E 35 -3.12 45.59 -60.92
N ARG E 36 -4.34 45.43 -61.43
CA ARG E 36 -4.84 44.09 -61.74
C ARG E 36 -4.02 43.45 -62.85
N ARG E 37 -3.68 44.23 -63.88
CA ARG E 37 -2.83 43.71 -64.95
C ARG E 37 -1.45 43.33 -64.44
N ARG E 38 -0.92 44.12 -63.50
CA ARG E 38 0.37 43.78 -62.89
C ARG E 38 0.28 42.49 -62.10
N VAL E 39 -0.82 42.28 -61.37
CA VAL E 39 -1.00 41.03 -60.64
C VAL E 39 -1.08 39.85 -61.60
N VAL E 40 -1.81 40.01 -62.70
CA VAL E 40 -1.92 38.93 -63.69
C VAL E 40 -0.54 38.62 -64.28
N GLY E 41 0.21 39.66 -64.64
CA GLY E 41 1.56 39.44 -65.16
C GLY E 41 2.48 38.79 -64.16
N ALA E 42 2.33 39.15 -62.88
CA ALA E 42 3.15 38.53 -61.84
C ALA E 42 2.83 37.06 -61.69
N ILE E 43 1.54 36.69 -61.76
CA ILE E 43 1.17 35.28 -61.68
C ILE E 43 1.71 34.53 -62.89
N LEU E 44 1.66 35.15 -64.07
CA LEU E 44 2.22 34.51 -65.26
C LEU E 44 3.73 34.30 -65.12
N MET E 45 4.43 35.27 -64.51
CA MET E 45 5.86 35.12 -64.28
C MET E 45 6.14 34.03 -63.25
N VAL E 46 5.28 33.91 -62.23
CA VAL E 46 5.39 32.80 -61.28
C VAL E 46 5.33 31.47 -62.03
N LEU E 47 4.33 31.33 -62.91
CA LEU E 47 4.17 30.08 -63.65
C LEU E 47 5.37 29.81 -64.54
N LEU E 48 5.84 30.83 -65.25
CA LEU E 48 6.99 30.63 -66.15
C LEU E 48 8.25 30.24 -65.36
N GLY E 49 8.51 30.92 -64.25
CA GLY E 49 9.68 30.60 -63.46
C GLY E 49 9.62 29.20 -62.88
N LYS E 50 8.46 28.80 -62.36
CA LYS E 50 8.32 27.45 -61.83
C LYS E 50 8.50 26.41 -62.93
N ALA E 51 7.90 26.64 -64.10
CA ALA E 51 8.06 25.69 -65.20
C ALA E 51 9.52 25.58 -65.63
N THR E 52 10.24 26.70 -65.69
CA THR E 52 11.64 26.65 -66.12
C THR E 52 12.51 25.96 -65.08
N THR E 53 12.31 26.25 -63.80
CA THR E 53 13.08 25.60 -62.74
C THR E 53 12.75 24.12 -62.62
N LEU E 54 11.57 23.70 -63.05
CA LEU E 54 11.26 22.27 -63.10
C LEU E 54 11.82 21.61 -64.35
N ALA E 55 11.93 22.35 -65.44
CA ALA E 55 12.40 21.78 -66.70
C ALA E 55 13.91 21.62 -66.74
N LEU E 56 14.66 22.56 -66.15
CA LEU E 56 16.11 22.51 -66.27
C LEU E 56 16.75 21.24 -65.69
N PRO E 57 16.28 20.64 -64.58
CA PRO E 57 16.90 19.37 -64.15
C PRO E 57 16.64 18.24 -65.13
N PHE E 58 15.52 18.25 -65.86
CA PHE E 58 15.34 17.29 -66.94
C PHE E 58 16.40 17.47 -68.01
N ALA E 59 16.73 18.72 -68.33
CA ALA E 59 17.81 18.98 -69.28
C ALA E 59 19.14 18.46 -68.77
N TYR E 60 19.39 18.61 -67.46
CA TYR E 60 20.63 18.08 -66.89
C TYR E 60 20.65 16.56 -66.96
N LYS E 61 19.52 15.92 -66.65
CA LYS E 61 19.44 14.46 -66.73
C LYS E 61 19.68 13.97 -68.15
N LYS E 62 19.09 14.65 -69.14
CA LYS E 62 19.31 14.24 -70.52
C LYS E 62 20.74 14.51 -70.97
N ALA E 63 21.36 15.58 -70.47
CA ALA E 63 22.77 15.81 -70.74
C ALA E 63 23.63 14.68 -70.19
N VAL E 64 23.34 14.24 -68.97
CA VAL E 64 24.08 13.12 -68.40
C VAL E 64 23.85 11.86 -69.22
N ASP E 65 22.62 11.62 -69.65
CA ASP E 65 22.32 10.45 -70.47
C ASP E 65 23.12 10.49 -71.77
N ALA E 66 23.20 11.66 -72.41
CA ALA E 66 24.00 11.79 -73.62
C ALA E 66 25.49 11.62 -73.34
N MET E 67 25.95 12.01 -72.15
CA MET E 67 27.35 11.86 -71.80
C MET E 67 27.73 10.44 -71.43
N THR E 68 26.79 9.61 -70.99
CA THR E 68 27.13 8.23 -70.63
C THR E 68 26.87 7.21 -71.72
N LEU E 69 25.97 7.49 -72.66
CA LEU E 69 25.78 6.63 -73.83
C LEU E 69 26.11 7.41 -75.09
N GLY E 70 26.51 6.70 -76.14
CA GLY E 70 26.79 7.32 -77.41
C GLY E 70 25.66 7.15 -78.39
N GLY E 71 24.93 6.05 -78.23
CA GLY E 71 23.83 5.65 -79.09
C GLY E 71 24.15 5.63 -80.57
N GLY E 72 23.56 6.56 -81.33
CA GLY E 72 23.75 6.58 -82.77
C GLY E 72 24.39 7.85 -83.28
N ALA E 73 24.12 8.96 -82.61
CA ALA E 73 24.67 10.25 -83.02
C ALA E 73 26.12 10.33 -82.54
N GLN E 74 27.05 10.13 -83.47
CA GLN E 74 28.47 10.18 -83.11
C GLN E 74 28.87 11.47 -82.40
N PRO E 75 28.42 12.66 -82.82
CA PRO E 75 28.81 13.86 -82.04
C PRO E 75 28.02 14.01 -80.74
N ALA E 76 28.32 13.14 -79.77
CA ALA E 76 27.72 13.26 -78.45
C ALA E 76 28.00 14.62 -77.84
N LEU E 77 29.04 15.30 -78.33
CA LEU E 77 29.43 16.60 -77.80
C LEU E 77 28.40 17.67 -78.17
N THR E 78 27.85 17.60 -79.38
CA THR E 78 26.84 18.59 -79.77
C THR E 78 25.62 18.51 -78.88
N VAL E 79 25.09 17.29 -78.66
CA VAL E 79 23.93 17.12 -77.80
C VAL E 79 24.25 17.52 -76.36
N ALA E 80 25.42 17.14 -75.87
CA ALA E 80 25.79 17.48 -74.49
C ALA E 80 25.92 18.99 -74.32
N LEU E 81 26.55 19.66 -75.28
CA LEU E 81 26.67 21.11 -75.23
C LEU E 81 25.30 21.77 -75.26
N ALA E 82 24.43 21.33 -76.17
CA ALA E 82 23.10 21.90 -76.25
C ALA E 82 22.35 21.74 -74.93
N PHE E 83 22.49 20.57 -74.29
CA PHE E 83 21.72 20.33 -73.07
C PHE E 83 22.29 21.08 -71.86
N VAL E 84 23.61 21.21 -71.77
CA VAL E 84 24.17 21.99 -70.67
C VAL E 84 23.89 23.47 -70.86
N LEU E 85 23.92 23.94 -72.11
CA LEU E 85 23.53 25.33 -72.39
C LEU E 85 22.06 25.55 -72.06
N ALA E 86 21.21 24.57 -72.33
CA ALA E 86 19.80 24.68 -71.96
C ALA E 86 19.64 24.73 -70.45
N TYR E 87 20.43 23.95 -69.72
CA TYR E 87 20.37 23.98 -68.26
C TYR E 87 20.78 25.34 -67.72
N ALA E 88 21.87 25.90 -68.23
CA ALA E 88 22.32 27.21 -67.77
C ALA E 88 21.30 28.30 -68.13
N LEU E 89 20.80 28.26 -69.37
CA LEU E 89 19.79 29.23 -69.79
C LEU E 89 18.51 29.10 -68.98
N GLY E 90 18.17 27.88 -68.55
CA GLY E 90 16.99 27.71 -67.72
C GLY E 90 17.17 28.29 -66.34
N ARG E 91 18.34 28.08 -65.73
CA ARG E 91 18.63 28.72 -64.45
C ARG E 91 18.53 30.25 -64.59
N PHE E 92 19.15 30.80 -65.63
CA PHE E 92 19.12 32.24 -65.84
C PHE E 92 17.70 32.74 -66.04
N SER E 93 16.91 32.02 -66.85
CA SER E 93 15.54 32.45 -67.13
C SER E 93 14.66 32.36 -65.89
N GLY E 94 14.90 31.36 -65.04
CA GLY E 94 14.16 31.27 -63.80
C GLY E 94 14.45 32.45 -62.89
N VAL E 95 15.73 32.78 -62.72
CA VAL E 95 16.08 33.93 -61.88
C VAL E 95 15.54 35.22 -62.48
N LEU E 96 15.58 35.33 -63.81
CA LEU E 96 15.05 36.53 -64.48
C LEU E 96 13.55 36.66 -64.26
N PHE E 97 12.81 35.57 -64.38
CA PHE E 97 11.37 35.61 -64.15
C PHE E 97 11.06 35.96 -62.70
N ASP E 98 11.85 35.43 -61.76
CA ASP E 98 11.64 35.77 -60.35
C ASP E 98 11.84 37.25 -60.10
N ASN E 99 12.93 37.81 -60.62
CA ASN E 99 13.18 39.24 -60.38
C ASN E 99 12.17 40.11 -61.11
N LEU E 100 11.72 39.70 -62.30
CA LEU E 100 10.71 40.46 -63.02
C LEU E 100 9.39 40.46 -62.26
N ARG E 101 8.98 39.30 -61.74
CA ARG E 101 7.74 39.26 -60.97
C ARG E 101 7.87 40.07 -59.68
N ASN E 102 9.05 40.06 -59.06
CA ASN E 102 9.25 40.90 -57.87
C ASN E 102 9.05 42.37 -58.22
N ILE E 103 9.69 42.83 -59.30
CA ILE E 103 9.58 44.23 -59.70
C ILE E 103 8.13 44.58 -60.03
N VAL E 104 7.45 43.70 -60.77
CA VAL E 104 6.09 43.98 -61.20
C VAL E 104 5.14 44.05 -60.01
N PHE E 105 5.30 43.14 -59.04
CA PHE E 105 4.39 43.10 -57.91
C PHE E 105 4.69 44.13 -56.84
N GLU E 106 5.91 44.69 -56.81
CA GLU E 106 6.24 45.65 -55.76
C GLU E 106 5.29 46.84 -55.76
N ARG E 107 4.87 47.30 -56.95
CA ARG E 107 3.97 48.45 -57.01
C ARG E 107 2.61 48.12 -56.42
N VAL E 108 2.04 46.97 -56.79
CA VAL E 108 0.75 46.55 -56.22
C VAL E 108 0.86 46.39 -54.71
N GLY E 109 1.97 45.80 -54.25
CA GLY E 109 2.14 45.62 -52.82
C GLY E 109 2.18 46.94 -52.07
N GLN E 110 3.00 47.87 -52.58
CA GLN E 110 3.10 49.18 -51.94
C GLN E 110 1.77 49.91 -51.95
N ASP E 111 1.03 49.84 -53.06
CA ASP E 111 -0.26 50.53 -53.14
C ASP E 111 -1.28 49.92 -52.20
N ALA E 112 -1.33 48.59 -52.12
CA ALA E 112 -2.27 47.93 -51.22
C ALA E 112 -1.96 48.28 -49.76
N THR E 113 -0.67 48.20 -49.39
CA THR E 113 -0.30 48.54 -48.02
C THR E 113 -0.53 50.01 -47.72
N ARG E 114 -0.34 50.90 -48.71
CA ARG E 114 -0.61 52.32 -48.51
C ARG E 114 -2.10 52.55 -48.28
N HIS E 115 -2.95 51.89 -49.05
CA HIS E 115 -4.39 52.05 -48.87
C HIS E 115 -4.83 51.50 -47.52
N LEU E 116 -4.27 50.35 -47.11
CA LEU E 116 -4.58 49.81 -45.79
C LEU E 116 -4.16 50.75 -44.67
N ALA E 117 -2.94 51.29 -44.78
CA ALA E 117 -2.45 52.22 -43.76
C ALA E 117 -3.30 53.48 -43.71
N GLU E 118 -3.71 53.99 -44.87
CA GLU E 118 -4.55 55.18 -44.90
C GLU E 118 -5.90 54.91 -44.26
N ASN E 119 -6.49 53.76 -44.55
CA ASN E 119 -7.77 53.40 -43.94
C ASN E 119 -7.64 53.27 -42.42
N VAL E 120 -6.59 52.59 -41.96
CA VAL E 120 -6.39 52.43 -40.51
C VAL E 120 -6.16 53.79 -39.85
N PHE E 121 -5.39 54.66 -40.49
CA PHE E 121 -5.11 55.97 -39.91
C PHE E 121 -6.39 56.80 -39.82
N ALA E 122 -7.17 56.84 -40.90
CA ALA E 122 -8.43 57.58 -40.91
C ALA E 122 -9.39 57.03 -39.85
N ARG E 123 -9.45 55.70 -39.70
CA ARG E 123 -10.33 55.12 -38.70
C ARG E 123 -9.87 55.46 -37.30
N LEU E 124 -8.55 55.48 -37.06
CA LEU E 124 -8.04 55.90 -35.77
C LEU E 124 -8.42 57.34 -35.48
N HIS E 125 -8.39 58.20 -36.50
CA HIS E 125 -8.81 59.59 -36.35
C HIS E 125 -10.30 59.73 -36.08
N LYS E 126 -11.09 58.69 -36.36
CA LYS E 126 -12.55 58.78 -36.24
C LYS E 126 -13.06 58.54 -34.82
N LEU E 127 -12.22 58.04 -33.91
CA LEU E 127 -12.61 57.81 -32.54
C LEU E 127 -11.63 58.52 -31.60
N SER E 128 -12.07 58.76 -30.37
CA SER E 128 -11.26 59.58 -29.47
C SER E 128 -10.94 58.92 -28.14
N LEU E 129 -11.89 58.21 -27.53
CA LEU E 129 -11.71 57.76 -26.15
C LEU E 129 -10.53 56.82 -26.00
N ARG E 130 -10.23 56.02 -27.03
CA ARG E 130 -9.11 55.09 -26.94
C ARG E 130 -7.76 55.78 -26.90
N PHE E 131 -7.71 57.10 -27.13
CA PHE E 131 -6.47 57.82 -26.89
C PHE E 131 -6.17 57.99 -25.41
N HIS E 132 -7.14 57.73 -24.54
CA HIS E 132 -6.83 57.55 -23.12
C HIS E 132 -6.14 56.22 -22.88
N LEU E 133 -6.54 55.18 -23.61
CA LEU E 133 -5.86 53.89 -23.55
C LEU E 133 -4.50 53.92 -24.21
N ALA E 134 -4.10 55.04 -24.79
CA ALA E 134 -2.80 55.19 -25.43
C ALA E 134 -1.89 56.14 -24.65
N ARG E 135 -1.96 56.07 -23.32
CA ARG E 135 -1.04 56.85 -22.50
C ARG E 135 0.40 56.43 -22.70
N ARG E 136 0.63 55.20 -23.16
CA ARG E 136 1.97 54.74 -23.48
C ARG E 136 2.38 55.25 -24.86
N THR E 137 3.56 55.87 -24.93
CA THR E 137 4.08 56.42 -26.18
C THR E 137 5.01 55.45 -26.91
N GLY E 138 5.93 54.79 -26.19
CA GLY E 138 6.84 53.87 -26.84
C GLY E 138 6.13 52.72 -27.53
N GLU E 139 5.09 52.18 -26.89
CA GLU E 139 4.36 51.06 -27.49
C GLU E 139 3.65 51.48 -28.77
N VAL E 140 3.00 52.64 -28.77
CA VAL E 140 2.31 53.11 -29.97
C VAL E 140 3.31 53.41 -31.08
N THR E 141 4.44 54.03 -30.73
CA THR E 141 5.45 54.32 -31.75
C THR E 141 6.03 53.04 -32.34
N LYS E 142 6.30 52.05 -31.49
CA LYS E 142 6.81 50.77 -31.99
C LYS E 142 5.78 50.09 -32.87
N VAL E 143 4.51 50.16 -32.50
CA VAL E 143 3.45 49.59 -33.34
C VAL E 143 3.41 50.28 -34.69
N ILE E 144 3.50 51.60 -34.70
CA ILE E 144 3.45 52.35 -35.96
C ILE E 144 4.63 51.98 -36.86
N GLU E 145 5.83 51.89 -36.28
CA GLU E 145 7.00 51.56 -37.08
C GLU E 145 6.99 50.10 -37.52
N ARG E 146 6.41 49.20 -36.73
CA ARG E 146 6.49 47.77 -36.96
C ARG E 146 5.37 47.23 -37.84
N GLY E 147 4.22 47.92 -37.88
CA GLY E 147 3.09 47.40 -38.65
C GLY E 147 3.40 47.23 -40.13
N THR E 148 3.98 48.27 -40.74
CA THR E 148 4.26 48.22 -42.17
C THR E 148 5.31 47.17 -42.50
N LYS E 149 6.39 47.12 -41.72
CA LYS E 149 7.41 46.11 -41.96
C LYS E 149 6.86 44.71 -41.78
N SER E 150 6.03 44.49 -40.75
CA SER E 150 5.45 43.17 -40.52
C SER E 150 4.54 42.76 -41.66
N ILE E 151 3.66 43.67 -42.09
CA ILE E 151 2.72 43.34 -43.16
C ILE E 151 3.47 43.06 -44.46
N ASP E 152 4.46 43.90 -44.78
CA ASP E 152 5.25 43.72 -45.99
C ASP E 152 5.96 42.37 -45.96
N THR E 153 6.63 42.08 -44.85
CA THR E 153 7.35 40.80 -44.71
C THR E 153 6.40 39.63 -44.87
N MET E 154 5.24 39.69 -44.19
CA MET E 154 4.28 38.59 -44.27
C MET E 154 3.81 38.38 -45.71
N LEU E 155 3.45 39.47 -46.40
CA LEU E 155 2.96 39.36 -47.77
C LEU E 155 4.03 38.78 -48.68
N TYR E 156 5.25 39.33 -48.60
CA TYR E 156 6.35 38.86 -49.44
C TYR E 156 6.63 37.38 -49.19
N PHE E 157 6.81 37.00 -47.92
CA PHE E 157 7.11 35.63 -47.58
C PHE E 157 6.01 34.69 -48.05
N LEU E 158 4.75 35.05 -47.79
CA LEU E 158 3.63 34.25 -48.27
C LEU E 158 3.70 34.05 -49.78
N LEU E 159 3.64 35.15 -50.54
CA LEU E 159 3.49 35.05 -51.98
C LEU E 159 4.71 34.45 -52.68
N PHE E 160 5.89 34.51 -52.07
CA PHE E 160 7.08 34.00 -52.73
C PHE E 160 7.67 32.77 -52.06
N ASN E 161 7.02 32.23 -51.03
CA ASN E 161 7.43 30.95 -50.46
C ASN E 161 6.31 29.92 -50.47
N ILE E 162 5.09 30.28 -50.05
CA ILE E 162 4.05 29.29 -49.92
C ILE E 162 3.55 28.85 -51.30
N ALA E 163 3.13 29.81 -52.13
CA ALA E 163 2.63 29.45 -53.46
C ALA E 163 3.70 28.78 -54.32
N PRO E 164 4.92 29.31 -54.45
CA PRO E 164 5.93 28.59 -55.23
C PRO E 164 6.28 27.22 -54.67
N THR E 165 6.37 27.09 -53.35
CA THR E 165 6.70 25.77 -52.77
C THR E 165 5.55 24.79 -52.97
N VAL E 166 4.30 25.26 -52.86
CA VAL E 166 3.17 24.36 -53.10
C VAL E 166 3.14 23.91 -54.55
N ILE E 167 3.35 24.84 -55.49
CA ILE E 167 3.37 24.47 -56.91
C ILE E 167 4.48 23.47 -57.18
N GLU E 168 5.69 23.75 -56.68
CA GLU E 168 6.82 22.86 -56.92
C GLU E 168 6.61 21.51 -56.25
N LEU E 169 6.00 21.48 -55.06
CA LEU E 169 5.74 20.22 -54.38
C LEU E 169 4.73 19.37 -55.13
N THR E 170 3.65 19.99 -55.62
CA THR E 170 2.68 19.24 -56.40
C THR E 170 3.31 18.71 -57.68
N ALA E 171 4.11 19.54 -58.37
CA ALA E 171 4.74 19.08 -59.61
C ALA E 171 5.73 17.96 -59.35
N VAL E 172 6.50 18.05 -58.25
CA VAL E 172 7.47 17.01 -57.93
C VAL E 172 6.75 15.72 -57.56
N ILE E 173 5.65 15.81 -56.83
CA ILE E 173 4.86 14.63 -56.50
C ILE E 173 4.34 13.97 -57.78
N VAL E 174 3.82 14.79 -58.70
CA VAL E 174 3.29 14.25 -59.95
C VAL E 174 4.39 13.56 -60.75
N ILE E 175 5.55 14.21 -60.88
CA ILE E 175 6.62 13.63 -61.69
C ILE E 175 7.17 12.36 -61.06
N PHE E 176 7.37 12.38 -59.73
CA PHE E 176 7.82 11.17 -59.03
C PHE E 176 6.81 10.05 -59.16
N TRP E 177 5.52 10.39 -59.21
CA TRP E 177 4.48 9.38 -59.41
C TRP E 177 4.58 8.78 -60.79
N LEU E 178 4.74 9.64 -61.81
CA LEU E 178 4.76 9.20 -63.19
C LEU E 178 6.01 8.39 -63.55
N ASN E 179 7.14 8.68 -62.88
CA ASN E 179 8.41 8.09 -63.30
C ASN E 179 8.96 7.02 -62.37
N PHE E 180 8.84 7.17 -61.07
CA PHE E 180 9.53 6.29 -60.12
C PHE E 180 8.57 5.42 -59.32
N GLY E 181 7.54 4.89 -59.97
CA GLY E 181 6.66 3.92 -59.35
C GLY E 181 5.89 4.40 -58.14
N LEU E 182 5.84 5.71 -57.93
CA LEU E 182 5.10 6.40 -56.89
C LEU E 182 5.45 5.93 -55.47
N GLY E 183 6.48 5.09 -55.31
CA GLY E 183 6.89 4.66 -54.00
C GLY E 183 7.79 5.74 -53.46
N LEU E 184 8.55 6.32 -54.38
CA LEU E 184 9.33 7.51 -54.07
C LEU E 184 8.42 8.64 -53.61
N VAL E 185 7.21 8.71 -54.18
CA VAL E 185 6.24 9.72 -53.73
C VAL E 185 5.90 9.50 -52.26
N THR E 186 5.63 8.25 -51.87
CA THR E 186 5.31 7.97 -50.48
C THR E 186 6.49 8.33 -49.57
N ALA E 187 7.71 8.00 -50.00
CA ALA E 187 8.88 8.30 -49.17
C ALA E 187 9.06 9.81 -49.02
N THR E 188 8.96 10.55 -50.13
CA THR E 188 9.12 12.01 -50.06
C THR E 188 7.99 12.66 -49.28
N ILE E 189 6.76 12.10 -49.35
CA ILE E 189 5.65 12.65 -48.59
C ILE E 189 5.88 12.45 -47.10
N LEU E 190 6.33 11.24 -46.69
CA LEU E 190 6.65 11.02 -45.29
C LEU E 190 7.75 11.96 -44.82
N ALA E 191 8.77 12.17 -45.67
CA ALA E 191 9.86 13.06 -45.30
C ALA E 191 9.40 14.51 -45.16
N VAL E 192 8.57 14.98 -46.10
CA VAL E 192 8.05 16.35 -46.02
C VAL E 192 7.18 16.52 -44.79
N ILE E 193 6.34 15.52 -44.48
CA ILE E 193 5.48 15.61 -43.30
C ILE E 193 6.31 15.69 -42.04
N ALA E 194 7.32 14.82 -41.90
CA ALA E 194 8.17 14.85 -40.72
C ALA E 194 8.94 16.15 -40.62
N TYR E 195 9.44 16.65 -41.75
CA TYR E 195 10.17 17.92 -41.76
C TYR E 195 9.29 19.07 -41.30
N VAL E 196 8.08 19.16 -41.86
CA VAL E 196 7.17 20.25 -41.50
C VAL E 196 6.79 20.16 -40.02
N TRP E 197 6.48 18.95 -39.54
CA TRP E 197 6.09 18.78 -38.15
C TRP E 197 7.21 19.18 -37.20
N THR E 198 8.42 18.69 -37.45
CA THR E 198 9.56 19.03 -36.60
C THR E 198 9.86 20.52 -36.64
N THR E 199 9.83 21.11 -37.84
CA THR E 199 10.07 22.54 -37.97
C THR E 199 9.05 23.34 -37.17
N ARG E 200 7.77 22.98 -37.26
CA ARG E 200 6.73 23.70 -36.54
C ARG E 200 6.92 23.59 -35.03
N THR E 201 7.14 22.37 -34.54
CA THR E 201 7.28 22.17 -33.10
C THR E 201 8.48 22.92 -32.55
N ILE E 202 9.63 22.81 -33.22
CA ILE E 202 10.82 23.51 -32.74
C ILE E 202 10.65 25.02 -32.89
N THR E 203 9.92 25.47 -33.91
CA THR E 203 9.74 26.91 -34.14
C THR E 203 8.85 27.53 -33.08
N GLU E 204 7.86 26.81 -32.56
CA GLU E 204 7.06 27.36 -31.47
C GLU E 204 7.92 27.63 -30.23
N TRP E 205 8.74 26.65 -29.83
CA TRP E 205 9.69 26.83 -28.75
C TRP E 205 10.65 27.98 -29.02
N ARG E 206 11.17 28.06 -30.24
CA ARG E 206 12.13 29.12 -30.57
C ARG E 206 11.46 30.48 -30.53
N THR E 207 10.18 30.57 -30.91
CA THR E 207 9.47 31.84 -30.85
C THR E 207 9.21 32.25 -29.40
N HIS E 208 8.92 31.28 -28.53
CA HIS E 208 8.81 31.59 -27.10
C HIS E 208 10.11 32.16 -26.56
N LEU E 209 11.23 31.49 -26.83
CA LEU E 209 12.53 31.98 -26.37
C LEU E 209 12.85 33.34 -26.97
N ARG E 210 12.48 33.55 -28.24
CA ARG E 210 12.73 34.82 -28.90
C ARG E 210 11.90 35.94 -28.29
N GLU E 211 10.67 35.64 -27.88
CA GLU E 211 9.85 36.65 -27.20
C GLU E 211 10.46 37.03 -25.86
N LYS E 212 10.96 36.04 -25.10
CA LYS E 212 11.64 36.37 -23.85
C LYS E 212 12.88 37.22 -24.12
N MET E 213 13.66 36.87 -25.13
CA MET E 213 14.84 37.65 -25.50
C MET E 213 14.46 39.07 -25.86
N ASN E 214 13.40 39.24 -26.64
CA ASN E 214 12.96 40.58 -27.04
C ASN E 214 12.50 41.38 -25.84
N ARG E 215 11.84 40.74 -24.87
CA ARG E 215 11.43 41.44 -23.67
C ARG E 215 12.64 41.93 -22.88
N LEU E 216 13.66 41.07 -22.73
CA LEU E 216 14.86 41.49 -22.03
C LEU E 216 15.59 42.60 -22.77
N ASP E 217 15.62 42.53 -24.10
CA ASP E 217 16.24 43.57 -24.90
C ASP E 217 15.51 44.90 -24.73
N GLY E 218 14.18 44.87 -24.75
CA GLY E 218 13.42 46.09 -24.53
C GLY E 218 13.66 46.68 -23.15
N GLN E 219 13.74 45.82 -22.13
CA GLN E 219 14.03 46.31 -20.78
C GLN E 219 15.40 46.98 -20.72
N ALA E 220 16.41 46.34 -21.32
CA ALA E 220 17.75 46.92 -21.34
C ALA E 220 17.78 48.25 -22.07
N LEU E 221 17.12 48.32 -23.22
CA LEU E 221 17.10 49.56 -24.00
C LEU E 221 16.38 50.67 -23.24
N ALA E 222 15.29 50.33 -22.56
CA ALA E 222 14.57 51.34 -21.77
C ALA E 222 15.42 51.85 -20.63
N ARG E 223 16.15 50.94 -19.95
CA ARG E 223 17.05 51.38 -18.89
C ARG E 223 18.14 52.30 -19.43
N ALA E 224 18.73 51.93 -20.57
CA ALA E 224 19.78 52.76 -21.16
C ALA E 224 19.25 54.14 -21.54
N VAL E 225 18.06 54.20 -22.15
CA VAL E 225 17.51 55.48 -22.56
C VAL E 225 17.15 56.34 -21.34
N ASP E 226 16.58 55.71 -20.31
CA ASP E 226 16.24 56.46 -19.11
C ASP E 226 17.49 57.00 -18.41
N SER E 227 18.58 56.22 -18.44
CA SER E 227 19.83 56.69 -17.85
C SER E 227 20.43 57.85 -18.65
N LEU E 228 20.44 57.72 -19.98
CA LEU E 228 21.07 58.76 -20.80
C LEU E 228 20.26 60.05 -20.81
N LEU E 229 18.93 59.95 -20.80
CA LEU E 229 18.10 61.15 -20.81
C LEU E 229 18.09 61.86 -19.46
N ASN E 230 18.40 61.16 -18.37
CA ASN E 230 18.45 61.74 -17.04
C ASN E 230 19.90 61.93 -16.58
N TYR E 231 20.77 62.31 -17.51
CA TYR E 231 22.18 62.53 -17.18
C TYR E 231 22.34 63.56 -16.08
N GLU E 232 21.55 64.64 -16.12
CA GLU E 232 21.61 65.66 -15.08
C GLU E 232 21.28 65.06 -13.72
N THR E 233 20.25 64.21 -13.65
CA THR E 233 19.88 63.59 -12.39
C THR E 233 20.95 62.63 -11.90
N VAL E 234 21.54 61.85 -12.81
CA VAL E 234 22.61 60.93 -12.45
C VAL E 234 23.79 61.70 -11.86
N LYS E 235 24.13 62.85 -12.47
CA LYS E 235 25.19 63.69 -11.92
C LYS E 235 24.80 64.30 -10.57
N TYR E 236 23.52 64.63 -10.41
CA TYR E 236 23.06 65.26 -9.17
C TYR E 236 23.30 64.37 -7.95
N PHE E 237 23.15 63.05 -8.12
CA PHE E 237 23.27 62.12 -7.00
C PHE E 237 24.49 61.24 -7.11
N GLY E 238 25.38 61.50 -8.05
CA GLY E 238 26.61 60.72 -8.18
C GLY E 238 26.35 59.24 -8.34
N ALA E 239 25.37 58.88 -9.17
CA ALA E 239 24.97 57.49 -9.36
C ALA E 239 25.53 56.90 -10.65
N GLU E 240 26.72 57.33 -11.07
CA GLU E 240 27.32 56.78 -12.27
C GLU E 240 27.57 55.28 -12.12
N SER E 241 28.15 54.88 -11.00
CA SER E 241 28.43 53.47 -10.77
C SER E 241 27.15 52.64 -10.72
N ARG E 242 26.12 53.18 -10.07
CA ARG E 242 24.84 52.46 -9.98
C ARG E 242 24.23 52.26 -11.36
N GLU E 243 24.20 53.31 -12.18
CA GLU E 243 23.65 53.19 -13.53
C GLU E 243 24.48 52.23 -14.38
N GLU E 244 25.81 52.28 -14.23
CA GLU E 244 26.68 51.37 -14.97
C GLU E 244 26.39 49.93 -14.60
N ALA E 245 26.27 49.64 -13.29
CA ALA E 245 25.98 48.28 -12.85
C ALA E 245 24.60 47.83 -13.32
N ARG E 246 23.62 48.73 -13.29
CA ARG E 246 22.28 48.39 -13.76
C ARG E 246 22.29 48.03 -15.23
N TYR E 247 22.94 48.86 -16.06
CA TYR E 247 23.03 48.58 -17.48
C TYR E 247 23.82 47.30 -17.74
N ALA E 248 24.85 47.03 -16.92
CA ALA E 248 25.63 45.81 -17.09
C ALA E 248 24.78 44.58 -16.80
N SER E 249 23.97 44.62 -15.74
CA SER E 249 23.08 43.51 -15.44
C SER E 249 22.06 43.29 -16.56
N ALA E 250 21.47 44.38 -17.06
CA ALA E 250 20.52 44.27 -18.15
C ALA E 250 21.17 43.69 -19.39
N ALA E 251 22.40 44.12 -19.71
CA ALA E 251 23.10 43.61 -20.88
C ALA E 251 23.46 42.14 -20.71
N ARG E 252 23.82 41.73 -19.49
CA ARG E 252 24.10 40.31 -19.26
C ARG E 252 22.85 39.46 -19.47
N ALA E 253 21.71 39.93 -18.95
CA ALA E 253 20.46 39.20 -19.17
C ALA E 253 20.14 39.10 -20.66
N TYR E 254 20.26 40.22 -21.38
CA TYR E 254 20.00 40.20 -22.82
C TYR E 254 20.95 39.27 -23.55
N ALA E 255 22.23 39.25 -23.16
CA ALA E 255 23.20 38.38 -23.81
C ALA E 255 22.88 36.91 -23.57
N ASP E 256 22.49 36.56 -22.34
CA ASP E 256 22.10 35.19 -22.06
C ASP E 256 20.89 34.78 -22.90
N ALA E 257 19.88 35.65 -22.97
CA ALA E 257 18.70 35.35 -23.76
C ALA E 257 19.04 35.18 -25.23
N ALA E 258 19.91 36.05 -25.76
CA ALA E 258 20.30 35.96 -27.16
C ALA E 258 21.08 34.67 -27.44
N VAL E 259 21.98 34.30 -26.52
CA VAL E 259 22.72 33.05 -26.68
C VAL E 259 21.76 31.86 -26.73
N LYS E 260 20.78 31.84 -25.82
CA LYS E 260 19.81 30.75 -25.83
C LYS E 260 19.01 30.72 -27.13
N SER E 261 18.59 31.90 -27.62
CA SER E 261 17.81 31.94 -28.84
C SER E 261 18.62 31.43 -30.03
N GLU E 262 19.87 31.88 -30.16
CA GLU E 262 20.68 31.44 -31.29
C GLU E 262 21.05 29.97 -31.18
N ASN E 263 21.22 29.45 -29.97
CA ASN E 263 21.45 28.01 -29.81
C ASN E 263 20.21 27.21 -30.24
N SER E 264 19.03 27.70 -29.89
CA SER E 264 17.81 27.04 -30.35
C SER E 264 17.69 27.06 -31.87
N LEU E 265 18.05 28.20 -32.48
CA LEU E 265 18.05 28.27 -33.94
C LEU E 265 19.03 27.28 -34.55
N GLY E 266 20.22 27.15 -33.95
CA GLY E 266 21.18 26.17 -34.42
C GLY E 266 20.66 24.75 -34.31
N LEU E 267 19.98 24.44 -33.20
CA LEU E 267 19.40 23.11 -33.03
C LEU E 267 18.34 22.84 -34.09
N LEU E 268 17.50 23.84 -34.38
CA LEU E 268 16.49 23.70 -35.42
C LEU E 268 17.14 23.40 -36.77
N ASN E 269 18.18 24.16 -37.12
CA ASN E 269 18.86 23.94 -38.39
C ASN E 269 19.50 22.55 -38.43
N ILE E 270 20.06 22.10 -37.30
CA ILE E 270 20.66 20.78 -37.24
C ILE E 270 19.62 19.70 -37.50
N ALA E 271 18.45 19.82 -36.86
CA ALA E 271 17.40 18.82 -37.07
C ALA E 271 16.91 18.83 -38.52
N GLN E 272 16.73 20.04 -39.08
CA GLN E 272 16.31 20.15 -40.47
C GLN E 272 17.30 19.46 -41.40
N ALA E 273 18.60 19.72 -41.19
CA ALA E 273 19.62 19.12 -42.04
C ALA E 273 19.68 17.61 -41.84
N LEU E 274 19.47 17.14 -40.62
CA LEU E 274 19.44 15.70 -40.37
C LEU E 274 18.34 15.04 -41.17
N ILE E 275 17.13 15.60 -41.12
CA ILE E 275 16.00 15.04 -41.87
C ILE E 275 16.30 15.06 -43.37
N VAL E 276 16.76 16.22 -43.86
CA VAL E 276 17.00 16.38 -45.29
C VAL E 276 18.06 15.39 -45.78
N ASN E 277 19.14 15.24 -45.02
CA ASN E 277 20.23 14.36 -45.45
C ASN E 277 19.87 12.89 -45.30
N LEU E 278 19.04 12.53 -44.32
CA LEU E 278 18.55 11.15 -44.25
C LEU E 278 17.71 10.83 -45.47
N LEU E 279 16.79 11.74 -45.84
CA LEU E 279 16.01 11.52 -47.05
C LEU E 279 16.89 11.45 -48.28
N MET E 280 17.91 12.31 -48.36
CA MET E 280 18.80 12.30 -49.52
C MET E 280 19.57 10.98 -49.60
N ALA E 281 20.09 10.50 -48.48
CA ALA E 281 20.78 9.21 -48.47
C ALA E 281 19.86 8.10 -48.94
N GLY E 282 18.65 8.04 -48.38
CA GLY E 282 17.71 6.99 -48.79
C GLY E 282 17.40 7.07 -50.27
N ALA E 283 17.09 8.27 -50.77
CA ALA E 283 16.71 8.43 -52.17
C ALA E 283 17.86 8.08 -53.11
N MET E 284 19.06 8.54 -52.81
CA MET E 284 20.20 8.26 -53.68
C MET E 284 20.56 6.78 -53.66
N ALA E 285 20.51 6.15 -52.49
CA ALA E 285 20.78 4.72 -52.41
C ALA E 285 19.74 3.93 -53.21
N TRP E 286 18.46 4.29 -53.09
CA TRP E 286 17.42 3.61 -53.85
C TRP E 286 17.59 3.83 -55.35
N THR E 287 17.98 5.04 -55.74
CA THR E 287 18.14 5.32 -57.17
C THR E 287 19.32 4.54 -57.76
N VAL E 288 20.45 4.50 -57.05
CA VAL E 288 21.59 3.75 -57.59
C VAL E 288 21.31 2.26 -57.54
N TYR E 289 20.55 1.78 -56.56
CA TYR E 289 20.19 0.37 -56.52
C TYR E 289 19.29 0.01 -57.71
N GLY E 290 18.32 0.87 -58.03
CA GLY E 290 17.51 0.65 -59.20
C GLY E 290 18.28 0.74 -60.50
N TRP E 291 19.29 1.62 -60.54
CA TRP E 291 20.15 1.70 -61.72
C TRP E 291 20.96 0.42 -61.91
N SER E 292 21.44 -0.17 -60.80
CA SER E 292 22.26 -1.37 -60.89
C SER E 292 21.53 -2.51 -61.57
N GLN E 293 20.20 -2.54 -61.50
CA GLN E 293 19.39 -3.53 -62.19
C GLN E 293 19.00 -3.09 -63.60
N GLY E 294 19.54 -1.98 -64.09
CA GLY E 294 19.20 -1.49 -65.42
C GLY E 294 17.82 -0.87 -65.54
N LYS E 295 17.08 -0.75 -64.44
CA LYS E 295 15.74 -0.17 -64.50
C LYS E 295 15.80 1.32 -64.80
N LEU E 296 16.75 2.03 -64.19
CA LEU E 296 16.86 3.48 -64.29
C LEU E 296 18.23 3.86 -64.83
N THR E 297 18.31 5.05 -65.42
CA THR E 297 19.59 5.55 -65.89
C THR E 297 20.32 6.26 -64.75
N VAL E 298 21.59 6.57 -64.99
CA VAL E 298 22.39 7.24 -63.97
C VAL E 298 22.00 8.71 -63.84
N GLY E 299 21.60 9.35 -64.95
CA GLY E 299 21.19 10.74 -64.87
C GLY E 299 20.01 10.98 -63.95
N ASP E 300 19.13 9.99 -63.81
CA ASP E 300 18.00 10.14 -62.90
C ASP E 300 18.49 10.44 -61.49
N LEU E 301 19.63 9.84 -61.10
CA LEU E 301 20.17 10.14 -59.78
C LEU E 301 20.42 11.63 -59.64
N VAL E 302 21.16 12.21 -60.59
CA VAL E 302 21.43 13.64 -60.52
C VAL E 302 20.12 14.40 -60.60
N PHE E 303 19.18 13.89 -61.41
CA PHE E 303 17.87 14.52 -61.49
C PHE E 303 17.26 14.60 -60.10
N VAL E 304 17.17 13.45 -59.42
CA VAL E 304 16.59 13.45 -58.08
C VAL E 304 17.38 14.39 -57.19
N ASN E 305 18.72 14.32 -57.28
CA ASN E 305 19.54 15.19 -56.47
C ASN E 305 19.15 16.63 -56.71
N THR E 306 19.16 17.05 -57.97
CA THR E 306 18.85 18.44 -58.26
C THR E 306 17.44 18.76 -57.81
N TYR E 307 16.51 17.85 -58.09
CA TYR E 307 15.13 18.09 -57.67
C TYR E 307 15.06 18.25 -56.16
N LEU E 308 15.72 17.34 -55.44
CA LEU E 308 15.66 17.43 -53.98
C LEU E 308 16.25 18.76 -53.52
N THR E 309 17.37 19.17 -54.12
CA THR E 309 17.94 20.45 -53.72
C THR E 309 16.98 21.57 -54.06
N GLN E 310 16.44 21.54 -55.29
CA GLN E 310 15.47 22.56 -55.68
C GLN E 310 14.24 22.48 -54.80
N LEU E 311 13.90 21.28 -54.33
CA LEU E 311 12.77 21.16 -53.42
C LEU E 311 13.11 21.70 -52.04
N PHE E 312 14.33 21.42 -51.56
CA PHE E 312 14.69 21.70 -50.17
C PHE E 312 15.44 23.01 -49.97
N ARG E 313 15.80 23.71 -51.05
CA ARG E 313 16.51 24.97 -50.89
C ARG E 313 15.63 26.05 -50.25
N PRO E 314 14.37 26.24 -50.67
CA PRO E 314 13.52 27.19 -49.93
C PRO E 314 13.23 26.75 -48.50
N LEU E 315 13.13 25.44 -48.25
CA LEU E 315 12.78 25.00 -46.91
C LEU E 315 13.89 25.25 -45.90
N ASP E 316 15.06 25.68 -46.36
CA ASP E 316 16.11 26.07 -45.43
C ASP E 316 15.66 27.27 -44.60
N MET E 317 14.89 28.17 -45.20
CA MET E 317 14.35 29.28 -44.44
C MET E 317 12.96 29.01 -43.89
N LEU E 318 12.44 27.79 -44.09
CA LEU E 318 11.02 27.55 -43.89
C LEU E 318 10.58 27.91 -42.48
N GLY E 319 11.38 27.53 -41.48
CA GLY E 319 11.01 27.84 -40.12
C GLY E 319 10.85 29.32 -39.89
N MET E 320 11.85 30.11 -40.29
CA MET E 320 11.74 31.55 -40.15
C MET E 320 10.51 32.06 -40.89
N VAL E 321 10.27 31.52 -42.09
CA VAL E 321 9.12 31.98 -42.88
C VAL E 321 7.86 31.79 -42.07
N TYR E 322 7.70 30.59 -41.49
CA TYR E 322 6.49 30.32 -40.72
C TYR E 322 6.31 31.36 -39.63
N ARG E 323 7.36 31.60 -38.85
CA ARG E 323 7.24 32.55 -37.75
C ARG E 323 6.80 33.90 -38.27
N THR E 324 7.46 34.39 -39.33
CA THR E 324 7.14 35.72 -39.80
C THR E 324 5.71 35.77 -40.30
N ILE E 325 5.28 34.74 -41.03
CA ILE E 325 3.92 34.74 -41.55
C ILE E 325 2.95 34.81 -40.39
N ARG E 326 3.20 34.01 -39.35
CA ARG E 326 2.31 34.01 -38.20
C ARG E 326 2.19 35.41 -37.62
N GLN E 327 3.33 36.07 -37.40
CA GLN E 327 3.27 37.40 -36.80
C GLN E 327 2.49 38.35 -37.68
N GLY E 328 2.68 38.26 -39.00
CA GLY E 328 1.97 39.16 -39.88
C GLY E 328 0.48 38.97 -39.77
N LEU E 329 0.04 37.71 -39.69
CA LEU E 329 -1.40 37.45 -39.56
C LEU E 329 -1.93 38.16 -38.33
N ILE E 330 -1.23 38.04 -37.20
CA ILE E 330 -1.69 38.68 -35.98
C ILE E 330 -1.85 40.18 -36.22
N ASP E 331 -0.81 40.81 -36.78
CA ASP E 331 -0.87 42.25 -36.94
C ASP E 331 -1.98 42.63 -37.90
N MET E 332 -2.23 41.82 -38.92
CA MET E 332 -3.27 42.16 -39.86
C MET E 332 -4.63 42.11 -39.17
N ALA E 333 -4.84 41.09 -38.33
CA ALA E 333 -6.06 41.06 -37.55
C ALA E 333 -6.18 42.33 -36.72
N GLU E 334 -5.09 42.69 -36.04
CA GLU E 334 -5.09 43.91 -35.24
C GLU E 334 -5.56 45.08 -36.07
N MET E 335 -5.00 45.23 -37.28
CA MET E 335 -5.36 46.36 -38.12
C MET E 335 -6.85 46.34 -38.43
N PHE E 336 -7.35 45.17 -38.84
CA PHE E 336 -8.78 45.05 -39.13
C PHE E 336 -9.59 45.24 -37.87
N ARG E 337 -9.06 44.79 -36.72
CA ARG E 337 -9.75 45.00 -35.46
C ARG E 337 -9.89 46.48 -35.17
N LEU E 338 -8.86 47.26 -35.52
CA LEU E 338 -8.96 48.71 -35.37
C LEU E 338 -10.07 49.28 -36.25
N ILE E 339 -10.22 48.74 -37.47
CA ILE E 339 -11.28 49.22 -38.35
C ILE E 339 -12.66 48.86 -37.82
N ASP E 340 -12.81 47.67 -37.26
CA ASP E 340 -14.09 47.21 -36.73
C ASP E 340 -14.20 47.63 -35.27
N THR E 341 -14.78 48.80 -35.04
CA THR E 341 -14.97 49.33 -33.70
C THR E 341 -16.21 50.20 -33.68
N HIS E 342 -16.97 50.14 -32.59
CA HIS E 342 -18.15 50.97 -32.45
C HIS E 342 -17.77 52.44 -32.28
N ILE E 343 -18.73 53.31 -32.54
CA ILE E 343 -18.52 54.75 -32.51
C ILE E 343 -18.68 55.26 -31.08
N GLU E 344 -17.73 56.09 -30.64
CA GLU E 344 -17.78 56.65 -29.29
C GLU E 344 -18.77 57.81 -29.21
N VAL E 345 -18.72 58.72 -30.19
CA VAL E 345 -19.57 59.91 -30.20
C VAL E 345 -20.63 59.68 -31.28
N ALA E 346 -21.83 59.29 -30.86
CA ALA E 346 -22.89 58.93 -31.78
C ALA E 346 -23.47 60.15 -32.49
N ASP E 347 -22.97 60.45 -33.67
CA ASP E 347 -23.51 61.52 -34.50
C ASP E 347 -24.64 60.96 -35.35
N VAL E 348 -25.78 61.66 -35.34
CA VAL E 348 -26.96 61.23 -36.11
C VAL E 348 -26.64 61.34 -37.59
N PRO E 349 -27.17 60.44 -38.43
CA PRO E 349 -26.76 60.44 -39.85
C PRO E 349 -27.11 61.71 -40.60
N ASN E 350 -28.31 62.26 -40.39
CA ASN E 350 -28.79 63.44 -41.09
C ASN E 350 -28.63 64.71 -40.25
N ALA E 351 -27.53 64.82 -39.52
CA ALA E 351 -27.34 65.92 -38.60
C ALA E 351 -27.27 67.26 -39.34
N PRO E 352 -28.01 68.27 -38.91
CA PRO E 352 -27.86 69.61 -39.50
C PRO E 352 -26.67 70.35 -38.94
N ALA E 353 -26.20 71.33 -39.70
CA ALA E 353 -25.06 72.13 -39.30
C ALA E 353 -25.44 73.09 -38.18
N LEU E 354 -24.49 73.33 -37.28
CA LEU E 354 -24.72 74.24 -36.17
C LEU E 354 -24.80 75.68 -36.68
N VAL E 355 -25.83 76.40 -36.23
CA VAL E 355 -26.06 77.78 -36.63
C VAL E 355 -25.96 78.64 -35.37
N VAL E 356 -24.86 79.39 -35.26
CA VAL E 356 -24.59 80.19 -34.07
C VAL E 356 -25.09 81.62 -34.36
N ASN E 357 -26.28 81.93 -33.82
CA ASN E 357 -26.85 83.27 -33.89
C ASN E 357 -26.60 84.09 -32.64
N ARG E 358 -26.77 83.48 -31.46
CA ARG E 358 -26.51 84.14 -30.18
C ARG E 358 -25.64 83.20 -29.37
N PRO E 359 -24.32 83.44 -29.30
CA PRO E 359 -23.42 82.45 -28.70
C PRO E 359 -23.55 82.34 -27.19
N SER E 360 -24.68 81.82 -26.73
CA SER E 360 -24.87 81.51 -25.32
C SER E 360 -24.45 80.07 -25.05
N VAL E 361 -24.17 79.78 -23.78
CA VAL E 361 -23.78 78.45 -23.35
C VAL E 361 -24.64 78.06 -22.16
N THR E 362 -25.19 76.85 -22.19
CA THR E 362 -26.05 76.37 -21.12
C THR E 362 -25.63 74.96 -20.73
N PHE E 363 -25.43 74.75 -19.43
CA PHE E 363 -25.22 73.41 -18.87
C PHE E 363 -26.48 73.07 -18.08
N ASP E 364 -27.24 72.09 -18.54
CA ASP E 364 -28.50 71.71 -17.93
C ASP E 364 -28.32 70.35 -17.26
N ASN E 365 -28.15 70.38 -15.94
CA ASN E 365 -28.14 69.19 -15.10
C ASN E 365 -27.14 68.17 -15.60
N VAL E 366 -25.95 68.63 -15.99
CA VAL E 366 -24.96 67.75 -16.60
C VAL E 366 -24.38 66.82 -15.55
N VAL E 367 -24.54 65.52 -15.77
CA VAL E 367 -23.93 64.47 -14.95
C VAL E 367 -23.00 63.68 -15.86
N PHE E 368 -21.72 63.59 -15.48
CA PHE E 368 -20.75 62.95 -16.36
C PHE E 368 -19.60 62.38 -15.56
N GLY E 369 -19.03 61.29 -16.09
CA GLY E 369 -17.81 60.72 -15.58
C GLY E 369 -17.13 59.96 -16.70
N TYR E 370 -15.81 59.77 -16.55
CA TYR E 370 -15.06 59.04 -17.58
C TYR E 370 -15.37 57.54 -17.52
N ASP E 371 -15.56 57.00 -16.32
CA ASP E 371 -15.90 55.61 -16.11
C ASP E 371 -17.12 55.53 -15.22
N ARG E 372 -17.91 54.48 -15.39
CA ARG E 372 -19.17 54.36 -14.66
C ARG E 372 -18.96 54.25 -13.15
N ASP E 373 -17.78 53.80 -12.70
CA ASP E 373 -17.52 53.64 -11.28
C ASP E 373 -17.16 54.95 -10.59
N ARG E 374 -16.79 55.98 -11.34
CA ARG E 374 -16.45 57.28 -10.77
C ARG E 374 -17.34 58.34 -11.42
N GLU E 375 -17.64 59.39 -10.66
CA GLU E 375 -18.51 60.45 -11.15
C GLU E 375 -17.93 61.80 -10.78
N ILE E 376 -17.93 62.71 -11.74
CA ILE E 376 -17.26 64.00 -11.63
C ILE E 376 -18.28 65.14 -11.49
N LEU E 377 -19.13 65.32 -12.49
CA LEU E 377 -20.12 66.38 -12.50
C LEU E 377 -21.40 65.84 -11.87
N HIS E 378 -21.77 66.38 -10.71
CA HIS E 378 -22.95 65.93 -9.98
C HIS E 378 -24.11 66.88 -10.25
N GLY E 379 -24.56 66.87 -11.50
CA GLY E 379 -25.70 67.68 -11.90
C GLY E 379 -25.37 69.16 -11.98
N LEU E 380 -24.35 69.49 -12.76
CA LEU E 380 -23.93 70.88 -12.90
C LEU E 380 -24.81 71.62 -13.90
N SER E 381 -25.36 72.76 -13.48
CA SER E 381 -26.17 73.60 -14.34
C SER E 381 -25.68 75.03 -14.20
N PHE E 382 -25.50 75.71 -15.33
CA PHE E 382 -25.14 77.13 -15.30
C PHE E 382 -25.42 77.75 -16.67
N GLU E 383 -25.37 79.07 -16.70
CA GLU E 383 -25.61 79.86 -17.90
C GLU E 383 -24.45 80.81 -18.14
N VAL E 384 -23.98 80.85 -19.38
CA VAL E 384 -22.95 81.78 -19.82
C VAL E 384 -23.58 82.62 -20.93
N ALA E 385 -23.81 83.90 -20.64
CA ALA E 385 -24.48 84.78 -21.58
C ALA E 385 -23.60 85.05 -22.80
N ALA E 386 -24.24 85.30 -23.93
CA ALA E 386 -23.52 85.57 -25.17
C ALA E 386 -22.79 86.90 -25.08
N GLY E 387 -21.51 86.89 -25.44
CA GLY E 387 -20.68 88.08 -25.41
C GLY E 387 -20.13 88.45 -24.05
N SER E 388 -20.53 87.75 -22.98
CA SER E 388 -20.07 88.06 -21.64
C SER E 388 -18.69 87.45 -21.39
N ARG E 389 -18.00 87.99 -20.41
CA ARG E 389 -16.70 87.48 -19.98
C ARG E 389 -16.87 86.72 -18.68
N VAL E 390 -16.80 85.39 -18.78
CA VAL E 390 -17.03 84.52 -17.64
C VAL E 390 -15.74 83.77 -17.34
N ALA E 391 -15.51 83.52 -16.06
CA ALA E 391 -14.40 82.71 -15.59
C ALA E 391 -14.96 81.48 -14.90
N ILE E 392 -14.20 80.38 -14.93
CA ILE E 392 -14.56 79.17 -14.22
C ILE E 392 -13.36 78.81 -13.34
N VAL E 393 -13.57 78.88 -12.02
CA VAL E 393 -12.48 78.67 -11.07
C VAL E 393 -12.88 77.59 -10.06
N GLY E 394 -11.85 77.00 -9.44
CA GLY E 394 -12.03 75.99 -8.45
C GLY E 394 -10.69 75.39 -8.03
N PRO E 395 -10.68 74.62 -6.94
CA PRO E 395 -9.44 73.98 -6.49
C PRO E 395 -9.02 72.85 -7.42
N SER E 396 -7.93 72.16 -7.06
CA SER E 396 -7.43 71.07 -7.87
C SER E 396 -8.44 69.92 -7.88
N GLY E 397 -8.50 69.21 -9.01
CA GLY E 397 -9.44 68.12 -9.16
C GLY E 397 -10.89 68.54 -9.18
N ALA E 398 -11.16 69.81 -9.48
CA ALA E 398 -12.54 70.30 -9.49
C ALA E 398 -13.34 69.70 -10.64
N GLY E 399 -12.68 69.37 -11.73
CA GLY E 399 -13.33 68.87 -12.92
C GLY E 399 -13.62 69.93 -13.95
N LYS E 400 -12.86 71.01 -13.99
CA LYS E 400 -13.17 72.06 -14.97
C LYS E 400 -12.67 71.69 -16.35
N SER E 401 -11.58 70.89 -16.40
CA SER E 401 -11.13 70.39 -17.69
C SER E 401 -12.15 69.44 -18.29
N THR E 402 -12.94 68.78 -17.45
CA THR E 402 -14.06 67.99 -17.97
C THR E 402 -15.11 68.90 -18.60
N ILE E 403 -15.33 70.09 -18.02
CA ILE E 403 -16.22 71.06 -18.65
C ILE E 403 -15.69 71.44 -20.02
N ALA E 404 -14.39 71.76 -20.10
CA ALA E 404 -13.80 72.14 -21.37
C ALA E 404 -13.92 71.02 -22.41
N ARG E 405 -13.67 69.78 -21.98
CA ARG E 405 -13.73 68.65 -22.90
C ARG E 405 -15.16 68.33 -23.32
N LEU E 406 -16.13 68.53 -22.43
CA LEU E 406 -17.53 68.29 -22.78
C LEU E 406 -18.08 69.38 -23.69
N LEU E 407 -17.55 70.60 -23.60
CA LEU E 407 -18.00 71.66 -24.50
C LEU E 407 -17.67 71.30 -25.95
N PHE E 408 -16.51 70.68 -26.18
CA PHE E 408 -16.12 70.19 -27.50
C PHE E 408 -16.73 68.83 -27.82
N ARG E 409 -17.56 68.29 -26.94
CA ARG E 409 -18.23 67.00 -27.14
C ARG E 409 -17.21 65.89 -27.40
N PHE E 410 -16.15 65.88 -26.58
CA PHE E 410 -15.31 64.69 -26.52
C PHE E 410 -16.03 63.54 -25.83
N TYR E 411 -17.05 63.84 -25.03
CA TYR E 411 -17.88 62.83 -24.39
C TYR E 411 -19.32 63.33 -24.36
N ASP E 412 -20.24 62.42 -24.06
CA ASP E 412 -21.63 62.80 -23.87
C ASP E 412 -22.03 62.63 -22.40
N PRO E 413 -22.84 63.54 -21.86
CA PRO E 413 -23.24 63.41 -20.46
C PRO E 413 -24.11 62.18 -20.24
N TRP E 414 -23.97 61.61 -19.04
CA TRP E 414 -24.80 60.47 -18.67
C TRP E 414 -26.26 60.89 -18.50
N GLU E 415 -26.48 61.97 -17.76
CA GLU E 415 -27.82 62.47 -17.46
C GLU E 415 -27.72 63.99 -17.44
N GLY E 416 -28.02 64.62 -18.55
CA GLY E 416 -27.96 66.07 -18.66
C GLY E 416 -27.72 66.47 -20.09
N ARG E 417 -27.50 67.76 -20.31
CA ARG E 417 -27.23 68.21 -21.67
C ARG E 417 -26.49 69.55 -21.66
N ILE E 418 -25.93 69.87 -22.82
CA ILE E 418 -25.22 71.12 -23.06
C ILE E 418 -25.83 71.77 -24.29
N LEU E 419 -26.14 73.06 -24.19
CA LEU E 419 -26.78 73.80 -25.26
C LEU E 419 -25.92 74.97 -25.68
N ILE E 420 -25.87 75.22 -26.99
CA ILE E 420 -25.25 76.40 -27.57
C ILE E 420 -26.30 77.09 -28.43
N ASP E 421 -26.69 78.30 -28.04
CA ASP E 421 -27.76 79.04 -28.69
C ASP E 421 -29.08 78.26 -28.66
N GLY E 422 -29.35 77.63 -27.52
CA GLY E 422 -30.57 76.87 -27.36
C GLY E 422 -30.64 75.56 -28.13
N GLN E 423 -29.54 75.14 -28.74
CA GLN E 423 -29.51 73.94 -29.56
C GLN E 423 -28.61 72.90 -28.90
N ASP E 424 -29.12 71.68 -28.76
CA ASP E 424 -28.35 70.60 -28.16
C ASP E 424 -27.15 70.27 -29.05
N ILE E 425 -25.95 70.31 -28.47
CA ILE E 425 -24.73 70.06 -29.23
C ILE E 425 -24.63 68.61 -29.68
N ALA E 426 -25.39 67.71 -29.05
CA ALA E 426 -25.41 66.30 -29.44
C ALA E 426 -26.23 66.05 -30.70
N HIS E 427 -27.05 67.02 -31.12
CA HIS E 427 -27.93 66.86 -32.27
C HIS E 427 -27.43 67.60 -33.50
N VAL E 428 -26.28 68.27 -33.41
CA VAL E 428 -25.73 69.03 -34.54
C VAL E 428 -24.49 68.30 -35.06
N THR E 429 -24.02 68.73 -36.23
CA THR E 429 -22.84 68.14 -36.82
C THR E 429 -21.61 68.42 -35.96
N GLN E 430 -20.74 67.42 -35.83
CA GLN E 430 -19.53 67.58 -35.03
C GLN E 430 -18.60 68.64 -35.62
N THR E 431 -18.54 68.71 -36.95
CA THR E 431 -17.62 69.65 -37.60
C THR E 431 -18.02 71.10 -37.33
N SER E 432 -19.30 71.42 -37.52
CA SER E 432 -19.76 72.78 -37.26
C SER E 432 -19.69 73.11 -35.78
N LEU E 433 -19.99 72.14 -34.92
CA LEU E 433 -19.91 72.36 -33.48
C LEU E 433 -18.48 72.73 -33.06
N ARG E 434 -17.50 71.92 -33.46
CA ARG E 434 -16.13 72.20 -33.08
C ARG E 434 -15.53 73.39 -33.83
N ALA E 435 -16.11 73.77 -34.98
CA ALA E 435 -15.63 74.94 -35.69
C ALA E 435 -16.01 76.23 -34.98
N ALA E 436 -17.10 76.23 -34.22
CA ALA E 436 -17.54 77.41 -33.50
C ALA E 436 -16.83 77.62 -32.18
N LEU E 437 -15.95 76.71 -31.77
CA LEU E 437 -15.26 76.78 -30.49
C LEU E 437 -13.75 76.77 -30.71
N GLY E 438 -13.05 77.68 -30.06
CA GLY E 438 -11.60 77.66 -30.02
C GLY E 438 -11.13 77.51 -28.59
N ILE E 439 -10.00 76.82 -28.41
CA ILE E 439 -9.51 76.51 -27.08
C ILE E 439 -8.00 76.65 -27.05
N VAL E 440 -7.49 77.21 -25.96
CA VAL E 440 -6.07 77.25 -25.65
C VAL E 440 -5.86 76.46 -24.36
N PRO E 441 -5.41 75.21 -24.45
CA PRO E 441 -5.30 74.37 -23.26
C PRO E 441 -4.06 74.71 -22.43
N GLN E 442 -3.97 74.04 -21.28
CA GLN E 442 -2.86 74.26 -20.37
C GLN E 442 -1.54 73.82 -21.00
N ASP E 443 -1.47 72.58 -21.46
CA ASP E 443 -0.28 72.03 -22.10
C ASP E 443 -0.51 72.02 -23.60
N SER E 444 0.02 73.02 -24.29
CA SER E 444 -0.13 73.13 -25.73
C SER E 444 1.07 72.49 -26.43
N VAL E 445 0.78 71.71 -27.47
CA VAL E 445 1.80 70.97 -28.21
C VAL E 445 1.98 71.62 -29.58
N LEU E 446 3.22 71.62 -30.06
CA LEU E 446 3.56 72.17 -31.36
C LEU E 446 3.86 71.04 -32.34
N PHE E 447 3.42 71.21 -33.58
CA PHE E 447 3.72 70.26 -34.64
C PHE E 447 5.16 70.45 -35.11
N ASN E 448 5.73 69.37 -35.64
CA ASN E 448 7.12 69.38 -36.11
C ASN E 448 7.16 69.97 -37.52
N ASP E 449 7.16 71.30 -37.57
CA ASP E 449 7.14 72.05 -38.82
C ASP E 449 7.53 73.48 -38.49
N THR E 450 7.39 74.38 -39.48
CA THR E 450 7.77 75.76 -39.26
C THR E 450 6.74 76.47 -38.38
N ILE E 451 7.17 77.60 -37.80
CA ILE E 451 6.25 78.41 -37.00
C ILE E 451 5.12 78.96 -37.86
N GLY E 452 5.42 79.30 -39.12
CA GLY E 452 4.37 79.75 -40.02
C GLY E 452 3.31 78.68 -40.23
N TYR E 453 3.73 77.43 -40.41
CA TYR E 453 2.78 76.33 -40.54
C TYR E 453 2.00 76.13 -39.25
N ASN E 454 2.69 76.22 -38.10
CA ASN E 454 2.01 76.03 -36.82
C ASN E 454 0.95 77.09 -36.59
N ILE E 455 1.16 78.31 -37.09
CA ILE E 455 0.16 79.36 -36.93
C ILE E 455 -0.94 79.20 -37.96
N ALA E 456 -0.60 78.92 -39.22
CA ALA E 456 -1.60 78.72 -40.26
C ALA E 456 -2.43 77.46 -40.07
N TYR E 457 -2.01 76.56 -39.18
CA TYR E 457 -2.76 75.34 -38.90
C TYR E 457 -4.17 75.61 -38.40
N GLY E 458 -4.46 76.84 -37.97
CA GLY E 458 -5.78 77.13 -37.41
C GLY E 458 -6.91 76.93 -38.40
N ARG E 459 -6.70 77.32 -39.66
CA ARG E 459 -7.72 77.18 -40.68
C ARG E 459 -7.14 76.60 -41.96
N ASP E 460 -7.96 75.81 -42.65
CA ASP E 460 -7.53 75.18 -43.90
C ASP E 460 -7.30 76.25 -44.96
N GLY E 461 -6.29 76.02 -45.80
CA GLY E 461 -6.03 76.98 -46.86
C GLY E 461 -5.74 78.37 -46.35
N ALA E 462 -5.08 78.49 -45.20
CA ALA E 462 -4.88 79.79 -44.55
C ALA E 462 -4.27 80.79 -45.52
N SER E 463 -4.91 81.96 -45.61
CA SER E 463 -4.48 82.99 -46.53
C SER E 463 -3.36 83.82 -45.92
N ARG E 464 -2.36 84.13 -46.75
CA ARG E 464 -1.18 84.86 -46.27
C ARG E 464 -1.57 86.16 -45.59
N ALA E 465 -2.54 86.88 -46.15
CA ALA E 465 -3.01 88.09 -45.50
C ALA E 465 -3.64 87.78 -44.14
N GLU E 466 -4.45 86.72 -44.08
CA GLU E 466 -5.03 86.31 -42.81
C GLU E 466 -3.97 85.84 -41.82
N VAL E 467 -2.95 85.13 -42.31
CA VAL E 467 -1.87 84.67 -41.43
C VAL E 467 -1.12 85.86 -40.86
N ASP E 468 -0.81 86.85 -41.69
CA ASP E 468 -0.13 88.04 -41.21
C ASP E 468 -0.99 88.82 -40.22
N ALA E 469 -2.28 88.97 -40.53
CA ALA E 469 -3.18 89.70 -39.64
C ALA E 469 -3.30 89.00 -38.29
N ALA E 470 -3.36 87.67 -38.29
CA ALA E 470 -3.46 86.94 -37.03
C ALA E 470 -2.15 87.02 -36.25
N ALA E 471 -1.01 86.88 -36.93
CA ALA E 471 0.27 87.01 -36.24
C ALA E 471 0.47 88.41 -35.67
N LYS E 472 -0.09 89.42 -36.33
CA LYS E 472 0.00 90.78 -35.81
C LYS E 472 -0.96 91.00 -34.65
N GLY E 473 -2.16 90.39 -34.71
CA GLY E 473 -3.11 90.49 -33.62
C GLY E 473 -2.68 89.70 -32.40
N ALA E 474 -1.89 88.66 -32.59
CA ALA E 474 -1.39 87.84 -31.49
C ALA E 474 -0.09 88.38 -30.92
N ALA E 475 0.39 89.53 -31.42
CA ALA E 475 1.64 90.15 -30.95
C ALA E 475 2.83 89.19 -31.09
N ILE E 476 2.87 88.48 -32.21
CA ILE E 476 3.97 87.56 -32.50
C ILE E 476 4.65 87.87 -33.83
N ALA E 477 4.14 88.85 -34.59
CA ALA E 477 4.76 89.17 -35.87
C ALA E 477 6.18 89.69 -35.69
N ASP E 478 6.40 90.51 -34.66
CA ASP E 478 7.75 91.01 -34.41
C ASP E 478 8.68 89.89 -33.98
N PHE E 479 8.17 88.93 -33.18
CA PHE E 479 8.99 87.80 -32.77
C PHE E 479 9.40 86.96 -33.98
N ILE E 480 8.50 86.79 -34.94
CA ILE E 480 8.84 86.04 -36.15
C ILE E 480 9.80 86.83 -37.03
N ALA E 481 9.66 88.16 -37.05
CA ALA E 481 10.57 88.98 -37.84
C ALA E 481 12.00 88.89 -37.34
N ARG E 482 12.18 88.76 -36.01
CA ARG E 482 13.51 88.64 -35.43
C ARG E 482 14.12 87.24 -35.61
N LEU E 483 13.34 86.27 -36.07
CA LEU E 483 13.88 84.94 -36.32
C LEU E 483 14.68 84.94 -37.61
N PRO E 484 15.77 84.17 -37.69
CA PRO E 484 16.58 84.18 -38.92
C PRO E 484 15.81 83.72 -40.15
N GLN E 485 15.06 82.62 -40.04
CA GLN E 485 14.29 82.10 -41.16
C GLN E 485 12.86 82.64 -41.19
N GLY E 486 12.49 83.50 -40.24
CA GLY E 486 11.15 84.07 -40.25
C GLY E 486 10.09 83.00 -40.08
N TYR E 487 9.10 83.00 -40.98
CA TYR E 487 8.02 82.02 -40.93
C TYR E 487 8.49 80.62 -41.27
N ASP E 488 9.68 80.46 -41.83
CA ASP E 488 10.25 79.16 -42.17
C ASP E 488 11.12 78.59 -41.07
N THR E 489 11.17 79.23 -39.90
CA THR E 489 11.97 78.72 -38.80
C THR E 489 11.36 77.45 -38.23
N GLU E 490 12.08 76.35 -38.33
CA GLU E 490 11.59 75.08 -37.82
C GLU E 490 11.56 75.11 -36.29
N VAL E 491 10.46 74.62 -35.71
CA VAL E 491 10.27 74.59 -34.27
C VAL E 491 9.85 73.18 -33.87
N GLY E 492 9.59 72.99 -32.58
CA GLY E 492 9.25 71.68 -32.07
C GLY E 492 10.51 70.85 -31.85
N GLU E 493 10.30 69.54 -31.70
CA GLU E 493 11.45 68.65 -31.62
C GLU E 493 12.17 68.63 -32.97
N ARG E 494 13.43 68.15 -32.92
CA ARG E 494 14.36 68.20 -34.06
C ARG E 494 14.37 69.57 -34.73
N GLY E 495 14.13 70.61 -33.94
CA GLY E 495 14.17 71.99 -34.42
C GLY E 495 14.49 72.98 -33.32
N LEU E 496 14.33 74.27 -33.62
CA LEU E 496 14.57 75.30 -32.62
C LEU E 496 13.59 75.16 -31.46
N LYS E 497 14.11 75.22 -30.24
CA LYS E 497 13.29 75.09 -29.04
C LYS E 497 12.71 76.44 -28.65
N LEU E 498 11.44 76.43 -28.25
CA LEU E 498 10.73 77.64 -27.88
C LEU E 498 10.36 77.60 -26.40
N SER E 499 10.36 78.77 -25.78
CA SER E 499 9.95 78.90 -24.39
C SER E 499 8.44 78.67 -24.25
N GLY E 500 8.01 78.44 -23.01
CA GLY E 500 6.60 78.23 -22.75
C GLY E 500 5.73 79.38 -23.22
N GLY E 501 6.19 80.61 -22.98
CA GLY E 501 5.45 81.77 -23.47
C GLY E 501 5.35 81.79 -24.98
N GLU E 502 6.41 81.39 -25.67
CA GLU E 502 6.37 81.33 -27.13
C GLU E 502 5.38 80.28 -27.60
N LYS E 503 5.33 79.12 -26.93
CA LYS E 503 4.35 78.10 -27.29
C LYS E 503 2.93 78.60 -27.07
N GLN E 504 2.68 79.28 -25.95
CA GLN E 504 1.35 79.82 -25.70
C GLN E 504 0.98 80.90 -26.72
N ARG E 505 1.97 81.71 -27.14
CA ARG E 505 1.69 82.71 -28.16
C ARG E 505 1.37 82.07 -29.50
N VAL E 506 2.08 80.99 -29.86
CA VAL E 506 1.77 80.28 -31.10
C VAL E 506 0.38 79.68 -31.03
N ALA E 507 -0.01 79.15 -29.87
CA ALA E 507 -1.35 78.61 -29.71
C ALA E 507 -2.41 79.70 -29.84
N ILE E 508 -2.16 80.86 -29.25
CA ILE E 508 -3.09 81.99 -29.36
C ILE E 508 -3.21 82.43 -30.81
N ALA E 509 -2.08 82.50 -31.53
CA ALA E 509 -2.13 82.87 -32.93
C ALA E 509 -2.88 81.85 -33.77
N ARG E 510 -2.72 80.56 -33.44
CA ARG E 510 -3.48 79.51 -34.12
C ARG E 510 -4.98 79.70 -33.91
N THR E 511 -5.40 79.88 -32.65
CA THR E 511 -6.81 80.10 -32.36
C THR E 511 -7.33 81.37 -33.03
N LEU E 512 -6.49 82.39 -33.16
CA LEU E 512 -6.89 83.61 -33.86
C LEU E 512 -7.08 83.33 -35.35
N VAL E 513 -6.19 82.53 -35.94
CA VAL E 513 -6.37 82.09 -37.32
C VAL E 513 -7.71 81.38 -37.47
N LYS E 514 -8.07 80.54 -36.50
CA LYS E 514 -9.37 79.89 -36.53
C LYS E 514 -10.50 80.91 -36.44
N ASN E 515 -10.32 81.95 -35.62
CA ASN E 515 -11.29 83.03 -35.43
C ASN E 515 -12.65 82.47 -35.03
N PRO E 516 -12.78 81.86 -33.85
CA PRO E 516 -14.07 81.27 -33.45
C PRO E 516 -14.91 82.27 -32.69
N PRO E 517 -16.23 82.12 -32.72
CA PRO E 517 -17.08 83.05 -31.94
C PRO E 517 -16.98 82.82 -30.45
N ILE E 518 -16.62 81.62 -30.00
CA ILE E 518 -16.49 81.31 -28.59
C ILE E 518 -15.06 80.83 -28.35
N LEU E 519 -14.43 81.36 -27.31
CA LEU E 519 -13.04 81.09 -27.00
C LEU E 519 -12.91 80.65 -25.55
N LEU E 520 -12.05 79.66 -25.32
CA LEU E 520 -11.79 79.12 -23.99
C LEU E 520 -10.29 79.18 -23.72
N PHE E 521 -9.93 79.76 -22.57
CA PHE E 521 -8.54 79.80 -22.12
C PHE E 521 -8.41 78.90 -20.91
N ASP E 522 -7.92 77.67 -21.11
CA ASP E 522 -7.86 76.67 -20.04
C ASP E 522 -6.46 76.72 -19.44
N GLU E 523 -6.29 77.55 -18.40
CA GLU E 523 -5.03 77.68 -17.69
C GLU E 523 -3.88 78.02 -18.64
N ALA E 524 -4.11 79.04 -19.47
CA ALA E 524 -3.14 79.41 -20.50
C ALA E 524 -1.84 79.93 -19.91
N THR E 525 -1.87 80.49 -18.70
CA THR E 525 -0.73 81.14 -18.07
C THR E 525 -0.13 80.29 -16.95
N SER E 526 -0.31 78.97 -17.00
CA SER E 526 0.05 78.12 -15.87
C SER E 526 1.56 78.08 -15.58
N CYS E 527 2.39 78.43 -16.55
CA CYS E 527 3.83 78.30 -16.34
C CYS E 527 4.62 79.48 -16.89
N LEU E 528 4.02 80.66 -16.96
CA LEU E 528 4.71 81.81 -17.51
C LEU E 528 5.14 82.77 -16.40
N ASP E 529 6.06 83.67 -16.77
CA ASP E 529 6.53 84.70 -15.85
C ASP E 529 5.56 85.89 -15.84
N THR E 530 5.80 86.79 -14.88
CA THR E 530 4.81 87.82 -14.58
C THR E 530 4.60 88.78 -15.74
N ARG E 531 5.68 89.25 -16.37
CA ARG E 531 5.54 90.28 -17.38
C ARG E 531 4.88 89.74 -18.64
N THR E 532 5.33 88.59 -19.13
CA THR E 532 4.67 87.97 -20.28
C THR E 532 3.23 87.61 -19.94
N GLU E 533 2.97 87.20 -18.70
CA GLU E 533 1.60 86.89 -18.29
C GLU E 533 0.72 88.13 -18.41
N GLN E 534 1.20 89.27 -17.92
CA GLN E 534 0.41 90.50 -17.99
C GLN E 534 0.23 90.95 -19.44
N ASP E 535 1.28 90.83 -20.27
CA ASP E 535 1.17 91.21 -21.66
C ASP E 535 0.13 90.36 -22.39
N ILE E 536 0.18 89.05 -22.18
CA ILE E 536 -0.77 88.18 -22.88
C ILE E 536 -2.16 88.30 -22.28
N LEU E 537 -2.27 88.70 -21.01
CA LEU E 537 -3.60 88.96 -20.44
C LEU E 537 -4.22 90.22 -21.05
N SER E 538 -3.40 91.25 -21.27
CA SER E 538 -3.90 92.43 -22.00
C SER E 538 -4.28 92.05 -23.43
N THR E 539 -3.48 91.19 -24.07
CA THR E 539 -3.82 90.72 -25.41
C THR E 539 -5.13 89.95 -25.40
N MET E 540 -5.36 89.13 -24.37
CA MET E 540 -6.60 88.38 -24.24
C MET E 540 -7.79 89.31 -24.04
N ARG E 541 -7.61 90.35 -23.22
CA ARG E 541 -8.66 91.34 -23.03
C ARG E 541 -8.99 92.05 -24.33
N ALA E 542 -7.96 92.32 -25.16
CA ALA E 542 -8.20 92.96 -26.45
C ALA E 542 -8.91 92.02 -27.42
N VAL E 543 -8.48 90.76 -27.47
CA VAL E 543 -9.04 89.77 -28.40
C VAL E 543 -10.46 89.35 -28.05
N ALA E 544 -10.91 89.65 -26.82
CA ALA E 544 -12.26 89.29 -26.40
C ALA E 544 -13.29 90.35 -26.75
N SER E 545 -13.05 91.12 -27.82
CA SER E 545 -13.91 92.24 -28.16
C SER E 545 -15.34 91.79 -28.45
N HIS E 546 -15.52 90.98 -29.48
CA HIS E 546 -16.85 90.58 -29.95
C HIS E 546 -17.08 89.08 -29.85
N ARG E 547 -16.38 88.40 -28.94
CA ARG E 547 -16.51 86.97 -28.77
C ARG E 547 -17.01 86.64 -27.37
N THR E 548 -17.67 85.50 -27.25
CA THR E 548 -17.94 84.92 -25.93
C THR E 548 -16.65 84.28 -25.43
N THR E 549 -16.24 84.64 -24.22
CA THR E 549 -14.95 84.24 -23.67
C THR E 549 -15.15 83.55 -22.33
N ILE E 550 -14.55 82.36 -22.20
CA ILE E 550 -14.57 81.61 -20.95
C ILE E 550 -13.11 81.39 -20.57
N SER E 551 -12.70 82.00 -19.46
CA SER E 551 -11.32 81.93 -18.99
C SER E 551 -11.29 81.07 -17.75
N ILE E 552 -10.76 79.87 -17.91
CA ILE E 552 -10.61 78.93 -16.82
C ILE E 552 -9.19 79.10 -16.30
N ALA E 553 -9.06 79.81 -15.18
CA ALA E 553 -7.76 80.18 -14.65
C ALA E 553 -7.64 79.81 -13.18
N HIS E 554 -6.41 79.45 -12.79
CA HIS E 554 -6.16 79.13 -11.39
C HIS E 554 -5.94 80.36 -10.51
N ARG E 555 -5.25 81.37 -11.02
CA ARG E 555 -4.97 82.56 -10.24
C ARG E 555 -6.13 83.54 -10.40
N LEU E 556 -6.81 83.83 -9.29
CA LEU E 556 -8.03 84.62 -9.35
C LEU E 556 -7.74 86.06 -9.76
N SER E 557 -6.56 86.58 -9.41
CA SER E 557 -6.23 87.96 -9.75
C SER E 557 -6.14 88.16 -11.26
N THR E 558 -5.82 87.11 -12.01
CA THR E 558 -5.69 87.21 -13.46
C THR E 558 -7.04 87.30 -14.15
N ILE E 559 -8.12 86.93 -13.47
CA ILE E 559 -9.45 86.89 -14.08
C ILE E 559 -10.42 87.69 -13.21
N ALA E 560 -9.88 88.53 -12.33
CA ALA E 560 -10.72 89.30 -11.43
C ALA E 560 -11.59 90.30 -12.17
N ASP E 561 -11.18 90.72 -13.37
CA ASP E 561 -11.91 91.68 -14.16
C ASP E 561 -12.97 91.04 -15.04
N SER E 562 -13.27 89.76 -14.85
CA SER E 562 -14.27 89.09 -15.65
C SER E 562 -15.66 89.61 -15.31
N ASP E 563 -16.56 89.51 -16.29
CA ASP E 563 -17.94 89.95 -16.06
C ASP E 563 -18.61 89.09 -14.98
N THR E 564 -18.37 87.78 -14.98
CA THR E 564 -18.89 86.94 -13.91
C THR E 564 -17.98 85.73 -13.72
N ILE E 565 -18.10 85.11 -12.54
CA ILE E 565 -17.23 84.00 -12.14
C ILE E 565 -18.09 82.86 -11.62
N LEU E 566 -17.83 81.65 -12.14
CA LEU E 566 -18.49 80.41 -11.71
C LEU E 566 -17.49 79.58 -10.91
N VAL E 567 -17.84 79.28 -9.66
CA VAL E 567 -16.99 78.53 -8.75
C VAL E 567 -17.47 77.08 -8.67
N LEU E 568 -16.57 76.15 -8.96
CA LEU E 568 -16.85 74.71 -8.90
C LEU E 568 -16.13 74.10 -7.71
N ASP E 569 -16.86 73.26 -6.97
CA ASP E 569 -16.29 72.50 -5.87
C ASP E 569 -16.89 71.11 -5.90
N GLN E 570 -16.04 70.09 -5.89
CA GLN E 570 -16.48 68.69 -5.89
C GLN E 570 -17.44 68.40 -7.04
N GLY E 571 -17.19 69.04 -8.18
CA GLY E 571 -18.03 68.81 -9.34
C GLY E 571 -19.40 69.44 -9.27
N ARG E 572 -19.61 70.41 -8.37
CA ARG E 572 -20.89 71.10 -8.26
C ARG E 572 -20.65 72.60 -8.28
N LEU E 573 -21.72 73.34 -8.52
CA LEU E 573 -21.67 74.80 -8.59
C LEU E 573 -21.86 75.35 -7.18
N ALA E 574 -20.77 75.83 -6.57
CA ALA E 574 -20.86 76.31 -5.21
C ALA E 574 -21.35 77.75 -5.15
N GLU E 575 -20.75 78.64 -5.95
CA GLU E 575 -21.07 80.06 -5.92
C GLU E 575 -21.06 80.61 -7.33
N GLN E 576 -21.86 81.66 -7.54
CA GLN E 576 -22.01 82.30 -8.83
C GLN E 576 -22.20 83.80 -8.64
N GLY E 577 -21.54 84.58 -9.48
CA GLY E 577 -21.67 86.02 -9.45
C GLY E 577 -20.39 86.69 -9.88
N SER E 578 -20.41 88.03 -9.84
CA SER E 578 -19.25 88.80 -10.22
C SER E 578 -18.17 88.74 -9.13
N HIS E 579 -16.99 89.24 -9.47
CA HIS E 579 -15.87 89.21 -8.53
C HIS E 579 -16.20 89.99 -7.26
N LEU E 580 -16.73 91.21 -7.42
CA LEU E 580 -17.10 92.01 -6.25
C LEU E 580 -18.21 91.36 -5.46
N ASP E 581 -19.23 90.83 -6.14
CA ASP E 581 -20.33 90.15 -5.46
C ASP E 581 -19.83 88.94 -4.68
N LEU E 582 -18.97 88.13 -5.30
CA LEU E 582 -18.46 86.94 -4.60
C LEU E 582 -17.57 87.33 -3.43
N LEU E 583 -16.79 88.39 -3.56
CA LEU E 583 -16.00 88.87 -2.43
C LEU E 583 -16.89 89.35 -1.29
N ARG E 584 -18.00 90.02 -1.63
CA ARG E 584 -18.92 90.50 -0.60
C ARG E 584 -19.68 89.36 0.05
N ARG E 585 -19.87 88.25 -0.66
CA ARG E 585 -20.57 87.12 -0.08
C ARG E 585 -19.74 86.43 1.00
N ASP E 586 -18.41 86.53 0.91
CA ASP E 586 -17.50 85.96 1.91
C ASP E 586 -17.69 84.44 2.04
N GLY E 587 -17.72 83.76 0.90
CA GLY E 587 -17.90 82.32 0.91
C GLY E 587 -16.65 81.55 0.55
N LEU E 588 -16.81 80.47 -0.22
CA LEU E 588 -15.67 79.63 -0.57
C LEU E 588 -14.73 80.35 -1.53
N TYR E 589 -15.29 80.98 -2.57
CA TYR E 589 -14.46 81.76 -3.48
C TYR E 589 -13.75 82.88 -2.75
N ALA E 590 -14.44 83.54 -1.81
CA ALA E 590 -13.79 84.58 -1.03
C ALA E 590 -12.69 84.03 -0.15
N GLU E 591 -12.87 82.81 0.38
CA GLU E 591 -11.81 82.19 1.16
C GLU E 591 -10.58 81.91 0.30
N MET E 592 -10.80 81.41 -0.93
CA MET E 592 -9.69 81.18 -1.85
C MET E 592 -9.00 82.49 -2.20
N TRP E 593 -9.78 83.54 -2.47
CA TRP E 593 -9.22 84.85 -2.76
C TRP E 593 -8.41 85.37 -1.57
N ALA E 594 -8.89 85.14 -0.34
CA ALA E 594 -8.15 85.59 0.83
C ALA E 594 -6.84 84.82 0.99
N ARG E 595 -6.85 83.52 0.71
CA ARG E 595 -5.61 82.75 0.77
C ARG E 595 -4.62 83.26 -0.28
N GLN E 596 -5.09 83.54 -1.49
CA GLN E 596 -4.17 84.04 -2.51
C GLN E 596 -3.70 85.46 -2.19
N ALA E 597 -4.56 86.28 -1.57
CA ALA E 597 -4.16 87.61 -1.16
C ALA E 597 -3.08 87.55 -0.09
N ALA E 598 -3.22 86.63 0.87
CA ALA E 598 -2.21 86.47 1.91
C ALA E 598 -0.91 85.92 1.33
N GLU E 599 -1.00 85.06 0.32
CA GLU E 599 0.21 84.61 -0.37
C GLU E 599 0.90 85.77 -1.08
N SER E 600 0.13 86.61 -1.76
CA SER E 600 0.71 87.74 -2.48
C SER E 600 1.29 88.78 -1.52
N ALA E 601 0.70 88.94 -0.35
CA ALA E 601 1.19 89.90 0.63
C ALA E 601 2.52 89.45 1.23
N ARG F 13 39.97 49.27 -47.39
CA ARG F 13 39.47 50.47 -46.71
C ARG F 13 40.37 50.83 -45.54
N HIS F 14 40.99 52.02 -45.61
CA HIS F 14 41.92 52.44 -44.57
C HIS F 14 41.22 52.57 -43.23
N ASP F 15 40.13 53.34 -43.18
CA ASP F 15 39.34 53.45 -41.96
C ASP F 15 38.80 52.10 -41.52
N GLY F 16 38.47 51.23 -42.48
CA GLY F 16 38.04 49.89 -42.13
C GLY F 16 39.13 49.07 -41.46
N TRP F 17 40.36 49.14 -42.00
CA TRP F 17 41.48 48.47 -41.35
C TRP F 17 41.71 48.99 -39.95
N GLN F 18 41.67 50.31 -39.77
CA GLN F 18 41.89 50.88 -38.45
C GLN F 18 40.78 50.46 -37.47
N THR F 19 39.54 50.46 -37.94
CA THR F 19 38.42 50.05 -37.08
C THR F 19 38.56 48.59 -36.67
N LEU F 20 38.89 47.72 -37.62
CA LEU F 20 39.07 46.31 -37.30
C LEU F 20 40.23 46.11 -36.33
N LYS F 21 41.33 46.85 -36.51
CA LYS F 21 42.44 46.76 -35.58
C LYS F 21 42.02 47.18 -34.17
N ARG F 22 41.24 48.26 -34.07
CA ARG F 22 40.76 48.69 -32.75
C ARG F 22 39.80 47.68 -32.14
N PHE F 23 38.98 47.02 -32.98
CA PHE F 23 38.05 46.03 -32.47
C PHE F 23 38.74 44.74 -32.02
N LEU F 24 39.85 44.37 -32.66
CA LEU F 24 40.49 43.09 -32.40
C LEU F 24 40.75 42.78 -30.92
N PRO F 25 41.14 43.73 -30.06
CA PRO F 25 41.25 43.39 -28.64
C PRO F 25 39.96 42.84 -28.03
N TYR F 26 38.80 43.29 -28.51
CA TYR F 26 37.54 42.74 -28.01
C TYR F 26 37.33 41.30 -28.47
N LEU F 27 37.70 40.99 -29.71
CA LEU F 27 37.52 39.64 -30.23
C LEU F 27 38.48 38.66 -29.57
N TRP F 28 39.70 39.09 -29.26
CA TRP F 28 40.72 38.25 -28.65
C TRP F 28 41.02 38.78 -27.25
N PRO F 29 40.27 38.37 -26.24
CA PRO F 29 40.51 38.89 -24.88
C PRO F 29 41.82 38.37 -24.33
N ALA F 30 42.61 39.30 -23.75
CA ALA F 30 43.94 38.99 -23.26
C ALA F 30 43.93 38.45 -21.82
N ASP F 31 42.75 38.22 -21.24
CA ASP F 31 42.65 37.72 -19.89
C ASP F 31 41.70 36.55 -19.72
N ASN F 32 40.78 36.32 -20.64
CA ASN F 32 39.79 35.25 -20.50
C ASN F 32 40.24 34.04 -21.30
N ALA F 33 40.56 32.95 -20.59
CA ALA F 33 40.90 31.68 -21.22
C ALA F 33 39.71 31.09 -21.96
N VAL F 34 38.57 30.97 -21.28
CA VAL F 34 37.39 30.31 -21.85
C VAL F 34 37.04 30.90 -23.22
N LEU F 35 37.09 32.23 -23.34
CA LEU F 35 36.74 32.86 -24.61
C LEU F 35 37.77 32.55 -25.70
N ARG F 36 39.05 32.50 -25.34
CA ARG F 36 40.07 32.11 -26.31
C ARG F 36 39.86 30.67 -26.77
N ARG F 37 39.52 29.78 -25.84
CA ARG F 37 39.24 28.40 -26.21
C ARG F 37 38.01 28.31 -27.12
N ARG F 38 36.99 29.12 -26.86
CA ARG F 38 35.83 29.12 -27.73
C ARG F 38 36.17 29.65 -29.12
N VAL F 39 37.00 30.68 -29.20
CA VAL F 39 37.42 31.18 -30.52
C VAL F 39 38.22 30.13 -31.27
N VAL F 40 39.12 29.45 -30.57
CA VAL F 40 39.92 28.39 -31.21
C VAL F 40 39.02 27.27 -31.70
N GLY F 41 38.07 26.84 -30.86
CA GLY F 41 37.14 25.80 -31.29
C GLY F 41 36.29 26.23 -32.46
N ALA F 42 35.87 27.49 -32.47
CA ALA F 42 35.07 27.99 -33.59
C ALA F 42 35.88 28.00 -34.87
N ILE F 43 37.14 28.41 -34.81
CA ILE F 43 37.99 28.39 -36.00
C ILE F 43 38.22 26.95 -36.46
N LEU F 44 38.41 26.02 -35.53
CA LEU F 44 38.56 24.62 -35.88
C LEU F 44 37.30 24.08 -36.55
N MET F 45 36.13 24.50 -36.07
CA MET F 45 34.89 24.07 -36.71
C MET F 45 34.73 24.69 -38.09
N VAL F 46 35.16 25.95 -38.26
CA VAL F 46 35.19 26.56 -39.59
C VAL F 46 36.02 25.70 -40.53
N LEU F 47 37.22 25.33 -40.10
CA LEU F 47 38.11 24.55 -40.96
C LEU F 47 37.51 23.19 -41.27
N LEU F 48 36.97 22.51 -40.26
CA LEU F 48 36.40 21.18 -40.48
C LEU F 48 35.20 21.24 -41.41
N GLY F 49 34.30 22.20 -41.21
CA GLY F 49 33.14 22.32 -42.07
C GLY F 49 33.50 22.65 -43.51
N LYS F 50 34.45 23.58 -43.70
CA LYS F 50 34.89 23.90 -45.05
C LYS F 50 35.55 22.70 -45.71
N ALA F 51 36.40 21.99 -44.97
CA ALA F 51 37.06 20.81 -45.52
C ALA F 51 36.04 19.74 -45.91
N THR F 52 35.01 19.53 -45.08
CA THR F 52 34.01 18.52 -45.39
C THR F 52 33.18 18.91 -46.61
N THR F 53 32.75 20.17 -46.67
CA THR F 53 31.97 20.64 -47.82
C THR F 53 32.78 20.67 -49.09
N LEU F 54 34.11 20.78 -49.01
CA LEU F 54 34.96 20.67 -50.19
C LEU F 54 35.26 19.22 -50.55
N ALA F 55 35.30 18.34 -49.56
CA ALA F 55 35.64 16.94 -49.81
C ALA F 55 34.46 16.15 -50.36
N LEU F 56 33.24 16.47 -49.92
CA LEU F 56 32.08 15.69 -50.37
C LEU F 56 31.86 15.73 -51.88
N PRO F 57 32.11 16.83 -52.61
CA PRO F 57 31.97 16.75 -54.07
C PRO F 57 33.00 15.84 -54.71
N PHE F 58 34.18 15.68 -54.11
CA PHE F 58 35.13 14.68 -54.60
C PHE F 58 34.56 13.28 -54.46
N ALA F 59 33.90 13.00 -53.33
CA ALA F 59 33.25 11.71 -53.15
C ALA F 59 32.12 11.52 -54.17
N TYR F 60 31.37 12.59 -54.46
CA TYR F 60 30.32 12.50 -55.46
C TYR F 60 30.90 12.23 -56.84
N LYS F 61 32.01 12.91 -57.18
CA LYS F 61 32.67 12.69 -58.46
C LYS F 61 33.16 11.25 -58.59
N LYS F 62 33.73 10.70 -57.52
CA LYS F 62 34.19 9.31 -57.58
C LYS F 62 33.02 8.33 -57.66
N ALA F 63 31.92 8.65 -56.99
CA ALA F 63 30.71 7.84 -57.12
C ALA F 63 30.21 7.84 -58.56
N VAL F 64 30.18 9.02 -59.19
CA VAL F 64 29.74 9.11 -60.59
C VAL F 64 30.68 8.34 -61.50
N ASP F 65 31.99 8.44 -61.24
CA ASP F 65 32.95 7.69 -62.06
C ASP F 65 32.72 6.20 -61.94
N ALA F 66 32.49 5.70 -60.73
CA ALA F 66 32.21 4.27 -60.56
C ALA F 66 30.87 3.87 -61.17
N MET F 67 29.88 4.77 -61.14
CA MET F 67 28.55 4.49 -61.69
C MET F 67 28.47 4.58 -63.21
N THR F 68 29.37 5.31 -63.87
CA THR F 68 29.22 5.50 -65.31
C THR F 68 30.08 4.57 -66.16
N LEU F 69 31.19 4.05 -65.63
CA LEU F 69 31.97 3.07 -66.35
C LEU F 69 31.99 1.75 -65.60
N GLY F 70 32.14 0.66 -66.35
CA GLY F 70 32.18 -0.67 -65.77
C GLY F 70 33.57 -1.25 -65.67
N GLY F 71 34.45 -0.83 -66.59
CA GLY F 71 35.79 -1.39 -66.63
C GLY F 71 36.58 -1.08 -65.37
N GLY F 72 36.42 0.13 -64.83
CA GLY F 72 37.16 0.53 -63.65
C GLY F 72 36.65 -0.13 -62.39
N ALA F 73 35.39 0.12 -62.05
CA ALA F 73 34.75 -0.45 -60.87
C ALA F 73 33.76 -1.51 -61.35
N GLN F 74 34.15 -2.78 -61.26
CA GLN F 74 33.27 -3.85 -61.71
C GLN F 74 32.11 -4.06 -60.72
N PRO F 75 32.34 -4.23 -59.40
CA PRO F 75 31.16 -4.17 -58.51
C PRO F 75 30.79 -2.73 -58.20
N ALA F 76 30.22 -2.07 -59.21
CA ALA F 76 29.80 -0.67 -59.08
C ALA F 76 28.78 -0.45 -57.96
N LEU F 77 28.06 -1.48 -57.54
CA LEU F 77 27.00 -1.29 -56.56
C LEU F 77 27.56 -1.03 -55.16
N THR F 78 28.57 -1.79 -54.75
CA THR F 78 29.13 -1.59 -53.41
C THR F 78 29.78 -0.22 -53.27
N VAL F 79 30.63 0.14 -54.24
CA VAL F 79 31.31 1.43 -54.19
C VAL F 79 30.32 2.57 -54.31
N ALA F 80 29.31 2.41 -55.19
CA ALA F 80 28.33 3.48 -55.36
C ALA F 80 27.50 3.69 -54.10
N LEU F 81 27.05 2.61 -53.45
CA LEU F 81 26.32 2.75 -52.20
C LEU F 81 27.17 3.42 -51.13
N ALA F 82 28.41 2.93 -50.96
CA ALA F 82 29.29 3.52 -49.95
C ALA F 82 29.52 5.00 -50.21
N PHE F 83 29.69 5.37 -51.49
CA PHE F 83 30.00 6.76 -51.80
C PHE F 83 28.79 7.68 -51.67
N VAL F 84 27.59 7.21 -52.02
CA VAL F 84 26.41 8.07 -51.83
C VAL F 84 26.12 8.23 -50.34
N LEU F 85 26.33 7.17 -49.54
CA LEU F 85 26.17 7.32 -48.11
C LEU F 85 27.22 8.28 -47.53
N ALA F 86 28.44 8.21 -48.06
CA ALA F 86 29.49 9.14 -47.62
C ALA F 86 29.15 10.58 -48.00
N TYR F 87 28.56 10.78 -49.19
CA TYR F 87 28.16 12.12 -49.61
C TYR F 87 27.09 12.69 -48.69
N ALA F 88 26.07 11.89 -48.36
CA ALA F 88 25.03 12.36 -47.46
C ALA F 88 25.59 12.67 -46.07
N LEU F 89 26.43 11.76 -45.55
CA LEU F 89 27.04 12.00 -44.25
C LEU F 89 27.94 13.22 -44.27
N GLY F 90 28.60 13.49 -45.40
CA GLY F 90 29.44 14.68 -45.49
C GLY F 90 28.64 15.97 -45.50
N ARG F 91 27.53 16.00 -46.24
CA ARG F 91 26.65 17.16 -46.17
C ARG F 91 26.16 17.39 -44.74
N PHE F 92 25.71 16.32 -44.07
CA PHE F 92 25.23 16.46 -42.71
C PHE F 92 26.33 16.97 -41.78
N SER F 93 27.55 16.43 -41.92
CA SER F 93 28.64 16.82 -41.05
C SER F 93 29.05 18.27 -41.31
N GLY F 94 28.99 18.71 -42.58
CA GLY F 94 29.29 20.10 -42.87
C GLY F 94 28.30 21.04 -42.23
N VAL F 95 27.00 20.75 -42.36
CA VAL F 95 25.99 21.60 -41.73
C VAL F 95 26.14 21.55 -40.21
N LEU F 96 26.48 20.37 -39.66
CA LEU F 96 26.68 20.25 -38.22
C LEU F 96 27.84 21.12 -37.76
N PHE F 97 28.95 21.09 -38.49
CA PHE F 97 30.10 21.93 -38.13
C PHE F 97 29.75 23.41 -38.22
N ASP F 98 28.97 23.80 -39.24
CA ASP F 98 28.56 25.19 -39.37
C ASP F 98 27.71 25.62 -38.16
N ASN F 99 26.74 24.80 -37.78
CA ASN F 99 25.90 25.16 -36.65
C ASN F 99 26.69 25.15 -35.34
N LEU F 100 27.64 24.22 -35.20
CA LEU F 100 28.47 24.20 -33.99
C LEU F 100 29.34 25.44 -33.90
N ARG F 101 29.94 25.86 -35.02
CA ARG F 101 30.77 27.07 -34.99
C ARG F 101 29.91 28.30 -34.70
N ASN F 102 28.70 28.35 -35.25
CA ASN F 102 27.80 29.47 -34.95
C ASN F 102 27.48 29.53 -33.46
N ILE F 103 27.09 28.38 -32.89
CA ILE F 103 26.72 28.33 -31.48
C ILE F 103 27.91 28.71 -30.61
N VAL F 104 29.09 28.17 -30.91
CA VAL F 104 30.26 28.44 -30.09
C VAL F 104 30.67 29.90 -30.16
N PHE F 105 30.62 30.50 -31.35
CA PHE F 105 31.06 31.89 -31.48
C PHE F 105 30.02 32.91 -31.01
N GLU F 106 28.74 32.52 -30.92
CA GLU F 106 27.73 33.49 -30.51
C GLU F 106 28.04 34.09 -29.14
N ARG F 107 28.53 33.25 -28.22
CA ARG F 107 28.85 33.74 -26.88
C ARG F 107 29.98 34.77 -26.91
N VAL F 108 31.06 34.47 -27.62
CA VAL F 108 32.18 35.40 -27.70
C VAL F 108 31.75 36.70 -28.36
N GLY F 109 30.95 36.60 -29.42
CA GLY F 109 30.49 37.81 -30.09
C GLY F 109 29.64 38.68 -29.18
N GLN F 110 28.66 38.06 -28.50
CA GLN F 110 27.80 38.82 -27.61
C GLN F 110 28.60 39.44 -26.46
N ASP F 111 29.56 38.70 -25.90
CA ASP F 111 30.32 39.24 -24.78
C ASP F 111 31.22 40.39 -25.22
N ALA F 112 31.88 40.26 -26.38
CA ALA F 112 32.72 41.35 -26.88
C ALA F 112 31.88 42.60 -27.14
N THR F 113 30.73 42.42 -27.79
CA THR F 113 29.87 43.56 -28.06
C THR F 113 29.32 44.15 -26.75
N ARG F 114 29.05 43.32 -25.75
CA ARG F 114 28.58 43.86 -24.47
C ARG F 114 29.66 44.69 -23.80
N HIS F 115 30.93 44.24 -23.83
CA HIS F 115 31.99 45.07 -23.24
C HIS F 115 32.17 46.37 -24.01
N LEU F 116 32.07 46.32 -25.34
CA LEU F 116 32.15 47.55 -26.12
C LEU F 116 31.02 48.50 -25.73
N ALA F 117 29.80 47.98 -25.61
CA ALA F 117 28.66 48.81 -25.23
C ALA F 117 28.83 49.38 -23.83
N GLU F 118 29.35 48.59 -22.89
CA GLU F 118 29.57 49.09 -21.54
C GLU F 118 30.60 50.22 -21.52
N ASN F 119 31.69 50.05 -22.26
CA ASN F 119 32.70 51.11 -22.34
C ASN F 119 32.10 52.37 -22.94
N VAL F 120 31.34 52.23 -24.01
CA VAL F 120 30.71 53.41 -24.62
C VAL F 120 29.74 54.06 -23.64
N PHE F 121 29.00 53.26 -22.89
CA PHE F 121 28.03 53.79 -21.92
C PHE F 121 28.74 54.62 -20.85
N ALA F 122 29.83 54.08 -20.29
CA ALA F 122 30.58 54.84 -19.29
C ALA F 122 31.16 56.12 -19.87
N ARG F 123 31.70 56.04 -21.09
CA ARG F 123 32.30 57.24 -21.70
C ARG F 123 31.24 58.28 -22.00
N LEU F 124 30.05 57.85 -22.44
CA LEU F 124 28.95 58.78 -22.65
C LEU F 124 28.54 59.42 -21.34
N HIS F 125 28.55 58.64 -20.25
CA HIS F 125 28.26 59.19 -18.94
C HIS F 125 29.33 60.16 -18.47
N LYS F 126 30.52 60.12 -19.07
CA LYS F 126 31.59 61.02 -18.61
C LYS F 126 31.53 62.41 -19.23
N LEU F 127 30.89 62.58 -20.40
CA LEU F 127 30.82 63.89 -21.01
C LEU F 127 29.93 64.83 -20.20
N SER F 128 30.07 66.14 -20.47
CA SER F 128 29.32 67.14 -19.71
C SER F 128 28.76 68.29 -20.54
N LEU F 129 28.97 68.31 -21.86
CA LEU F 129 28.43 69.38 -22.69
C LEU F 129 27.71 68.89 -23.93
N ARG F 130 28.01 67.67 -24.42
CA ARG F 130 27.46 67.21 -25.68
C ARG F 130 25.94 67.04 -25.64
N PHE F 131 25.35 66.88 -24.45
CA PHE F 131 23.90 66.70 -24.38
C PHE F 131 23.14 67.95 -24.85
N HIS F 132 23.80 69.11 -24.86
CA HIS F 132 23.15 70.30 -25.41
C HIS F 132 23.21 70.31 -26.94
N LEU F 133 24.35 69.90 -27.51
CA LEU F 133 24.45 69.78 -28.96
C LEU F 133 23.69 68.56 -29.46
N ALA F 134 24.05 67.38 -28.96
CA ALA F 134 23.35 66.16 -29.34
C ALA F 134 21.94 66.18 -28.75
N ARG F 135 20.93 66.25 -29.61
CA ARG F 135 19.56 66.36 -29.17
C ARG F 135 19.11 65.06 -28.49
N ARG F 136 17.92 65.12 -27.88
CA ARG F 136 17.39 63.95 -27.17
C ARG F 136 16.84 62.92 -28.14
N THR F 137 16.01 63.34 -29.10
CA THR F 137 15.35 62.41 -30.00
C THR F 137 16.37 61.66 -30.86
N GLY F 138 17.31 62.39 -31.46
CA GLY F 138 18.31 61.74 -32.28
C GLY F 138 19.17 60.77 -31.51
N GLU F 139 19.64 61.19 -30.33
CA GLU F 139 20.46 60.32 -29.50
C GLU F 139 19.71 59.05 -29.11
N VAL F 140 18.45 59.20 -28.69
CA VAL F 140 17.67 58.03 -28.28
C VAL F 140 17.46 57.08 -29.46
N THR F 141 17.05 57.63 -30.62
CA THR F 141 16.80 56.78 -31.77
C THR F 141 18.07 56.04 -32.21
N LYS F 142 19.20 56.75 -32.24
CA LYS F 142 20.45 56.12 -32.62
C LYS F 142 20.83 55.01 -31.66
N VAL F 143 20.90 55.33 -30.36
CA VAL F 143 21.29 54.34 -29.37
C VAL F 143 20.31 53.19 -29.28
N ILE F 144 19.08 53.37 -29.77
CA ILE F 144 18.11 52.29 -29.72
C ILE F 144 18.25 51.36 -30.92
N GLU F 145 18.43 51.92 -32.12
CA GLU F 145 18.42 51.09 -33.33
C GLU F 145 19.81 50.68 -33.81
N ARG F 146 20.73 51.65 -33.92
CA ARG F 146 22.06 51.36 -34.44
C ARG F 146 22.78 50.35 -33.56
N GLY F 147 22.97 50.69 -32.29
CA GLY F 147 23.61 49.78 -31.34
C GLY F 147 23.09 48.36 -31.44
N THR F 148 21.77 48.20 -31.46
CA THR F 148 21.18 46.88 -31.48
C THR F 148 21.49 46.13 -32.77
N LYS F 149 21.11 46.70 -33.92
CA LYS F 149 21.16 45.89 -35.13
C LYS F 149 22.52 45.92 -35.83
N SER F 150 23.13 47.10 -35.96
CA SER F 150 24.29 47.25 -36.85
C SER F 150 25.47 46.42 -36.37
N ILE F 151 25.78 46.48 -35.07
CA ILE F 151 26.96 45.79 -34.54
C ILE F 151 26.82 44.28 -34.71
N ASP F 152 25.67 43.74 -34.31
CA ASP F 152 25.43 42.30 -34.42
C ASP F 152 25.50 41.85 -35.87
N THR F 153 24.78 42.54 -36.76
CA THR F 153 24.75 42.14 -38.16
C THR F 153 26.13 42.14 -38.76
N MET F 154 26.89 43.23 -38.56
CA MET F 154 28.20 43.33 -39.17
C MET F 154 29.14 42.26 -38.63
N LEU F 155 29.19 42.07 -37.31
CA LEU F 155 30.13 41.08 -36.76
C LEU F 155 29.80 39.69 -37.30
N TYR F 156 28.54 39.29 -37.20
CA TYR F 156 28.14 37.96 -37.67
C TYR F 156 28.40 37.81 -39.17
N PHE F 157 27.89 38.75 -39.97
CA PHE F 157 28.03 38.67 -41.42
C PHE F 157 29.50 38.70 -41.81
N LEU F 158 30.28 39.61 -41.21
CA LEU F 158 31.71 39.73 -41.47
C LEU F 158 32.38 38.38 -41.31
N LEU F 159 32.33 37.79 -40.11
CA LEU F 159 33.08 36.56 -39.92
C LEU F 159 32.51 35.45 -40.78
N PHE F 160 31.21 35.16 -40.61
CA PHE F 160 30.56 34.03 -41.27
C PHE F 160 30.49 34.15 -42.78
N ASN F 161 30.90 35.28 -43.36
CA ASN F 161 30.99 35.41 -44.81
C ASN F 161 32.40 35.56 -45.31
N ILE F 162 33.23 36.37 -44.66
CA ILE F 162 34.59 36.61 -45.12
C ILE F 162 35.45 35.38 -44.89
N ALA F 163 35.46 34.86 -43.67
CA ALA F 163 36.32 33.70 -43.40
C ALA F 163 35.92 32.49 -44.25
N PRO F 164 34.65 32.07 -44.31
CA PRO F 164 34.32 30.94 -45.21
C PRO F 164 34.57 31.23 -46.68
N THR F 165 34.27 32.44 -47.16
CA THR F 165 34.49 32.74 -48.56
C THR F 165 35.97 32.78 -48.90
N VAL F 166 36.80 33.33 -48.01
CA VAL F 166 38.24 33.36 -48.26
C VAL F 166 38.81 31.95 -48.26
N ILE F 167 38.42 31.14 -47.26
CA ILE F 167 38.92 29.76 -47.20
C ILE F 167 38.50 28.99 -48.45
N GLU F 168 37.23 29.07 -48.82
CA GLU F 168 36.73 28.33 -49.97
C GLU F 168 37.37 28.85 -51.27
N LEU F 169 37.61 30.16 -51.37
CA LEU F 169 38.22 30.70 -52.57
C LEU F 169 39.65 30.22 -52.73
N THR F 170 40.44 30.24 -51.64
CA THR F 170 41.80 29.74 -51.72
C THR F 170 41.82 28.25 -52.07
N ALA F 171 40.97 27.46 -51.42
CA ALA F 171 40.95 26.03 -51.69
C ALA F 171 40.50 25.74 -53.12
N VAL F 172 39.50 26.47 -53.62
CA VAL F 172 39.02 26.27 -54.98
C VAL F 172 40.08 26.67 -56.00
N ILE F 173 40.79 27.76 -55.75
CA ILE F 173 41.88 28.15 -56.64
C ILE F 173 42.95 27.05 -56.69
N VAL F 174 43.33 26.55 -55.52
CA VAL F 174 44.36 25.52 -55.47
C VAL F 174 43.90 24.26 -56.20
N ILE F 175 42.67 23.82 -55.96
CA ILE F 175 42.18 22.59 -56.57
C ILE F 175 42.01 22.75 -58.08
N PHE F 176 41.47 23.89 -58.53
CA PHE F 176 41.32 24.12 -59.96
C PHE F 176 42.67 24.17 -60.67
N TRP F 177 43.69 24.75 -60.01
CA TRP F 177 45.01 24.76 -60.64
C TRP F 177 45.62 23.36 -60.68
N LEU F 178 45.56 22.63 -59.58
CA LEU F 178 46.20 21.32 -59.51
C LEU F 178 45.50 20.29 -60.38
N ASN F 179 44.18 20.40 -60.55
CA ASN F 179 43.41 19.36 -61.22
C ASN F 179 42.89 19.74 -62.59
N PHE F 180 43.07 20.99 -63.02
CA PHE F 180 42.57 21.43 -64.32
C PHE F 180 43.61 22.36 -64.95
N GLY F 181 43.24 23.00 -66.04
CA GLY F 181 44.17 23.85 -66.75
C GLY F 181 44.12 25.31 -66.31
N LEU F 182 45.27 25.97 -66.42
CA LEU F 182 45.39 27.40 -66.11
C LEU F 182 44.23 28.24 -66.66
N GLY F 183 43.53 27.77 -67.68
CA GLY F 183 42.50 28.59 -68.30
C GLY F 183 41.23 28.61 -67.49
N LEU F 184 40.90 27.47 -66.87
CA LEU F 184 39.79 27.46 -65.92
C LEU F 184 40.09 28.40 -64.76
N VAL F 185 41.34 28.43 -64.29
CA VAL F 185 41.72 29.32 -63.21
C VAL F 185 41.56 30.78 -63.64
N THR F 186 42.07 31.12 -64.83
CA THR F 186 41.94 32.49 -65.31
C THR F 186 40.48 32.88 -65.48
N ALA F 187 39.65 31.97 -66.00
CA ALA F 187 38.24 32.27 -66.20
C ALA F 187 37.54 32.51 -64.87
N THR F 188 37.78 31.64 -63.88
CA THR F 188 37.14 31.81 -62.59
C THR F 188 37.63 33.07 -61.89
N ILE F 189 38.92 33.40 -62.04
CA ILE F 189 39.46 34.61 -61.41
C ILE F 189 38.85 35.86 -62.04
N LEU F 190 38.78 35.89 -63.38
CA LEU F 190 38.15 37.02 -64.06
C LEU F 190 36.68 37.13 -63.67
N ALA F 191 36.00 35.99 -63.53
CA ALA F 191 34.59 36.02 -63.15
C ALA F 191 34.42 36.56 -61.73
N VAL F 192 35.27 36.15 -60.80
CA VAL F 192 35.19 36.66 -59.43
C VAL F 192 35.47 38.16 -59.41
N ILE F 193 36.47 38.60 -60.17
CA ILE F 193 36.82 40.01 -60.20
C ILE F 193 35.66 40.83 -60.76
N ALA F 194 35.10 40.40 -61.89
CA ALA F 194 33.98 41.11 -62.50
C ALA F 194 32.77 41.10 -61.58
N TYR F 195 32.50 39.97 -60.93
CA TYR F 195 31.37 39.87 -60.01
C TYR F 195 31.53 40.86 -58.87
N VAL F 196 32.70 40.90 -58.23
CA VAL F 196 32.92 41.81 -57.11
C VAL F 196 32.82 43.26 -57.57
N TRP F 197 33.44 43.59 -58.70
CA TRP F 197 33.44 44.97 -59.17
C TRP F 197 32.04 45.43 -59.52
N THR F 198 31.31 44.63 -60.30
CA THR F 198 29.95 44.99 -60.68
C THR F 198 29.04 45.07 -59.46
N THR F 199 29.15 44.11 -58.54
CA THR F 199 28.35 44.16 -57.31
C THR F 199 28.62 45.43 -56.54
N ARG F 200 29.89 45.83 -56.41
CA ARG F 200 30.22 47.04 -55.67
C ARG F 200 29.65 48.28 -56.34
N THR F 201 29.85 48.40 -57.66
CA THR F 201 29.37 49.59 -58.37
C THR F 201 27.86 49.71 -58.31
N ILE F 202 27.15 48.61 -58.59
CA ILE F 202 25.69 48.65 -58.54
C ILE F 202 25.21 48.82 -57.10
N THR F 203 25.96 48.31 -56.13
CA THR F 203 25.58 48.39 -54.73
C THR F 203 25.69 49.81 -54.19
N GLU F 204 26.65 50.59 -54.68
CA GLU F 204 26.71 51.99 -54.25
C GLU F 204 25.43 52.74 -54.64
N TRP F 205 25.02 52.61 -55.90
CA TRP F 205 23.76 53.17 -56.35
C TRP F 205 22.57 52.63 -55.56
N ARG F 206 22.55 51.32 -55.32
CA ARG F 206 21.42 50.72 -54.61
C ARG F 206 21.36 51.21 -53.17
N THR F 207 22.53 51.43 -52.55
CA THR F 207 22.57 51.94 -51.19
C THR F 207 22.11 53.39 -51.15
N HIS F 208 22.46 54.17 -52.17
CA HIS F 208 21.93 55.53 -52.27
C HIS F 208 20.41 55.52 -52.32
N LEU F 209 19.85 54.69 -53.21
CA LEU F 209 18.39 54.60 -53.32
C LEU F 209 17.77 54.11 -52.02
N ARG F 210 18.43 53.17 -51.34
CA ARG F 210 17.92 52.66 -50.07
C ARG F 210 17.94 53.73 -49.00
N GLU F 211 18.98 54.57 -49.00
CA GLU F 211 19.03 55.69 -48.05
C GLU F 211 17.91 56.67 -48.33
N LYS F 212 17.63 56.96 -49.60
CA LYS F 212 16.50 57.83 -49.92
C LYS F 212 15.18 57.21 -49.45
N MET F 213 15.00 55.90 -49.67
CA MET F 213 13.82 55.21 -49.20
C MET F 213 13.68 55.30 -47.68
N ASN F 214 14.79 55.09 -46.96
CA ASN F 214 14.74 55.15 -45.50
C ASN F 214 14.44 56.56 -45.02
N ARG F 215 14.97 57.58 -45.69
CA ARG F 215 14.68 58.95 -45.31
C ARG F 215 13.20 59.27 -45.49
N LEU F 216 12.63 58.88 -46.63
CA LEU F 216 11.20 59.12 -46.85
C LEU F 216 10.34 58.32 -45.88
N ASP F 217 10.75 57.09 -45.58
CA ASP F 217 10.01 56.29 -44.60
C ASP F 217 10.04 56.94 -43.23
N GLY F 218 11.21 57.43 -42.81
CA GLY F 218 11.30 58.13 -41.54
C GLY F 218 10.44 59.37 -41.51
N GLN F 219 10.42 60.13 -42.62
CA GLN F 219 9.59 61.32 -42.68
C GLN F 219 8.11 60.97 -42.54
N ALA F 220 7.66 59.95 -43.27
CA ALA F 220 6.26 59.54 -43.20
C ALA F 220 5.89 59.06 -41.81
N LEU F 221 6.74 58.22 -41.20
CA LEU F 221 6.46 57.69 -39.87
C LEU F 221 6.46 58.79 -38.83
N ALA F 222 7.38 59.76 -38.94
CA ALA F 222 7.40 60.87 -38.01
C ALA F 222 6.15 61.73 -38.14
N ARG F 223 5.70 61.97 -39.37
CA ARG F 223 4.45 62.71 -39.56
C ARG F 223 3.27 61.96 -38.95
N ALA F 224 3.20 60.65 -39.17
CA ALA F 224 2.11 59.86 -38.61
C ALA F 224 2.12 59.90 -37.09
N VAL F 225 3.31 59.74 -36.48
CA VAL F 225 3.40 59.75 -35.02
C VAL F 225 3.04 61.12 -34.46
N ASP F 226 3.52 62.19 -35.11
CA ASP F 226 3.19 63.53 -34.64
C ASP F 226 1.70 63.81 -34.76
N SER F 227 1.06 63.30 -35.81
CA SER F 227 -0.38 63.48 -35.97
C SER F 227 -1.14 62.72 -34.89
N LEU F 228 -0.78 61.46 -34.65
CA LEU F 228 -1.51 60.66 -33.68
C LEU F 228 -1.29 61.15 -32.25
N LEU F 229 -0.08 61.62 -31.93
CA LEU F 229 0.18 62.12 -30.58
C LEU F 229 -0.49 63.46 -30.32
N ASN F 230 -0.78 64.23 -31.37
CA ASN F 230 -1.46 65.52 -31.26
C ASN F 230 -2.90 65.43 -31.76
N TYR F 231 -3.55 64.29 -31.52
CA TYR F 231 -4.92 64.08 -31.97
C TYR F 231 -5.86 65.14 -31.39
N GLU F 232 -5.67 65.49 -30.12
CA GLU F 232 -6.52 66.51 -29.49
C GLU F 232 -6.43 67.84 -30.22
N THR F 233 -5.23 68.25 -30.62
CA THR F 233 -5.08 69.52 -31.35
C THR F 233 -5.76 69.44 -32.71
N VAL F 234 -5.61 68.32 -33.41
CA VAL F 234 -6.24 68.14 -34.71
C VAL F 234 -7.76 68.26 -34.56
N LYS F 235 -8.32 67.68 -33.51
CA LYS F 235 -9.75 67.84 -33.26
C LYS F 235 -10.10 69.28 -32.90
N TYR F 236 -9.21 69.96 -32.16
CA TYR F 236 -9.46 71.35 -31.76
C TYR F 236 -9.55 72.25 -32.98
N PHE F 237 -8.76 71.98 -34.02
CA PHE F 237 -8.72 72.85 -35.20
C PHE F 237 -9.33 72.18 -36.43
N GLY F 238 -9.97 71.03 -36.28
CA GLY F 238 -10.66 70.38 -37.38
C GLY F 238 -9.81 70.12 -38.60
N ALA F 239 -8.58 69.64 -38.40
CA ALA F 239 -7.65 69.40 -39.50
C ALA F 239 -7.56 67.93 -39.89
N GLU F 240 -8.67 67.20 -39.77
CA GLU F 240 -8.67 65.79 -40.14
C GLU F 240 -8.34 65.62 -41.63
N SER F 241 -9.01 66.40 -42.49
CA SER F 241 -8.75 66.29 -43.92
C SER F 241 -7.32 66.71 -44.25
N ARG F 242 -6.82 67.76 -43.61
CA ARG F 242 -5.46 68.22 -43.87
C ARG F 242 -4.44 67.17 -43.47
N GLU F 243 -4.60 66.59 -42.28
CA GLU F 243 -3.68 65.55 -41.83
C GLU F 243 -3.76 64.32 -42.72
N GLU F 244 -4.98 63.95 -43.15
CA GLU F 244 -5.13 62.81 -44.03
C GLU F 244 -4.41 63.05 -45.36
N ALA F 245 -4.57 64.23 -45.95
CA ALA F 245 -3.91 64.53 -47.21
C ALA F 245 -2.39 64.57 -47.05
N ARG F 246 -1.91 65.14 -45.94
CA ARG F 246 -0.47 65.20 -45.69
C ARG F 246 0.11 63.79 -45.53
N TYR F 247 -0.57 62.95 -44.76
CA TYR F 247 -0.12 61.57 -44.58
C TYR F 247 -0.18 60.80 -45.89
N ALA F 248 -1.18 61.08 -46.72
CA ALA F 248 -1.28 60.40 -48.01
C ALA F 248 -0.12 60.79 -48.92
N SER F 249 0.23 62.08 -48.95
CA SER F 249 1.37 62.51 -49.75
C SER F 249 2.66 61.89 -49.25
N ALA F 250 2.86 61.87 -47.93
CA ALA F 250 4.07 61.25 -47.37
C ALA F 250 4.13 59.76 -47.70
N ALA F 251 3.00 59.06 -47.59
CA ALA F 251 2.97 57.63 -47.89
C ALA F 251 3.22 57.37 -49.37
N ARG F 252 2.71 58.24 -50.25
CA ARG F 252 2.98 58.09 -51.68
C ARG F 252 4.46 58.28 -51.97
N ALA F 253 5.09 59.29 -51.36
CA ALA F 253 6.53 59.48 -51.53
C ALA F 253 7.30 58.25 -51.05
N TYR F 254 6.94 57.73 -49.87
CA TYR F 254 7.59 56.54 -49.35
C TYR F 254 7.41 55.35 -50.28
N ALA F 255 6.21 55.18 -50.84
CA ALA F 255 5.95 54.06 -51.74
C ALA F 255 6.78 54.18 -53.02
N ASP F 256 6.88 55.39 -53.57
CA ASP F 256 7.71 55.58 -54.76
C ASP F 256 9.18 55.25 -54.46
N ALA F 257 9.69 55.74 -53.32
CA ALA F 257 11.07 55.45 -52.96
C ALA F 257 11.30 53.96 -52.76
N ALA F 258 10.36 53.28 -52.11
CA ALA F 258 10.50 51.85 -51.89
C ALA F 258 10.46 51.07 -53.20
N VAL F 259 9.58 51.47 -54.12
CA VAL F 259 9.52 50.83 -55.43
C VAL F 259 10.85 50.99 -56.15
N LYS F 260 11.42 52.20 -56.12
CA LYS F 260 12.72 52.42 -56.75
C LYS F 260 13.79 51.53 -56.13
N SER F 261 13.81 51.45 -54.79
CA SER F 261 14.82 50.65 -54.10
C SER F 261 14.71 49.18 -54.47
N GLU F 262 13.49 48.64 -54.45
CA GLU F 262 13.32 47.22 -54.75
C GLU F 262 13.58 46.92 -56.22
N ASN F 263 13.28 47.86 -57.12
CA ASN F 263 13.65 47.67 -58.52
C ASN F 263 15.16 47.65 -58.70
N SER F 264 15.88 48.52 -57.97
CA SER F 264 17.33 48.49 -58.01
C SER F 264 17.87 47.17 -57.48
N LEU F 265 17.27 46.65 -56.40
CA LEU F 265 17.65 45.34 -55.89
C LEU F 265 17.45 44.25 -56.93
N GLY F 266 16.32 44.29 -57.63
CA GLY F 266 16.08 43.33 -58.70
C GLY F 266 17.10 43.42 -59.80
N LEU F 267 17.47 44.64 -60.20
CA LEU F 267 18.49 44.81 -61.23
C LEU F 267 19.84 44.26 -60.79
N LEU F 268 20.22 44.52 -59.52
CA LEU F 268 21.47 43.99 -59.00
C LEU F 268 21.46 42.46 -59.02
N ASN F 269 20.37 41.86 -58.56
CA ASN F 269 20.29 40.40 -58.56
C ASN F 269 20.33 39.84 -59.99
N ILE F 270 19.70 40.55 -60.93
CA ILE F 270 19.72 40.11 -62.33
C ILE F 270 21.14 40.12 -62.87
N ALA F 271 21.90 41.18 -62.59
CA ALA F 271 23.27 41.26 -63.08
C ALA F 271 24.13 40.17 -62.45
N GLN F 272 23.99 39.96 -61.13
CA GLN F 272 24.75 38.91 -60.46
C GLN F 272 24.44 37.54 -61.06
N ALA F 273 23.15 37.25 -61.28
CA ALA F 273 22.77 35.97 -61.84
C ALA F 273 23.26 35.82 -63.27
N LEU F 274 23.26 36.90 -64.04
CA LEU F 274 23.79 36.86 -65.40
C LEU F 274 25.26 36.46 -65.40
N ILE F 275 26.05 37.10 -64.54
CA ILE F 275 27.47 36.76 -64.46
C ILE F 275 27.66 35.31 -64.04
N VAL F 276 26.94 34.90 -62.98
CA VAL F 276 27.09 33.55 -62.44
C VAL F 276 26.72 32.51 -63.50
N ASN F 277 25.63 32.73 -64.22
CA ASN F 277 25.16 31.74 -65.18
C ASN F 277 26.03 31.72 -66.43
N LEU F 278 26.60 32.87 -66.82
CA LEU F 278 27.57 32.85 -67.91
C LEU F 278 28.79 32.04 -67.55
N LEU F 279 29.31 32.24 -66.32
CA LEU F 279 30.45 31.45 -65.88
C LEU F 279 30.11 29.97 -65.82
N MET F 280 28.91 29.65 -65.32
CA MET F 280 28.50 28.24 -65.22
C MET F 280 28.39 27.59 -66.59
N ALA F 281 27.76 28.28 -67.54
CA ALA F 281 27.67 27.76 -68.90
C ALA F 281 29.04 27.53 -69.50
N GLY F 282 29.93 28.52 -69.40
CA GLY F 282 31.27 28.36 -69.94
C GLY F 282 32.01 27.19 -69.32
N ALA F 283 31.96 27.08 -67.99
CA ALA F 283 32.69 26.02 -67.30
C ALA F 283 32.15 24.65 -67.67
N MET F 284 30.83 24.50 -67.68
CA MET F 284 30.25 23.18 -67.99
C MET F 284 30.49 22.80 -69.45
N ALA F 285 30.40 23.77 -70.36
CA ALA F 285 30.69 23.47 -71.76
C ALA F 285 32.15 23.05 -71.95
N TRP F 286 33.08 23.76 -71.30
CA TRP F 286 34.48 23.38 -71.41
C TRP F 286 34.74 22.01 -70.79
N THR F 287 34.07 21.71 -69.67
CA THR F 287 34.28 20.41 -69.02
C THR F 287 33.77 19.28 -69.89
N VAL F 288 32.58 19.43 -70.48
CA VAL F 288 32.06 18.36 -71.32
C VAL F 288 32.87 18.26 -72.61
N TYR F 289 33.42 19.37 -73.12
CA TYR F 289 34.28 19.29 -74.28
C TYR F 289 35.57 18.53 -73.96
N GLY F 290 36.16 18.81 -72.78
CA GLY F 290 37.33 18.05 -72.36
C GLY F 290 37.04 16.58 -72.14
N TRP F 291 35.82 16.27 -71.68
CA TRP F 291 35.43 14.86 -71.61
C TRP F 291 35.32 14.26 -73.00
N SER F 292 34.76 15.02 -73.94
CA SER F 292 34.62 14.54 -75.32
C SER F 292 35.99 14.25 -75.93
N GLN F 293 37.02 14.95 -75.47
CA GLN F 293 38.38 14.66 -75.92
C GLN F 293 39.05 13.59 -75.05
N GLY F 294 38.32 12.97 -74.14
CA GLY F 294 38.86 11.94 -73.28
C GLY F 294 39.77 12.45 -72.18
N LYS F 295 39.95 13.76 -72.06
CA LYS F 295 40.83 14.32 -71.04
C LYS F 295 40.22 14.17 -69.65
N LEU F 296 38.91 14.37 -69.53
CA LEU F 296 38.24 14.40 -68.24
C LEU F 296 37.13 13.37 -68.21
N THR F 297 36.79 12.93 -67.00
CA THR F 297 35.69 12.00 -66.79
C THR F 297 34.37 12.76 -66.67
N VAL F 298 33.27 12.01 -66.65
CA VAL F 298 31.96 12.63 -66.51
C VAL F 298 31.76 13.14 -65.08
N GLY F 299 32.37 12.47 -64.10
CA GLY F 299 32.28 12.94 -62.72
C GLY F 299 32.87 14.33 -62.54
N ASP F 300 33.82 14.72 -63.37
CA ASP F 300 34.39 16.07 -63.30
C ASP F 300 33.33 17.13 -63.54
N LEU F 301 32.36 16.86 -64.42
CA LEU F 301 31.28 17.81 -64.66
C LEU F 301 30.50 18.09 -63.38
N VAL F 302 30.05 17.03 -62.72
CA VAL F 302 29.29 17.19 -61.48
C VAL F 302 30.16 17.82 -60.40
N PHE F 303 31.45 17.47 -60.37
CA PHE F 303 32.37 18.09 -59.42
C PHE F 303 32.43 19.60 -59.61
N VAL F 304 32.67 20.05 -60.84
CA VAL F 304 32.74 21.48 -61.13
C VAL F 304 31.41 22.16 -60.82
N ASN F 305 30.29 21.51 -61.21
CA ASN F 305 28.97 22.07 -60.92
C ASN F 305 28.77 22.29 -59.43
N THR F 306 29.02 21.24 -58.63
CA THR F 306 28.80 21.34 -57.19
C THR F 306 29.74 22.37 -56.57
N TYR F 307 31.00 22.40 -57.00
CA TYR F 307 31.94 23.38 -56.47
C TYR F 307 31.49 24.80 -56.76
N LEU F 308 31.08 25.07 -58.01
CA LEU F 308 30.63 26.42 -58.37
C LEU F 308 29.38 26.80 -57.61
N THR F 309 28.43 25.87 -57.46
CA THR F 309 27.22 26.18 -56.71
C THR F 309 27.53 26.45 -55.24
N GLN F 310 28.37 25.63 -54.63
CA GLN F 310 28.76 25.85 -53.25
C GLN F 310 29.51 27.16 -53.08
N LEU F 311 30.26 27.57 -54.09
CA LEU F 311 30.99 28.84 -54.01
C LEU F 311 30.05 30.03 -54.14
N PHE F 312 29.09 29.99 -55.07
CA PHE F 312 28.29 31.16 -55.38
C PHE F 312 26.94 31.22 -54.68
N ARG F 313 26.51 30.16 -54.00
CA ARG F 313 25.24 30.24 -53.28
C ARG F 313 25.37 31.14 -52.05
N PRO F 314 26.44 31.03 -51.25
CA PRO F 314 26.64 32.04 -50.19
C PRO F 314 26.88 33.42 -50.73
N LEU F 315 27.51 33.54 -51.91
CA LEU F 315 27.78 34.84 -52.52
C LEU F 315 26.54 35.50 -53.09
N ASP F 316 25.39 34.83 -53.07
CA ASP F 316 24.15 35.49 -53.50
C ASP F 316 23.81 36.65 -52.59
N MET F 317 24.13 36.54 -51.30
CA MET F 317 23.89 37.60 -50.34
C MET F 317 25.07 38.57 -50.22
N LEU F 318 26.05 38.45 -51.11
CA LEU F 318 27.32 39.18 -50.94
C LEU F 318 27.11 40.69 -50.89
N GLY F 319 26.19 41.20 -51.71
CA GLY F 319 25.93 42.63 -51.68
C GLY F 319 25.43 43.12 -50.33
N MET F 320 24.40 42.44 -49.81
CA MET F 320 23.89 42.78 -48.48
C MET F 320 24.98 42.63 -47.43
N VAL F 321 25.79 41.57 -47.53
CA VAL F 321 26.86 41.35 -46.57
C VAL F 321 27.83 42.52 -46.58
N TYR F 322 28.25 42.94 -47.78
CA TYR F 322 29.15 44.07 -47.91
C TYR F 322 28.54 45.34 -47.32
N ARG F 323 27.27 45.61 -47.64
CA ARG F 323 26.61 46.80 -47.12
C ARG F 323 26.60 46.79 -45.60
N THR F 324 26.23 45.65 -45.01
CA THR F 324 26.15 45.56 -43.55
C THR F 324 27.53 45.70 -42.92
N ILE F 325 28.55 45.10 -43.54
CA ILE F 325 29.91 45.22 -43.05
C ILE F 325 30.37 46.68 -43.08
N ARG F 326 30.09 47.38 -44.18
CA ARG F 326 30.44 48.78 -44.30
C ARG F 326 29.75 49.62 -43.24
N GLN F 327 28.43 49.44 -43.08
CA GLN F 327 27.69 50.21 -42.10
C GLN F 327 28.17 49.92 -40.69
N GLY F 328 28.48 48.66 -40.39
CA GLY F 328 28.99 48.31 -39.08
C GLY F 328 30.36 48.93 -38.82
N LEU F 329 31.23 48.94 -39.82
CA LEU F 329 32.52 49.60 -39.67
C LEU F 329 32.33 51.10 -39.41
N ILE F 330 31.45 51.74 -40.17
CA ILE F 330 31.19 53.16 -39.98
C ILE F 330 30.71 53.43 -38.57
N ASP F 331 29.73 52.65 -38.11
CA ASP F 331 29.16 52.88 -36.79
C ASP F 331 30.18 52.59 -35.68
N MET F 332 31.04 51.59 -35.88
CA MET F 332 32.05 51.29 -34.86
C MET F 332 33.12 52.37 -34.80
N ALA F 333 33.54 52.88 -35.96
CA ALA F 333 34.44 54.03 -35.98
C ALA F 333 33.80 55.23 -35.29
N GLU F 334 32.51 55.45 -35.52
CA GLU F 334 31.79 56.51 -34.83
C GLU F 334 31.80 56.29 -33.33
N MET F 335 31.63 55.04 -32.89
CA MET F 335 31.63 54.72 -31.46
C MET F 335 32.99 55.00 -30.84
N PHE F 336 34.06 54.57 -31.51
CA PHE F 336 35.40 54.83 -30.99
C PHE F 336 35.70 56.33 -30.96
N ARG F 337 35.21 57.06 -31.97
CA ARG F 337 35.35 58.52 -31.96
C ARG F 337 34.61 59.14 -30.78
N LEU F 338 33.41 58.63 -30.50
CA LEU F 338 32.65 59.11 -29.34
C LEU F 338 33.41 58.83 -28.05
N ILE F 339 34.07 57.67 -27.96
CA ILE F 339 34.82 57.35 -26.76
C ILE F 339 36.01 58.29 -26.61
N ASP F 340 36.76 58.53 -27.69
CA ASP F 340 37.92 59.40 -27.66
C ASP F 340 37.62 60.83 -28.10
N THR F 341 36.38 61.29 -27.90
CA THR F 341 36.03 62.66 -28.27
C THR F 341 36.78 63.72 -27.46
N HIS F 342 36.48 63.82 -26.18
CA HIS F 342 36.99 64.91 -25.34
C HIS F 342 36.79 64.55 -23.87
N ILE F 343 37.73 64.97 -23.03
CA ILE F 343 37.68 64.70 -21.60
C ILE F 343 37.85 65.99 -20.79
N GLU F 344 37.39 67.12 -21.34
CA GLU F 344 37.56 68.40 -20.65
C GLU F 344 36.71 68.51 -19.38
N VAL F 345 35.87 67.51 -19.10
CA VAL F 345 34.91 67.61 -18.01
C VAL F 345 35.61 67.83 -16.67
N ALA F 346 36.54 66.93 -16.32
CA ALA F 346 37.15 66.92 -15.00
C ALA F 346 38.65 67.10 -15.09
N ASP F 347 39.19 67.98 -14.24
CA ASP F 347 40.63 68.16 -14.05
C ASP F 347 40.88 68.07 -12.54
N VAL F 348 41.10 66.87 -12.04
CA VAL F 348 41.22 66.65 -10.60
C VAL F 348 42.41 65.74 -10.29
N PRO F 349 43.65 66.19 -10.50
CA PRO F 349 44.81 65.35 -10.17
C PRO F 349 45.16 65.45 -8.69
N ASN F 350 45.25 64.30 -8.03
CA ASN F 350 45.51 64.22 -6.59
C ASN F 350 44.53 65.08 -5.80
N ALA F 351 43.29 65.13 -6.26
CA ALA F 351 42.29 65.96 -5.61
C ALA F 351 41.93 65.40 -4.25
N PRO F 352 41.92 66.22 -3.20
CA PRO F 352 41.42 65.74 -1.91
C PRO F 352 39.91 65.77 -1.85
N ALA F 353 39.36 64.95 -0.95
CA ALA F 353 37.92 64.89 -0.79
C ALA F 353 37.42 66.15 -0.10
N LEU F 354 36.25 66.63 -0.52
CA LEU F 354 35.65 67.81 0.09
C LEU F 354 35.11 67.46 1.47
N VAL F 355 35.47 68.26 2.47
CA VAL F 355 35.03 68.09 3.85
C VAL F 355 34.25 69.33 4.23
N VAL F 356 32.92 69.21 4.29
CA VAL F 356 32.04 70.35 4.57
C VAL F 356 31.74 70.34 6.06
N ASN F 357 32.44 71.19 6.81
CA ASN F 357 32.19 71.39 8.24
C ASN F 357 31.33 72.62 8.51
N ARG F 358 31.56 73.71 7.78
CA ARG F 358 30.76 74.93 7.90
C ARG F 358 30.30 75.30 6.51
N PRO F 359 29.05 75.00 6.15
CA PRO F 359 28.63 75.13 4.75
C PRO F 359 28.45 76.57 4.26
N SER F 360 29.54 77.32 4.11
CA SER F 360 29.49 78.63 3.48
C SER F 360 29.71 78.51 1.98
N VAL F 361 29.26 79.52 1.24
CA VAL F 361 29.41 79.56 -0.21
C VAL F 361 29.97 80.91 -0.59
N THR F 362 30.98 80.91 -1.47
CA THR F 362 31.62 82.15 -1.91
C THR F 362 31.74 82.15 -3.42
N PHE F 363 31.29 83.21 -4.07
CA PHE F 363 31.52 83.44 -5.49
C PHE F 363 32.50 84.62 -5.58
N ASP F 364 33.72 84.34 -6.07
CA ASP F 364 34.79 85.33 -6.12
C ASP F 364 35.05 85.68 -7.58
N ASN F 365 34.54 86.84 -7.99
CA ASN F 365 34.85 87.45 -9.29
C ASN F 365 34.57 86.48 -10.43
N VAL F 366 33.45 85.79 -10.36
CA VAL F 366 33.15 84.74 -11.34
C VAL F 366 32.80 85.38 -12.68
N VAL F 367 33.57 85.04 -13.71
CA VAL F 367 33.30 85.43 -15.09
C VAL F 367 33.08 84.16 -15.90
N PHE F 368 31.92 84.06 -16.55
CA PHE F 368 31.57 82.83 -17.25
C PHE F 368 30.59 83.13 -18.39
N GLY F 369 30.69 82.32 -19.43
CA GLY F 369 29.72 82.35 -20.51
C GLY F 369 29.69 81.00 -21.21
N TYR F 370 28.56 80.72 -21.87
CA TYR F 370 28.43 79.46 -22.60
C TYR F 370 29.27 79.46 -23.87
N ASP F 371 29.35 80.60 -24.55
CA ASP F 371 30.12 80.74 -25.77
C ASP F 371 31.03 81.96 -25.64
N ARG F 372 32.17 81.92 -26.32
CA ARG F 372 33.15 83.00 -26.22
C ARG F 372 32.62 84.32 -26.76
N ASP F 373 31.61 84.30 -27.64
CA ASP F 373 31.11 85.54 -28.23
C ASP F 373 30.17 86.30 -27.30
N ARG F 374 29.59 85.65 -26.29
CA ARG F 374 28.74 86.32 -25.34
C ARG F 374 29.28 86.04 -23.94
N GLU F 375 29.04 86.99 -23.04
CA GLU F 375 29.53 86.91 -21.67
C GLU F 375 28.37 87.23 -20.75
N ILE F 376 28.19 86.41 -19.72
CA ILE F 376 27.03 86.48 -18.85
C ILE F 376 27.39 87.07 -17.49
N LEU F 377 28.32 86.43 -16.78
CA LEU F 377 28.74 86.90 -15.47
C LEU F 377 29.94 87.83 -15.65
N HIS F 378 29.74 89.11 -15.36
CA HIS F 378 30.81 90.10 -15.48
C HIS F 378 31.41 90.36 -14.10
N GLY F 379 32.07 89.32 -13.59
CA GLY F 379 32.71 89.40 -12.30
C GLY F 379 31.73 89.38 -11.15
N LEU F 380 30.88 88.35 -11.12
CA LEU F 380 29.87 88.22 -10.09
C LEU F 380 30.50 87.64 -8.81
N SER F 381 30.31 88.35 -7.70
CA SER F 381 30.83 87.94 -6.40
C SER F 381 29.75 88.07 -5.34
N PHE F 382 29.63 87.06 -4.49
CA PHE F 382 28.70 87.16 -3.35
C PHE F 382 29.09 86.14 -2.30
N GLU F 383 28.44 86.25 -1.14
CA GLU F 383 28.70 85.41 0.02
C GLU F 383 27.38 84.88 0.56
N VAL F 384 27.30 83.56 0.70
CA VAL F 384 26.16 82.88 1.33
C VAL F 384 26.67 82.31 2.65
N ALA F 385 26.20 82.88 3.75
CA ALA F 385 26.66 82.47 5.07
C ALA F 385 26.12 81.08 5.41
N ALA F 386 26.88 80.36 6.23
CA ALA F 386 26.49 79.02 6.62
C ALA F 386 25.25 79.06 7.50
N GLY F 387 24.26 78.22 7.15
CA GLY F 387 23.02 78.16 7.89
C GLY F 387 22.01 79.23 7.53
N SER F 388 22.38 80.20 6.70
CA SER F 388 21.47 81.27 6.33
C SER F 388 20.54 80.82 5.20
N ARG F 389 19.42 81.52 5.08
CA ARG F 389 18.45 81.29 4.01
C ARG F 389 18.59 82.42 3.00
N VAL F 390 19.16 82.10 1.85
CA VAL F 390 19.43 83.09 0.81
C VAL F 390 18.59 82.76 -0.41
N ALA F 391 18.15 83.81 -1.10
CA ALA F 391 17.43 83.68 -2.35
C ALA F 391 18.23 84.34 -3.47
N ILE F 392 18.04 83.84 -4.69
CA ILE F 392 18.66 84.43 -5.88
C ILE F 392 17.52 84.72 -6.85
N VAL F 393 17.29 86.01 -7.14
CA VAL F 393 16.17 86.41 -7.97
C VAL F 393 16.67 87.26 -9.14
N GLY F 394 15.84 87.32 -10.18
CA GLY F 394 16.12 88.10 -11.36
C GLY F 394 15.09 87.84 -12.43
N PRO F 395 15.08 88.68 -13.48
CA PRO F 395 14.12 88.47 -14.57
C PRO F 395 14.48 87.26 -15.44
N SER F 396 13.70 87.03 -16.49
CA SER F 396 13.96 85.91 -17.38
C SER F 396 15.28 86.12 -18.12
N GLY F 397 16.13 85.10 -18.11
CA GLY F 397 17.43 85.21 -18.73
C GLY F 397 18.46 85.96 -17.91
N ALA F 398 18.26 86.10 -16.60
CA ALA F 398 19.18 86.84 -15.76
C ALA F 398 20.51 86.11 -15.62
N GLY F 399 20.50 84.79 -15.72
CA GLY F 399 21.69 83.98 -15.55
C GLY F 399 21.86 83.38 -14.17
N LYS F 400 20.79 83.24 -13.41
CA LYS F 400 20.86 82.61 -12.09
C LYS F 400 20.90 81.09 -12.22
N SER F 401 20.26 80.53 -13.24
CA SER F 401 20.43 79.11 -13.52
C SER F 401 21.86 78.79 -13.92
N THR F 402 22.56 79.75 -14.54
CA THR F 402 24.00 79.58 -14.77
C THR F 402 24.76 79.55 -13.45
N ILE F 403 24.32 80.33 -12.46
CA ILE F 403 24.90 80.25 -11.12
C ILE F 403 24.71 78.85 -10.56
N ALA F 404 23.47 78.33 -10.66
CA ALA F 404 23.18 77.00 -10.15
C ALA F 404 24.02 75.93 -10.84
N ARG F 405 24.18 76.04 -12.16
CA ARG F 405 24.95 75.05 -12.90
C ARG F 405 26.44 75.16 -12.60
N LEU F 406 26.94 76.37 -12.36
CA LEU F 406 28.35 76.54 -12.02
C LEU F 406 28.64 76.06 -10.60
N LEU F 407 27.65 76.13 -9.70
CA LEU F 407 27.85 75.61 -8.36
C LEU F 407 28.12 74.11 -8.37
N PHE F 408 27.44 73.38 -9.25
CA PHE F 408 27.69 71.95 -9.43
C PHE F 408 28.88 71.67 -10.34
N ARG F 409 29.57 72.69 -10.82
CA ARG F 409 30.73 72.56 -11.70
C ARG F 409 30.39 71.77 -12.96
N PHE F 410 29.25 72.10 -13.58
CA PHE F 410 29.02 71.66 -14.94
C PHE F 410 29.93 72.37 -15.93
N TYR F 411 30.43 73.55 -15.55
CA TYR F 411 31.39 74.30 -16.35
C TYR F 411 32.37 74.98 -15.39
N ASP F 412 33.47 75.47 -15.95
CA ASP F 412 34.41 76.24 -15.14
C ASP F 412 34.41 77.70 -15.56
N PRO F 413 34.52 78.62 -14.60
CA PRO F 413 34.54 80.05 -14.94
C PRO F 413 35.78 80.42 -15.74
N TRP F 414 35.61 81.39 -16.64
CA TRP F 414 36.74 81.88 -17.42
C TRP F 414 37.75 82.60 -16.54
N GLU F 415 37.27 83.49 -15.68
CA GLU F 415 38.12 84.28 -14.78
C GLU F 415 37.36 84.46 -13.47
N GLY F 416 37.66 83.61 -12.50
CA GLY F 416 37.00 83.68 -11.21
C GLY F 416 37.03 82.33 -10.53
N ARG F 417 36.34 82.26 -9.39
CA ARG F 417 36.32 80.98 -8.68
C ARG F 417 35.11 80.89 -7.75
N ILE F 418 34.84 79.65 -7.33
CA ILE F 418 33.75 79.33 -6.40
C ILE F 418 34.34 78.53 -5.26
N LEU F 419 33.98 78.90 -4.03
CA LEU F 419 34.49 78.25 -2.84
C LEU F 419 33.34 77.69 -2.01
N ILE F 420 33.52 76.49 -1.47
CA ILE F 420 32.60 75.89 -0.52
C ILE F 420 33.40 75.54 0.73
N ASP F 421 33.04 76.15 1.86
CA ASP F 421 33.76 75.97 3.12
C ASP F 421 35.24 76.33 2.97
N GLY F 422 35.50 77.41 2.24
CA GLY F 422 36.85 77.89 2.04
C GLY F 422 37.69 77.05 1.08
N GLN F 423 37.09 76.08 0.40
CA GLN F 423 37.80 75.19 -0.50
C GLN F 423 37.31 75.41 -1.93
N ASP F 424 38.25 75.61 -2.85
CA ASP F 424 37.90 75.80 -4.25
C ASP F 424 37.30 74.52 -4.81
N ILE F 425 36.10 74.62 -5.38
CA ILE F 425 35.42 73.44 -5.90
C ILE F 425 36.11 72.88 -7.13
N ALA F 426 36.95 73.69 -7.80
CA ALA F 426 37.69 73.21 -8.96
C ALA F 426 38.89 72.37 -8.58
N HIS F 427 39.31 72.39 -7.32
CA HIS F 427 40.47 71.65 -6.87
C HIS F 427 40.12 70.42 -6.06
N VAL F 428 38.83 70.14 -5.85
CA VAL F 428 38.39 68.98 -5.09
C VAL F 428 37.76 67.97 -6.06
N THR F 429 37.54 66.75 -5.56
CA THR F 429 36.93 65.72 -6.38
C THR F 429 35.49 66.09 -6.73
N GLN F 430 35.10 65.80 -7.97
CA GLN F 430 33.74 66.08 -8.40
C GLN F 430 32.72 65.28 -7.60
N THR F 431 33.07 64.06 -7.21
CA THR F 431 32.13 63.20 -6.51
C THR F 431 31.75 63.78 -5.16
N SER F 432 32.75 64.18 -4.36
CA SER F 432 32.46 64.76 -3.05
C SER F 432 31.76 66.11 -3.18
N LEU F 433 32.16 66.91 -4.17
CA LEU F 433 31.51 68.20 -4.40
C LEU F 433 30.03 68.01 -4.69
N ARG F 434 29.69 67.14 -5.64
CA ARG F 434 28.29 66.94 -5.96
C ARG F 434 27.55 66.17 -4.88
N ALA F 435 28.26 65.43 -4.03
CA ALA F 435 27.63 64.78 -2.89
C ALA F 435 27.28 65.78 -1.81
N ALA F 436 28.04 66.88 -1.72
CA ALA F 436 27.76 67.91 -0.74
C ALA F 436 26.67 68.88 -1.18
N LEU F 437 26.16 68.75 -2.41
CA LEU F 437 25.16 69.66 -2.95
C LEU F 437 23.93 68.87 -3.37
N GLY F 438 22.75 69.36 -2.99
CA GLY F 438 21.50 68.81 -3.47
C GLY F 438 20.72 69.90 -4.20
N ILE F 439 19.97 69.48 -5.22
CA ILE F 439 19.26 70.42 -6.09
C ILE F 439 17.88 69.85 -6.42
N VAL F 440 16.89 70.74 -6.41
CA VAL F 440 15.54 70.45 -6.89
C VAL F 440 15.26 71.38 -8.06
N PRO F 441 15.38 70.89 -9.29
CA PRO F 441 15.19 71.74 -10.47
C PRO F 441 13.71 71.94 -10.77
N GLN F 442 13.46 72.78 -11.78
CA GLN F 442 12.09 73.08 -12.17
C GLN F 442 11.39 71.85 -12.72
N ASP F 443 12.00 71.21 -13.72
CA ASP F 443 11.42 70.02 -14.37
C ASP F 443 12.12 68.78 -13.81
N SER F 444 11.44 68.10 -12.88
CA SER F 444 11.98 66.89 -12.26
C SER F 444 11.49 65.66 -13.03
N VAL F 445 12.40 64.72 -13.25
CA VAL F 445 12.12 63.51 -14.03
C VAL F 445 12.09 62.32 -13.09
N LEU F 446 11.20 61.38 -13.36
CA LEU F 446 11.08 60.15 -12.60
C LEU F 446 11.62 58.97 -13.39
N PHE F 447 12.34 58.08 -12.71
CA PHE F 447 12.83 56.87 -13.33
C PHE F 447 11.71 55.84 -13.48
N ASN F 448 11.85 54.97 -14.48
CA ASN F 448 10.85 53.95 -14.76
C ASN F 448 11.13 52.75 -13.84
N ASP F 449 10.66 52.88 -12.60
CA ASP F 449 10.85 51.88 -11.57
C ASP F 449 9.87 52.19 -10.44
N THR F 450 10.02 51.50 -9.31
CA THR F 450 9.12 51.68 -8.19
C THR F 450 9.43 52.99 -7.47
N ILE F 451 8.46 53.45 -6.66
CA ILE F 451 8.67 54.65 -5.86
C ILE F 451 9.78 54.41 -4.85
N GLY F 452 9.87 53.20 -4.30
CA GLY F 452 10.96 52.90 -3.39
C GLY F 452 12.32 53.08 -4.03
N TYR F 453 12.48 52.61 -5.27
CA TYR F 453 13.73 52.82 -5.99
C TYR F 453 13.96 54.30 -6.29
N ASN F 454 12.91 55.01 -6.70
CA ASN F 454 13.07 56.43 -7.03
C ASN F 454 13.47 57.25 -5.82
N ILE F 455 13.01 56.86 -4.63
CA ILE F 455 13.40 57.57 -3.41
C ILE F 455 14.78 57.15 -2.95
N ALA F 456 15.07 55.85 -2.97
CA ALA F 456 16.38 55.35 -2.57
C ALA F 456 17.49 55.75 -3.54
N TYR F 457 17.14 56.24 -4.73
CA TYR F 457 18.15 56.68 -5.69
C TYR F 457 19.04 57.79 -5.13
N GLY F 458 18.61 58.45 -4.05
CA GLY F 458 19.41 59.55 -3.50
C GLY F 458 20.76 59.09 -3.00
N ARG F 459 20.82 57.91 -2.38
CA ARG F 459 22.06 57.37 -1.84
C ARG F 459 22.21 55.91 -2.26
N ASP F 460 23.47 55.49 -2.42
CA ASP F 460 23.77 54.14 -2.89
C ASP F 460 23.21 53.11 -1.91
N GLY F 461 23.88 52.94 -0.76
CA GLY F 461 23.41 52.05 0.28
C GLY F 461 22.14 52.48 1.01
N ALA F 462 21.24 53.22 0.37
CA ALA F 462 20.05 53.73 1.04
C ALA F 462 19.20 52.60 1.63
N SER F 463 18.90 52.71 2.93
CA SER F 463 18.08 51.72 3.61
C SER F 463 16.61 52.07 3.49
N ARG F 464 15.75 51.15 3.97
CA ARG F 464 14.32 51.40 3.94
C ARG F 464 13.91 52.42 5.00
N ALA F 465 14.61 52.44 6.14
CA ALA F 465 14.27 53.40 7.20
C ALA F 465 14.53 54.83 6.76
N GLU F 466 15.65 55.05 6.06
CA GLU F 466 15.93 56.39 5.53
C GLU F 466 14.90 56.80 4.49
N VAL F 467 14.46 55.85 3.66
CA VAL F 467 13.40 56.14 2.69
C VAL F 467 12.11 56.53 3.39
N ASP F 468 11.76 55.82 4.47
CA ASP F 468 10.56 56.17 5.22
C ASP F 468 10.69 57.54 5.85
N ALA F 469 11.86 57.84 6.43
CA ALA F 469 12.07 59.15 7.04
C ALA F 469 11.98 60.28 6.02
N ALA F 470 12.51 60.05 4.81
CA ALA F 470 12.43 61.06 3.77
C ALA F 470 11.00 61.25 3.29
N ALA F 471 10.26 60.15 3.13
CA ALA F 471 8.86 60.25 2.74
C ALA F 471 8.04 60.97 3.80
N LYS F 472 8.40 60.82 5.07
CA LYS F 472 7.74 61.57 6.13
C LYS F 472 8.08 63.05 6.05
N GLY F 473 9.38 63.36 5.91
CA GLY F 473 9.80 64.76 5.85
C GLY F 473 9.29 65.49 4.63
N ALA F 474 9.05 64.76 3.53
CA ALA F 474 8.52 65.35 2.31
C ALA F 474 7.00 65.37 2.30
N ALA F 475 6.35 64.93 3.37
CA ALA F 475 4.89 64.89 3.47
C ALA F 475 4.28 64.06 2.35
N ILE F 476 4.93 62.94 2.04
CA ILE F 476 4.44 62.01 1.02
C ILE F 476 4.28 60.60 1.56
N ALA F 477 4.63 60.35 2.82
CA ALA F 477 4.51 59.02 3.39
C ALA F 477 3.05 58.57 3.41
N ASP F 478 2.13 59.48 3.74
CA ASP F 478 0.72 59.12 3.72
C ASP F 478 0.25 58.82 2.31
N PHE F 479 0.74 59.59 1.32
CA PHE F 479 0.39 59.33 -0.07
C PHE F 479 0.85 57.95 -0.51
N ILE F 480 2.05 57.54 -0.07
CA ILE F 480 2.55 56.21 -0.40
C ILE F 480 1.76 55.14 0.34
N ALA F 481 1.33 55.43 1.57
CA ALA F 481 0.53 54.46 2.32
C ALA F 481 -0.81 54.18 1.65
N ARG F 482 -1.40 55.20 1.01
CA ARG F 482 -2.66 55.01 0.31
C ARG F 482 -2.50 54.31 -1.03
N LEU F 483 -1.28 54.11 -1.50
CA LEU F 483 -1.04 53.38 -2.73
C LEU F 483 -1.19 51.87 -2.48
N PRO F 484 -1.71 51.13 -3.47
CA PRO F 484 -1.91 49.68 -3.25
C PRO F 484 -0.62 48.92 -2.98
N GLN F 485 0.43 49.16 -3.76
CA GLN F 485 1.70 48.47 -3.58
C GLN F 485 2.67 49.21 -2.68
N GLY F 486 2.27 50.37 -2.16
CA GLY F 486 3.15 51.11 -1.26
C GLY F 486 4.42 51.55 -1.97
N TYR F 487 5.56 51.25 -1.37
CA TYR F 487 6.85 51.63 -1.93
C TYR F 487 7.20 50.86 -3.20
N ASP F 488 6.49 49.78 -3.50
CA ASP F 488 6.73 49.00 -4.72
C ASP F 488 5.86 49.45 -5.88
N THR F 489 5.09 50.52 -5.71
CA THR F 489 4.26 51.05 -6.79
C THR F 489 5.14 51.71 -7.84
N GLU F 490 5.15 51.16 -9.05
CA GLU F 490 5.94 51.74 -10.13
C GLU F 490 5.33 53.05 -10.59
N VAL F 491 6.18 54.02 -10.93
CA VAL F 491 5.77 55.34 -11.36
C VAL F 491 6.52 55.71 -12.63
N GLY F 492 6.29 56.94 -13.09
CA GLY F 492 6.83 57.40 -14.34
C GLY F 492 5.99 56.91 -15.50
N GLU F 493 6.55 56.98 -16.70
CA GLU F 493 5.88 56.39 -17.84
C GLU F 493 5.81 54.88 -17.67
N ARG F 494 4.99 54.23 -18.50
CA ARG F 494 4.64 52.82 -18.41
C ARG F 494 4.37 52.40 -16.97
N GLY F 495 3.78 53.30 -16.20
CA GLY F 495 3.43 53.04 -14.82
C GLY F 495 2.45 54.08 -14.33
N LEU F 496 2.24 54.08 -13.01
CA LEU F 496 1.34 55.07 -12.41
C LEU F 496 1.89 56.49 -12.63
N LYS F 497 1.04 57.37 -13.14
CA LYS F 497 1.42 58.74 -13.39
C LYS F 497 1.17 59.59 -12.15
N LEU F 498 2.09 60.51 -11.87
CA LEU F 498 2.02 61.36 -10.69
C LEU F 498 1.82 62.82 -11.10
N SER F 499 1.08 63.54 -10.26
CA SER F 499 0.87 64.97 -10.48
C SER F 499 2.17 65.74 -10.30
N GLY F 500 2.17 66.98 -10.78
CA GLY F 500 3.35 67.83 -10.64
C GLY F 500 3.77 68.00 -9.19
N GLY F 501 2.81 68.22 -8.29
CA GLY F 501 3.13 68.31 -6.89
C GLY F 501 3.69 67.01 -6.34
N GLU F 502 3.13 65.88 -6.78
CA GLU F 502 3.65 64.58 -6.36
C GLU F 502 5.06 64.34 -6.89
N LYS F 503 5.32 64.72 -8.14
CA LYS F 503 6.67 64.59 -8.68
C LYS F 503 7.67 65.46 -7.92
N GLN F 504 7.28 66.70 -7.60
CA GLN F 504 8.17 67.55 -6.82
C GLN F 504 8.40 67.00 -5.43
N ARG F 505 7.37 66.39 -4.83
CA ARG F 505 7.54 65.79 -3.52
C ARG F 505 8.47 64.59 -3.58
N VAL F 506 8.37 63.78 -4.65
CA VAL F 506 9.30 62.67 -4.81
C VAL F 506 10.73 63.17 -4.98
N ALA F 507 10.90 64.27 -5.73
CA ALA F 507 12.23 64.84 -5.89
C ALA F 507 12.77 65.36 -4.55
N ILE F 508 11.92 66.00 -3.76
CA ILE F 508 12.35 66.48 -2.44
C ILE F 508 12.72 65.31 -1.54
N ALA F 509 11.95 64.23 -1.59
CA ALA F 509 12.29 63.05 -0.79
C ALA F 509 13.60 62.43 -1.24
N ARG F 510 13.87 62.45 -2.55
CA ARG F 510 15.15 61.97 -3.07
C ARG F 510 16.30 62.80 -2.52
N THR F 511 16.18 64.13 -2.61
CA THR F 511 17.24 65.00 -2.08
C THR F 511 17.39 64.85 -0.58
N LEU F 512 16.29 64.56 0.14
CA LEU F 512 16.37 64.31 1.57
C LEU F 512 17.13 63.00 1.86
N VAL F 513 16.86 61.97 1.05
CA VAL F 513 17.64 60.73 1.16
C VAL F 513 19.12 61.02 0.96
N LYS F 514 19.44 61.89 0.00
CA LYS F 514 20.85 62.26 -0.19
C LYS F 514 21.40 62.97 1.04
N ASN F 515 20.58 63.80 1.70
CA ASN F 515 20.93 64.54 2.90
C ASN F 515 22.20 65.38 2.69
N PRO F 516 22.17 66.38 1.83
CA PRO F 516 23.37 67.18 1.58
C PRO F 516 23.42 68.38 2.51
N PRO F 517 24.62 68.90 2.80
CA PRO F 517 24.71 70.08 3.67
C PRO F 517 24.19 71.35 3.00
N ILE F 518 24.23 71.43 1.68
CA ILE F 518 23.77 72.61 0.95
C ILE F 518 22.67 72.18 0.00
N LEU F 519 21.58 72.95 -0.03
CA LEU F 519 20.39 72.61 -0.81
C LEU F 519 20.00 73.81 -1.67
N LEU F 520 19.61 73.52 -2.91
CA LEU F 520 19.18 74.53 -3.87
C LEU F 520 17.79 74.17 -4.41
N PHE F 521 16.88 75.12 -4.35
CA PHE F 521 15.52 74.99 -4.91
C PHE F 521 15.41 75.91 -6.11
N ASP F 522 15.56 75.37 -7.32
CA ASP F 522 15.59 76.19 -8.53
C ASP F 522 14.19 76.21 -9.13
N GLU F 523 13.41 77.21 -8.75
CA GLU F 523 12.05 77.42 -9.26
C GLU F 523 11.19 76.16 -9.06
N ALA F 524 11.25 75.61 -7.84
CA ALA F 524 10.55 74.35 -7.56
C ALA F 524 9.04 74.51 -7.60
N THR F 525 8.52 75.69 -7.24
CA THR F 525 7.08 75.92 -7.15
C THR F 525 6.57 76.80 -8.28
N SER F 526 7.32 76.92 -9.37
CA SER F 526 6.98 77.86 -10.44
C SER F 526 5.75 77.43 -11.24
N CYS F 527 5.31 76.18 -11.13
CA CYS F 527 4.24 75.66 -11.97
C CYS F 527 3.21 74.88 -11.17
N LEU F 528 3.07 75.17 -9.88
CA LEU F 528 2.10 74.46 -9.06
C LEU F 528 0.92 75.35 -8.74
N ASP F 529 -0.15 74.73 -8.27
CA ASP F 529 -1.33 75.49 -7.84
C ASP F 529 -1.14 75.97 -6.40
N THR F 530 -2.06 76.84 -5.97
CA THR F 530 -1.86 77.61 -4.75
C THR F 530 -1.79 76.72 -3.51
N ARG F 531 -2.71 75.77 -3.39
CA ARG F 531 -2.70 74.90 -2.21
C ARG F 531 -1.44 74.05 -2.16
N THR F 532 -1.12 73.37 -3.26
CA THR F 532 0.10 72.57 -3.30
C THR F 532 1.33 73.45 -3.20
N GLU F 533 1.30 74.65 -3.81
CA GLU F 533 2.46 75.54 -3.69
C GLU F 533 2.72 75.93 -2.24
N GLN F 534 1.67 76.30 -1.51
CA GLN F 534 1.86 76.64 -0.10
C GLN F 534 2.30 75.43 0.72
N ASP F 535 1.73 74.26 0.45
CA ASP F 535 2.13 73.06 1.17
C ASP F 535 3.60 72.74 0.93
N ILE F 536 4.03 72.80 -0.34
CA ILE F 536 5.40 72.43 -0.64
C ILE F 536 6.36 73.53 -0.19
N LEU F 537 5.88 74.78 -0.09
CA LEU F 537 6.73 75.82 0.48
C LEU F 537 6.93 75.61 1.97
N SER F 538 5.87 75.20 2.68
CA SER F 538 6.02 74.82 4.08
C SER F 538 6.96 73.62 4.22
N THR F 539 6.85 72.65 3.30
CA THR F 539 7.76 71.51 3.31
C THR F 539 9.20 71.94 3.08
N MET F 540 9.42 72.89 2.16
CA MET F 540 10.76 73.41 1.90
C MET F 540 11.32 74.13 3.11
N ARG F 541 10.49 74.93 3.77
CA ARG F 541 10.92 75.59 5.00
C ARG F 541 11.24 74.57 6.09
N ALA F 542 10.49 73.47 6.15
CA ALA F 542 10.75 72.45 7.15
C ALA F 542 12.05 71.70 6.87
N VAL F 543 12.29 71.31 5.62
CA VAL F 543 13.49 70.55 5.28
C VAL F 543 14.74 71.41 5.35
N ALA F 544 14.60 72.72 5.43
CA ALA F 544 15.72 73.65 5.53
C ALA F 544 16.13 73.90 6.97
N SER F 545 15.88 72.92 7.85
CA SER F 545 16.11 73.13 9.29
C SER F 545 17.56 73.43 9.59
N HIS F 546 18.46 72.49 9.28
CA HIS F 546 19.87 72.62 9.65
C HIS F 546 20.77 72.64 8.42
N ARG F 547 20.25 73.08 7.28
CA ARG F 547 21.00 73.14 6.04
C ARG F 547 21.09 74.57 5.55
N THR F 548 22.15 74.85 4.78
CA THR F 548 22.21 76.08 4.01
C THR F 548 21.32 75.93 2.79
N THR F 549 20.44 76.91 2.58
CA THR F 549 19.39 76.83 1.56
C THR F 549 19.48 78.03 0.62
N ILE F 550 19.48 77.75 -0.68
CA ILE F 550 19.47 78.78 -1.71
C ILE F 550 18.26 78.53 -2.60
N SER F 551 17.32 79.47 -2.59
CA SER F 551 16.08 79.36 -3.34
C SER F 551 16.11 80.33 -4.51
N ILE F 552 16.22 79.79 -5.71
CA ILE F 552 16.22 80.57 -6.95
C ILE F 552 14.79 80.58 -7.46
N ALA F 553 14.08 81.68 -7.26
CA ALA F 553 12.67 81.78 -7.60
C ALA F 553 12.40 83.03 -8.42
N HIS F 554 11.45 82.92 -9.35
CA HIS F 554 11.03 84.08 -10.14
C HIS F 554 10.01 84.93 -9.38
N ARG F 555 9.12 84.28 -8.64
CA ARG F 555 8.07 84.99 -7.90
C ARG F 555 8.64 85.37 -6.53
N LEU F 556 8.72 86.68 -6.28
CA LEU F 556 9.39 87.16 -5.07
C LEU F 556 8.64 86.75 -3.80
N SER F 557 7.32 86.61 -3.87
CA SER F 557 6.54 86.27 -2.69
C SER F 557 6.91 84.90 -2.14
N THR F 558 7.42 84.01 -2.99
CA THR F 558 7.78 82.67 -2.55
C THR F 558 9.07 82.65 -1.74
N ILE F 559 9.88 83.70 -1.80
CA ILE F 559 11.18 83.72 -1.13
C ILE F 559 11.31 84.96 -0.26
N ALA F 560 10.18 85.61 0.04
CA ALA F 560 10.22 86.84 0.80
C ALA F 560 10.73 86.63 2.23
N ASP F 561 10.56 85.43 2.77
CA ASP F 561 10.97 85.13 4.13
C ASP F 561 12.43 84.70 4.25
N SER F 562 13.21 84.84 3.18
CA SER F 562 14.61 84.44 3.22
C SER F 562 15.41 85.36 4.12
N ASP F 563 16.51 84.83 4.67
CA ASP F 563 17.40 85.66 5.48
C ASP F 563 18.01 86.79 4.67
N THR F 564 18.38 86.50 3.42
CA THR F 564 18.87 87.56 2.54
C THR F 564 18.55 87.20 1.10
N ILE F 565 18.53 88.22 0.24
CA ILE F 565 18.14 88.08 -1.15
C ILE F 565 19.19 88.75 -2.04
N LEU F 566 19.65 88.03 -3.06
CA LEU F 566 20.57 88.55 -4.05
C LEU F 566 19.79 88.78 -5.33
N VAL F 567 19.77 90.04 -5.78
CA VAL F 567 19.05 90.44 -6.98
C VAL F 567 20.05 90.56 -8.12
N LEU F 568 19.80 89.85 -9.22
CA LEU F 568 20.68 89.84 -10.37
C LEU F 568 20.01 90.58 -11.52
N ASP F 569 20.78 91.44 -12.19
CA ASP F 569 20.31 92.15 -13.36
C ASP F 569 21.43 92.21 -14.39
N GLN F 570 21.13 91.80 -15.62
CA GLN F 570 22.09 91.84 -16.73
C GLN F 570 23.39 91.14 -16.37
N GLY F 571 23.28 90.04 -15.63
CA GLY F 571 24.46 89.28 -15.24
C GLY F 571 25.33 89.90 -14.18
N ARG F 572 24.81 90.88 -13.44
CA ARG F 572 25.54 91.52 -12.35
C ARG F 572 24.67 91.55 -11.10
N LEU F 573 25.32 91.84 -9.98
CA LEU F 573 24.64 91.94 -8.69
C LEU F 573 24.10 93.36 -8.54
N ALA F 574 22.79 93.52 -8.70
CA ALA F 574 22.20 94.86 -8.63
C ALA F 574 21.94 95.27 -7.19
N GLU F 575 21.35 94.39 -6.39
CA GLU F 575 20.98 94.72 -5.02
C GLU F 575 21.27 93.54 -4.12
N GLN F 576 21.56 93.84 -2.85
CA GLN F 576 21.87 92.82 -1.87
C GLN F 576 21.36 93.27 -0.51
N GLY F 577 20.75 92.35 0.21
CA GLY F 577 20.27 92.64 1.55
C GLY F 577 19.02 91.84 1.86
N SER F 578 18.48 92.09 3.04
CA SER F 578 17.27 91.42 3.48
C SER F 578 16.04 91.98 2.76
N HIS F 579 14.91 91.31 2.95
CA HIS F 579 13.68 91.73 2.29
C HIS F 579 13.29 93.15 2.69
N LEU F 580 13.34 93.45 4.00
CA LEU F 580 13.00 94.79 4.46
C LEU F 580 13.99 95.83 3.93
N ASP F 581 15.28 95.50 3.94
CA ASP F 581 16.28 96.43 3.41
C ASP F 581 16.05 96.68 1.93
N LEU F 582 15.77 95.63 1.16
CA LEU F 582 15.55 95.81 -0.27
C LEU F 582 14.28 96.62 -0.55
N LEU F 583 13.25 96.42 0.27
CA LEU F 583 12.04 97.25 0.15
C LEU F 583 12.36 98.71 0.46
N ARG F 584 13.21 98.94 1.46
CA ARG F 584 13.57 100.31 1.81
C ARG F 584 14.44 100.96 0.74
N ARG F 585 15.22 100.16 0.01
CA ARG F 585 16.08 100.72 -1.03
C ARG F 585 15.29 101.27 -2.21
N ASP F 586 14.07 100.78 -2.44
CA ASP F 586 13.20 101.26 -3.52
C ASP F 586 13.88 101.10 -4.89
N GLY F 587 14.42 99.91 -5.12
CA GLY F 587 15.11 99.63 -6.37
C GLY F 587 14.42 98.66 -7.30
N LEU F 588 15.19 97.79 -7.94
CA LEU F 588 14.64 96.84 -8.90
C LEU F 588 13.77 95.80 -8.21
N TYR F 589 14.25 95.22 -7.11
CA TYR F 589 13.43 94.30 -6.35
C TYR F 589 12.15 94.95 -5.88
N ALA F 590 12.25 96.21 -5.45
CA ALA F 590 11.05 96.97 -5.07
C ALA F 590 10.13 97.19 -6.26
N GLU F 591 10.70 97.40 -7.44
CA GLU F 591 9.89 97.57 -8.64
C GLU F 591 9.11 96.29 -8.96
N MET F 592 9.77 95.13 -8.89
CA MET F 592 9.07 93.87 -9.12
C MET F 592 7.99 93.64 -8.07
N TRP F 593 8.31 93.88 -6.80
CA TRP F 593 7.33 93.73 -5.74
C TRP F 593 6.14 94.66 -5.95
N ALA F 594 6.40 95.88 -6.42
CA ALA F 594 5.33 96.83 -6.69
C ALA F 594 4.47 96.37 -7.86
N ARG F 595 5.08 95.79 -8.89
CA ARG F 595 4.30 95.25 -10.00
C ARG F 595 3.38 94.13 -9.51
N GLN F 596 3.89 93.25 -8.65
CA GLN F 596 3.04 92.18 -8.15
C GLN F 596 1.97 92.72 -7.20
N ALA F 597 2.29 93.77 -6.44
CA ALA F 597 1.29 94.39 -5.57
C ALA F 597 0.17 95.02 -6.38
N ALA F 598 0.52 95.67 -7.50
CA ALA F 598 -0.49 96.27 -8.36
C ALA F 598 -1.32 95.21 -9.06
N GLU F 599 -0.70 94.08 -9.42
CA GLU F 599 -1.49 92.97 -9.95
C GLU F 599 -2.46 92.42 -8.91
N SER F 600 -2.02 92.30 -7.66
CA SER F 600 -2.88 91.78 -6.61
C SER F 600 -3.99 92.76 -6.25
N ALA F 601 -3.74 94.06 -6.36
CA ALA F 601 -4.73 95.08 -6.00
C ALA F 601 -5.91 95.06 -6.97
N ARG G 13 3.38 -44.60 59.10
CA ARG G 13 3.48 -45.73 58.18
C ARG G 13 4.65 -45.59 57.23
N HIS G 14 5.65 -46.47 57.40
CA HIS G 14 6.83 -46.41 56.55
C HIS G 14 6.51 -46.87 55.12
N ASP G 15 5.51 -47.75 54.96
CA ASP G 15 5.19 -48.25 53.62
C ASP G 15 4.67 -47.13 52.73
N GLY G 16 3.73 -46.34 53.23
CA GLY G 16 3.17 -45.26 52.43
C GLY G 16 4.18 -44.17 52.12
N TRP G 17 5.00 -43.79 53.11
CA TRP G 17 5.99 -42.75 52.87
C TRP G 17 7.09 -43.23 51.93
N GLN G 18 7.52 -44.48 52.07
CA GLN G 18 8.50 -45.03 51.13
C GLN G 18 7.91 -45.11 49.73
N THR G 19 6.63 -45.48 49.62
CA THR G 19 5.97 -45.51 48.31
C THR G 19 5.94 -44.12 47.69
N LEU G 20 5.59 -43.10 48.48
CA LEU G 20 5.55 -41.73 47.95
C LEU G 20 6.95 -41.25 47.56
N LYS G 21 7.97 -41.59 48.35
CA LYS G 21 9.33 -41.18 48.01
C LYS G 21 9.83 -41.87 46.75
N ARG G 22 9.48 -43.14 46.57
CA ARG G 22 9.84 -43.84 45.33
C ARG G 22 9.06 -43.31 44.13
N PHE G 23 7.83 -42.87 44.35
CA PHE G 23 7.00 -42.36 43.27
C PHE G 23 7.32 -40.91 42.91
N LEU G 24 7.97 -40.17 43.80
CA LEU G 24 8.33 -38.79 43.48
C LEU G 24 9.20 -38.65 42.23
N PRO G 25 10.16 -39.53 41.95
CA PRO G 25 10.83 -39.47 40.64
C PRO G 25 9.88 -39.58 39.47
N TYR G 26 8.78 -40.32 39.62
CA TYR G 26 7.78 -40.39 38.56
C TYR G 26 7.03 -39.08 38.43
N LEU G 27 6.75 -38.41 39.56
CA LEU G 27 6.08 -37.12 39.52
C LEU G 27 7.00 -36.02 39.02
N TRP G 28 8.31 -36.17 39.23
CA TRP G 28 9.31 -35.18 38.83
C TRP G 28 10.23 -35.86 37.83
N PRO G 29 9.81 -35.95 36.57
CA PRO G 29 10.57 -36.74 35.58
C PRO G 29 11.95 -36.16 35.31
N ALA G 30 12.90 -37.06 35.09
CA ALA G 30 14.29 -36.69 34.84
C ALA G 30 14.63 -36.57 33.36
N ASP G 31 13.62 -36.57 32.48
CA ASP G 31 13.86 -36.45 31.05
C ASP G 31 13.06 -35.35 30.37
N ASN G 32 11.99 -34.85 30.98
CA ASN G 32 11.12 -33.85 30.35
C ASN G 32 11.28 -32.53 31.07
N ALA G 33 11.62 -31.47 30.32
CA ALA G 33 11.72 -30.14 30.89
C ALA G 33 10.40 -29.38 30.81
N VAL G 34 9.49 -29.79 29.92
CA VAL G 34 8.20 -29.13 29.81
C VAL G 34 7.29 -29.52 30.97
N LEU G 35 7.39 -30.78 31.43
CA LEU G 35 6.51 -31.24 32.50
C LEU G 35 6.82 -30.57 33.84
N ARG G 36 8.09 -30.26 34.10
CA ARG G 36 8.43 -29.55 35.33
C ARG G 36 7.84 -28.14 35.33
N ARG G 37 7.96 -27.43 34.20
CA ARG G 37 7.31 -26.13 34.07
C ARG G 37 5.80 -26.25 34.16
N ARG G 38 5.23 -27.35 33.66
CA ARG G 38 3.80 -27.58 33.80
C ARG G 38 3.40 -27.74 35.27
N VAL G 39 4.22 -28.47 36.05
CA VAL G 39 3.94 -28.62 37.47
C VAL G 39 4.02 -27.28 38.18
N VAL G 40 5.04 -26.49 37.84
CA VAL G 40 5.17 -25.16 38.45
C VAL G 40 3.96 -24.30 38.11
N GLY G 41 3.54 -24.30 36.85
CA GLY G 41 2.37 -23.53 36.46
C GLY G 41 1.09 -24.02 37.13
N ALA G 42 0.97 -25.34 37.30
CA ALA G 42 -0.21 -25.89 37.97
C ALA G 42 -0.25 -25.46 39.43
N ILE G 43 0.89 -25.46 40.11
CA ILE G 43 0.92 -24.99 41.49
C ILE G 43 0.62 -23.50 41.57
N LEU G 44 1.13 -22.72 40.61
CA LEU G 44 0.82 -21.29 40.58
C LEU G 44 -0.67 -21.05 40.36
N MET G 45 -1.30 -21.88 39.52
CA MET G 45 -2.73 -21.74 39.32
C MET G 45 -3.52 -22.18 40.54
N VAL G 46 -3.04 -23.20 41.25
CA VAL G 46 -3.61 -23.54 42.56
C VAL G 46 -3.63 -22.32 43.45
N LEU G 47 -2.48 -21.65 43.55
CA LEU G 47 -2.37 -20.47 44.41
C LEU G 47 -3.31 -19.36 43.95
N LEU G 48 -3.37 -19.11 42.63
CA LEU G 48 -4.23 -18.04 42.11
C LEU G 48 -5.70 -18.34 42.39
N GLY G 49 -6.14 -19.58 42.15
CA GLY G 49 -7.52 -19.93 42.39
C GLY G 49 -7.89 -19.84 43.86
N LYS G 50 -7.00 -20.31 44.74
CA LYS G 50 -7.26 -20.21 46.17
C LYS G 50 -7.35 -18.75 46.60
N ALA G 51 -6.42 -17.92 46.12
CA ALA G 51 -6.45 -16.50 46.47
C ALA G 51 -7.72 -15.83 45.99
N THR G 52 -8.19 -16.16 44.78
CA THR G 52 -9.41 -15.55 44.26
C THR G 52 -10.63 -15.99 45.05
N THR G 53 -10.73 -17.30 45.33
CA THR G 53 -11.87 -17.80 46.09
C THR G 53 -11.87 -17.34 47.54
N LEU G 54 -10.70 -16.97 48.08
CA LEU G 54 -10.66 -16.38 49.41
C LEU G 54 -10.93 -14.88 49.37
N ALA G 55 -10.60 -14.22 48.27
CA ALA G 55 -10.76 -12.77 48.18
C ALA G 55 -12.20 -12.37 47.87
N LEU G 56 -12.92 -13.16 47.06
CA LEU G 56 -14.27 -12.76 46.68
C LEU G 56 -15.23 -12.62 47.86
N PRO G 57 -15.20 -13.46 48.91
CA PRO G 57 -16.11 -13.20 50.04
C PRO G 57 -15.74 -11.96 50.81
N PHE G 58 -14.47 -11.53 50.77
CA PHE G 58 -14.12 -10.25 51.36
C PHE G 58 -14.80 -9.11 50.61
N ALA G 59 -14.84 -9.19 49.28
CA ALA G 59 -15.56 -8.19 48.51
C ALA G 59 -17.05 -8.22 48.82
N TYR G 60 -17.61 -9.42 49.01
CA TYR G 60 -19.02 -9.53 49.37
C TYR G 60 -19.29 -8.88 50.73
N LYS G 61 -18.43 -9.15 51.71
CA LYS G 61 -18.57 -8.56 53.03
C LYS G 61 -18.45 -7.04 52.99
N LYS G 62 -17.51 -6.53 52.19
CA LYS G 62 -17.36 -5.09 52.07
C LYS G 62 -18.56 -4.46 51.37
N ALA G 63 -19.14 -5.18 50.41
CA ALA G 63 -20.38 -4.70 49.77
C ALA G 63 -21.50 -4.58 50.79
N VAL G 64 -21.66 -5.61 51.64
CA VAL G 64 -22.71 -5.57 52.64
C VAL G 64 -22.46 -4.44 53.64
N ASP G 65 -21.20 -4.28 54.06
CA ASP G 65 -20.86 -3.22 55.01
C ASP G 65 -21.12 -1.84 54.42
N ALA G 66 -20.83 -1.66 53.13
CA ALA G 66 -21.10 -0.38 52.49
C ALA G 66 -22.60 -0.14 52.35
N MET G 67 -23.36 -1.20 52.07
CA MET G 67 -24.82 -1.07 51.99
C MET G 67 -25.45 -0.80 53.35
N THR G 68 -24.77 -1.16 54.44
CA THR G 68 -25.31 -0.98 55.78
C THR G 68 -24.61 0.11 56.59
N LEU G 69 -23.34 0.39 56.32
CA LEU G 69 -22.58 1.41 57.03
C LEU G 69 -22.11 2.45 56.01
N GLY G 70 -22.95 3.44 55.75
CA GLY G 70 -22.64 4.53 54.84
C GLY G 70 -21.76 5.62 55.40
N GLY G 71 -21.43 5.55 56.69
CA GLY G 71 -20.64 6.62 57.30
C GLY G 71 -19.25 6.74 56.73
N GLY G 72 -18.62 5.59 56.42
CA GLY G 72 -17.28 5.61 55.87
C GLY G 72 -17.26 5.68 54.36
N ALA G 73 -18.17 4.94 53.72
CA ALA G 73 -18.32 4.95 52.27
C ALA G 73 -19.49 5.86 51.94
N GLN G 74 -19.21 7.15 51.78
CA GLN G 74 -20.27 8.12 51.46
C GLN G 74 -20.99 7.77 50.16
N PRO G 75 -20.31 7.43 49.05
CA PRO G 75 -21.04 6.85 47.90
C PRO G 75 -21.38 5.40 48.19
N ALA G 76 -22.68 5.11 48.29
CA ALA G 76 -23.16 3.79 48.67
C ALA G 76 -23.65 2.98 47.47
N LEU G 77 -24.49 3.59 46.62
CA LEU G 77 -25.03 2.88 45.47
C LEU G 77 -23.92 2.47 44.50
N THR G 78 -23.01 3.40 44.21
CA THR G 78 -21.92 3.12 43.27
C THR G 78 -21.01 2.01 43.79
N VAL G 79 -20.60 2.11 45.06
CA VAL G 79 -19.70 1.10 45.61
C VAL G 79 -20.42 -0.24 45.72
N ALA G 80 -21.72 -0.24 46.00
CA ALA G 80 -22.46 -1.50 46.08
C ALA G 80 -22.54 -2.17 44.71
N LEU G 81 -22.85 -1.40 43.66
CA LEU G 81 -22.85 -1.95 42.31
C LEU G 81 -21.48 -2.50 41.94
N ALA G 82 -20.44 -1.70 42.17
CA ALA G 82 -19.08 -2.13 41.84
C ALA G 82 -18.70 -3.41 42.58
N PHE G 83 -19.08 -3.51 43.85
CA PHE G 83 -18.68 -4.66 44.65
C PHE G 83 -19.47 -5.91 44.32
N VAL G 84 -20.76 -5.79 43.96
CA VAL G 84 -21.49 -6.99 43.56
C VAL G 84 -21.01 -7.48 42.21
N LEU G 85 -20.69 -6.55 41.29
CA LEU G 85 -20.12 -6.96 40.01
C LEU G 85 -18.76 -7.62 40.21
N ALA G 86 -17.95 -7.07 41.13
CA ALA G 86 -16.65 -7.66 41.44
C ALA G 86 -16.81 -9.03 42.10
N TYR G 87 -17.85 -9.22 42.90
CA TYR G 87 -18.09 -10.52 43.52
C TYR G 87 -18.42 -11.58 42.47
N ALA G 88 -19.31 -11.24 41.53
CA ALA G 88 -19.63 -12.18 40.47
C ALA G 88 -18.41 -12.49 39.60
N LEU G 89 -17.67 -11.44 39.22
CA LEU G 89 -16.47 -11.64 38.42
C LEU G 89 -15.42 -12.45 39.17
N GLY G 90 -15.35 -12.30 40.49
CA GLY G 90 -14.40 -13.07 41.27
C GLY G 90 -14.76 -14.53 41.38
N ARG G 91 -16.06 -14.82 41.52
CA ARG G 91 -16.49 -16.22 41.47
C ARG G 91 -16.13 -16.85 40.13
N PHE G 92 -16.41 -16.14 39.04
CA PHE G 92 -16.07 -16.67 37.72
C PHE G 92 -14.56 -16.86 37.57
N SER G 93 -13.76 -15.92 38.08
CA SER G 93 -12.31 -16.03 37.95
C SER G 93 -11.77 -17.17 38.79
N GLY G 94 -12.36 -17.42 39.96
CA GLY G 94 -11.95 -18.55 40.78
C GLY G 94 -12.22 -19.87 40.09
N VAL G 95 -13.42 -20.01 39.50
CA VAL G 95 -13.73 -21.24 38.77
C VAL G 95 -12.81 -21.38 37.56
N LEU G 96 -12.50 -20.28 36.90
CA LEU G 96 -11.61 -20.30 35.75
C LEU G 96 -10.21 -20.78 36.14
N PHE G 97 -9.68 -20.24 37.24
CA PHE G 97 -8.36 -20.67 37.71
C PHE G 97 -8.36 -22.13 38.13
N ASP G 98 -9.46 -22.60 38.73
CA ASP G 98 -9.56 -24.01 39.09
C ASP G 98 -9.49 -24.89 37.86
N ASN G 99 -10.30 -24.59 36.85
CA ASN G 99 -10.28 -25.40 35.64
C ASN G 99 -8.93 -25.31 34.93
N LEU G 100 -8.28 -24.15 35.00
CA LEU G 100 -6.97 -24.01 34.39
C LEU G 100 -5.92 -24.87 35.08
N ARG G 101 -5.93 -24.92 36.41
CA ARG G 101 -4.97 -25.77 37.11
C ARG G 101 -5.24 -27.25 36.81
N ASN G 102 -6.52 -27.62 36.71
CA ASN G 102 -6.87 -28.98 36.32
C ASN G 102 -6.26 -29.33 34.96
N ILE G 103 -6.52 -28.47 33.96
CA ILE G 103 -6.03 -28.73 32.61
C ILE G 103 -4.51 -28.77 32.58
N VAL G 104 -3.86 -27.90 33.35
CA VAL G 104 -2.41 -27.83 33.32
C VAL G 104 -1.80 -29.10 33.92
N PHE G 105 -2.33 -29.59 35.04
CA PHE G 105 -1.68 -30.75 35.64
C PHE G 105 -2.05 -32.07 34.97
N GLU G 106 -3.23 -32.15 34.34
CA GLU G 106 -3.70 -33.43 33.80
C GLU G 106 -2.63 -34.14 32.97
N ARG G 107 -1.89 -33.38 32.15
CA ARG G 107 -0.85 -33.97 31.32
C ARG G 107 0.24 -34.62 32.17
N VAL G 108 0.74 -33.90 33.17
CA VAL G 108 1.81 -34.44 34.01
C VAL G 108 1.33 -35.68 34.76
N GLY G 109 0.12 -35.61 35.33
CA GLY G 109 -0.40 -36.76 36.05
C GLY G 109 -0.53 -37.99 35.16
N GLN G 110 -1.11 -37.80 33.97
CA GLN G 110 -1.28 -38.92 33.05
C GLN G 110 0.07 -39.49 32.62
N ASP G 111 1.05 -38.62 32.35
CA ASP G 111 2.36 -39.09 31.91
C ASP G 111 3.07 -39.87 33.02
N ALA G 112 2.98 -39.38 34.26
CA ALA G 112 3.61 -40.10 35.37
C ALA G 112 2.99 -41.47 35.56
N THR G 113 1.66 -41.54 35.56
CA THR G 113 1.00 -42.83 35.73
C THR G 113 1.30 -43.77 34.56
N ARG G 114 1.42 -43.22 33.35
CA ARG G 114 1.74 -44.03 32.19
C ARG G 114 3.15 -44.59 32.27
N HIS G 115 4.12 -43.78 32.70
CA HIS G 115 5.49 -44.27 32.87
C HIS G 115 5.53 -45.36 33.94
N LEU G 116 4.80 -45.17 35.04
CA LEU G 116 4.76 -46.22 36.07
C LEU G 116 4.19 -47.51 35.50
N ALA G 117 3.09 -47.41 34.73
CA ALA G 117 2.47 -48.60 34.17
C ALA G 117 3.41 -49.31 33.18
N GLU G 118 4.13 -48.54 32.37
CA GLU G 118 5.05 -49.15 31.41
C GLU G 118 6.20 -49.85 32.11
N ASN G 119 6.78 -49.22 33.13
CA ASN G 119 7.83 -49.87 33.90
C ASN G 119 7.32 -51.16 34.54
N VAL G 120 6.10 -51.11 35.09
CA VAL G 120 5.50 -52.30 35.70
C VAL G 120 5.37 -53.41 34.67
N PHE G 121 4.79 -53.12 33.50
CA PHE G 121 4.57 -54.14 32.49
C PHE G 121 5.87 -54.76 32.00
N ALA G 122 6.89 -53.92 31.77
CA ALA G 122 8.18 -54.46 31.35
C ALA G 122 8.75 -55.39 32.41
N ARG G 123 8.71 -54.96 33.68
CA ARG G 123 9.26 -55.81 34.74
C ARG G 123 8.46 -57.11 34.88
N LEU G 124 7.15 -57.09 34.64
CA LEU G 124 6.39 -58.33 34.71
C LEU G 124 6.78 -59.28 33.59
N HIS G 125 7.04 -58.77 32.39
CA HIS G 125 7.43 -59.71 31.34
C HIS G 125 8.85 -60.21 31.52
N LYS G 126 9.74 -59.42 32.12
CA LYS G 126 11.09 -59.91 32.39
C LYS G 126 11.13 -60.68 33.70
N LEU G 127 10.29 -61.71 33.84
CA LEU G 127 10.20 -62.51 35.05
C LEU G 127 10.40 -63.99 34.72
N SER G 128 10.41 -64.82 35.77
CA SER G 128 10.67 -66.24 35.63
C SER G 128 9.38 -67.00 35.35
N LEU G 129 9.55 -68.29 35.04
CA LEU G 129 8.42 -69.16 34.68
C LEU G 129 7.51 -69.47 35.86
N ARG G 130 7.99 -69.31 37.10
CA ARG G 130 7.23 -69.76 38.26
C ARG G 130 5.87 -69.06 38.34
N PHE G 131 5.88 -67.74 38.53
CA PHE G 131 4.65 -66.95 38.67
C PHE G 131 3.75 -67.51 39.76
N HIS G 132 4.35 -67.76 40.93
CA HIS G 132 3.66 -68.40 42.05
C HIS G 132 3.08 -69.75 41.61
N LEU G 133 3.87 -70.50 40.85
CA LEU G 133 3.43 -71.76 40.26
C LEU G 133 2.18 -71.58 39.40
N ALA G 134 2.18 -70.52 38.60
CA ALA G 134 1.10 -70.16 37.67
C ALA G 134 -0.23 -69.90 38.37
N ARG G 135 -0.22 -69.76 39.70
CA ARG G 135 -1.45 -69.49 40.44
C ARG G 135 -1.81 -68.01 40.41
N ARG G 136 -0.81 -67.13 40.29
CA ARG G 136 -1.00 -65.69 40.39
C ARG G 136 -1.46 -65.05 39.08
N THR G 137 -1.92 -65.83 38.10
CA THR G 137 -2.33 -65.23 36.83
C THR G 137 -3.60 -64.39 37.01
N GLY G 138 -4.62 -64.97 37.65
CA GLY G 138 -5.83 -64.20 37.92
C GLY G 138 -5.57 -63.02 38.84
N GLU G 139 -4.64 -63.19 39.80
CA GLU G 139 -4.29 -62.09 40.68
C GLU G 139 -3.63 -60.95 39.91
N VAL G 140 -2.77 -61.29 38.93
CA VAL G 140 -2.14 -60.26 38.12
C VAL G 140 -3.18 -59.56 37.25
N THR G 141 -4.11 -60.32 36.66
CA THR G 141 -5.18 -59.70 35.90
C THR G 141 -6.00 -58.75 36.77
N LYS G 142 -6.27 -59.15 38.01
CA LYS G 142 -7.05 -58.29 38.91
C LYS G 142 -6.28 -57.04 39.31
N VAL G 143 -4.99 -57.19 39.62
CA VAL G 143 -4.21 -56.01 40.02
C VAL G 143 -4.05 -55.06 38.86
N ILE G 144 -3.96 -55.56 37.63
CA ILE G 144 -3.86 -54.65 36.49
C ILE G 144 -5.21 -53.98 36.23
N GLU G 145 -6.30 -54.73 36.39
CA GLU G 145 -7.63 -54.14 36.26
C GLU G 145 -7.85 -53.02 37.26
N ARG G 146 -7.34 -53.19 38.48
CA ARG G 146 -7.63 -52.26 39.57
C ARG G 146 -6.64 -51.12 39.68
N GLY G 147 -5.33 -51.41 39.60
CA GLY G 147 -4.31 -50.47 39.98
C GLY G 147 -4.21 -49.23 39.12
N THR G 148 -4.46 -49.35 37.82
CA THR G 148 -4.45 -48.17 36.95
C THR G 148 -5.48 -47.15 37.40
N LYS G 149 -6.74 -47.57 37.49
CA LYS G 149 -7.80 -46.67 37.93
C LYS G 149 -7.55 -46.20 39.36
N SER G 150 -7.04 -47.08 40.23
CA SER G 150 -6.81 -46.72 41.61
C SER G 150 -5.73 -45.66 41.73
N ILE G 151 -4.63 -45.80 40.98
CA ILE G 151 -3.54 -44.83 41.04
C ILE G 151 -3.97 -43.51 40.43
N ASP G 152 -4.71 -43.54 39.32
CA ASP G 152 -5.21 -42.29 38.74
C ASP G 152 -6.10 -41.56 39.74
N THR G 153 -7.07 -42.27 40.32
CA THR G 153 -7.99 -41.65 41.27
C THR G 153 -7.25 -41.18 42.51
N MET G 154 -6.28 -41.95 42.99
CA MET G 154 -5.56 -41.59 44.20
C MET G 154 -4.69 -40.36 43.98
N LEU G 155 -4.03 -40.27 42.83
CA LEU G 155 -3.21 -39.09 42.54
C LEU G 155 -4.08 -37.85 42.38
N TYR G 156 -5.19 -37.98 41.64
CA TYR G 156 -6.10 -36.85 41.47
C TYR G 156 -6.66 -36.38 42.81
N PHE G 157 -7.15 -37.33 43.61
CA PHE G 157 -7.76 -36.98 44.90
C PHE G 157 -6.72 -36.45 45.87
N LEU G 158 -5.49 -36.98 45.82
CA LEU G 158 -4.40 -36.40 46.60
C LEU G 158 -4.20 -34.94 46.24
N LEU G 159 -3.87 -34.66 44.98
CA LEU G 159 -3.52 -33.30 44.59
C LEU G 159 -4.68 -32.33 44.69
N PHE G 160 -5.91 -32.82 44.73
CA PHE G 160 -7.07 -31.93 44.81
C PHE G 160 -7.75 -31.94 46.18
N ASN G 161 -7.28 -32.75 47.12
CA ASN G 161 -7.77 -32.68 48.49
C ASN G 161 -6.66 -32.36 49.49
N ILE G 162 -5.58 -33.12 49.51
CA ILE G 162 -4.59 -32.97 50.58
C ILE G 162 -3.93 -31.60 50.53
N ALA G 163 -3.37 -31.24 49.37
CA ALA G 163 -2.78 -29.92 49.24
C ALA G 163 -3.83 -28.81 49.32
N PRO G 164 -4.94 -28.86 48.56
CA PRO G 164 -5.92 -27.77 48.69
C PRO G 164 -6.58 -27.68 50.05
N THR G 165 -6.96 -28.80 50.66
CA THR G 165 -7.60 -28.72 51.97
C THR G 165 -6.64 -28.21 53.03
N VAL G 166 -5.38 -28.65 53.00
CA VAL G 166 -4.41 -28.16 53.98
C VAL G 166 -4.16 -26.66 53.78
N ILE G 167 -3.98 -26.23 52.53
CA ILE G 167 -3.74 -24.81 52.27
C ILE G 167 -4.94 -23.98 52.72
N GLU G 168 -6.14 -24.40 52.32
CA GLU G 168 -7.34 -23.64 52.67
C GLU G 168 -7.60 -23.67 54.17
N LEU G 169 -7.29 -24.79 54.84
CA LEU G 169 -7.49 -24.88 56.27
C LEU G 169 -6.55 -23.94 57.01
N THR G 170 -5.27 -23.92 56.62
CA THR G 170 -4.34 -22.99 57.24
C THR G 170 -4.74 -21.54 56.98
N ALA G 171 -5.18 -21.24 55.75
CA ALA G 171 -5.59 -19.88 55.43
C ALA G 171 -6.82 -19.46 56.22
N VAL G 172 -7.81 -20.34 56.33
CA VAL G 172 -9.02 -20.03 57.09
C VAL G 172 -8.70 -19.87 58.57
N ILE G 173 -7.82 -20.73 59.11
CA ILE G 173 -7.42 -20.61 60.51
C ILE G 173 -6.76 -19.25 60.74
N VAL G 174 -5.84 -18.86 59.86
CA VAL G 174 -5.14 -17.59 60.03
C VAL G 174 -6.12 -16.42 59.94
N ILE G 175 -7.04 -16.47 58.96
CA ILE G 175 -7.97 -15.37 58.76
C ILE G 175 -8.92 -15.25 59.95
N PHE G 176 -9.48 -16.37 60.41
CA PHE G 176 -10.36 -16.34 61.57
C PHE G 176 -9.62 -15.90 62.83
N TRP G 177 -8.34 -16.26 62.95
CA TRP G 177 -7.55 -15.80 64.09
C TRP G 177 -7.36 -14.29 64.06
N LEU G 178 -6.95 -13.75 62.92
CA LEU G 178 -6.66 -12.33 62.83
C LEU G 178 -7.93 -11.48 62.87
N ASN G 179 -9.03 -11.99 62.31
CA ASN G 179 -10.24 -11.19 62.14
C ASN G 179 -11.36 -11.54 63.11
N PHE G 180 -11.23 -12.61 63.89
CA PHE G 180 -12.28 -13.02 64.81
C PHE G 180 -11.64 -13.57 66.08
N GLY G 181 -12.48 -13.95 67.03
CA GLY G 181 -12.00 -14.53 68.27
C GLY G 181 -11.41 -15.91 68.05
N LEU G 182 -10.71 -16.38 69.09
CA LEU G 182 -10.09 -17.71 69.04
C LEU G 182 -11.10 -18.82 69.31
N GLY G 183 -12.22 -18.52 69.98
CA GLY G 183 -13.24 -19.53 70.21
C GLY G 183 -13.81 -20.08 68.92
N LEU G 184 -13.99 -19.21 67.92
CA LEU G 184 -14.45 -19.68 66.61
C LEU G 184 -13.43 -20.60 65.97
N VAL G 185 -12.14 -20.26 66.09
CA VAL G 185 -11.09 -21.12 65.55
C VAL G 185 -11.11 -22.47 66.23
N THR G 186 -11.24 -22.49 67.56
CA THR G 186 -11.30 -23.75 68.29
C THR G 186 -12.52 -24.56 67.89
N ALA G 187 -13.67 -23.89 67.68
CA ALA G 187 -14.87 -24.59 67.28
C ALA G 187 -14.71 -25.23 65.90
N THR G 188 -14.16 -24.47 64.94
CA THR G 188 -13.94 -25.02 63.60
C THR G 188 -12.92 -26.15 63.63
N ILE G 189 -11.88 -26.03 64.45
CA ILE G 189 -10.86 -27.07 64.54
C ILE G 189 -11.45 -28.35 65.15
N LEU G 190 -12.25 -28.20 66.21
CA LEU G 190 -12.90 -29.36 66.80
C LEU G 190 -13.89 -29.98 65.82
N ALA G 191 -14.57 -29.16 65.03
CA ALA G 191 -15.49 -29.68 64.02
C ALA G 191 -14.72 -30.48 62.96
N VAL G 192 -13.58 -29.96 62.51
CA VAL G 192 -12.78 -30.68 61.53
C VAL G 192 -12.25 -31.99 62.12
N ILE G 193 -11.83 -31.95 63.39
CA ILE G 193 -11.29 -33.14 64.04
C ILE G 193 -12.37 -34.20 64.17
N ALA G 194 -13.56 -33.81 64.64
CA ALA G 194 -14.67 -34.74 64.78
C ALA G 194 -15.10 -35.26 63.41
N TYR G 195 -15.12 -34.39 62.40
CA TYR G 195 -15.48 -34.81 61.05
C TYR G 195 -14.52 -35.89 60.55
N VAL G 196 -13.21 -35.64 60.67
CA VAL G 196 -12.22 -36.59 60.18
C VAL G 196 -12.29 -37.89 60.97
N TRP G 197 -12.42 -37.79 62.30
CA TRP G 197 -12.44 -38.98 63.14
C TRP G 197 -13.66 -39.85 62.86
N THR G 198 -14.84 -39.22 62.81
CA THR G 198 -16.06 -39.97 62.51
C THR G 198 -16.01 -40.54 61.09
N THR G 199 -15.53 -39.75 60.14
CA THR G 199 -15.41 -40.23 58.77
C THR G 199 -14.50 -41.45 58.68
N ARG G 200 -13.37 -41.43 59.41
CA ARG G 200 -12.45 -42.56 59.37
C ARG G 200 -13.05 -43.79 60.04
N THR G 201 -13.66 -43.61 61.22
CA THR G 201 -14.24 -44.74 61.93
C THR G 201 -15.38 -45.38 61.13
N ILE G 202 -16.19 -44.56 60.46
CA ILE G 202 -17.26 -45.10 59.63
C ILE G 202 -16.68 -45.67 58.33
N THR G 203 -15.60 -45.08 57.82
CA THR G 203 -15.02 -45.49 56.56
C THR G 203 -14.34 -46.84 56.67
N GLU G 204 -13.83 -47.19 57.85
CA GLU G 204 -13.31 -48.55 58.03
C GLU G 204 -14.40 -49.59 57.76
N TRP G 205 -15.54 -49.45 58.44
CA TRP G 205 -16.66 -50.35 58.22
C TRP G 205 -17.19 -50.26 56.79
N ARG G 206 -17.21 -49.05 56.23
CA ARG G 206 -17.67 -48.89 54.86
C ARG G 206 -16.74 -49.57 53.87
N THR G 207 -15.43 -49.56 54.14
CA THR G 207 -14.47 -50.23 53.28
C THR G 207 -14.61 -51.74 53.39
N HIS G 208 -14.86 -52.25 54.61
CA HIS G 208 -15.16 -53.67 54.76
C HIS G 208 -16.39 -54.06 53.93
N LEU G 209 -17.46 -53.26 54.04
CA LEU G 209 -18.68 -53.52 53.27
C LEU G 209 -18.41 -53.43 51.77
N ARG G 210 -17.58 -52.47 51.36
CA ARG G 210 -17.25 -52.33 49.94
C ARG G 210 -16.45 -53.52 49.43
N GLU G 211 -15.53 -54.03 50.24
CA GLU G 211 -14.78 -55.22 49.83
C GLU G 211 -15.72 -56.41 49.68
N LYS G 212 -16.65 -56.57 50.62
CA LYS G 212 -17.62 -57.67 50.49
C LYS G 212 -18.49 -57.49 49.25
N MET G 213 -18.95 -56.26 49.00
CA MET G 213 -19.78 -55.99 47.83
C MET G 213 -19.01 -56.23 46.53
N ASN G 214 -17.74 -55.84 46.50
CA ASN G 214 -16.94 -56.05 45.30
C ASN G 214 -16.67 -57.53 45.06
N ARG G 215 -16.44 -58.30 46.13
CA ARG G 215 -16.29 -59.74 45.97
C ARG G 215 -17.57 -60.35 45.40
N LEU G 216 -18.72 -59.95 45.94
CA LEU G 216 -19.99 -60.48 45.45
C LEU G 216 -20.24 -60.07 44.01
N ASP G 217 -19.92 -58.82 43.65
CA ASP G 217 -20.13 -58.35 42.29
C ASP G 217 -19.23 -59.07 41.30
N GLY G 218 -17.96 -59.28 41.67
CA GLY G 218 -17.07 -60.04 40.80
C GLY G 218 -17.53 -61.48 40.65
N GLN G 219 -18.00 -62.09 41.73
CA GLN G 219 -18.52 -63.46 41.63
C GLN G 219 -19.73 -63.52 40.72
N ALA G 220 -20.66 -62.56 40.85
CA ALA G 220 -21.84 -62.53 40.01
C ALA G 220 -21.47 -62.36 38.54
N LEU G 221 -20.57 -61.41 38.26
CA LEU G 221 -20.14 -61.16 36.88
C LEU G 221 -19.49 -62.41 36.29
N ALA G 222 -18.56 -63.02 37.02
CA ALA G 222 -17.88 -64.20 36.52
C ALA G 222 -18.86 -65.36 36.32
N ARG G 223 -19.79 -65.55 37.25
CA ARG G 223 -20.77 -66.63 37.11
C ARG G 223 -21.64 -66.42 35.89
N ALA G 224 -22.14 -65.20 35.69
CA ALA G 224 -23.02 -64.96 34.54
C ALA G 224 -22.27 -65.13 33.22
N VAL G 225 -21.09 -64.51 33.10
CA VAL G 225 -20.36 -64.61 31.84
C VAL G 225 -19.95 -66.05 31.57
N ASP G 226 -19.52 -66.78 32.59
CA ASP G 226 -19.09 -68.15 32.38
C ASP G 226 -20.27 -69.06 32.06
N SER G 227 -21.42 -68.84 32.69
CA SER G 227 -22.60 -69.65 32.40
C SER G 227 -23.07 -69.44 30.98
N LEU G 228 -23.15 -68.18 30.52
CA LEU G 228 -23.65 -67.96 29.17
C LEU G 228 -22.60 -68.27 28.11
N LEU G 229 -21.31 -68.11 28.42
CA LEU G 229 -20.27 -68.52 27.49
C LEU G 229 -20.14 -70.02 27.40
N ASN G 230 -20.70 -70.75 28.37
CA ASN G 230 -20.76 -72.21 28.34
C ASN G 230 -22.19 -72.65 28.08
N TYR G 231 -22.86 -71.93 27.18
CA TYR G 231 -24.25 -72.20 26.86
C TYR G 231 -24.42 -73.64 26.36
N GLU G 232 -23.46 -74.15 25.60
CA GLU G 232 -23.51 -75.55 25.19
C GLU G 232 -23.58 -76.47 26.40
N THR G 233 -22.70 -76.25 27.38
CA THR G 233 -22.67 -77.12 28.55
C THR G 233 -23.95 -76.99 29.37
N VAL G 234 -24.48 -75.78 29.52
CA VAL G 234 -25.72 -75.59 30.26
C VAL G 234 -26.88 -76.29 29.58
N LYS G 235 -26.92 -76.24 28.25
CA LYS G 235 -27.99 -76.92 27.51
C LYS G 235 -27.83 -78.43 27.56
N TYR G 236 -26.60 -78.93 27.55
CA TYR G 236 -26.37 -80.37 27.44
C TYR G 236 -26.96 -81.14 28.61
N PHE G 237 -27.03 -80.52 29.79
CA PHE G 237 -27.48 -81.19 31.00
C PHE G 237 -28.80 -80.64 31.52
N GLY G 238 -29.53 -79.87 30.70
CA GLY G 238 -30.81 -79.33 31.12
C GLY G 238 -30.73 -78.49 32.38
N ALA G 239 -29.69 -77.67 32.50
CA ALA G 239 -29.41 -76.91 33.70
C ALA G 239 -29.92 -75.47 33.63
N GLU G 240 -30.95 -75.21 32.81
CA GLU G 240 -31.46 -73.85 32.69
C GLU G 240 -32.04 -73.35 34.01
N SER G 241 -32.88 -74.16 34.65
CA SER G 241 -33.52 -73.72 35.89
C SER G 241 -32.51 -73.51 37.01
N ARG G 242 -31.56 -74.44 37.16
CA ARG G 242 -30.58 -74.30 38.23
C ARG G 242 -29.64 -73.12 37.97
N GLU G 243 -29.26 -72.89 36.71
CA GLU G 243 -28.44 -71.73 36.40
C GLU G 243 -29.19 -70.43 36.67
N GLU G 244 -30.48 -70.40 36.34
CA GLU G 244 -31.29 -69.23 36.66
C GLU G 244 -31.34 -68.99 38.17
N ALA G 245 -31.52 -70.06 38.94
CA ALA G 245 -31.54 -69.93 40.40
C ALA G 245 -30.19 -69.46 40.93
N ARG G 246 -29.11 -69.97 40.34
CA ARG G 246 -27.76 -69.56 40.74
C ARG G 246 -27.55 -68.06 40.48
N TYR G 247 -27.92 -67.60 39.28
CA TYR G 247 -27.79 -66.19 38.97
C TYR G 247 -28.67 -65.34 39.86
N ALA G 248 -29.87 -65.82 40.18
CA ALA G 248 -30.76 -65.07 41.05
C ALA G 248 -30.20 -64.97 42.46
N SER G 249 -29.61 -66.05 42.97
CA SER G 249 -28.99 -66.00 44.29
C SER G 249 -27.81 -65.05 44.32
N ALA G 250 -26.98 -65.10 43.27
CA ALA G 250 -25.84 -64.17 43.20
C ALA G 250 -26.32 -62.72 43.15
N ALA G 251 -27.37 -62.45 42.36
CA ALA G 251 -27.90 -61.11 42.26
C ALA G 251 -28.51 -60.66 43.59
N ARG G 252 -29.15 -61.57 44.31
CA ARG G 252 -29.71 -61.22 45.62
C ARG G 252 -28.61 -60.89 46.62
N ALA G 253 -27.53 -61.67 46.64
CA ALA G 253 -26.41 -61.35 47.53
C ALA G 253 -25.79 -60.01 47.17
N TYR G 254 -25.58 -59.77 45.87
CA TYR G 254 -25.06 -58.48 45.42
C TYR G 254 -25.97 -57.34 45.82
N ALA G 255 -27.29 -57.53 45.69
CA ALA G 255 -28.24 -56.49 46.05
C ALA G 255 -28.21 -56.20 47.54
N ASP G 256 -28.14 -57.25 48.37
CA ASP G 256 -28.06 -57.03 49.82
C ASP G 256 -26.79 -56.28 50.20
N ALA G 257 -25.66 -56.68 49.62
CA ALA G 257 -24.40 -55.98 49.91
C ALA G 257 -24.46 -54.53 49.46
N ALA G 258 -25.03 -54.28 48.27
CA ALA G 258 -25.13 -52.91 47.77
C ALA G 258 -26.05 -52.07 48.65
N VAL G 259 -27.18 -52.64 49.08
CA VAL G 259 -28.10 -51.90 49.95
C VAL G 259 -27.41 -51.55 51.26
N LYS G 260 -26.69 -52.50 51.86
CA LYS G 260 -25.98 -52.20 53.09
C LYS G 260 -24.93 -51.11 52.89
N SER G 261 -24.20 -51.17 51.77
CA SER G 261 -23.17 -50.17 51.51
C SER G 261 -23.77 -48.77 51.32
N GLU G 262 -24.85 -48.68 50.54
CA GLU G 262 -25.49 -47.38 50.31
C GLU G 262 -26.11 -46.84 51.59
N ASN G 263 -26.68 -47.73 52.43
CA ASN G 263 -27.22 -47.28 53.71
C ASN G 263 -26.12 -46.76 54.63
N SER G 264 -24.96 -47.45 54.64
CA SER G 264 -23.84 -46.95 55.44
C SER G 264 -23.35 -45.60 54.93
N LEU G 265 -23.32 -45.43 53.60
CA LEU G 265 -22.95 -44.13 53.04
C LEU G 265 -23.94 -43.05 53.45
N GLY G 266 -25.23 -43.38 53.43
CA GLY G 266 -26.24 -42.43 53.88
C GLY G 266 -26.08 -42.05 55.34
N LEU G 267 -25.78 -43.04 56.19
CA LEU G 267 -25.55 -42.75 57.61
C LEU G 267 -24.33 -41.84 57.79
N LEU G 268 -23.26 -42.11 57.04
CA LEU G 268 -22.08 -41.25 57.12
C LEU G 268 -22.41 -39.83 56.70
N ASN G 269 -23.17 -39.68 55.60
CA ASN G 269 -23.55 -38.35 55.15
C ASN G 269 -24.43 -37.65 56.17
N ILE G 270 -25.34 -38.39 56.81
CA ILE G 270 -26.19 -37.81 57.84
C ILE G 270 -25.35 -37.29 59.01
N ALA G 271 -24.39 -38.09 59.47
CA ALA G 271 -23.53 -37.65 60.57
C ALA G 271 -22.71 -36.43 60.17
N GLN G 272 -22.14 -36.44 58.97
CA GLN G 272 -21.35 -35.30 58.52
C GLN G 272 -22.18 -34.03 58.45
N ALA G 273 -23.38 -34.13 57.87
CA ALA G 273 -24.26 -32.96 57.77
C ALA G 273 -24.74 -32.51 59.13
N LEU G 274 -24.97 -33.45 60.06
CA LEU G 274 -25.34 -33.08 61.42
C LEU G 274 -24.25 -32.24 62.07
N ILE G 275 -23.00 -32.69 61.98
CA ILE G 275 -21.88 -31.93 62.53
C ILE G 275 -21.79 -30.56 61.87
N VAL G 276 -21.87 -30.53 60.54
CA VAL G 276 -21.72 -29.28 59.79
C VAL G 276 -22.81 -28.29 60.18
N ASN G 277 -24.06 -28.74 60.26
CA ASN G 277 -25.16 -27.83 60.55
C ASN G 277 -25.22 -27.41 62.01
N LEU G 278 -24.78 -28.28 62.94
CA LEU G 278 -24.64 -27.83 64.32
C LEU G 278 -23.59 -26.74 64.43
N LEU G 279 -22.44 -26.94 63.77
CA LEU G 279 -21.42 -25.89 63.75
C LEU G 279 -21.95 -24.62 63.11
N MET G 280 -22.75 -24.76 62.04
CA MET G 280 -23.32 -23.59 61.37
C MET G 280 -24.24 -22.82 62.30
N ALA G 281 -25.14 -23.52 63.00
CA ALA G 281 -26.04 -22.87 63.94
C ALA G 281 -25.25 -22.14 65.03
N GLY G 282 -24.27 -22.83 65.62
CA GLY G 282 -23.47 -22.21 66.67
C GLY G 282 -22.74 -20.97 66.17
N ALA G 283 -22.12 -21.07 65.00
CA ALA G 283 -21.37 -19.94 64.45
C ALA G 283 -22.27 -18.77 64.13
N MET G 284 -23.45 -19.03 63.55
CA MET G 284 -24.36 -17.93 63.22
C MET G 284 -24.89 -17.25 64.47
N ALA G 285 -25.24 -18.04 65.50
CA ALA G 285 -25.70 -17.44 66.75
C ALA G 285 -24.61 -16.60 67.41
N TRP G 286 -23.38 -17.14 67.45
CA TRP G 286 -22.27 -16.39 68.03
C TRP G 286 -21.99 -15.12 67.24
N THR G 287 -22.09 -15.19 65.91
CA THR G 287 -21.81 -14.01 65.08
C THR G 287 -22.87 -12.94 65.28
N VAL G 288 -24.15 -13.32 65.34
CA VAL G 288 -25.19 -12.31 65.52
C VAL G 288 -25.12 -11.74 66.94
N TYR G 289 -24.68 -12.52 67.92
CA TYR G 289 -24.49 -11.99 69.27
C TYR G 289 -23.34 -10.98 69.30
N GLY G 290 -22.22 -11.33 68.66
CA GLY G 290 -21.11 -10.38 68.57
C GLY G 290 -21.48 -9.12 67.83
N TRP G 291 -22.35 -9.24 66.82
CA TRP G 291 -22.85 -8.04 66.16
C TRP G 291 -23.74 -7.24 67.10
N SER G 292 -24.53 -7.93 67.92
CA SER G 292 -25.36 -7.26 68.91
C SER G 292 -24.53 -6.46 69.89
N GLN G 293 -23.29 -6.89 70.13
CA GLN G 293 -22.39 -6.12 71.00
C GLN G 293 -21.61 -5.05 70.24
N GLY G 294 -21.89 -4.86 68.95
CA GLY G 294 -21.23 -3.84 68.16
C GLY G 294 -19.79 -4.14 67.78
N LYS G 295 -19.27 -5.32 68.12
CA LYS G 295 -17.90 -5.66 67.75
C LYS G 295 -17.79 -5.99 66.27
N LEU G 296 -18.81 -6.65 65.72
CA LEU G 296 -18.80 -7.11 64.34
C LEU G 296 -19.96 -6.50 63.57
N THR G 297 -19.73 -6.27 62.28
CA THR G 297 -20.78 -5.77 61.41
C THR G 297 -21.68 -6.91 60.94
N VAL G 298 -22.77 -6.54 60.26
CA VAL G 298 -23.69 -7.53 59.75
C VAL G 298 -23.10 -8.26 58.55
N GLY G 299 -22.16 -7.64 57.83
CA GLY G 299 -21.49 -8.31 56.72
C GLY G 299 -20.62 -9.47 57.15
N ASP G 300 -20.16 -9.47 58.41
CA ASP G 300 -19.37 -10.59 58.91
C ASP G 300 -20.18 -11.89 58.92
N LEU G 301 -21.49 -11.80 59.14
CA LEU G 301 -22.32 -13.00 59.14
C LEU G 301 -22.35 -13.63 57.75
N VAL G 302 -22.60 -12.83 56.72
CA VAL G 302 -22.61 -13.34 55.35
C VAL G 302 -21.22 -13.80 54.94
N PHE G 303 -20.18 -13.11 55.42
CA PHE G 303 -18.80 -13.53 55.15
C PHE G 303 -18.55 -14.93 55.70
N VAL G 304 -18.90 -15.15 56.97
CA VAL G 304 -18.69 -16.45 57.59
C VAL G 304 -19.53 -17.52 56.91
N ASN G 305 -20.78 -17.17 56.54
CA ASN G 305 -21.64 -18.15 55.87
C ASN G 305 -21.04 -18.59 54.54
N THR G 306 -20.65 -17.62 53.70
CA THR G 306 -20.06 -17.97 52.42
C THR G 306 -18.77 -18.74 52.58
N TYR G 307 -17.93 -18.35 53.55
CA TYR G 307 -16.68 -19.04 53.79
C TYR G 307 -16.91 -20.48 54.21
N LEU G 308 -17.86 -20.71 55.13
CA LEU G 308 -18.15 -22.05 55.59
C LEU G 308 -18.73 -22.92 54.47
N THR G 309 -19.61 -22.35 53.64
CA THR G 309 -20.17 -23.12 52.54
C THR G 309 -19.07 -23.50 51.54
N GLN G 310 -18.23 -22.54 51.17
CA GLN G 310 -17.14 -22.85 50.23
C GLN G 310 -16.11 -23.79 50.83
N LEU G 311 -15.95 -23.78 52.16
CA LEU G 311 -15.02 -24.70 52.81
C LEU G 311 -15.57 -26.12 52.84
N PHE G 312 -16.85 -26.27 53.20
CA PHE G 312 -17.43 -27.60 53.40
C PHE G 312 -18.01 -28.20 52.12
N ARG G 313 -18.04 -27.45 51.02
CA ARG G 313 -18.48 -28.07 49.76
C ARG G 313 -17.50 -29.12 49.28
N PRO G 314 -16.18 -28.89 49.27
CA PRO G 314 -15.26 -29.98 48.91
C PRO G 314 -15.20 -31.10 49.94
N LEU G 315 -15.56 -30.82 51.20
CA LEU G 315 -15.51 -31.83 52.25
C LEU G 315 -16.68 -32.81 52.21
N ASP G 316 -17.61 -32.65 51.26
CA ASP G 316 -18.70 -33.61 51.15
C ASP G 316 -18.22 -34.96 50.67
N MET G 317 -17.18 -34.99 49.84
CA MET G 317 -16.62 -36.22 49.31
C MET G 317 -15.37 -36.67 50.08
N LEU G 318 -15.22 -36.26 51.34
CA LEU G 318 -13.99 -36.58 52.07
C LEU G 318 -13.86 -38.07 52.34
N GLY G 319 -14.98 -38.75 52.59
CA GLY G 319 -14.91 -40.19 52.79
C GLY G 319 -14.45 -40.91 51.54
N MET G 320 -15.00 -40.52 50.39
CA MET G 320 -14.54 -41.08 49.12
C MET G 320 -13.06 -40.76 48.88
N VAL G 321 -12.64 -39.54 49.22
CA VAL G 321 -11.24 -39.16 49.07
C VAL G 321 -10.34 -40.08 49.89
N TYR G 322 -10.69 -40.29 51.16
CA TYR G 322 -9.88 -41.12 52.03
C TYR G 322 -9.84 -42.56 51.54
N ARG G 323 -11.00 -43.11 51.15
CA ARG G 323 -11.04 -44.49 50.68
C ARG G 323 -10.22 -44.67 49.41
N THR G 324 -10.35 -43.74 48.46
CA THR G 324 -9.61 -43.84 47.22
C THR G 324 -8.11 -43.68 47.44
N ILE G 325 -7.72 -42.77 48.34
CA ILE G 325 -6.30 -42.61 48.65
C ILE G 325 -5.73 -43.87 49.29
N ARG G 326 -6.48 -44.46 50.22
CA ARG G 326 -6.04 -45.70 50.84
C ARG G 326 -5.86 -46.81 49.81
N GLN G 327 -6.86 -47.01 48.95
CA GLN G 327 -6.79 -48.07 47.96
C GLN G 327 -5.66 -47.82 46.96
N GLY G 328 -5.46 -46.56 46.55
CA GLY G 328 -4.38 -46.26 45.64
C GLY G 328 -3.01 -46.47 46.25
N LEU G 329 -2.85 -46.10 47.52
CA LEU G 329 -1.59 -46.36 48.21
C LEU G 329 -1.32 -47.85 48.32
N ILE G 330 -2.35 -48.63 48.65
CA ILE G 330 -2.18 -50.09 48.72
C ILE G 330 -1.76 -50.64 47.37
N ASP G 331 -2.45 -50.22 46.31
CA ASP G 331 -2.16 -50.76 44.98
C ASP G 331 -0.78 -50.32 44.48
N MET G 332 -0.36 -49.10 44.80
CA MET G 332 0.97 -48.66 44.39
C MET G 332 2.06 -49.35 45.18
N ALA G 333 1.82 -49.63 46.47
CA ALA G 333 2.75 -50.45 47.22
C ALA G 333 2.86 -51.85 46.62
N GLU G 334 1.72 -52.40 46.17
CA GLU G 334 1.75 -53.70 45.49
C GLU G 334 2.54 -53.63 44.19
N MET G 335 2.37 -52.55 43.42
CA MET G 335 3.12 -52.38 42.17
C MET G 335 4.62 -52.30 42.45
N PHE G 336 5.02 -51.53 43.46
CA PHE G 336 6.44 -51.43 43.80
C PHE G 336 6.99 -52.75 44.33
N ARG G 337 6.17 -53.51 45.06
CA ARG G 337 6.60 -54.84 45.49
C ARG G 337 6.83 -55.76 44.29
N LEU G 338 5.94 -55.71 43.30
CA LEU G 338 6.13 -56.50 42.09
C LEU G 338 7.38 -56.06 41.33
N ILE G 339 7.62 -54.75 41.27
CA ILE G 339 8.80 -54.24 40.58
C ILE G 339 10.07 -54.68 41.30
N ASP G 340 10.03 -54.73 42.63
CA ASP G 340 11.22 -55.06 43.40
C ASP G 340 11.58 -56.55 43.33
N THR G 341 10.65 -57.40 42.91
CA THR G 341 10.91 -58.83 42.84
C THR G 341 12.07 -59.12 41.90
N HIS G 342 13.01 -59.94 42.36
CA HIS G 342 14.19 -60.25 41.58
C HIS G 342 13.91 -61.33 40.55
N ILE G 343 14.77 -61.40 39.54
CA ILE G 343 14.63 -62.35 38.45
C ILE G 343 15.46 -63.58 38.80
N GLU G 344 14.81 -64.75 38.85
CA GLU G 344 15.51 -65.96 39.23
C GLU G 344 16.46 -66.42 38.14
N VAL G 345 15.93 -66.65 36.93
CA VAL G 345 16.75 -67.10 35.80
C VAL G 345 17.30 -65.86 35.11
N ALA G 346 18.60 -65.67 35.21
CA ALA G 346 19.28 -64.51 34.65
C ALA G 346 20.33 -64.97 33.65
N ASP G 347 20.60 -64.14 32.65
CA ASP G 347 21.67 -64.43 31.73
C ASP G 347 22.98 -63.92 32.32
N VAL G 348 24.08 -64.58 31.96
CA VAL G 348 25.37 -64.25 32.55
C VAL G 348 25.82 -62.88 32.05
N PRO G 349 26.59 -62.15 32.84
CA PRO G 349 27.05 -60.82 32.40
C PRO G 349 28.03 -60.93 31.23
N ASN G 350 27.86 -60.02 30.27
CA ASN G 350 28.77 -59.90 29.12
C ASN G 350 28.83 -61.20 28.32
N ALA G 351 27.66 -61.71 27.94
CA ALA G 351 27.59 -62.92 27.11
C ALA G 351 28.18 -62.60 25.73
N PRO G 352 29.26 -63.27 25.31
CA PRO G 352 29.93 -62.90 24.05
C PRO G 352 29.15 -63.12 22.76
N ALA G 353 28.74 -64.36 22.48
CA ALA G 353 28.25 -64.65 21.15
C ALA G 353 27.25 -65.80 21.18
N LEU G 354 26.33 -65.77 20.20
CA LEU G 354 25.25 -66.75 20.05
C LEU G 354 24.96 -67.15 18.60
N VAL G 355 25.95 -67.09 17.73
CA VAL G 355 25.74 -67.41 16.31
C VAL G 355 25.72 -68.92 16.14
N VAL G 356 24.60 -69.45 15.63
CA VAL G 356 24.43 -70.89 15.43
C VAL G 356 23.98 -71.12 13.99
N ASN G 357 24.68 -72.02 13.30
CA ASN G 357 24.36 -72.36 11.92
C ASN G 357 23.96 -73.82 11.75
N ARG G 358 24.78 -74.74 12.23
CA ARG G 358 24.55 -76.17 12.09
C ARG G 358 24.34 -76.79 13.47
N PRO G 359 23.11 -76.97 13.91
CA PRO G 359 22.86 -77.24 15.34
C PRO G 359 23.00 -78.69 15.76
N SER G 360 23.78 -78.93 16.82
CA SER G 360 23.82 -80.20 17.52
C SER G 360 23.48 -79.97 18.98
N VAL G 361 23.11 -81.06 19.68
CA VAL G 361 22.67 -80.98 21.07
C VAL G 361 23.51 -81.94 21.91
N THR G 362 23.95 -81.47 23.07
CA THR G 362 24.70 -82.32 24.00
C THR G 362 24.17 -82.10 25.41
N PHE G 363 23.81 -83.19 26.08
CA PHE G 363 23.48 -83.18 27.50
C PHE G 363 24.60 -83.87 28.26
N ASP G 364 25.27 -83.14 29.15
CA ASP G 364 26.45 -83.63 29.85
C ASP G 364 26.13 -83.70 31.34
N ASN G 365 25.73 -84.89 31.80
CA ASN G 365 25.50 -85.18 33.22
C ASN G 365 24.52 -84.20 33.84
N VAL G 366 23.41 -83.96 33.14
CA VAL G 366 22.44 -82.97 33.56
C VAL G 366 21.67 -83.49 34.77
N VAL G 367 21.79 -82.81 35.90
CA VAL G 367 21.05 -83.10 37.11
C VAL G 367 20.09 -81.95 37.37
N PHE G 368 18.81 -82.26 37.52
CA PHE G 368 17.82 -81.21 37.70
C PHE G 368 16.56 -81.74 38.38
N GLY G 369 15.93 -80.86 39.13
CA GLY G 369 14.62 -81.14 39.71
C GLY G 369 13.91 -79.83 39.96
N TYR G 370 12.58 -79.87 39.93
CA TYR G 370 11.83 -78.63 40.14
C TYR G 370 11.97 -78.13 41.57
N ASP G 371 11.99 -79.06 42.53
CA ASP G 371 12.18 -78.73 43.93
C ASP G 371 13.32 -79.58 44.49
N ARG G 372 13.98 -79.06 45.52
CA ARG G 372 15.12 -79.76 46.11
C ARG G 372 14.74 -81.07 46.78
N ASP G 373 13.45 -81.32 47.03
CA ASP G 373 13.03 -82.56 47.66
C ASP G 373 12.63 -83.64 46.66
N ARG G 374 12.60 -83.32 45.36
CA ARG G 374 12.25 -84.30 44.33
C ARG G 374 13.16 -84.06 43.13
N GLU G 375 14.24 -84.83 43.04
CA GLU G 375 15.14 -84.76 41.89
C GLU G 375 14.62 -85.63 40.76
N ILE G 376 14.60 -85.10 39.55
CA ILE G 376 14.01 -85.80 38.41
C ILE G 376 15.10 -86.36 37.50
N LEU G 377 15.96 -85.47 37.00
CA LEU G 377 17.05 -85.89 36.13
C LEU G 377 18.30 -86.19 36.95
N HIS G 378 18.90 -87.35 36.68
CA HIS G 378 20.06 -87.84 37.42
C HIS G 378 21.20 -88.04 36.42
N GLY G 379 21.97 -86.98 36.19
CA GLY G 379 23.13 -87.06 35.32
C GLY G 379 22.83 -87.57 33.93
N LEU G 380 21.84 -86.97 33.26
CA LEU G 380 21.45 -87.40 31.93
C LEU G 380 22.41 -86.85 30.89
N SER G 381 22.99 -87.75 30.08
CA SER G 381 23.93 -87.38 29.04
C SER G 381 23.53 -88.05 27.74
N PHE G 382 23.51 -87.28 26.66
CA PHE G 382 23.25 -87.84 25.34
C PHE G 382 23.72 -86.84 24.28
N GLU G 383 23.83 -87.34 23.05
CA GLU G 383 24.32 -86.56 21.92
C GLU G 383 23.34 -86.66 20.77
N VAL G 384 22.85 -85.51 20.32
CA VAL G 384 22.00 -85.39 19.14
C VAL G 384 22.85 -84.75 18.05
N ALA G 385 23.21 -85.53 17.04
CA ALA G 385 24.13 -85.08 16.01
C ALA G 385 23.48 -84.01 15.14
N ALA G 386 24.33 -83.19 14.53
CA ALA G 386 23.86 -82.10 13.68
C ALA G 386 23.21 -82.66 12.43
N GLY G 387 22.02 -82.14 12.11
CA GLY G 387 21.30 -82.54 10.91
C GLY G 387 20.56 -83.86 11.00
N SER G 388 20.69 -84.58 12.10
CA SER G 388 20.01 -85.86 12.27
C SER G 388 18.59 -85.65 12.76
N ARG G 389 17.72 -86.61 12.45
CA ARG G 389 16.33 -86.60 12.89
C ARG G 389 16.20 -87.60 14.03
N VAL G 390 16.04 -87.08 15.25
CA VAL G 390 16.03 -87.91 16.45
C VAL G 390 14.65 -87.84 17.09
N ALA G 391 14.35 -88.86 17.89
CA ALA G 391 13.11 -88.93 18.64
C ALA G 391 13.40 -89.09 20.12
N ILE G 392 12.48 -88.60 20.95
CA ILE G 392 12.56 -88.75 22.40
C ILE G 392 11.24 -89.34 22.87
N VAL G 393 11.28 -90.55 23.42
CA VAL G 393 10.08 -91.27 23.82
C VAL G 393 10.20 -91.74 25.26
N GLY G 394 9.05 -92.06 25.84
CA GLY G 394 8.97 -92.58 27.18
C GLY G 394 7.53 -92.77 27.61
N PRO G 395 7.32 -93.43 28.76
CA PRO G 395 5.95 -93.58 29.28
C PRO G 395 5.37 -92.26 29.77
N SER G 396 4.16 -92.30 30.33
CA SER G 396 3.48 -91.07 30.73
C SER G 396 4.20 -90.33 31.84
N GLY G 397 5.01 -91.03 32.64
CA GLY G 397 5.70 -90.40 33.74
C GLY G 397 7.20 -90.28 33.53
N ALA G 398 7.65 -90.36 32.28
CA ALA G 398 9.07 -90.35 32.00
C ALA G 398 9.70 -88.99 32.29
N GLY G 399 8.98 -87.90 32.00
CA GLY G 399 9.51 -86.57 32.22
C GLY G 399 10.32 -86.00 31.07
N LYS G 400 10.04 -86.41 29.84
CA LYS G 400 10.83 -85.96 28.70
C LYS G 400 10.43 -84.56 28.22
N SER G 401 9.24 -84.09 28.55
CA SER G 401 8.88 -82.70 28.24
C SER G 401 9.71 -81.73 29.09
N THR G 402 10.16 -82.17 30.26
CA THR G 402 11.09 -81.37 31.05
C THR G 402 12.39 -81.14 30.29
N ILE G 403 12.79 -82.10 29.46
CA ILE G 403 13.98 -81.91 28.62
C ILE G 403 13.77 -80.75 27.66
N ALA G 404 12.60 -80.71 27.01
CA ALA G 404 12.30 -79.60 26.10
C ALA G 404 12.23 -78.28 26.85
N ARG G 405 11.63 -78.27 28.04
CA ARG G 405 11.55 -77.03 28.81
C ARG G 405 12.93 -76.57 29.29
N LEU G 406 13.84 -77.51 29.53
CA LEU G 406 15.21 -77.14 29.92
C LEU G 406 16.02 -76.68 28.72
N LEU G 407 15.75 -77.20 27.52
CA LEU G 407 16.48 -76.76 26.35
C LEU G 407 16.26 -75.28 26.07
N PHE G 408 15.07 -74.76 26.38
CA PHE G 408 14.81 -73.33 26.31
C PHE G 408 15.33 -72.57 27.52
N ARG G 409 16.03 -73.24 28.43
CA ARG G 409 16.59 -72.63 29.64
C ARG G 409 15.50 -71.96 30.48
N PHE G 410 14.35 -72.63 30.60
CA PHE G 410 13.36 -72.23 31.60
C PHE G 410 13.86 -72.53 33.00
N TYR G 411 14.77 -73.50 33.15
CA TYR G 411 15.41 -73.81 34.41
C TYR G 411 16.88 -74.09 34.13
N ASP G 412 17.68 -74.01 35.19
CA ASP G 412 19.08 -74.37 35.04
C ASP G 412 19.37 -75.68 35.77
N PRO G 413 20.23 -76.53 35.21
CA PRO G 413 20.52 -77.81 35.87
C PRO G 413 21.30 -77.61 37.15
N TRP G 414 21.04 -78.50 38.11
CA TRP G 414 21.81 -78.51 39.35
C TRP G 414 23.27 -78.87 39.08
N GLU G 415 23.48 -79.90 38.27
CA GLU G 415 24.81 -80.31 37.86
C GLU G 415 24.78 -80.65 36.39
N GLY G 416 25.96 -80.66 35.77
CA GLY G 416 26.05 -80.91 34.35
C GLY G 416 25.80 -79.66 33.53
N ARG G 417 25.62 -79.87 32.23
CA ARG G 417 25.44 -78.73 31.33
C ARG G 417 24.69 -79.18 30.08
N ILE G 418 24.17 -78.18 29.37
CA ILE G 418 23.51 -78.38 28.08
C ILE G 418 24.23 -77.52 27.05
N LEU G 419 24.64 -78.16 25.96
CA LEU G 419 25.38 -77.50 24.89
C LEU G 419 24.55 -77.55 23.61
N ILE G 420 24.51 -76.42 22.91
CA ILE G 420 23.92 -76.34 21.59
C ILE G 420 25.02 -75.99 20.62
N ASP G 421 25.30 -76.91 19.68
CA ASP G 421 26.41 -76.78 18.75
C ASP G 421 27.72 -76.61 19.51
N GLY G 422 27.88 -77.36 20.59
CA GLY G 422 29.09 -77.32 21.41
C GLY G 422 29.25 -76.12 22.30
N GLN G 423 28.26 -75.24 22.38
CA GLN G 423 28.32 -74.06 23.23
C GLN G 423 27.29 -74.15 24.35
N ASP G 424 27.73 -73.90 25.57
CA ASP G 424 26.83 -73.97 26.73
C ASP G 424 25.78 -72.88 26.65
N ILE G 425 24.51 -73.27 26.67
CA ILE G 425 23.40 -72.33 26.60
C ILE G 425 23.25 -71.52 27.89
N ALA G 426 23.89 -71.93 28.97
CA ALA G 426 23.82 -71.15 30.20
C ALA G 426 24.74 -69.93 30.22
N HIS G 427 25.69 -69.83 29.30
CA HIS G 427 26.64 -68.73 29.25
C HIS G 427 26.22 -67.66 28.26
N VAL G 428 25.01 -67.75 27.73
CA VAL G 428 24.53 -66.94 26.64
C VAL G 428 23.27 -66.19 27.05
N THR G 429 22.93 -65.15 26.29
CA THR G 429 21.74 -64.37 26.59
C THR G 429 20.48 -65.19 26.31
N GLN G 430 19.46 -64.94 27.14
CA GLN G 430 18.22 -65.71 27.07
C GLN G 430 17.42 -65.42 25.80
N THR G 431 17.31 -64.15 25.41
CA THR G 431 16.41 -63.77 24.32
C THR G 431 16.85 -64.37 22.99
N SER G 432 18.12 -64.18 22.63
CA SER G 432 18.64 -64.74 21.40
C SER G 432 18.70 -66.27 21.46
N LEU G 433 19.04 -66.84 22.61
CA LEU G 433 19.01 -68.30 22.74
C LEU G 433 17.64 -68.84 22.40
N ARG G 434 16.59 -68.23 22.94
CA ARG G 434 15.23 -68.64 22.60
C ARG G 434 14.87 -68.27 21.17
N ALA G 435 15.56 -67.31 20.57
CA ALA G 435 15.36 -67.03 19.15
C ALA G 435 15.91 -68.14 18.27
N ALA G 436 16.94 -68.85 18.73
CA ALA G 436 17.51 -69.97 17.99
C ALA G 436 16.73 -71.27 18.16
N LEU G 437 15.65 -71.26 18.94
CA LEU G 437 14.88 -72.47 19.24
C LEU G 437 13.42 -72.23 18.92
N GLY G 438 12.78 -73.22 18.31
CA GLY G 438 11.34 -73.21 18.10
C GLY G 438 10.71 -74.45 18.71
N ILE G 439 9.51 -74.28 19.25
CA ILE G 439 8.83 -75.35 19.98
C ILE G 439 7.34 -75.32 19.63
N VAL G 440 6.78 -76.50 19.42
CA VAL G 440 5.33 -76.67 19.35
C VAL G 440 4.91 -77.43 20.60
N PRO G 441 4.44 -76.75 21.64
CA PRO G 441 4.16 -77.41 22.92
C PRO G 441 2.86 -78.20 22.85
N GLN G 442 2.58 -78.92 23.95
CA GLN G 442 1.37 -79.72 24.05
C GLN G 442 0.13 -78.82 24.05
N ASP G 443 0.09 -77.85 24.94
CA ASP G 443 -1.03 -76.92 25.07
C ASP G 443 -0.60 -75.57 24.52
N SER G 444 -1.00 -75.26 23.29
CA SER G 444 -0.69 -74.00 22.63
C SER G 444 -1.87 -73.05 22.80
N VAL G 445 -1.59 -71.82 23.21
CA VAL G 445 -2.61 -70.82 23.45
C VAL G 445 -2.54 -69.76 22.36
N LEU G 446 -3.72 -69.27 21.95
CA LEU G 446 -3.83 -68.32 20.86
C LEU G 446 -4.14 -66.92 21.42
N PHE G 447 -3.61 -65.90 20.74
CA PHE G 447 -3.88 -64.53 21.10
C PHE G 447 -5.27 -64.11 20.65
N ASN G 448 -5.80 -63.07 21.29
CA ASN G 448 -7.10 -62.50 20.93
C ASN G 448 -6.89 -61.50 19.79
N ASP G 449 -6.76 -62.04 18.59
CA ASP G 449 -6.49 -61.25 17.40
C ASP G 449 -6.85 -62.10 16.18
N THR G 450 -6.49 -61.62 15.00
CA THR G 450 -6.78 -62.36 13.78
C THR G 450 -5.86 -63.58 13.67
N ILE G 451 -6.31 -64.57 12.90
CA ILE G 451 -5.50 -65.77 12.69
C ILE G 451 -4.23 -65.42 11.91
N GLY G 452 -4.30 -64.43 11.01
CA GLY G 452 -3.10 -64.00 10.32
C GLY G 452 -2.07 -63.41 11.26
N TYR G 453 -2.51 -62.61 12.23
CA TYR G 453 -1.59 -62.09 13.24
C TYR G 453 -1.01 -63.23 14.08
N ASN G 454 -1.83 -64.21 14.44
CA ASN G 454 -1.34 -65.33 15.24
C ASN G 454 -0.31 -66.15 14.48
N ILE G 455 -0.46 -66.27 13.16
CA ILE G 455 0.52 -67.03 12.39
C ILE G 455 1.78 -66.21 12.17
N ALA G 456 1.65 -64.92 11.88
CA ALA G 456 2.82 -64.06 11.67
C ALA G 456 3.55 -63.75 12.96
N TYR G 457 2.95 -64.04 14.12
CA TYR G 457 3.61 -63.81 15.41
C TYR G 457 4.92 -64.58 15.54
N GLY G 458 5.15 -65.58 14.71
CA GLY G 458 6.37 -66.37 14.83
C GLY G 458 7.64 -65.57 14.58
N ARG G 459 7.58 -64.59 13.70
CA ARG G 459 8.74 -63.76 13.38
C ARG G 459 8.31 -62.30 13.32
N ASP G 460 9.25 -61.42 13.68
CA ASP G 460 8.94 -59.99 13.75
C ASP G 460 8.59 -59.43 12.38
N GLY G 461 9.45 -59.64 11.40
CA GLY G 461 9.21 -59.12 10.06
C GLY G 461 8.72 -60.16 9.09
N ALA G 462 7.85 -61.07 9.56
CA ALA G 462 7.34 -62.14 8.71
C ALA G 462 6.49 -61.57 7.59
N SER G 463 6.83 -61.94 6.35
CA SER G 463 6.09 -61.48 5.20
C SER G 463 4.87 -62.35 4.95
N ARG G 464 3.95 -61.85 4.13
CA ARG G 464 2.74 -62.60 3.81
C ARG G 464 3.05 -63.83 2.96
N ALA G 465 4.10 -63.77 2.13
CA ALA G 465 4.48 -64.94 1.35
C ALA G 465 4.99 -66.07 2.26
N GLU G 466 5.76 -65.72 3.28
CA GLU G 466 6.21 -66.73 4.24
C GLU G 466 5.04 -67.34 4.99
N VAL G 467 4.05 -66.51 5.36
CA VAL G 467 2.87 -67.02 6.06
C VAL G 467 2.09 -67.96 5.16
N ASP G 468 1.93 -67.60 3.89
CA ASP G 468 1.23 -68.48 2.95
C ASP G 468 1.98 -69.79 2.76
N ALA G 469 3.30 -69.73 2.64
CA ALA G 469 4.09 -70.95 2.47
C ALA G 469 3.98 -71.85 3.70
N ALA G 470 4.01 -71.25 4.90
CA ALA G 470 3.90 -72.05 6.12
C ALA G 470 2.51 -72.66 6.25
N ALA G 471 1.46 -71.90 5.93
CA ALA G 471 0.11 -72.43 5.97
C ALA G 471 -0.10 -73.54 4.94
N LYS G 472 0.56 -73.42 3.79
CA LYS G 472 0.48 -74.49 2.78
C LYS G 472 1.20 -75.75 3.26
N GLY G 473 2.40 -75.58 3.86
CA GLY G 473 3.09 -76.73 4.41
C GLY G 473 2.35 -77.38 5.56
N ALA G 474 1.65 -76.57 6.35
CA ALA G 474 0.90 -77.09 7.50
C ALA G 474 -0.39 -77.78 7.11
N ALA G 475 -0.68 -77.89 5.80
CA ALA G 475 -1.88 -78.53 5.29
C ALA G 475 -3.14 -77.83 5.82
N ILE G 476 -3.07 -76.52 5.99
CA ILE G 476 -4.20 -75.72 6.46
C ILE G 476 -4.66 -74.71 5.43
N ALA G 477 -4.00 -74.64 4.26
CA ALA G 477 -4.37 -73.65 3.26
C ALA G 477 -5.80 -73.86 2.77
N ASP G 478 -6.21 -75.12 2.58
CA ASP G 478 -7.57 -75.40 2.14
C ASP G 478 -8.57 -75.00 3.21
N PHE G 479 -8.24 -75.23 4.48
CA PHE G 479 -9.13 -74.82 5.57
C PHE G 479 -9.28 -73.32 5.64
N ILE G 480 -8.19 -72.58 5.42
CA ILE G 480 -8.27 -71.12 5.46
C ILE G 480 -9.01 -70.59 4.24
N ALA G 481 -8.89 -71.26 3.09
CA ALA G 481 -9.60 -70.81 1.89
C ALA G 481 -11.11 -70.88 2.08
N ARG G 482 -11.60 -71.84 2.85
CA ARG G 482 -13.02 -71.96 3.13
C ARG G 482 -13.51 -70.96 4.17
N LEU G 483 -12.60 -70.29 4.87
CA LEU G 483 -13.02 -69.33 5.88
C LEU G 483 -13.54 -68.05 5.21
N PRO G 484 -14.58 -67.43 5.77
CA PRO G 484 -15.11 -66.21 5.13
C PRO G 484 -14.11 -65.07 5.07
N GLN G 485 -13.47 -64.72 6.19
CA GLN G 485 -12.52 -63.62 6.22
C GLN G 485 -11.08 -64.07 5.96
N GLY G 486 -10.86 -65.35 5.73
CA GLY G 486 -9.52 -65.81 5.41
C GLY G 486 -8.54 -65.60 6.56
N TYR G 487 -7.43 -64.95 6.26
CA TYR G 487 -6.39 -64.69 7.25
C TYR G 487 -6.80 -63.63 8.27
N ASP G 488 -7.85 -62.86 7.99
CA ASP G 488 -8.31 -61.82 8.89
C ASP G 488 -9.38 -62.33 9.86
N THR G 489 -9.67 -63.63 9.85
CA THR G 489 -10.63 -64.20 10.79
C THR G 489 -10.03 -64.24 12.19
N GLU G 490 -10.66 -63.55 13.13
CA GLU G 490 -10.22 -63.60 14.51
C GLU G 490 -10.60 -64.93 15.15
N VAL G 491 -9.66 -65.50 15.91
CA VAL G 491 -9.83 -66.81 16.50
C VAL G 491 -9.48 -66.72 17.98
N GLY G 492 -9.54 -67.87 18.66
CA GLY G 492 -9.32 -67.88 20.10
C GLY G 492 -10.58 -67.50 20.85
N GLU G 493 -10.41 -67.14 22.11
CA GLU G 493 -11.54 -66.63 22.88
C GLU G 493 -11.97 -65.27 22.32
N ARG G 494 -13.20 -64.88 22.67
CA ARG G 494 -13.87 -63.69 22.13
C ARG G 494 -13.80 -63.65 20.60
N GLY G 495 -13.69 -64.81 19.97
CA GLY G 495 -13.65 -64.90 18.53
C GLY G 495 -14.17 -66.23 18.03
N LEU G 496 -13.93 -66.54 16.74
CA LEU G 496 -14.34 -67.82 16.20
C LEU G 496 -13.61 -68.95 16.90
N LYS G 497 -14.35 -69.99 17.28
CA LYS G 497 -13.79 -71.11 18.03
C LYS G 497 -13.20 -72.13 17.07
N LEU G 498 -11.98 -72.57 17.36
CA LEU G 498 -11.29 -73.57 16.56
C LEU G 498 -11.21 -74.89 17.32
N SER G 499 -11.20 -75.99 16.57
CA SER G 499 -10.98 -77.29 17.17
C SER G 499 -9.53 -77.43 17.61
N GLY G 500 -9.26 -78.49 18.38
CA GLY G 500 -7.90 -78.74 18.82
C GLY G 500 -6.94 -78.98 17.67
N GLY G 501 -7.40 -79.70 16.65
CA GLY G 501 -6.55 -79.92 15.49
C GLY G 501 -6.22 -78.63 14.76
N GLU G 502 -7.18 -77.70 14.68
CA GLU G 502 -6.92 -76.42 14.06
C GLU G 502 -5.92 -75.60 14.86
N LYS G 503 -6.02 -75.65 16.20
CA LYS G 503 -5.04 -74.97 17.04
C LYS G 503 -3.65 -75.55 16.86
N GLN G 504 -3.54 -76.88 16.74
CA GLN G 504 -2.24 -77.48 16.51
C GLN G 504 -1.70 -77.12 15.13
N ARG G 505 -2.59 -77.04 14.13
CA ARG G 505 -2.18 -76.56 12.81
C ARG G 505 -1.60 -75.15 12.91
N VAL G 506 -2.29 -74.26 13.64
CA VAL G 506 -1.83 -72.89 13.78
C VAL G 506 -0.50 -72.82 14.51
N ALA G 507 -0.31 -73.68 15.51
CA ALA G 507 0.97 -73.70 16.23
C ALA G 507 2.10 -74.16 15.32
N ILE G 508 1.86 -75.22 14.54
CA ILE G 508 2.90 -75.70 13.62
C ILE G 508 3.21 -74.65 12.57
N ALA G 509 2.18 -73.97 12.06
CA ALA G 509 2.41 -72.90 11.08
C ALA G 509 3.18 -71.74 11.70
N ARG G 510 2.90 -71.42 12.96
CA ARG G 510 3.64 -70.37 13.65
C ARG G 510 5.11 -70.72 13.76
N THR G 511 5.41 -71.95 14.19
CA THR G 511 6.81 -72.36 14.31
C THR G 511 7.49 -72.46 12.94
N LEU G 512 6.74 -72.78 11.89
CA LEU G 512 7.31 -72.74 10.55
C LEU G 512 7.62 -71.32 10.11
N VAL G 513 6.74 -70.37 10.46
CA VAL G 513 7.01 -68.96 10.19
C VAL G 513 8.26 -68.50 10.92
N LYS G 514 8.45 -68.96 12.16
CA LYS G 514 9.64 -68.60 12.90
C LYS G 514 10.91 -69.07 12.19
N ASN G 515 10.85 -70.27 11.60
CA ASN G 515 11.97 -70.89 10.88
C ASN G 515 13.21 -70.97 11.76
N PRO G 516 13.18 -71.75 12.83
CA PRO G 516 14.34 -71.80 13.73
C PRO G 516 15.34 -72.86 13.29
N PRO G 517 16.62 -72.69 13.61
CA PRO G 517 17.58 -73.75 13.30
C PRO G 517 17.36 -75.03 14.09
N ILE G 518 16.79 -74.92 15.29
CA ILE G 518 16.42 -76.07 16.10
C ILE G 518 14.91 -76.08 16.25
N LEU G 519 14.29 -77.22 15.99
CA LEU G 519 12.84 -77.35 16.03
C LEU G 519 12.46 -78.50 16.95
N LEU G 520 11.48 -78.27 17.80
CA LEU G 520 11.00 -79.26 18.75
C LEU G 520 9.49 -79.41 18.61
N PHE G 521 9.02 -80.66 18.52
CA PHE G 521 7.59 -80.96 18.55
C PHE G 521 7.31 -81.70 19.85
N ASP G 522 6.74 -81.01 20.83
CA ASP G 522 6.40 -81.60 22.14
C ASP G 522 4.93 -81.99 22.08
N GLU G 523 4.66 -83.20 21.60
CA GLU G 523 3.30 -83.71 21.43
C GLU G 523 2.49 -82.82 20.49
N ALA G 524 3.13 -82.37 19.40
CA ALA G 524 2.47 -81.49 18.45
C ALA G 524 1.36 -82.20 17.70
N THR G 525 1.54 -83.49 17.40
CA THR G 525 0.59 -84.31 16.66
C THR G 525 -0.27 -85.16 17.60
N SER G 526 -0.63 -84.62 18.76
CA SER G 526 -1.36 -85.40 19.75
C SER G 526 -2.71 -85.86 19.23
N CYS G 527 -3.43 -85.00 18.52
CA CYS G 527 -4.71 -85.41 17.96
C CYS G 527 -5.01 -84.71 16.65
N LEU G 528 -5.16 -85.50 15.60
CA LEU G 528 -5.50 -85.12 14.24
C LEU G 528 -5.93 -86.39 13.52
N ASP G 529 -6.67 -86.23 12.44
CA ASP G 529 -7.05 -87.40 11.67
C ASP G 529 -5.83 -88.01 11.01
N THR G 530 -5.98 -89.25 10.55
CA THR G 530 -4.82 -90.01 10.06
C THR G 530 -4.21 -89.37 8.82
N ARG G 531 -5.06 -88.95 7.88
CA ARG G 531 -4.56 -88.34 6.65
C ARG G 531 -3.81 -87.05 6.94
N THR G 532 -4.40 -86.17 7.77
CA THR G 532 -3.72 -84.94 8.14
C THR G 532 -2.43 -85.22 8.89
N GLU G 533 -2.44 -86.22 9.78
CA GLU G 533 -1.23 -86.56 10.53
C GLU G 533 -0.11 -86.97 9.58
N GLN G 534 -0.41 -87.86 8.63
CA GLN G 534 0.62 -88.31 7.71
C GLN G 534 1.08 -87.19 6.78
N ASP G 535 0.16 -86.32 6.35
CA ASP G 535 0.55 -85.19 5.51
C ASP G 535 1.50 -84.25 6.24
N ILE G 536 1.16 -83.88 7.48
CA ILE G 536 2.04 -82.97 8.21
C ILE G 536 3.33 -83.66 8.61
N LEU G 537 3.32 -85.00 8.77
CA LEU G 537 4.57 -85.71 9.04
C LEU G 537 5.48 -85.68 7.82
N SER G 538 4.92 -85.87 6.63
CA SER G 538 5.72 -85.73 5.41
C SER G 538 6.24 -84.31 5.26
N THR G 539 5.42 -83.31 5.61
CA THR G 539 5.90 -81.92 5.56
C THR G 539 7.05 -81.71 6.54
N MET G 540 6.93 -82.27 7.75
CA MET G 540 8.02 -82.17 8.72
C MET G 540 9.28 -82.83 8.20
N ARG G 541 9.14 -83.97 7.54
CA ARG G 541 10.28 -84.65 6.95
C ARG G 541 10.92 -83.80 5.85
N ALA G 542 10.09 -83.06 5.11
CA ALA G 542 10.61 -82.19 4.05
C ALA G 542 11.34 -80.98 4.63
N VAL G 543 10.73 -80.31 5.60
CA VAL G 543 11.30 -79.08 6.15
C VAL G 543 12.46 -79.33 7.08
N ALA G 544 12.72 -80.58 7.45
CA ALA G 544 13.87 -80.94 8.28
C ALA G 544 15.09 -81.28 7.43
N SER G 545 15.21 -80.69 6.25
CA SER G 545 16.29 -81.01 5.32
C SER G 545 17.66 -80.81 5.96
N HIS G 546 17.93 -79.59 6.43
CA HIS G 546 19.25 -79.26 6.97
C HIS G 546 19.17 -78.66 8.37
N ARG G 547 18.08 -78.91 9.10
CA ARG G 547 17.93 -78.42 10.45
C ARG G 547 17.84 -79.59 11.43
N THR G 548 18.08 -79.30 12.70
CA THR G 548 17.92 -80.29 13.76
C THR G 548 16.47 -80.28 14.22
N THR G 549 15.83 -81.44 14.13
CA THR G 549 14.42 -81.61 14.49
C THR G 549 14.32 -82.70 15.56
N ILE G 550 13.67 -82.38 16.66
CA ILE G 550 13.49 -83.28 17.78
C ILE G 550 12.00 -83.45 18.02
N SER G 551 11.50 -84.67 17.84
CA SER G 551 10.09 -84.99 18.02
C SER G 551 9.94 -85.80 19.29
N ILE G 552 9.22 -85.23 20.26
CA ILE G 552 8.98 -85.86 21.56
C ILE G 552 7.56 -86.41 21.52
N ALA G 553 7.44 -87.73 21.50
CA ALA G 553 6.15 -88.39 21.35
C ALA G 553 6.02 -89.53 22.36
N HIS G 554 4.82 -89.68 22.91
CA HIS G 554 4.56 -90.78 23.83
C HIS G 554 4.49 -92.12 23.09
N ARG G 555 3.88 -92.13 21.91
CA ARG G 555 3.68 -93.35 21.14
C ARG G 555 4.79 -93.51 20.11
N LEU G 556 5.21 -94.76 19.90
CA LEU G 556 6.42 -95.06 19.15
C LEU G 556 6.21 -95.14 17.64
N SER G 557 4.99 -95.46 17.19
CA SER G 557 4.75 -95.66 15.77
C SER G 557 4.96 -94.39 14.97
N THR G 558 4.64 -93.23 15.54
CA THR G 558 4.74 -91.97 14.83
C THR G 558 6.17 -91.50 14.62
N ILE G 559 7.14 -92.07 15.32
CA ILE G 559 8.54 -91.66 15.23
C ILE G 559 9.44 -92.81 14.79
N ALA G 560 8.88 -93.83 14.14
CA ALA G 560 9.65 -95.02 13.82
C ALA G 560 10.75 -94.74 12.80
N ASP G 561 10.57 -93.73 11.95
CA ASP G 561 11.52 -93.42 10.89
C ASP G 561 12.65 -92.49 11.34
N SER G 562 12.80 -92.29 12.66
CA SER G 562 13.86 -91.42 13.15
C SER G 562 15.23 -92.07 12.98
N ASP G 563 16.26 -91.23 12.88
CA ASP G 563 17.63 -91.75 12.80
C ASP G 563 18.01 -92.48 14.08
N THR G 564 17.67 -91.89 15.23
CA THR G 564 17.91 -92.54 16.52
C THR G 564 16.83 -92.12 17.49
N ILE G 565 16.59 -92.97 18.48
CA ILE G 565 15.51 -92.79 19.44
C ILE G 565 16.07 -92.90 20.85
N LEU G 566 15.78 -91.89 21.67
CA LEU G 566 16.18 -91.87 23.07
C LEU G 566 14.98 -92.25 23.93
N VAL G 567 15.09 -93.37 24.65
CA VAL G 567 14.02 -93.87 25.50
C VAL G 567 14.34 -93.49 26.93
N LEU G 568 13.41 -92.78 27.57
CA LEU G 568 13.59 -92.31 28.94
C LEU G 568 12.72 -93.10 29.90
N ASP G 569 13.30 -93.46 31.04
CA ASP G 569 12.59 -94.15 32.10
C ASP G 569 13.10 -93.65 33.44
N GLN G 570 12.18 -93.23 34.31
CA GLN G 570 12.52 -92.74 35.66
C GLN G 570 13.55 -91.62 35.60
N GLY G 571 13.39 -90.72 34.64
CA GLY G 571 14.28 -89.58 34.52
C GLY G 571 15.68 -89.89 34.06
N ARG G 572 15.89 -91.05 33.44
CA ARG G 572 17.20 -91.42 32.92
C ARG G 572 17.03 -92.06 31.54
N LEU G 573 18.14 -92.15 30.82
CA LEU G 573 18.15 -92.76 29.49
C LEU G 573 18.28 -94.27 29.65
N ALA G 574 17.17 -94.98 29.41
CA ALA G 574 17.18 -96.43 29.57
C ALA G 574 17.72 -97.13 28.32
N GLU G 575 17.18 -96.80 27.16
CA GLU G 575 17.54 -97.46 25.92
C GLU G 575 17.79 -96.43 24.83
N GLN G 576 18.69 -96.77 23.91
CA GLN G 576 19.05 -95.89 22.81
C GLN G 576 19.41 -96.73 21.59
N GLY G 577 18.98 -96.28 20.43
CA GLY G 577 19.30 -96.96 19.19
C GLY G 577 18.23 -96.72 18.14
N SER G 578 18.45 -97.33 16.98
CA SER G 578 17.53 -97.22 15.86
C SER G 578 16.32 -98.12 16.06
N HIS G 579 15.33 -97.96 15.18
CA HIS G 579 14.09 -98.74 15.27
C HIS G 579 14.36 -100.23 15.17
N LEU G 580 15.18 -100.64 14.19
CA LEU G 580 15.48 -102.06 14.04
C LEU G 580 16.28 -102.59 15.21
N ASP G 581 17.29 -101.82 15.66
CA ASP G 581 18.08 -102.25 16.81
C ASP G 581 17.23 -102.37 18.06
N LEU G 582 16.33 -101.41 18.29
CA LEU G 582 15.48 -101.48 19.48
C LEU G 582 14.45 -102.60 19.38
N LEU G 583 13.99 -102.92 18.18
CA LEU G 583 13.09 -104.07 18.03
C LEU G 583 13.83 -105.38 18.27
N ARG G 584 15.10 -105.46 17.87
CA ARG G 584 15.87 -106.67 18.10
C ARG G 584 16.32 -106.82 19.54
N ARG G 585 16.53 -105.71 20.25
CA ARG G 585 16.97 -105.79 21.64
C ARG G 585 15.92 -106.39 22.57
N ASP G 586 14.63 -106.30 22.20
CA ASP G 586 13.53 -106.87 22.98
C ASP G 586 13.48 -106.27 24.37
N GLY G 587 13.51 -104.94 24.44
CA GLY G 587 13.47 -104.24 25.71
C GLY G 587 12.17 -103.52 26.00
N LEU G 588 12.26 -102.38 26.69
CA LEU G 588 11.06 -101.60 27.00
C LEU G 588 10.44 -101.02 25.74
N TYR G 589 11.27 -100.51 24.83
CA TYR G 589 10.75 -100.01 23.56
C TYR G 589 10.02 -101.12 22.81
N ALA G 590 10.57 -102.33 22.83
CA ALA G 590 9.92 -103.46 22.19
C ALA G 590 8.60 -103.80 22.88
N GLU G 591 8.56 -103.71 24.21
CA GLU G 591 7.32 -103.97 24.94
C GLU G 591 6.24 -102.98 24.53
N MET G 592 6.57 -101.69 24.49
CA MET G 592 5.57 -100.69 24.13
C MET G 592 5.16 -100.81 22.67
N TRP G 593 6.11 -101.16 21.80
CA TRP G 593 5.78 -101.40 20.40
C TRP G 593 4.82 -102.57 20.24
N ALA G 594 5.09 -103.67 20.97
CA ALA G 594 4.18 -104.82 20.93
C ALA G 594 2.80 -104.46 21.47
N ARG G 595 2.75 -103.66 22.54
CA ARG G 595 1.47 -103.22 23.08
C ARG G 595 0.69 -102.42 22.04
N GLN G 596 1.34 -101.44 21.41
CA GLN G 596 0.66 -100.62 20.40
C GLN G 596 0.22 -101.47 19.20
N ALA G 597 1.05 -102.43 18.80
CA ALA G 597 0.68 -103.30 17.69
C ALA G 597 -0.52 -104.17 18.04
N ALA G 598 -0.57 -104.68 19.27
CA ALA G 598 -1.72 -105.47 19.71
C ALA G 598 -2.97 -104.61 19.76
N GLU G 599 -2.84 -103.36 20.22
CA GLU G 599 -4.00 -102.46 20.26
C GLU G 599 -4.51 -102.17 18.85
N SER G 600 -3.59 -101.93 17.91
CA SER G 600 -4.00 -101.64 16.53
C SER G 600 -4.60 -102.86 15.85
N ALA G 601 -4.10 -104.07 16.18
CA ALA G 601 -4.59 -105.27 15.53
C ALA G 601 -6.02 -105.60 15.96
N GLU G 602 -6.32 -105.47 17.25
CA GLU G 602 -7.65 -105.80 17.76
C GLU G 602 -8.24 -104.65 18.58
N ARG H 13 -37.27 -39.37 20.75
CA ARG H 13 -38.44 -38.80 21.41
C ARG H 13 -39.36 -39.89 21.94
N HIS H 14 -39.93 -40.67 21.02
CA HIS H 14 -40.92 -41.68 21.40
C HIS H 14 -40.25 -42.93 21.98
N ASP H 15 -39.01 -43.21 21.59
CA ASP H 15 -38.33 -44.42 22.06
C ASP H 15 -38.09 -44.37 23.56
N GLY H 16 -37.59 -43.24 24.06
CA GLY H 16 -37.31 -43.12 25.49
C GLY H 16 -38.57 -43.20 26.32
N TRP H 17 -39.64 -42.56 25.87
CA TRP H 17 -40.90 -42.60 26.62
C TRP H 17 -41.51 -44.00 26.60
N GLN H 18 -41.41 -44.70 25.47
CA GLN H 18 -41.87 -46.09 25.44
C GLN H 18 -41.05 -46.97 26.37
N THR H 19 -39.74 -46.73 26.42
CA THR H 19 -38.87 -47.48 27.33
C THR H 19 -39.26 -47.22 28.78
N LEU H 20 -39.50 -45.97 29.14
CA LEU H 20 -39.91 -45.63 30.51
C LEU H 20 -41.27 -46.24 30.83
N LYS H 21 -42.19 -46.25 29.86
CA LYS H 21 -43.50 -46.84 30.09
C LYS H 21 -43.39 -48.35 30.31
N ARG H 22 -42.50 -49.01 29.57
CA ARG H 22 -42.28 -50.44 29.79
C ARG H 22 -41.60 -50.71 31.12
N PHE H 23 -40.73 -49.81 31.59
CA PHE H 23 -40.04 -50.01 32.85
C PHE H 23 -40.88 -49.65 34.06
N LEU H 24 -41.92 -48.83 33.89
CA LEU H 24 -42.76 -48.44 35.02
C LEU H 24 -43.37 -49.61 35.79
N PRO H 25 -43.81 -50.71 35.16
CA PRO H 25 -44.24 -51.85 35.97
C PRO H 25 -43.20 -52.37 36.95
N TYR H 26 -41.91 -52.25 36.63
CA TYR H 26 -40.88 -52.64 37.58
C TYR H 26 -40.80 -51.65 38.75
N LEU H 27 -40.95 -50.36 38.47
CA LEU H 27 -40.95 -49.36 39.54
C LEU H 27 -42.24 -49.39 40.34
N TRP H 28 -43.36 -49.75 39.70
CA TRP H 28 -44.68 -49.80 40.32
C TRP H 28 -45.18 -51.23 40.23
N PRO H 29 -44.70 -52.13 41.11
CA PRO H 29 -45.06 -53.54 40.98
C PRO H 29 -46.54 -53.78 41.22
N ALA H 30 -47.08 -54.74 40.49
CA ALA H 30 -48.50 -55.08 40.57
C ALA H 30 -48.77 -56.21 41.56
N ASP H 31 -47.77 -56.60 42.35
CA ASP H 31 -47.94 -57.65 43.35
C ASP H 31 -47.45 -57.27 44.74
N ASN H 32 -46.61 -56.25 44.88
CA ASN H 32 -46.02 -55.87 46.16
C ASN H 32 -46.58 -54.52 46.59
N ALA H 33 -47.14 -54.48 47.80
CA ALA H 33 -47.65 -53.24 48.36
C ALA H 33 -46.61 -52.46 49.17
N VAL H 34 -45.53 -53.12 49.58
CA VAL H 34 -44.50 -52.41 50.34
C VAL H 34 -43.69 -51.50 49.44
N LEU H 35 -43.42 -51.93 48.20
CA LEU H 35 -42.61 -51.12 47.29
C LEU H 35 -43.38 -49.88 46.86
N ARG H 36 -44.69 -49.99 46.68
CA ARG H 36 -45.49 -48.81 46.32
C ARG H 36 -45.49 -47.79 47.45
N ARG H 37 -45.67 -48.25 48.70
CA ARG H 37 -45.56 -47.34 49.83
C ARG H 37 -44.18 -46.74 49.96
N ARG H 38 -43.13 -47.51 49.61
CA ARG H 38 -41.78 -46.95 49.63
C ARG H 38 -41.62 -45.85 48.59
N VAL H 39 -42.16 -46.05 47.38
CA VAL H 39 -42.09 -45.00 46.35
C VAL H 39 -42.85 -43.76 46.80
N VAL H 40 -44.05 -43.96 47.37
CA VAL H 40 -44.84 -42.83 47.85
C VAL H 40 -44.08 -42.08 48.94
N GLY H 41 -43.47 -42.81 49.88
CA GLY H 41 -42.70 -42.16 50.93
C GLY H 41 -41.49 -41.42 50.39
N ALA H 42 -40.84 -41.99 49.36
CA ALA H 42 -39.69 -41.32 48.76
C ALA H 42 -40.10 -40.02 48.10
N ILE H 43 -41.24 -40.03 47.40
CA ILE H 43 -41.73 -38.79 46.78
C ILE H 43 -42.12 -37.77 47.85
N LEU H 44 -42.73 -38.25 48.95
CA LEU H 44 -43.06 -37.35 50.05
C LEU H 44 -41.81 -36.74 50.66
N MET H 45 -40.73 -37.51 50.75
CA MET H 45 -39.48 -36.98 51.28
C MET H 45 -38.86 -35.98 50.31
N VAL H 46 -38.98 -36.23 49.00
CA VAL H 46 -38.60 -35.23 48.00
C VAL H 46 -39.32 -33.92 48.28
N LEU H 47 -40.65 -33.99 48.45
CA LEU H 47 -41.43 -32.79 48.68
C LEU H 47 -41.03 -32.08 49.97
N LEU H 48 -40.83 -32.85 51.05
CA LEU H 48 -40.45 -32.26 52.32
C LEU H 48 -39.09 -31.57 52.22
N GLY H 49 -38.11 -32.23 51.61
CA GLY H 49 -36.80 -31.62 51.47
C GLY H 49 -36.82 -30.37 50.62
N LYS H 50 -37.55 -30.39 49.52
CA LYS H 50 -37.66 -29.20 48.69
C LYS H 50 -38.34 -28.06 49.44
N ALA H 51 -39.43 -28.37 50.16
CA ALA H 51 -40.11 -27.33 50.93
C ALA H 51 -39.19 -26.73 52.00
N THR H 52 -38.41 -27.58 52.67
CA THR H 52 -37.51 -27.08 53.71
C THR H 52 -36.40 -26.22 53.12
N THR H 53 -35.79 -26.67 52.01
CA THR H 53 -34.74 -25.89 51.37
C THR H 53 -35.26 -24.61 50.74
N LEU H 54 -36.55 -24.54 50.43
CA LEU H 54 -37.13 -23.28 49.98
C LEU H 54 -37.51 -22.38 51.14
N ALA H 55 -37.84 -22.97 52.29
CA ALA H 55 -38.29 -22.16 53.43
C ALA H 55 -37.11 -21.54 54.17
N LEU H 56 -35.98 -22.25 54.26
CA LEU H 56 -34.86 -21.71 55.03
C LEU H 56 -34.31 -20.37 54.53
N PRO H 57 -34.23 -20.09 53.22
CA PRO H 57 -33.78 -18.75 52.82
C PRO H 57 -34.77 -17.67 53.17
N PHE H 58 -36.06 -17.99 53.28
CA PHE H 58 -37.02 -17.02 53.78
C PHE H 58 -36.72 -16.64 55.23
N ALA H 59 -36.37 -17.63 56.05
CA ALA H 59 -35.97 -17.35 57.42
C ALA H 59 -34.70 -16.50 57.46
N TYR H 60 -33.74 -16.80 56.57
CA TYR H 60 -32.53 -15.99 56.51
C TYR H 60 -32.84 -14.54 56.12
N LYS H 61 -33.71 -14.37 55.11
CA LYS H 61 -34.08 -13.02 54.68
C LYS H 61 -34.80 -12.26 55.79
N LYS H 62 -35.70 -12.93 56.52
CA LYS H 62 -36.39 -12.26 57.61
C LYS H 62 -35.44 -11.91 58.74
N ALA H 63 -34.46 -12.78 59.01
CA ALA H 63 -33.44 -12.45 60.00
C ALA H 63 -32.66 -11.20 59.59
N VAL H 64 -32.26 -11.13 58.31
CA VAL H 64 -31.52 -9.97 57.83
C VAL H 64 -32.38 -8.71 57.92
N ASP H 65 -33.65 -8.82 57.54
CA ASP H 65 -34.55 -7.67 57.61
C ASP H 65 -34.73 -7.18 59.04
N ALA H 66 -34.83 -8.11 60.00
CA ALA H 66 -34.96 -7.73 61.39
C ALA H 66 -33.67 -7.09 61.90
N MET H 67 -32.52 -7.61 61.47
CA MET H 67 -31.24 -7.02 61.87
C MET H 67 -30.99 -5.66 61.24
N THR H 68 -31.63 -5.36 60.11
CA THR H 68 -31.43 -4.08 59.43
C THR H 68 -32.61 -3.14 59.49
N LEU H 69 -33.83 -3.66 59.61
CA LEU H 69 -35.04 -2.84 59.68
C LEU H 69 -35.74 -3.18 61.00
N GLY H 70 -35.35 -2.48 62.07
CA GLY H 70 -35.98 -2.69 63.37
C GLY H 70 -37.31 -1.99 63.57
N GLY H 71 -37.72 -1.17 62.60
CA GLY H 71 -38.97 -0.44 62.76
C GLY H 71 -40.19 -1.34 62.81
N GLY H 72 -40.20 -2.40 62.00
CA GLY H 72 -41.31 -3.31 61.94
C GLY H 72 -41.19 -4.46 62.91
N ALA H 73 -39.98 -5.01 63.03
CA ALA H 73 -39.71 -6.11 63.96
C ALA H 73 -39.07 -5.51 65.21
N GLN H 74 -39.90 -5.24 66.23
CA GLN H 74 -39.40 -4.66 67.46
C GLN H 74 -38.42 -5.59 68.18
N PRO H 75 -38.73 -6.86 68.44
CA PRO H 75 -37.70 -7.76 68.98
C PRO H 75 -36.77 -8.20 67.85
N ALA H 76 -35.50 -7.80 67.94
CA ALA H 76 -34.53 -8.08 66.88
C ALA H 76 -33.59 -9.24 67.23
N LEU H 77 -32.99 -9.22 68.42
CA LEU H 77 -32.04 -10.26 68.80
C LEU H 77 -32.72 -11.62 68.88
N THR H 78 -33.89 -11.69 69.51
CA THR H 78 -34.58 -12.96 69.68
C THR H 78 -35.00 -13.54 68.34
N VAL H 79 -35.61 -12.73 67.48
CA VAL H 79 -36.06 -13.24 66.19
C VAL H 79 -34.86 -13.60 65.32
N ALA H 80 -33.75 -12.86 65.44
CA ALA H 80 -32.56 -13.18 64.65
C ALA H 80 -31.97 -14.51 65.08
N LEU H 81 -31.86 -14.74 66.38
CA LEU H 81 -31.39 -16.04 66.88
C LEU H 81 -32.31 -17.16 66.41
N ALA H 82 -33.62 -16.98 66.60
CA ALA H 82 -34.58 -18.00 66.22
C ALA H 82 -34.49 -18.32 64.72
N PHE H 83 -34.33 -17.28 63.89
CA PHE H 83 -34.33 -17.51 62.45
C PHE H 83 -33.01 -18.08 61.95
N VAL H 84 -31.88 -17.72 62.55
CA VAL H 84 -30.63 -18.36 62.13
C VAL H 84 -30.60 -19.82 62.57
N LEU H 85 -31.13 -20.11 63.77
CA LEU H 85 -31.24 -21.50 64.20
C LEU H 85 -32.20 -22.27 63.30
N ALA H 86 -33.30 -21.64 62.88
CA ALA H 86 -34.22 -22.28 61.96
C ALA H 86 -33.59 -22.52 60.59
N TYR H 87 -32.74 -21.59 60.15
CA TYR H 87 -32.03 -21.76 58.87
C TYR H 87 -31.09 -22.96 58.93
N ALA H 88 -30.30 -23.05 59.99
CA ALA H 88 -29.41 -24.19 60.15
C ALA H 88 -30.19 -25.50 60.27
N LEU H 89 -31.25 -25.50 61.09
CA LEU H 89 -32.07 -26.68 61.24
C LEU H 89 -32.74 -27.07 59.92
N GLY H 90 -33.08 -26.08 59.10
CA GLY H 90 -33.69 -26.40 57.81
C GLY H 90 -32.69 -27.00 56.84
N ARG H 91 -31.45 -26.51 56.84
CA ARG H 91 -30.41 -27.14 56.05
C ARG H 91 -30.21 -28.59 56.48
N PHE H 92 -30.12 -28.82 57.80
CA PHE H 92 -29.95 -30.18 58.29
C PHE H 92 -31.15 -31.05 57.95
N SER H 93 -32.36 -30.51 58.05
CA SER H 93 -33.55 -31.29 57.75
C SER H 93 -33.65 -31.61 56.27
N GLY H 94 -33.21 -30.69 55.41
CA GLY H 94 -33.18 -30.99 53.99
C GLY H 94 -32.23 -32.12 53.66
N VAL H 95 -31.02 -32.07 54.23
CA VAL H 95 -30.08 -33.16 53.99
C VAL H 95 -30.60 -34.46 54.58
N LEU H 96 -31.26 -34.39 55.73
CA LEU H 96 -31.84 -35.57 56.36
C LEU H 96 -32.92 -36.18 55.48
N PHE H 97 -33.80 -35.35 54.93
CA PHE H 97 -34.85 -35.83 54.04
C PHE H 97 -34.24 -36.44 52.78
N ASP H 98 -33.16 -35.84 52.27
CA ASP H 98 -32.48 -36.40 51.11
C ASP H 98 -31.94 -37.79 51.41
N ASN H 99 -31.21 -37.95 52.51
CA ASN H 99 -30.66 -39.26 52.83
C ASN H 99 -31.76 -40.28 53.14
N LEU H 100 -32.85 -39.84 53.76
CA LEU H 100 -33.95 -40.75 54.06
C LEU H 100 -34.63 -41.23 52.79
N ARG H 101 -34.84 -40.33 51.83
CA ARG H 101 -35.42 -40.75 50.55
C ARG H 101 -34.47 -41.64 49.77
N ASN H 102 -33.16 -41.39 49.86
CA ASN H 102 -32.19 -42.32 49.28
C ASN H 102 -32.38 -43.71 49.85
N ILE H 103 -32.38 -43.83 51.18
CA ILE H 103 -32.48 -45.13 51.82
C ILE H 103 -33.81 -45.80 51.48
N VAL H 104 -34.89 -45.02 51.43
CA VAL H 104 -36.21 -45.59 51.17
C VAL H 104 -36.31 -46.10 49.73
N PHE H 105 -35.80 -45.33 48.77
CA PHE H 105 -35.97 -45.73 47.37
C PHE H 105 -34.97 -46.80 46.95
N GLU H 106 -33.80 -46.88 47.59
CA GLU H 106 -32.76 -47.81 47.18
C GLU H 106 -33.31 -49.23 47.03
N ARG H 107 -34.18 -49.65 47.95
CA ARG H 107 -34.74 -50.99 47.88
C ARG H 107 -35.56 -51.18 46.61
N VAL H 108 -36.44 -50.21 46.30
CA VAL H 108 -37.29 -50.32 45.12
C VAL H 108 -36.42 -50.34 43.86
N GLY H 109 -35.43 -49.46 43.79
CA GLY H 109 -34.56 -49.42 42.62
C GLY H 109 -33.81 -50.72 42.42
N GLN H 110 -33.20 -51.23 43.50
CA GLN H 110 -32.44 -52.47 43.40
C GLN H 110 -33.34 -53.63 43.01
N ASP H 111 -34.54 -53.72 43.60
CA ASP H 111 -35.43 -54.83 43.29
C ASP H 111 -35.92 -54.77 41.85
N ALA H 112 -36.27 -53.57 41.36
CA ALA H 112 -36.72 -53.43 39.98
C ALA H 112 -35.61 -53.82 39.00
N THR H 113 -34.40 -53.29 39.23
CA THR H 113 -33.30 -53.62 38.33
C THR H 113 -32.94 -55.10 38.40
N ARG H 114 -33.04 -55.70 39.58
CA ARG H 114 -32.74 -57.13 39.71
C ARG H 114 -33.78 -57.98 38.99
N HIS H 115 -35.06 -57.61 39.10
CA HIS H 115 -36.09 -58.34 38.36
C HIS H 115 -35.88 -58.21 36.85
N LEU H 116 -35.53 -57.00 36.40
CA LEU H 116 -35.25 -56.80 34.98
C LEU H 116 -34.07 -57.66 34.53
N ALA H 117 -33.00 -57.69 35.33
CA ALA H 117 -31.84 -58.49 34.98
C ALA H 117 -32.16 -59.98 34.93
N GLU H 118 -32.98 -60.45 35.87
CA GLU H 118 -33.36 -61.87 35.87
C GLU H 118 -34.20 -62.20 34.66
N ASN H 119 -35.16 -61.33 34.31
CA ASN H 119 -35.94 -61.56 33.09
C ASN H 119 -35.05 -61.59 31.85
N VAL H 120 -34.09 -60.66 31.77
CA VAL H 120 -33.16 -60.64 30.64
C VAL H 120 -32.38 -61.95 30.58
N PHE H 121 -31.86 -62.41 31.72
CA PHE H 121 -31.08 -63.64 31.76
C PHE H 121 -31.90 -64.84 31.30
N ALA H 122 -33.16 -64.92 31.77
CA ALA H 122 -34.04 -66.00 31.33
C ALA H 122 -34.26 -65.95 29.82
N ARG H 123 -34.55 -64.75 29.29
CA ARG H 123 -34.75 -64.63 27.84
C ARG H 123 -33.49 -64.98 27.08
N LEU H 124 -32.32 -64.69 27.65
CA LEU H 124 -31.06 -65.05 27.03
C LEU H 124 -30.91 -66.56 26.98
N HIS H 125 -31.32 -67.25 28.04
CA HIS H 125 -31.34 -68.71 28.02
C HIS H 125 -32.36 -69.24 27.02
N LYS H 126 -33.40 -68.47 26.72
CA LYS H 126 -34.46 -68.96 25.84
C LYS H 126 -34.03 -69.03 24.38
N LEU H 127 -33.09 -68.19 23.96
CA LEU H 127 -32.81 -68.04 22.54
C LEU H 127 -32.12 -69.28 21.98
N SER H 128 -31.98 -69.29 20.65
CA SER H 128 -31.42 -70.41 19.91
C SER H 128 -29.91 -70.25 19.75
N LEU H 129 -29.28 -71.31 19.22
CA LEU H 129 -27.83 -71.29 19.01
C LEU H 129 -27.44 -70.34 17.89
N ARG H 130 -28.34 -70.09 16.94
CA ARG H 130 -28.05 -69.11 15.89
C ARG H 130 -27.80 -67.72 16.46
N PHE H 131 -28.48 -67.39 17.57
CA PHE H 131 -28.22 -66.13 18.26
C PHE H 131 -26.93 -66.16 19.06
N HIS H 132 -26.44 -67.35 19.41
CA HIS H 132 -25.12 -67.50 20.01
C HIS H 132 -24.01 -67.57 18.99
N LEU H 133 -24.34 -67.67 17.70
CA LEU H 133 -23.33 -67.67 16.66
C LEU H 133 -22.51 -66.38 16.65
N ALA H 134 -23.02 -65.31 17.26
CA ALA H 134 -22.28 -64.08 17.44
C ALA H 134 -21.69 -64.03 18.84
N ARG H 135 -20.62 -63.25 18.99
CA ARG H 135 -19.91 -63.16 20.26
C ARG H 135 -20.79 -62.47 21.30
N ARG H 136 -21.08 -63.18 22.39
CA ARG H 136 -21.89 -62.66 23.48
C ARG H 136 -21.06 -62.18 24.67
N THR H 137 -19.77 -62.51 24.69
CA THR H 137 -18.91 -62.14 25.82
C THR H 137 -18.95 -60.63 26.09
N GLY H 138 -18.66 -59.84 25.05
CA GLY H 138 -18.61 -58.39 25.24
C GLY H 138 -19.93 -57.80 25.67
N GLU H 139 -21.03 -58.32 25.12
CA GLU H 139 -22.35 -57.78 25.44
C GLU H 139 -22.67 -57.97 26.92
N VAL H 140 -22.49 -59.17 27.45
CA VAL H 140 -22.80 -59.42 28.85
C VAL H 140 -21.80 -58.69 29.75
N THR H 141 -20.52 -58.70 29.39
CA THR H 141 -19.53 -57.99 30.18
C THR H 141 -19.87 -56.50 30.27
N LYS H 142 -20.32 -55.91 29.16
CA LYS H 142 -20.69 -54.50 29.16
C LYS H 142 -21.97 -54.26 29.94
N VAL H 143 -22.96 -55.14 29.81
CA VAL H 143 -24.25 -54.93 30.47
C VAL H 143 -24.11 -55.07 31.99
N ILE H 144 -23.30 -56.01 32.46
CA ILE H 144 -23.16 -56.18 33.90
C ILE H 144 -22.27 -55.11 34.49
N GLU H 145 -21.12 -54.84 33.86
CA GLU H 145 -20.24 -53.78 34.35
C GLU H 145 -20.89 -52.42 34.26
N ARG H 146 -21.43 -52.08 33.08
CA ARG H 146 -21.97 -50.76 32.83
C ARG H 146 -23.50 -50.71 32.91
N GLY H 147 -24.18 -51.66 32.24
CA GLY H 147 -25.61 -51.49 32.01
C GLY H 147 -26.44 -51.56 33.27
N THR H 148 -26.08 -52.44 34.21
CA THR H 148 -26.76 -52.45 35.50
C THR H 148 -26.50 -51.15 36.24
N LYS H 149 -25.22 -50.77 36.34
CA LYS H 149 -24.85 -49.48 36.90
C LYS H 149 -25.45 -48.34 36.09
N SER H 150 -25.55 -48.50 34.76
CA SER H 150 -26.13 -47.44 33.93
C SER H 150 -27.60 -47.21 34.27
N ILE H 151 -28.37 -48.29 34.42
CA ILE H 151 -29.78 -48.15 34.74
C ILE H 151 -29.95 -47.62 36.16
N ASP H 152 -29.15 -48.11 37.11
CA ASP H 152 -29.20 -47.58 38.47
C ASP H 152 -28.90 -46.09 38.49
N THR H 153 -27.83 -45.68 37.81
CA THR H 153 -27.44 -44.28 37.79
C THR H 153 -28.48 -43.42 37.08
N MET H 154 -29.06 -43.92 36.00
CA MET H 154 -30.05 -43.12 35.27
C MET H 154 -31.32 -42.97 36.09
N LEU H 155 -31.75 -44.01 36.79
CA LEU H 155 -32.93 -43.90 37.65
C LEU H 155 -32.68 -42.96 38.82
N TYR H 156 -31.52 -43.10 39.46
CA TYR H 156 -31.16 -42.21 40.56
C TYR H 156 -31.11 -40.75 40.09
N PHE H 157 -30.42 -40.50 38.97
CA PHE H 157 -30.28 -39.14 38.49
C PHE H 157 -31.61 -38.58 38.02
N LEU H 158 -32.46 -39.40 37.41
CA LEU H 158 -33.81 -38.96 37.08
C LEU H 158 -34.53 -38.49 38.35
N LEU H 159 -34.75 -39.40 39.30
CA LEU H 159 -35.58 -39.08 40.44
C LEU H 159 -34.98 -38.03 41.37
N PHE H 160 -33.65 -37.83 41.33
CA PHE H 160 -33.02 -36.90 42.25
C PHE H 160 -32.45 -35.66 41.58
N ASN H 161 -32.58 -35.55 40.25
CA ASN H 161 -32.19 -34.36 39.52
C ASN H 161 -33.36 -33.75 38.76
N ILE H 162 -34.03 -34.53 37.91
CA ILE H 162 -35.04 -33.97 37.02
C ILE H 162 -36.23 -33.45 37.82
N ALA H 163 -36.79 -34.31 38.69
CA ALA H 163 -37.91 -33.87 39.52
C ALA H 163 -37.50 -32.78 40.51
N PRO H 164 -36.41 -32.90 41.28
CA PRO H 164 -36.07 -31.81 42.20
C PRO H 164 -35.73 -30.52 41.48
N THR H 165 -35.01 -30.58 40.36
CA THR H 165 -34.69 -29.35 39.64
C THR H 165 -35.94 -28.70 39.07
N VAL H 166 -36.88 -29.51 38.55
CA VAL H 166 -38.12 -28.95 38.04
C VAL H 166 -38.92 -28.30 39.16
N ILE H 167 -39.02 -28.97 40.31
CA ILE H 167 -39.76 -28.42 41.44
C ILE H 167 -39.13 -27.10 41.89
N GLU H 168 -37.81 -27.10 42.06
CA GLU H 168 -37.14 -25.89 42.54
C GLU H 168 -37.21 -24.77 41.51
N LEU H 169 -37.13 -25.11 40.23
CA LEU H 169 -37.20 -24.09 39.18
C LEU H 169 -38.59 -23.46 39.14
N THR H 170 -39.64 -24.28 39.21
CA THR H 170 -40.99 -23.74 39.25
C THR H 170 -41.20 -22.88 40.50
N ALA H 171 -40.67 -23.33 41.63
CA ALA H 171 -40.81 -22.56 42.87
C ALA H 171 -40.09 -21.23 42.77
N VAL H 172 -38.88 -21.22 42.20
CA VAL H 172 -38.13 -19.98 42.07
C VAL H 172 -38.83 -19.03 41.10
N ILE H 173 -39.39 -19.57 40.01
CA ILE H 173 -40.13 -18.74 39.07
C ILE H 173 -41.35 -18.12 39.75
N VAL H 174 -42.10 -18.92 40.51
CA VAL H 174 -43.29 -18.41 41.18
C VAL H 174 -42.91 -17.33 42.20
N ILE H 175 -41.86 -17.59 42.99
CA ILE H 175 -41.47 -16.64 44.03
C ILE H 175 -40.97 -15.33 43.41
N PHE H 176 -40.12 -15.42 42.38
CA PHE H 176 -39.65 -14.22 41.70
C PHE H 176 -40.79 -13.46 41.04
N TRP H 177 -41.80 -14.17 40.55
CA TRP H 177 -42.96 -13.50 39.97
C TRP H 177 -43.75 -12.75 41.04
N LEU H 178 -44.07 -13.43 42.14
CA LEU H 178 -44.90 -12.82 43.18
C LEU H 178 -44.14 -11.75 43.97
N ASN H 179 -42.85 -11.94 44.18
CA ASN H 179 -42.07 -11.07 45.07
C ASN H 179 -41.15 -10.10 44.34
N PHE H 180 -41.01 -10.23 43.02
CA PHE H 180 -40.11 -9.36 42.26
C PHE H 180 -40.74 -9.08 40.90
N GLY H 181 -40.04 -8.27 40.10
CA GLY H 181 -40.50 -7.97 38.76
C GLY H 181 -40.43 -9.17 37.84
N LEU H 182 -41.08 -9.04 36.68
CA LEU H 182 -41.08 -10.09 35.69
C LEU H 182 -39.78 -10.16 34.89
N GLY H 183 -39.04 -9.05 34.83
CA GLY H 183 -37.75 -9.08 34.16
C GLY H 183 -36.78 -10.06 34.79
N LEU H 184 -36.83 -10.16 36.13
CA LEU H 184 -35.99 -11.13 36.82
C LEU H 184 -36.37 -12.56 36.45
N VAL H 185 -37.68 -12.83 36.35
CA VAL H 185 -38.14 -14.15 35.95
C VAL H 185 -37.65 -14.48 34.54
N THR H 186 -37.80 -13.53 33.62
CA THR H 186 -37.36 -13.75 32.24
C THR H 186 -35.84 -13.96 32.18
N ALA H 187 -35.09 -13.20 32.98
CA ALA H 187 -33.63 -13.33 32.98
C ALA H 187 -33.22 -14.71 33.50
N THR H 188 -33.82 -15.16 34.60
CA THR H 188 -33.48 -16.47 35.14
C THR H 188 -33.89 -17.59 34.17
N ILE H 189 -35.03 -17.44 33.51
CA ILE H 189 -35.47 -18.47 32.56
C ILE H 189 -34.53 -18.53 31.36
N LEU H 190 -34.14 -17.37 30.82
CA LEU H 190 -33.21 -17.37 29.70
C LEU H 190 -31.85 -17.91 30.11
N ALA H 191 -31.42 -17.63 31.35
CA ALA H 191 -30.16 -18.17 31.83
C ALA H 191 -30.22 -19.69 31.94
N VAL H 192 -31.33 -20.23 32.45
CA VAL H 192 -31.47 -21.68 32.55
C VAL H 192 -31.50 -22.30 31.15
N ILE H 193 -32.17 -21.64 30.20
CA ILE H 193 -32.25 -22.17 28.85
C ILE H 193 -30.87 -22.20 28.20
N ALA H 194 -30.12 -21.10 28.33
CA ALA H 194 -28.77 -21.07 27.77
C ALA H 194 -27.86 -22.08 28.44
N TYR H 195 -28.00 -22.24 29.76
CA TYR H 195 -27.22 -23.25 30.49
C TYR H 195 -27.49 -24.64 29.94
N VAL H 196 -28.77 -25.00 29.81
CA VAL H 196 -29.12 -26.34 29.33
C VAL H 196 -28.64 -26.55 27.90
N TRP H 197 -28.81 -25.54 27.04
CA TRP H 197 -28.42 -25.68 25.64
C TRP H 197 -26.92 -25.85 25.50
N THR H 198 -26.14 -25.00 26.19
CA THR H 198 -24.69 -25.11 26.14
C THR H 198 -24.22 -26.44 26.71
N THR H 199 -24.81 -26.86 27.85
CA THR H 199 -24.46 -28.15 28.44
C THR H 199 -24.72 -29.28 27.47
N ARG H 200 -25.84 -29.24 26.75
CA ARG H 200 -26.18 -30.30 25.80
C ARG H 200 -25.21 -30.33 24.63
N THR H 201 -24.93 -29.15 24.04
CA THR H 201 -24.05 -29.09 22.89
C THR H 201 -22.63 -29.54 23.24
N ILE H 202 -22.15 -29.17 24.42
CA ILE H 202 -20.81 -29.62 24.82
C ILE H 202 -20.83 -31.08 25.24
N THR H 203 -21.93 -31.56 25.82
CA THR H 203 -21.99 -32.93 26.31
C THR H 203 -22.05 -33.92 25.17
N GLU H 204 -22.61 -33.55 24.03
CA GLU H 204 -22.57 -34.44 22.86
C GLU H 204 -21.12 -34.77 22.48
N TRP H 205 -20.30 -33.73 22.28
CA TRP H 205 -18.90 -33.93 21.93
C TRP H 205 -18.14 -34.62 23.05
N ARG H 206 -18.45 -34.28 24.31
CA ARG H 206 -17.78 -34.92 25.43
C ARG H 206 -18.11 -36.41 25.48
N THR H 207 -19.35 -36.78 25.15
CA THR H 207 -19.73 -38.18 25.15
C THR H 207 -19.06 -38.94 24.01
N HIS H 208 -18.94 -38.30 22.84
CA HIS H 208 -18.17 -38.91 21.76
C HIS H 208 -16.73 -39.18 22.19
N LEU H 209 -16.08 -38.18 22.79
CA LEU H 209 -14.71 -38.36 23.25
C LEU H 209 -14.62 -39.43 24.33
N ARG H 210 -15.61 -39.49 25.23
CA ARG H 210 -15.59 -40.50 26.29
C ARG H 210 -15.75 -41.90 25.73
N GLU H 211 -16.61 -42.07 24.73
CA GLU H 211 -16.77 -43.38 24.11
C GLU H 211 -15.48 -43.81 23.41
N LYS H 212 -14.83 -42.90 22.70
CA LYS H 212 -13.57 -43.24 22.05
C LYS H 212 -12.50 -43.59 23.08
N MET H 213 -12.43 -42.82 24.17
CA MET H 213 -11.47 -43.10 25.23
C MET H 213 -11.72 -44.45 25.88
N ASN H 214 -13.00 -44.80 26.09
CA ASN H 214 -13.32 -46.09 26.68
C ASN H 214 -12.97 -47.22 25.74
N ARG H 215 -13.17 -47.02 24.43
CA ARG H 215 -12.74 -48.03 23.46
C ARG H 215 -11.24 -48.24 23.53
N LEU H 216 -10.47 -47.15 23.58
CA LEU H 216 -9.02 -47.27 23.65
C LEU H 216 -8.57 -47.95 24.94
N ASP H 217 -9.21 -47.60 26.07
CA ASP H 217 -8.85 -48.21 27.35
C ASP H 217 -9.17 -49.69 27.36
N GLY H 218 -10.33 -50.08 26.83
CA GLY H 218 -10.67 -51.49 26.73
C GLY H 218 -9.70 -52.25 25.84
N GLN H 219 -9.29 -51.65 24.73
CA GLN H 219 -8.32 -52.29 23.86
C GLN H 219 -6.99 -52.48 24.59
N ALA H 220 -6.54 -51.47 25.34
CA ALA H 220 -5.28 -51.58 26.08
C ALA H 220 -5.37 -52.68 27.13
N LEU H 221 -6.47 -52.70 27.89
CA LEU H 221 -6.64 -53.70 28.94
C LEU H 221 -6.68 -55.10 28.35
N ALA H 222 -7.43 -55.29 27.27
CA ALA H 222 -7.51 -56.60 26.63
C ALA H 222 -6.15 -57.02 26.09
N ARG H 223 -5.40 -56.08 25.51
CA ARG H 223 -4.07 -56.40 25.00
C ARG H 223 -3.17 -56.87 26.13
N ALA H 224 -3.20 -56.17 27.26
CA ALA H 224 -2.35 -56.56 28.40
C ALA H 224 -2.74 -57.93 28.92
N VAL H 225 -4.04 -58.18 29.10
CA VAL H 225 -4.49 -59.46 29.63
C VAL H 225 -4.12 -60.59 28.67
N ASP H 226 -4.27 -60.35 27.37
CA ASP H 226 -3.94 -61.39 26.39
C ASP H 226 -2.44 -61.65 26.35
N SER H 227 -1.63 -60.59 26.50
CA SER H 227 -0.19 -60.77 26.54
C SER H 227 0.23 -61.60 27.75
N LEU H 228 -0.33 -61.30 28.92
CA LEU H 228 0.09 -62.00 30.13
C LEU H 228 -0.47 -63.41 30.23
N LEU H 229 -1.66 -63.66 29.68
CA LEU H 229 -2.19 -65.02 29.68
C LEU H 229 -1.46 -65.94 28.70
N ASN H 230 -0.72 -65.38 27.76
CA ASN H 230 0.09 -66.15 26.82
C ASN H 230 1.58 -65.95 27.06
N TYR H 231 1.98 -65.94 28.33
CA TYR H 231 3.39 -65.71 28.68
C TYR H 231 4.32 -66.71 28.01
N GLU H 232 3.91 -67.99 27.98
CA GLU H 232 4.75 -69.01 27.37
C GLU H 232 4.99 -68.74 25.89
N THR H 233 3.92 -68.37 25.16
CA THR H 233 4.06 -68.08 23.75
C THR H 233 4.93 -66.85 23.50
N VAL H 234 4.77 -65.82 24.34
CA VAL H 234 5.59 -64.61 24.20
C VAL H 234 7.06 -64.94 24.45
N LYS H 235 7.34 -65.82 25.41
CA LYS H 235 8.72 -66.21 25.68
C LYS H 235 9.28 -67.06 24.54
N TYR H 236 8.45 -67.92 23.95
CA TYR H 236 8.94 -68.84 22.92
C TYR H 236 9.49 -68.10 21.70
N PHE H 237 8.93 -66.94 21.37
CA PHE H 237 9.32 -66.21 20.17
C PHE H 237 10.04 -64.91 20.46
N GLY H 238 10.48 -64.69 21.70
CA GLY H 238 11.20 -63.49 22.05
C GLY H 238 10.46 -62.19 21.77
N ALA H 239 9.16 -62.17 22.05
CA ALA H 239 8.30 -61.04 21.72
C ALA H 239 8.07 -60.11 22.92
N GLU H 240 9.01 -60.11 23.88
CA GLU H 240 8.84 -59.25 25.06
C GLU H 240 8.86 -57.77 24.65
N SER H 241 9.81 -57.39 23.82
CA SER H 241 9.91 -55.99 23.41
C SER H 241 8.69 -55.55 22.62
N ARG H 242 8.19 -56.42 21.74
CA ARG H 242 7.01 -56.07 20.94
C ARG H 242 5.78 -55.90 21.82
N GLU H 243 5.61 -56.78 22.81
CA GLU H 243 4.48 -56.65 23.72
C GLU H 243 4.60 -55.40 24.57
N GLU H 244 5.81 -55.07 25.04
CA GLU H 244 6.02 -53.85 25.80
C GLU H 244 5.68 -52.62 24.98
N ALA H 245 6.13 -52.58 23.72
CA ALA H 245 5.82 -51.45 22.85
C ALA H 245 4.33 -51.36 22.57
N ARG H 246 3.67 -52.51 22.37
CA ARG H 246 2.23 -52.52 22.13
C ARG H 246 1.47 -51.94 23.32
N TYR H 247 1.80 -52.41 24.53
CA TYR H 247 1.14 -51.91 25.72
C TYR H 247 1.42 -50.43 25.93
N ALA H 248 2.65 -50.00 25.66
CA ALA H 248 3.00 -48.60 25.82
C ALA H 248 2.23 -47.71 24.85
N SER H 249 2.09 -48.16 23.59
CA SER H 249 1.32 -47.40 22.61
C SER H 249 -0.14 -47.31 22.99
N ALA H 250 -0.72 -48.43 23.45
CA ALA H 250 -2.12 -48.40 23.87
C ALA H 250 -2.32 -47.47 25.06
N ALA H 251 -1.40 -47.51 26.03
CA ALA H 251 -1.49 -46.62 27.18
C ALA H 251 -1.33 -45.16 26.78
N ARG H 252 -0.47 -44.89 25.78
CA ARG H 252 -0.29 -43.52 25.30
C ARG H 252 -1.56 -43.00 24.63
N ALA H 253 -2.20 -43.84 23.81
CA ALA H 253 -3.46 -43.44 23.19
C ALA H 253 -4.53 -43.17 24.27
N TYR H 254 -4.63 -44.06 25.25
CA TYR H 254 -5.56 -43.85 26.35
C TYR H 254 -5.27 -42.54 27.10
N ALA H 255 -4.00 -42.25 27.33
CA ALA H 255 -3.61 -41.03 28.05
C ALA H 255 -3.98 -39.79 27.25
N ASP H 256 -3.74 -39.80 25.94
CA ASP H 256 -4.10 -38.65 25.12
C ASP H 256 -5.61 -38.43 25.11
N ALA H 257 -6.38 -39.52 24.96
CA ALA H 257 -7.83 -39.40 25.00
C ALA H 257 -8.30 -38.86 26.34
N ALA H 258 -7.72 -39.33 27.44
CA ALA H 258 -8.11 -38.85 28.76
C ALA H 258 -7.80 -37.38 28.94
N VAL H 259 -6.64 -36.94 28.48
CA VAL H 259 -6.28 -35.52 28.59
C VAL H 259 -7.28 -34.67 27.80
N LYS H 260 -7.60 -35.09 26.58
CA LYS H 260 -8.57 -34.34 25.78
C LYS H 260 -9.93 -34.29 26.47
N SER H 261 -10.37 -35.41 27.05
CA SER H 261 -11.67 -35.45 27.71
C SER H 261 -11.70 -34.52 28.92
N GLU H 262 -10.64 -34.53 29.74
CA GLU H 262 -10.61 -33.65 30.90
C GLU H 262 -10.55 -32.18 30.49
N ASN H 263 -9.85 -31.87 29.40
CA ASN H 263 -9.83 -30.49 28.92
C ASN H 263 -11.22 -30.05 28.45
N SER H 264 -11.94 -30.94 27.76
CA SER H 264 -13.30 -30.61 27.35
C SER H 264 -14.21 -30.41 28.55
N LEU H 265 -14.04 -31.24 29.59
CA LEU H 265 -14.83 -31.07 30.81
C LEU H 265 -14.52 -29.72 31.47
N GLY H 266 -13.25 -29.33 31.49
CA GLY H 266 -12.90 -28.03 32.03
C GLY H 266 -13.52 -26.89 31.26
N LEU H 267 -13.54 -27.00 29.92
CA LEU H 267 -14.19 -25.97 29.10
C LEU H 267 -15.68 -25.89 29.40
N LEU H 268 -16.34 -27.05 29.54
CA LEU H 268 -17.75 -27.06 29.87
C LEU H 268 -18.02 -26.39 31.22
N ASN H 269 -17.20 -26.72 32.22
CA ASN H 269 -17.38 -26.10 33.54
C ASN H 269 -17.15 -24.59 33.48
N ILE H 270 -16.17 -24.16 32.69
CA ILE H 270 -15.91 -22.72 32.56
C ILE H 270 -17.11 -22.02 31.94
N ALA H 271 -17.69 -22.60 30.89
CA ALA H 271 -18.86 -22.00 30.25
C ALA H 271 -20.05 -21.95 31.21
N GLN H 272 -20.28 -23.05 31.94
CA GLN H 272 -21.38 -23.09 32.90
C GLN H 272 -21.22 -22.02 33.97
N ALA H 273 -20.02 -21.90 34.53
CA ALA H 273 -19.78 -20.89 35.56
C ALA H 273 -19.89 -19.48 35.00
N LEU H 274 -19.48 -19.28 33.74
CA LEU H 274 -19.64 -17.97 33.12
C LEU H 274 -21.11 -17.58 33.04
N ILE H 275 -21.95 -18.50 32.55
CA ILE H 275 -23.38 -18.22 32.48
C ILE H 275 -23.95 -17.95 33.87
N VAL H 276 -23.60 -18.80 34.84
CA VAL H 276 -24.14 -18.67 36.19
C VAL H 276 -23.77 -17.33 36.80
N ASN H 277 -22.50 -16.93 36.64
CA ASN H 277 -22.04 -15.69 37.26
C ASN H 277 -22.55 -14.45 36.53
N LEU H 278 -22.76 -14.53 35.21
CA LEU H 278 -23.42 -13.43 34.52
C LEU H 278 -24.85 -13.24 35.03
N LEU H 279 -25.58 -14.35 35.18
CA LEU H 279 -26.92 -14.25 35.75
C LEU H 279 -26.88 -13.70 37.17
N MET H 280 -25.88 -14.12 37.96
CA MET H 280 -25.75 -13.63 39.32
C MET H 280 -25.53 -12.13 39.36
N ALA H 281 -24.59 -11.64 38.54
CA ALA H 281 -24.32 -10.21 38.47
C ALA H 281 -25.57 -9.44 38.06
N GLY H 282 -26.26 -9.90 37.01
CA GLY H 282 -27.45 -9.21 36.56
C GLY H 282 -28.53 -9.16 37.63
N ALA H 283 -28.79 -10.30 38.29
CA ALA H 283 -29.83 -10.37 39.30
C ALA H 283 -29.49 -9.50 40.50
N MET H 284 -28.23 -9.53 40.95
CA MET H 284 -27.85 -8.72 42.11
C MET H 284 -27.91 -7.23 41.78
N ALA H 285 -27.49 -6.85 40.58
CA ALA H 285 -27.59 -5.45 40.18
C ALA H 285 -29.04 -4.99 40.13
N TRP H 286 -29.92 -5.81 39.53
CA TRP H 286 -31.33 -5.47 39.48
C TRP H 286 -31.93 -5.36 40.88
N THR H 287 -31.53 -6.26 41.77
CA THR H 287 -32.08 -6.26 43.13
C THR H 287 -31.62 -5.03 43.91
N VAL H 288 -30.34 -4.68 43.81
CA VAL H 288 -29.86 -3.51 44.55
C VAL H 288 -30.41 -2.22 43.93
N TYR H 289 -30.66 -2.22 42.62
CA TYR H 289 -31.29 -1.06 42.00
C TYR H 289 -32.72 -0.89 42.50
N GLY H 290 -33.48 -1.99 42.56
CA GLY H 290 -34.82 -1.92 43.13
C GLY H 290 -34.81 -1.54 44.60
N TRP H 291 -33.78 -1.97 45.34
CA TRP H 291 -33.64 -1.58 46.74
C TRP H 291 -33.37 -0.08 46.88
N SER H 292 -32.58 0.49 45.96
CA SER H 292 -32.31 1.92 46.02
C SER H 292 -33.59 2.74 45.87
N GLN H 293 -34.58 2.21 45.16
CA GLN H 293 -35.87 2.86 44.99
C GLN H 293 -36.87 2.50 46.08
N GLY H 294 -36.45 1.78 47.11
CA GLY H 294 -37.33 1.39 48.19
C GLY H 294 -38.30 0.28 47.86
N LYS H 295 -38.21 -0.32 46.67
CA LYS H 295 -39.10 -1.42 46.33
C LYS H 295 -38.71 -2.69 47.05
N LEU H 296 -37.42 -2.93 47.23
CA LEU H 296 -36.91 -4.16 47.82
C LEU H 296 -36.10 -3.85 49.07
N THR H 297 -36.14 -4.77 50.03
CA THR H 297 -35.32 -4.65 51.22
C THR H 297 -33.91 -5.16 50.95
N VAL H 298 -33.01 -4.95 51.92
CA VAL H 298 -31.65 -5.44 51.76
C VAL H 298 -31.59 -6.95 51.90
N GLY H 299 -32.54 -7.54 52.65
CA GLY H 299 -32.61 -8.99 52.75
C GLY H 299 -32.98 -9.67 51.46
N ASP H 300 -33.68 -8.98 50.56
CA ASP H 300 -34.02 -9.56 49.26
C ASP H 300 -32.79 -9.92 48.45
N LEU H 301 -31.70 -9.15 48.60
CA LEU H 301 -30.48 -9.44 47.87
C LEU H 301 -29.89 -10.78 48.30
N VAL H 302 -29.74 -10.98 49.61
CA VAL H 302 -29.20 -12.26 50.07
C VAL H 302 -30.18 -13.39 49.79
N PHE H 303 -31.49 -13.12 49.85
CA PHE H 303 -32.47 -14.14 49.50
C PHE H 303 -32.30 -14.61 48.06
N VAL H 304 -32.23 -13.67 47.12
CA VAL H 304 -32.08 -14.03 45.71
C VAL H 304 -30.74 -14.71 45.47
N ASN H 305 -29.67 -14.22 46.12
CA ASN H 305 -28.36 -14.83 45.95
C ASN H 305 -28.36 -16.28 46.42
N THR H 306 -28.87 -16.53 47.63
CA THR H 306 -28.93 -17.89 48.15
C THR H 306 -29.81 -18.77 47.29
N TYR H 307 -30.94 -18.25 46.82
CA TYR H 307 -31.84 -19.04 45.97
C TYR H 307 -31.15 -19.44 44.67
N LEU H 308 -30.47 -18.49 44.02
CA LEU H 308 -29.80 -18.79 42.76
C LEU H 308 -28.64 -19.77 42.96
N THR H 309 -27.88 -19.60 44.04
CA THR H 309 -26.77 -20.52 44.31
C THR H 309 -27.28 -21.93 44.58
N GLN H 310 -28.32 -22.05 45.42
CA GLN H 310 -28.88 -23.37 45.70
C GLN H 310 -29.54 -23.97 44.47
N LEU H 311 -30.02 -23.14 43.55
CA LEU H 311 -30.61 -23.67 42.32
C LEU H 311 -29.55 -24.21 41.38
N PHE H 312 -28.46 -23.46 41.18
CA PHE H 312 -27.46 -23.83 40.19
C PHE H 312 -26.34 -24.70 40.73
N ARG H 313 -26.28 -24.95 42.04
CA ARG H 313 -25.25 -25.86 42.56
C ARG H 313 -25.50 -27.30 42.13
N PRO H 314 -26.71 -27.87 42.23
CA PRO H 314 -26.92 -29.22 41.71
C PRO H 314 -26.81 -29.32 40.20
N LEU H 315 -27.01 -28.22 39.48
CA LEU H 315 -26.95 -28.23 38.02
C LEU H 315 -25.53 -28.23 37.47
N ASP H 316 -24.51 -28.23 38.35
CA ASP H 316 -23.13 -28.30 37.87
C ASP H 316 -22.84 -29.65 37.22
N MET H 317 -23.49 -30.72 37.68
CA MET H 317 -23.32 -32.06 37.14
C MET H 317 -24.38 -32.39 36.10
N LEU H 318 -24.97 -31.38 35.46
CA LEU H 318 -26.06 -31.62 34.52
C LEU H 318 -25.59 -32.37 33.29
N GLY H 319 -24.36 -32.11 32.83
CA GLY H 319 -23.83 -32.86 31.70
C GLY H 319 -23.69 -34.33 31.99
N MET H 320 -23.13 -34.66 33.17
CA MET H 320 -23.04 -36.06 33.57
C MET H 320 -24.41 -36.69 33.72
N VAL H 321 -25.37 -35.94 34.29
CA VAL H 321 -26.73 -36.46 34.44
C VAL H 321 -27.32 -36.79 33.08
N TYR H 322 -27.18 -35.87 32.12
CA TYR H 322 -27.74 -36.08 30.79
C TYR H 322 -27.09 -37.28 30.10
N ARG H 323 -25.76 -37.37 30.18
CA ARG H 323 -25.05 -38.48 29.55
C ARG H 323 -25.45 -39.81 30.16
N THR H 324 -25.55 -39.87 31.49
CA THR H 324 -25.93 -41.12 32.15
C THR H 324 -27.36 -41.50 31.83
N ILE H 325 -28.28 -40.53 31.77
CA ILE H 325 -29.67 -40.83 31.42
C ILE H 325 -29.75 -41.35 29.99
N ARG H 326 -29.02 -40.72 29.07
CA ARG H 326 -28.99 -41.20 27.68
C ARG H 326 -28.47 -42.63 27.61
N GLN H 327 -27.35 -42.91 28.28
CA GLN H 327 -26.76 -44.24 28.23
C GLN H 327 -27.69 -45.28 28.86
N GLY H 328 -28.35 -44.91 29.96
CA GLY H 328 -29.28 -45.84 30.59
C GLY H 328 -30.50 -46.11 29.72
N LEU H 329 -31.01 -45.08 29.04
CA LEU H 329 -32.10 -45.30 28.10
C LEU H 329 -31.68 -46.24 26.97
N ILE H 330 -30.45 -46.05 26.46
CA ILE H 330 -29.96 -46.95 25.41
C ILE H 330 -29.89 -48.38 25.92
N ASP H 331 -29.34 -48.57 27.12
CA ASP H 331 -29.18 -49.92 27.65
C ASP H 331 -30.52 -50.58 27.95
N MET H 332 -31.48 -49.80 28.45
CA MET H 332 -32.79 -50.38 28.74
C MET H 332 -33.57 -50.68 27.47
N ALA H 333 -33.42 -49.85 26.43
CA ALA H 333 -33.98 -50.19 25.13
C ALA H 333 -33.37 -51.47 24.59
N GLU H 334 -32.06 -51.65 24.79
CA GLU H 334 -31.42 -52.89 24.37
C GLU H 334 -31.97 -54.09 25.13
N MET H 335 -32.18 -53.93 26.45
CA MET H 335 -32.74 -55.02 27.25
C MET H 335 -34.14 -55.37 26.77
N PHE H 336 -34.97 -54.37 26.50
CA PHE H 336 -36.32 -54.63 26.01
C PHE H 336 -36.30 -55.25 24.62
N ARG H 337 -35.33 -54.88 23.78
CA ARG H 337 -35.19 -55.53 22.48
C ARG H 337 -34.83 -57.00 22.65
N LEU H 338 -33.93 -57.31 23.59
CA LEU H 338 -33.58 -58.70 23.85
C LEU H 338 -34.79 -59.48 24.36
N ILE H 339 -35.59 -58.86 25.22
CA ILE H 339 -36.78 -59.53 25.73
C ILE H 339 -37.79 -59.77 24.62
N ASP H 340 -37.90 -58.82 23.68
CA ASP H 340 -38.88 -58.90 22.61
C ASP H 340 -38.49 -59.91 21.53
N THR H 341 -37.22 -60.30 21.46
CA THR H 341 -36.76 -61.23 20.43
C THR H 341 -37.50 -62.56 20.52
N HIS H 342 -37.96 -63.06 19.37
CA HIS H 342 -38.71 -64.30 19.32
C HIS H 342 -37.77 -65.50 19.37
N ILE H 343 -38.34 -66.64 19.77
CA ILE H 343 -37.60 -67.89 19.92
C ILE H 343 -37.77 -68.71 18.64
N GLU H 344 -36.65 -69.09 18.04
CA GLU H 344 -36.68 -69.86 16.79
C GLU H 344 -37.20 -71.27 17.03
N VAL H 345 -36.63 -71.97 18.02
CA VAL H 345 -37.01 -73.35 18.31
C VAL H 345 -38.29 -73.34 19.15
N ALA H 346 -39.37 -73.89 18.59
CA ALA H 346 -40.67 -73.85 19.23
C ALA H 346 -41.17 -75.24 19.56
N ASP H 347 -41.89 -75.34 20.68
CA ASP H 347 -42.54 -76.57 21.11
C ASP H 347 -43.98 -76.64 20.61
N VAL H 348 -44.46 -77.88 20.44
CA VAL H 348 -45.82 -78.13 19.97
C VAL H 348 -46.80 -77.82 21.10
N PRO H 349 -48.05 -77.46 20.79
CA PRO H 349 -49.00 -77.16 21.87
C PRO H 349 -49.36 -78.41 22.66
N ASN H 350 -49.43 -78.25 23.99
CA ASN H 350 -49.81 -79.32 24.90
C ASN H 350 -48.89 -80.53 24.75
N ALA H 351 -47.59 -80.26 24.76
CA ALA H 351 -46.59 -81.30 24.63
C ALA H 351 -46.55 -82.19 25.87
N PRO H 352 -46.81 -83.50 25.75
CA PRO H 352 -46.78 -84.35 26.94
C PRO H 352 -45.40 -84.46 27.52
N ALA H 353 -44.38 -84.63 26.67
CA ALA H 353 -42.98 -84.43 27.02
C ALA H 353 -42.52 -85.38 28.11
N LEU H 354 -42.59 -86.68 27.82
CA LEU H 354 -42.10 -87.68 28.76
C LEU H 354 -41.50 -88.83 27.96
N VAL H 355 -40.22 -89.10 28.20
CA VAL H 355 -39.55 -90.23 27.56
C VAL H 355 -38.99 -91.10 28.68
N VAL H 356 -39.70 -92.17 29.01
CA VAL H 356 -39.33 -93.03 30.13
C VAL H 356 -39.00 -94.46 29.71
N ASN H 357 -39.48 -94.93 28.56
CA ASN H 357 -39.31 -96.32 28.16
C ASN H 357 -37.92 -96.52 27.55
N ARG H 358 -37.58 -97.79 27.32
CA ARG H 358 -36.27 -98.17 26.82
C ARG H 358 -35.98 -97.46 25.51
N PRO H 359 -34.84 -96.77 25.38
CA PRO H 359 -34.66 -95.81 24.27
C PRO H 359 -34.11 -96.40 22.98
N SER H 360 -34.78 -96.12 21.87
CA SER H 360 -34.29 -96.38 20.53
C SER H 360 -34.29 -95.07 19.74
N VAL H 361 -33.57 -95.05 18.63
CA VAL H 361 -33.41 -93.84 17.83
C VAL H 361 -33.78 -94.13 16.38
N THR H 362 -34.57 -93.25 15.78
CA THR H 362 -34.95 -93.37 14.38
C THR H 362 -34.83 -92.02 13.70
N PHE H 363 -34.13 -91.97 12.57
CA PHE H 363 -34.08 -90.81 11.70
C PHE H 363 -34.85 -91.14 10.43
N ASP H 364 -35.93 -90.39 10.16
CA ASP H 364 -36.83 -90.69 9.06
C ASP H 364 -36.78 -89.53 8.06
N ASN H 365 -35.96 -89.70 7.02
CA ASN H 365 -35.89 -88.76 5.90
C ASN H 365 -35.59 -87.34 6.37
N VAL H 366 -34.60 -87.22 7.25
CA VAL H 366 -34.30 -85.93 7.86
C VAL H 366 -33.62 -85.04 6.83
N VAL H 367 -34.28 -83.93 6.50
CA VAL H 367 -33.73 -82.90 5.61
C VAL H 367 -33.52 -81.64 6.42
N PHE H 368 -32.32 -81.09 6.36
CA PHE H 368 -31.99 -79.93 7.18
C PHE H 368 -30.83 -79.17 6.53
N GLY H 369 -30.85 -77.85 6.70
CA GLY H 369 -29.75 -77.02 6.28
C GLY H 369 -29.70 -75.75 7.09
N TYR H 370 -28.50 -75.21 7.27
CA TYR H 370 -28.33 -73.99 8.06
C TYR H 370 -28.90 -72.78 7.32
N ASP H 371 -28.78 -72.74 6.00
CA ASP H 371 -29.31 -71.66 5.20
C ASP H 371 -30.24 -72.21 4.11
N ARG H 372 -31.21 -71.39 3.71
CA ARG H 372 -32.20 -71.82 2.74
C ARG H 372 -31.61 -72.06 1.35
N ASP H 373 -30.42 -71.53 1.07
CA ASP H 373 -29.79 -71.69 -0.22
C ASP H 373 -28.78 -72.83 -0.28
N ARG H 374 -28.51 -73.50 0.84
CA ARG H 374 -27.53 -74.59 0.89
C ARG H 374 -28.09 -75.71 1.75
N GLU H 375 -28.67 -76.73 1.12
CA GLU H 375 -29.17 -77.90 1.82
C GLU H 375 -28.02 -78.88 2.04
N ILE H 376 -27.91 -79.39 3.27
CA ILE H 376 -26.79 -80.24 3.65
C ILE H 376 -27.22 -81.70 3.73
N LEU H 377 -28.22 -81.97 4.57
CA LEU H 377 -28.74 -83.33 4.72
C LEU H 377 -29.87 -83.55 3.73
N HIS H 378 -29.80 -84.66 2.99
CA HIS H 378 -30.75 -84.97 1.93
C HIS H 378 -31.45 -86.29 2.25
N GLY H 379 -32.54 -86.21 3.00
CA GLY H 379 -33.36 -87.37 3.32
C GLY H 379 -32.62 -88.51 3.99
N LEU H 380 -31.90 -88.21 5.06
CA LEU H 380 -31.13 -89.22 5.77
C LEU H 380 -32.03 -90.03 6.69
N SER H 381 -32.03 -91.35 6.53
CA SER H 381 -32.85 -92.25 7.33
C SER H 381 -31.98 -93.39 7.86
N PHE H 382 -32.11 -93.67 9.15
CA PHE H 382 -31.40 -94.80 9.74
C PHE H 382 -32.06 -95.15 11.06
N GLU H 383 -31.73 -96.34 11.57
CA GLU H 383 -32.31 -96.86 12.80
C GLU H 383 -31.19 -97.30 13.74
N VAL H 384 -31.16 -96.74 14.94
CA VAL H 384 -30.23 -97.15 15.99
C VAL H 384 -31.06 -97.89 17.04
N ALA H 385 -30.85 -99.20 17.11
CA ALA H 385 -31.65 -100.06 17.97
C ALA H 385 -31.34 -99.80 19.45
N ALA H 386 -32.32 -100.14 20.29
CA ALA H 386 -32.18 -99.93 21.72
C ALA H 386 -31.11 -100.85 22.30
N GLY H 387 -30.21 -100.26 23.10
CA GLY H 387 -29.18 -101.03 23.77
C GLY H 387 -27.98 -101.40 22.92
N SER H 388 -28.00 -101.11 21.63
CA SER H 388 -26.90 -101.46 20.75
C SER H 388 -25.81 -100.39 20.78
N ARG H 389 -24.58 -100.82 20.49
CA ARG H 389 -23.44 -99.93 20.42
C ARG H 389 -23.13 -99.68 18.94
N VAL H 390 -23.43 -98.48 18.46
CA VAL H 390 -23.32 -98.15 17.05
C VAL H 390 -22.26 -97.07 16.87
N ALA H 391 -21.75 -96.97 15.65
CA ALA H 391 -20.77 -95.96 15.28
C ALA H 391 -21.29 -95.14 14.11
N ILE H 392 -20.87 -93.88 14.04
CA ILE H 392 -21.21 -92.99 12.95
C ILE H 392 -19.91 -92.41 12.40
N VAL H 393 -19.60 -92.72 11.14
CA VAL H 393 -18.34 -92.30 10.53
C VAL H 393 -18.62 -91.61 9.20
N GLY H 394 -17.64 -90.84 8.76
CA GLY H 394 -17.72 -90.14 7.49
C GLY H 394 -16.51 -89.25 7.29
N PRO H 395 -16.36 -88.70 6.07
CA PRO H 395 -15.27 -87.75 5.83
C PRO H 395 -15.47 -86.44 6.56
N SER H 396 -14.56 -85.48 6.33
CA SER H 396 -14.60 -84.22 7.06
C SER H 396 -15.84 -83.40 6.77
N GLY H 397 -16.47 -83.59 5.61
CA GLY H 397 -17.63 -82.81 5.23
C GLY H 397 -18.93 -83.59 5.26
N ALA H 398 -18.95 -84.71 5.99
CA ALA H 398 -20.13 -85.58 6.00
C ALA H 398 -21.30 -84.92 6.71
N GLY H 399 -21.04 -84.16 7.77
CA GLY H 399 -22.11 -83.54 8.52
C GLY H 399 -22.68 -84.41 9.64
N LYS H 400 -21.87 -85.29 10.21
CA LYS H 400 -22.36 -86.23 11.22
C LYS H 400 -22.49 -85.61 12.60
N SER H 401 -21.78 -84.51 12.90
CA SER H 401 -22.00 -83.82 14.16
C SER H 401 -23.35 -83.11 14.16
N THR H 402 -23.85 -82.75 12.98
CA THR H 402 -25.20 -82.20 12.89
C THR H 402 -26.24 -83.22 13.36
N ILE H 403 -25.96 -84.51 13.19
CA ILE H 403 -26.86 -85.54 13.70
C ILE H 403 -26.94 -85.46 15.23
N ALA H 404 -25.77 -85.35 15.87
CA ALA H 404 -25.75 -85.23 17.33
C ALA H 404 -26.44 -83.95 17.80
N ARG H 405 -26.20 -82.83 17.09
CA ARG H 405 -26.84 -81.58 17.47
C ARG H 405 -28.35 -81.60 17.24
N LEU H 406 -28.82 -82.36 16.25
CA LEU H 406 -30.25 -82.49 16.01
C LEU H 406 -30.90 -83.42 17.01
N LEU H 407 -30.20 -84.46 17.47
CA LEU H 407 -30.77 -85.36 18.47
C LEU H 407 -31.10 -84.62 19.76
N PHE H 408 -30.31 -83.61 20.13
CA PHE H 408 -30.61 -82.75 21.26
C PHE H 408 -31.60 -81.64 20.91
N ARG H 409 -32.14 -81.65 19.69
CA ARG H 409 -33.11 -80.66 19.23
C ARG H 409 -32.58 -79.23 19.35
N PHE H 410 -31.30 -79.05 18.99
CA PHE H 410 -30.80 -77.69 18.82
C PHE H 410 -31.37 -77.04 17.57
N TYR H 411 -31.76 -77.84 16.58
CA TYR H 411 -32.42 -77.36 15.38
C TYR H 411 -33.51 -78.35 14.98
N ASP H 412 -34.45 -77.88 14.14
CA ASP H 412 -35.47 -78.76 13.62
C ASP H 412 -35.25 -79.01 12.13
N PRO H 413 -35.49 -80.24 11.66
CA PRO H 413 -35.30 -80.54 10.25
C PRO H 413 -36.35 -79.88 9.37
N TRP H 414 -35.94 -79.54 8.15
CA TRP H 414 -36.90 -79.04 7.16
C TRP H 414 -37.92 -80.11 6.82
N GLU H 415 -37.47 -81.35 6.60
CA GLU H 415 -38.34 -82.46 6.29
C GLU H 415 -37.88 -83.68 7.08
N GLY H 416 -38.78 -84.64 7.23
CA GLY H 416 -38.49 -85.83 8.01
C GLY H 416 -38.71 -85.61 9.49
N ARG H 417 -38.25 -86.57 10.28
CA ARG H 417 -38.47 -86.51 11.71
C ARG H 417 -37.42 -87.33 12.44
N ILE H 418 -37.30 -87.09 13.74
CA ILE H 418 -36.45 -87.85 14.64
C ILE H 418 -37.32 -88.41 15.75
N LEU H 419 -37.26 -89.72 15.95
CA LEU H 419 -38.07 -90.41 16.94
C LEU H 419 -37.19 -91.09 17.98
N ILE H 420 -37.57 -90.96 19.24
CA ILE H 420 -36.95 -91.70 20.34
C ILE H 420 -38.03 -92.57 20.95
N ASP H 421 -37.87 -93.89 20.84
CA ASP H 421 -38.89 -94.85 21.28
C ASP H 421 -40.24 -94.59 20.59
N GLY H 422 -40.19 -94.28 19.30
CA GLY H 422 -41.41 -94.03 18.57
C GLY H 422 -42.06 -92.69 18.85
N GLN H 423 -41.40 -91.83 19.60
CA GLN H 423 -41.93 -90.52 19.97
C GLN H 423 -41.12 -89.43 19.30
N ASP H 424 -41.79 -88.52 18.62
CA ASP H 424 -41.12 -87.44 17.93
C ASP H 424 -40.46 -86.52 18.95
N ILE H 425 -39.13 -86.34 18.83
CA ILE H 425 -38.42 -85.49 19.78
C ILE H 425 -38.81 -84.03 19.61
N ALA H 426 -39.41 -83.67 18.48
CA ALA H 426 -39.88 -82.31 18.27
C ALA H 426 -41.18 -82.02 19.03
N HIS H 427 -41.85 -83.04 19.54
CA HIS H 427 -43.10 -82.89 20.24
C HIS H 427 -42.95 -82.91 21.76
N VAL H 428 -41.71 -82.92 22.26
CA VAL H 428 -41.45 -83.01 23.69
C VAL H 428 -40.65 -81.78 24.11
N THR H 429 -40.65 -81.53 25.42
CA THR H 429 -39.88 -80.41 25.95
C THR H 429 -38.39 -80.69 25.84
N GLN H 430 -37.63 -79.60 25.68
CA GLN H 430 -36.19 -79.74 25.52
C GLN H 430 -35.55 -80.32 26.78
N THR H 431 -36.05 -79.92 27.95
CA THR H 431 -35.42 -80.32 29.21
C THR H 431 -35.48 -81.82 29.42
N SER H 432 -36.67 -82.42 29.25
CA SER H 432 -36.79 -83.86 29.45
C SER H 432 -36.03 -84.65 28.39
N LEU H 433 -36.12 -84.20 27.13
CA LEU H 433 -35.39 -84.86 26.06
C LEU H 433 -33.89 -84.87 26.32
N ARG H 434 -33.34 -83.71 26.68
CA ARG H 434 -31.92 -83.63 27.02
C ARG H 434 -31.59 -84.30 28.35
N ALA H 435 -32.59 -84.49 29.22
CA ALA H 435 -32.36 -85.30 30.41
C ALA H 435 -32.19 -86.77 30.05
N ALA H 436 -32.85 -87.20 28.98
CA ALA H 436 -32.69 -88.57 28.49
C ALA H 436 -31.44 -88.75 27.63
N LEU H 437 -30.69 -87.68 27.39
CA LEU H 437 -29.52 -87.71 26.52
C LEU H 437 -28.30 -87.13 27.24
N GLY H 438 -27.15 -87.78 27.07
CA GLY H 438 -25.89 -87.24 27.54
C GLY H 438 -24.92 -87.17 26.37
N ILE H 439 -24.08 -86.13 26.38
CA ILE H 439 -23.18 -85.87 25.27
C ILE H 439 -21.82 -85.42 25.79
N VAL H 440 -20.76 -85.95 25.19
CA VAL H 440 -19.41 -85.43 25.36
C VAL H 440 -19.02 -84.80 24.02
N PRO H 441 -19.13 -83.49 23.88
CA PRO H 441 -18.94 -82.85 22.58
C PRO H 441 -17.47 -82.79 22.18
N GLN H 442 -17.23 -82.31 20.95
CA GLN H 442 -15.88 -82.18 20.44
C GLN H 442 -15.09 -81.15 21.23
N ASP H 443 -15.63 -79.94 21.37
CA ASP H 443 -15.00 -78.86 22.12
C ASP H 443 -15.75 -78.70 23.43
N SER H 444 -15.20 -79.24 24.50
CA SER H 444 -15.81 -79.16 25.82
C SER H 444 -15.22 -78.00 26.61
N VAL H 445 -16.09 -77.17 27.19
CA VAL H 445 -15.68 -75.99 27.94
C VAL H 445 -15.98 -76.24 29.41
N LEU H 446 -15.09 -75.77 30.29
CA LEU H 446 -15.22 -75.97 31.72
C LEU H 446 -15.66 -74.68 32.40
N PHE H 447 -16.42 -74.82 33.47
CA PHE H 447 -16.85 -73.67 34.25
C PHE H 447 -15.69 -73.14 35.11
N ASN H 448 -15.82 -71.88 35.51
CA ASN H 448 -14.83 -71.24 36.38
C ASN H 448 -15.20 -71.57 37.83
N ASP H 449 -14.82 -72.78 38.23
CA ASP H 449 -15.14 -73.30 39.56
C ASP H 449 -14.22 -74.48 39.83
N THR H 450 -14.49 -75.19 40.91
CA THR H 450 -13.68 -76.35 41.26
C THR H 450 -13.97 -77.51 40.32
N ILE H 451 -13.00 -78.44 40.24
CA ILE H 451 -13.19 -79.62 39.40
C ILE H 451 -14.31 -80.49 39.95
N GLY H 452 -14.52 -80.47 41.28
CA GLY H 452 -15.65 -81.20 41.85
C GLY H 452 -16.98 -80.67 41.36
N TYR H 453 -17.11 -79.34 41.27
CA TYR H 453 -18.31 -78.74 40.71
C TYR H 453 -18.48 -79.12 39.24
N ASN H 454 -17.38 -79.12 38.48
CA ASN H 454 -17.46 -79.47 37.07
C ASN H 454 -17.91 -80.91 36.88
N ILE H 455 -17.49 -81.81 37.77
CA ILE H 455 -17.90 -83.20 37.66
C ILE H 455 -19.34 -83.39 38.15
N ALA H 456 -19.71 -82.74 39.25
CA ALA H 456 -21.06 -82.85 39.80
C ALA H 456 -22.11 -82.12 38.96
N TYR H 457 -21.70 -81.27 38.03
CA TYR H 457 -22.65 -80.56 37.18
C TYR H 457 -23.55 -81.50 36.39
N GLY H 458 -23.17 -82.78 36.27
CA GLY H 458 -23.97 -83.73 35.51
C GLY H 458 -25.35 -83.95 36.10
N ARG H 459 -25.48 -83.88 37.43
CA ARG H 459 -26.76 -84.09 38.09
C ARG H 459 -26.95 -83.04 39.17
N ASP H 460 -28.21 -82.68 39.42
CA ASP H 460 -28.52 -81.61 40.35
C ASP H 460 -28.10 -81.98 41.77
N GLY H 461 -28.55 -83.14 42.25
CA GLY H 461 -28.24 -83.57 43.61
C GLY H 461 -27.15 -84.63 43.64
N ALA H 462 -26.14 -84.46 42.80
CA ALA H 462 -25.07 -85.45 42.72
C ALA H 462 -24.31 -85.54 44.03
N SER H 463 -24.20 -86.75 44.56
CA SER H 463 -23.50 -86.99 45.82
C SER H 463 -22.00 -87.13 45.56
N ARG H 464 -21.23 -87.06 46.65
CA ARG H 464 -19.77 -87.19 46.54
C ARG H 464 -19.36 -88.61 46.13
N ALA H 465 -20.14 -89.62 46.53
CA ALA H 465 -19.84 -90.98 46.11
C ALA H 465 -19.98 -91.15 44.61
N GLU H 466 -21.03 -90.56 44.01
CA GLU H 466 -21.18 -90.61 42.56
C GLU H 466 -20.05 -89.87 41.87
N VAL H 467 -19.62 -88.74 42.42
CA VAL H 467 -18.51 -87.99 41.84
C VAL H 467 -17.23 -88.81 41.88
N ASP H 468 -16.97 -89.48 43.01
CA ASP H 468 -15.78 -90.31 43.11
C ASP H 468 -15.85 -91.48 42.13
N ALA H 469 -17.01 -92.12 42.00
CA ALA H 469 -17.14 -93.24 41.07
C ALA H 469 -16.94 -92.78 39.63
N ALA H 470 -17.47 -91.61 39.27
CA ALA H 470 -17.29 -91.10 37.92
C ALA H 470 -15.84 -90.72 37.66
N ALA H 471 -15.17 -90.10 38.65
CA ALA H 471 -13.76 -89.76 38.49
C ALA H 471 -12.90 -91.00 38.36
N LYS H 472 -13.27 -92.09 39.05
CA LYS H 472 -12.55 -93.35 38.88
C LYS H 472 -12.79 -93.94 37.50
N GLY H 473 -14.04 -93.91 37.03
CA GLY H 473 -14.34 -94.40 35.70
C GLY H 473 -13.69 -93.58 34.60
N ALA H 474 -13.55 -92.27 34.82
CA ALA H 474 -12.94 -91.38 33.84
C ALA H 474 -11.42 -91.44 33.85
N ALA H 475 -10.81 -92.29 34.70
CA ALA H 475 -9.36 -92.44 34.77
C ALA H 475 -8.66 -91.12 35.07
N ILE H 476 -9.29 -90.28 35.88
CA ILE H 476 -8.75 -88.98 36.27
C ILE H 476 -8.45 -88.88 37.74
N ALA H 477 -8.68 -89.94 38.51
CA ALA H 477 -8.48 -89.90 39.96
C ALA H 477 -7.03 -89.62 40.32
N ASP H 478 -6.09 -90.21 39.58
CA ASP H 478 -4.67 -90.00 39.88
C ASP H 478 -4.26 -88.54 39.69
N PHE H 479 -4.78 -87.88 38.66
CA PHE H 479 -4.45 -86.47 38.44
C PHE H 479 -4.98 -85.60 39.57
N ILE H 480 -6.19 -85.90 40.06
CA ILE H 480 -6.77 -85.13 41.15
C ILE H 480 -6.04 -85.40 42.45
N ALA H 481 -5.56 -86.63 42.66
CA ALA H 481 -4.84 -86.96 43.89
C ALA H 481 -3.55 -86.16 44.01
N ARG H 482 -2.92 -85.82 42.88
CA ARG H 482 -1.69 -85.03 42.91
C ARG H 482 -1.94 -83.55 43.10
N LEU H 483 -3.20 -83.10 43.04
CA LEU H 483 -3.51 -81.69 43.26
C LEU H 483 -3.48 -81.37 44.76
N PRO H 484 -2.97 -80.21 45.15
CA PRO H 484 -2.92 -79.87 46.58
C PRO H 484 -4.28 -79.82 47.24
N GLN H 485 -5.24 -79.11 46.64
CA GLN H 485 -6.58 -78.96 47.20
C GLN H 485 -7.54 -80.03 46.72
N GLY H 486 -7.09 -80.96 45.88
CA GLY H 486 -7.95 -82.05 45.45
C GLY H 486 -9.12 -81.57 44.62
N TYR H 487 -10.33 -81.98 45.04
CA TYR H 487 -11.54 -81.62 44.30
C TYR H 487 -11.92 -80.16 44.45
N ASP H 488 -11.34 -79.44 45.43
CA ASP H 488 -11.64 -78.04 45.64
C ASP H 488 -10.70 -77.12 44.86
N THR H 489 -9.82 -77.67 44.04
CA THR H 489 -8.95 -76.85 43.20
C THR H 489 -9.75 -76.22 42.06
N GLU H 490 -9.76 -74.90 42.01
CA GLU H 490 -10.46 -74.20 40.93
C GLU H 490 -9.68 -74.34 39.63
N VAL H 491 -10.41 -74.63 38.55
CA VAL H 491 -9.83 -74.91 37.24
C VAL H 491 -10.55 -74.05 36.19
N GLY H 492 -10.17 -74.27 34.93
CA GLY H 492 -10.70 -73.49 33.83
C GLY H 492 -9.94 -72.19 33.63
N GLU H 493 -10.57 -71.28 32.88
CA GLU H 493 -9.98 -69.97 32.68
C GLU H 493 -9.98 -69.19 33.99
N ARG H 494 -9.13 -68.16 34.03
CA ARG H 494 -8.85 -67.36 35.24
C ARG H 494 -8.55 -68.26 36.44
N GLY H 495 -8.07 -69.47 36.16
CA GLY H 495 -7.71 -70.45 37.17
C GLY H 495 -6.65 -71.38 36.62
N LEU H 496 -6.42 -72.51 37.29
CA LEU H 496 -5.45 -73.48 36.81
C LEU H 496 -5.88 -74.01 35.43
N LYS H 497 -4.93 -74.05 34.50
CA LYS H 497 -5.20 -74.46 33.13
C LYS H 497 -5.06 -75.98 33.01
N LEU H 498 -6.05 -76.59 32.36
CA LEU H 498 -6.06 -78.02 32.11
C LEU H 498 -5.81 -78.29 30.63
N SER H 499 -5.19 -79.43 30.35
CA SER H 499 -4.99 -79.85 28.97
C SER H 499 -6.31 -80.29 28.36
N GLY H 500 -6.30 -80.48 27.03
CA GLY H 500 -7.49 -80.94 26.34
C GLY H 500 -7.92 -82.32 26.80
N GLY H 501 -6.95 -83.22 27.04
CA GLY H 501 -7.29 -84.53 27.56
C GLY H 501 -7.92 -84.46 28.92
N GLU H 502 -7.44 -83.55 29.77
CA GLU H 502 -8.04 -83.38 31.09
C GLU H 502 -9.46 -82.82 30.99
N LYS H 503 -9.69 -81.89 30.07
CA LYS H 503 -11.04 -81.38 29.86
C LYS H 503 -11.98 -82.48 29.38
N GLN H 504 -11.50 -83.34 28.49
CA GLN H 504 -12.33 -84.45 28.03
C GLN H 504 -12.57 -85.46 29.15
N ARG H 505 -11.58 -85.68 30.01
CA ARG H 505 -11.78 -86.53 31.18
C ARG H 505 -12.88 -85.96 32.08
N VAL H 506 -12.84 -84.65 32.33
CA VAL H 506 -13.85 -84.02 33.18
C VAL H 506 -15.21 -84.11 32.53
N ALA H 507 -15.28 -83.97 31.21
CA ALA H 507 -16.56 -84.09 30.51
C ALA H 507 -17.10 -85.51 30.62
N ILE H 508 -16.24 -86.52 30.46
CA ILE H 508 -16.68 -87.90 30.58
C ILE H 508 -17.16 -88.19 31.99
N ALA H 509 -16.46 -87.68 33.01
CA ALA H 509 -16.90 -87.86 34.38
C ALA H 509 -18.23 -87.16 34.65
N ARG H 510 -18.41 -85.98 34.05
CA ARG H 510 -19.68 -85.26 34.17
C ARG H 510 -20.83 -86.08 33.59
N THR H 511 -20.63 -86.62 32.38
CA THR H 511 -21.67 -87.43 31.75
C THR H 511 -21.90 -88.73 32.51
N LEU H 512 -20.86 -89.27 33.16
CA LEU H 512 -21.07 -90.45 34.00
C LEU H 512 -21.89 -90.10 35.23
N VAL H 513 -21.66 -88.91 35.81
CA VAL H 513 -22.49 -88.45 36.91
C VAL H 513 -23.94 -88.31 36.45
N LYS H 514 -24.14 -87.79 35.23
CA LYS H 514 -25.48 -87.66 34.69
C LYS H 514 -26.17 -89.01 34.54
N ASN H 515 -25.42 -90.03 34.11
CA ASN H 515 -25.90 -91.39 33.90
C ASN H 515 -27.12 -91.39 32.98
N PRO H 516 -26.99 -91.01 31.72
CA PRO H 516 -28.16 -90.94 30.84
C PRO H 516 -28.42 -92.26 30.17
N PRO H 517 -29.69 -92.53 29.80
CA PRO H 517 -29.98 -93.77 29.06
C PRO H 517 -29.39 -93.79 27.65
N ILE H 518 -29.22 -92.63 27.03
CA ILE H 518 -28.56 -92.50 25.73
C ILE H 518 -27.31 -91.67 25.92
N LEU H 519 -26.19 -92.15 25.38
CA LEU H 519 -24.89 -91.52 25.56
C LEU H 519 -24.25 -91.30 24.19
N LEU H 520 -23.66 -90.12 24.01
CA LEU H 520 -23.02 -89.73 22.76
C LEU H 520 -21.59 -89.30 23.04
N PHE H 521 -20.65 -89.84 22.28
CA PHE H 521 -19.25 -89.43 22.31
C PHE H 521 -18.88 -88.79 20.97
N ASP H 522 -18.74 -87.47 20.93
CA ASP H 522 -18.35 -86.79 19.69
C ASP H 522 -16.83 -86.66 19.71
N GLU H 523 -16.17 -87.73 19.30
CA GLU H 523 -14.71 -87.81 19.31
C GLU H 523 -14.15 -87.53 20.71
N ALA H 524 -14.81 -88.09 21.72
CA ALA H 524 -14.43 -87.80 23.10
C ALA H 524 -13.06 -88.37 23.43
N THR H 525 -12.76 -89.59 22.97
CA THR H 525 -11.44 -90.17 23.20
C THR H 525 -10.55 -90.10 21.97
N SER H 526 -10.84 -89.17 21.06
CA SER H 526 -10.01 -89.02 19.86
C SER H 526 -8.66 -88.41 20.20
N CYS H 527 -8.65 -87.42 21.10
CA CYS H 527 -7.43 -86.72 21.49
C CYS H 527 -6.77 -87.32 22.72
N LEU H 528 -7.36 -88.34 23.32
CA LEU H 528 -6.74 -88.97 24.48
C LEU H 528 -5.60 -89.88 24.04
N ASP H 529 -4.66 -90.11 24.95
CA ASP H 529 -3.58 -91.03 24.67
C ASP H 529 -4.09 -92.47 24.59
N THR H 530 -3.25 -93.36 24.05
CA THR H 530 -3.69 -94.71 23.74
C THR H 530 -4.10 -95.48 24.99
N ARG H 531 -3.32 -95.36 26.07
CA ARG H 531 -3.66 -96.07 27.30
C ARG H 531 -4.97 -95.55 27.88
N THR H 532 -5.10 -94.23 27.98
CA THR H 532 -6.36 -93.64 28.44
C THR H 532 -7.49 -93.97 27.48
N GLU H 533 -7.21 -93.98 26.19
CA GLU H 533 -8.24 -94.32 25.20
C GLU H 533 -8.77 -95.73 25.46
N GLN H 534 -7.88 -96.69 25.67
CA GLN H 534 -8.31 -98.06 25.92
C GLN H 534 -9.03 -98.19 27.25
N ASP H 535 -8.58 -97.45 28.27
CA ASP H 535 -9.26 -97.48 29.56
C ASP H 535 -10.70 -96.96 29.43
N ILE H 536 -10.86 -95.83 28.73
CA ILE H 536 -12.20 -95.27 28.57
C ILE H 536 -13.04 -96.13 27.63
N LEU H 537 -12.40 -96.87 26.71
CA LEU H 537 -13.15 -97.79 25.87
C LEU H 537 -13.69 -98.96 26.69
N SER H 538 -12.87 -99.49 27.60
CA SER H 538 -13.36 -100.54 28.50
C SER H 538 -14.46 -100.00 29.41
N THR H 539 -14.32 -98.75 29.87
CA THR H 539 -15.36 -98.14 30.68
C THR H 539 -16.66 -97.99 29.90
N MET H 540 -16.57 -97.56 28.65
CA MET H 540 -17.76 -97.45 27.79
C MET H 540 -18.39 -98.82 27.57
N ARG H 541 -17.57 -99.85 27.35
CA ARG H 541 -18.12 -101.20 27.16
C ARG H 541 -18.82 -101.69 28.42
N ALA H 542 -18.30 -101.31 29.59
CA ALA H 542 -18.94 -101.72 30.84
C ALA H 542 -20.25 -100.97 31.07
N VAL H 543 -20.24 -99.65 30.90
CA VAL H 543 -21.42 -98.84 31.19
C VAL H 543 -22.49 -98.91 30.11
N ALA H 544 -22.18 -99.50 28.95
CA ALA H 544 -23.16 -99.66 27.87
C ALA H 544 -23.91 -100.98 27.96
N SER H 545 -24.09 -101.51 29.17
CA SER H 545 -24.75 -102.81 29.33
C SER H 545 -26.14 -102.80 28.72
N HIS H 546 -27.01 -101.89 29.17
CA HIS H 546 -28.38 -101.82 28.70
C HIS H 546 -28.74 -100.42 28.21
N ARG H 547 -27.75 -99.62 27.81
CA ARG H 547 -27.98 -98.27 27.32
C ARG H 547 -27.59 -98.16 25.85
N THR H 548 -28.10 -97.11 25.21
CA THR H 548 -27.76 -96.79 23.83
C THR H 548 -26.50 -95.92 23.83
N THR H 549 -25.48 -96.36 23.09
CA THR H 549 -24.20 -95.67 23.01
C THR H 549 -23.88 -95.37 21.56
N ILE H 550 -23.61 -94.09 21.26
CA ILE H 550 -23.29 -93.64 19.91
C ILE H 550 -21.93 -92.97 19.95
N SER H 551 -20.96 -93.56 19.25
CA SER H 551 -19.60 -93.05 19.20
C SER H 551 -19.32 -92.53 17.79
N ILE H 552 -19.06 -91.22 17.69
CA ILE H 552 -18.77 -90.55 16.43
C ILE H 552 -17.26 -90.30 16.40
N ALA H 553 -16.54 -91.02 15.55
CA ALA H 553 -15.09 -90.94 15.52
C ALA H 553 -14.59 -90.87 14.07
N HIS H 554 -13.54 -90.07 13.86
CA HIS H 554 -12.91 -90.04 12.54
C HIS H 554 -12.10 -91.30 12.28
N ARG H 555 -11.39 -91.79 13.30
CA ARG H 555 -10.54 -92.96 13.16
C ARG H 555 -11.38 -94.22 13.33
N LEU H 556 -11.38 -95.08 12.32
CA LEU H 556 -12.24 -96.26 12.34
C LEU H 556 -11.75 -97.32 13.32
N SER H 557 -10.45 -97.34 13.61
CA SER H 557 -9.90 -98.38 14.47
C SER H 557 -10.46 -98.30 15.89
N THR H 558 -10.74 -97.09 16.38
CA THR H 558 -11.23 -96.93 17.74
C THR H 558 -12.67 -97.39 17.90
N ILE H 559 -13.40 -97.56 16.80
CA ILE H 559 -14.80 -97.96 16.83
C ILE H 559 -15.04 -99.24 16.04
N ALA H 560 -13.98 -100.04 15.84
CA ALA H 560 -14.09 -101.22 14.99
C ALA H 560 -14.99 -102.29 15.60
N ASP H 561 -15.10 -102.32 16.92
CA ASP H 561 -15.89 -103.34 17.62
C ASP H 561 -17.35 -102.97 17.75
N SER H 562 -17.83 -101.98 17.01
CA SER H 562 -19.22 -101.58 17.09
C SER H 562 -20.12 -102.64 16.47
N ASP H 563 -21.37 -102.69 16.95
CA ASP H 563 -22.35 -103.61 16.38
C ASP H 563 -22.66 -103.26 14.93
N THR H 564 -22.86 -101.98 14.64
CA THR H 564 -23.09 -101.53 13.28
C THR H 564 -22.52 -100.12 13.12
N ILE H 565 -22.19 -99.78 11.89
CA ILE H 565 -21.53 -98.52 11.56
C ILE H 565 -22.30 -97.85 10.43
N LEU H 566 -22.67 -96.59 10.63
CA LEU H 566 -23.35 -95.78 9.63
C LEU H 566 -22.34 -94.86 8.96
N VAL H 567 -22.16 -95.03 7.65
CA VAL H 567 -21.21 -94.26 6.87
C VAL H 567 -21.97 -93.15 6.15
N LEU H 568 -21.56 -91.91 6.37
CA LEU H 568 -22.20 -90.75 5.78
C LEU H 568 -21.30 -90.15 4.70
N ASP H 569 -21.91 -89.79 3.58
CA ASP H 569 -21.22 -89.12 2.49
C ASP H 569 -22.15 -88.10 1.86
N GLN H 570 -21.69 -86.85 1.77
CA GLN H 570 -22.45 -85.76 1.15
C GLN H 570 -23.85 -85.64 1.75
N GLY H 571 -23.93 -85.81 3.07
CA GLY H 571 -25.20 -85.68 3.75
C GLY H 571 -26.18 -86.80 3.51
N ARG H 572 -25.71 -87.97 3.06
CA ARG H 572 -26.58 -89.11 2.84
C ARG H 572 -25.92 -90.37 3.38
N LEU H 573 -26.72 -91.42 3.54
CA LEU H 573 -26.23 -92.70 4.03
C LEU H 573 -25.64 -93.48 2.87
N ALA H 574 -24.31 -93.58 2.82
CA ALA H 574 -23.66 -94.28 1.72
C ALA H 574 -23.63 -95.79 1.95
N GLU H 575 -23.12 -96.22 3.10
CA GLU H 575 -22.96 -97.63 3.41
C GLU H 575 -23.45 -97.91 4.83
N GLN H 576 -23.95 -99.12 5.05
CA GLN H 576 -24.46 -99.52 6.35
C GLN H 576 -24.18 -101.01 6.55
N GLY H 577 -23.78 -101.36 7.75
CA GLY H 577 -23.53 -102.74 8.10
C GLY H 577 -22.48 -102.84 9.19
N SER H 578 -22.16 -104.08 9.55
CA SER H 578 -21.17 -104.34 10.58
C SER H 578 -19.76 -104.15 10.00
N HIS H 579 -18.78 -104.19 10.90
CA HIS H 579 -17.38 -104.00 10.49
C HIS H 579 -16.96 -105.06 9.48
N LEU H 580 -17.24 -106.33 9.78
CA LEU H 580 -16.88 -107.41 8.87
C LEU H 580 -17.66 -107.32 7.57
N ASP H 581 -18.96 -107.04 7.65
CA ASP H 581 -19.77 -106.90 6.44
C ASP H 581 -19.27 -105.76 5.57
N LEU H 582 -18.95 -104.62 6.17
CA LEU H 582 -18.48 -103.49 5.39
C LEU H 582 -17.09 -103.73 4.82
N LEU H 583 -16.24 -104.47 5.54
CA LEU H 583 -14.94 -104.82 4.99
C LEU H 583 -15.07 -105.80 3.83
N ARG H 584 -16.04 -106.70 3.90
CA ARG H 584 -16.25 -107.65 2.81
C ARG H 584 -16.92 -107.01 1.60
N ARG H 585 -17.74 -105.96 1.82
CA ARG H 585 -18.39 -105.28 0.71
C ARG H 585 -17.39 -104.53 -0.17
N ASP H 586 -16.23 -104.17 0.38
CA ASP H 586 -15.16 -103.50 -0.38
C ASP H 586 -15.64 -102.16 -0.93
N GLY H 587 -16.23 -101.35 -0.05
CA GLY H 587 -16.72 -100.04 -0.45
C GLY H 587 -15.88 -98.89 0.08
N LEU H 588 -16.54 -97.77 0.38
CA LEU H 588 -15.82 -96.61 0.92
C LEU H 588 -15.27 -96.89 2.32
N TYR H 589 -16.08 -97.52 3.18
CA TYR H 589 -15.61 -97.87 4.51
C TYR H 589 -14.41 -98.81 4.46
N ALA H 590 -14.43 -99.78 3.56
CA ALA H 590 -13.30 -100.69 3.44
C ALA H 590 -12.04 -99.96 2.97
N GLU H 591 -12.20 -99.03 2.03
CA GLU H 591 -11.06 -98.25 1.56
C GLU H 591 -10.46 -97.42 2.69
N MET H 592 -11.30 -96.73 3.45
CA MET H 592 -10.80 -95.89 4.54
C MET H 592 -10.19 -96.74 5.66
N TRP H 593 -10.79 -97.89 5.96
CA TRP H 593 -10.22 -98.79 6.95
C TRP H 593 -8.86 -99.29 6.52
N ALA H 594 -8.73 -99.70 5.25
CA ALA H 594 -7.42 -100.14 4.76
C ALA H 594 -6.41 -99.01 4.81
N ARG H 595 -6.83 -97.79 4.49
CA ARG H 595 -5.92 -96.65 4.56
C ARG H 595 -5.42 -96.41 5.97
N GLN H 596 -6.34 -96.36 6.93
CA GLN H 596 -5.95 -96.11 8.32
C GLN H 596 -5.09 -97.24 8.88
N ALA H 597 -5.43 -98.49 8.54
CA ALA H 597 -4.65 -99.62 9.02
C ALA H 597 -3.24 -99.62 8.42
N ALA H 598 -3.12 -99.32 7.13
CA ALA H 598 -1.80 -99.26 6.51
C ALA H 598 -0.95 -98.13 7.10
N GLU H 599 -1.57 -96.96 7.32
CA GLU H 599 -0.83 -95.85 7.91
C GLU H 599 -0.39 -96.15 9.34
N SER H 600 -1.29 -96.72 10.15
CA SER H 600 -0.93 -97.04 11.53
C SER H 600 0.08 -98.17 11.62
N ALA H 601 0.00 -99.15 10.73
CA ALA H 601 0.90 -100.29 10.78
C ALA H 601 2.32 -99.89 10.39
N GLU H 602 3.29 -100.60 10.96
CA GLU H 602 4.72 -100.44 10.69
C GLU H 602 5.16 -98.99 10.45
#